data_2MZB
#
_entry.id   2MZB
#
_entity_poly.entity_id   1
_entity_poly.type   'polypeptide(L)'
_entity_poly.pdbx_seq_one_letter_code
;MDALIMAGGKGTRMGGVEKPLIKLCGRCLIDYVVSPLLKSKVNNIFIATSPNTPKTKEYINSAYKDYKNIVVIDTSGKGY
IEDLNECIGYFSEPFLVVSSDLINLKSKIINSIVDYFYCIKAKTPDVEALAVMIPKEKYPNPSIDFNGLVPAGINVVSPK
HGYQKEEIMVIDELIFNINTKDDLKLAEMLLKKDGL
;
_entity_poly.pdbx_strand_id   A
#
# COMPACT_ATOMS: atom_id res chain seq x y z
N MET A 1 12.97 -7.92 -2.93
CA MET A 1 12.05 -7.73 -1.78
C MET A 1 10.70 -8.39 -2.08
N ASP A 2 9.93 -8.64 -1.04
CA ASP A 2 8.58 -9.16 -1.20
C ASP A 2 7.61 -8.03 -0.91
N ALA A 3 6.38 -8.14 -1.35
CA ALA A 3 5.43 -7.06 -1.15
C ALA A 3 4.20 -7.51 -0.40
N LEU A 4 3.73 -6.69 0.48
CA LEU A 4 2.55 -6.95 1.24
C LEU A 4 1.46 -5.99 0.83
N ILE A 5 0.34 -6.51 0.42
CA ILE A 5 -0.79 -5.67 0.11
C ILE A 5 -1.89 -6.00 1.06
N MET A 6 -2.10 -5.13 2.00
CA MET A 6 -3.07 -5.38 3.05
C MET A 6 -4.42 -4.78 2.74
N ALA A 7 -5.25 -5.62 2.23
CA ALA A 7 -6.61 -5.27 1.90
C ALA A 7 -7.57 -6.08 2.75
N GLY A 8 -8.03 -5.50 3.82
CA GLY A 8 -8.94 -6.15 4.70
C GLY A 8 -9.79 -5.15 5.44
N GLY A 9 -10.32 -4.19 4.70
CA GLY A 9 -11.13 -3.16 5.32
C GLY A 9 -10.29 -2.03 5.86
N LYS A 10 -9.02 -2.03 5.51
CA LYS A 10 -8.11 -1.00 5.96
C LYS A 10 -7.35 -0.37 4.82
N GLY A 11 -7.09 0.90 4.98
CA GLY A 11 -6.36 1.67 4.02
C GLY A 11 -6.04 3.00 4.61
N THR A 12 -5.43 3.87 3.85
CA THR A 12 -5.10 5.17 4.37
C THR A 12 -6.17 6.18 3.96
N ARG A 13 -7.23 6.25 4.75
CA ARG A 13 -8.33 7.14 4.42
C ARG A 13 -8.92 7.77 5.67
N MET A 14 -9.77 7.03 6.37
CA MET A 14 -10.44 7.55 7.56
C MET A 14 -10.30 6.59 8.72
N GLY A 15 -10.69 5.35 8.48
CA GLY A 15 -10.71 4.35 9.52
C GLY A 15 -11.89 3.44 9.32
N GLY A 16 -12.18 2.61 10.29
CA GLY A 16 -13.28 1.69 10.15
C GLY A 16 -13.02 0.68 9.06
N VAL A 17 -13.89 0.62 8.06
CA VAL A 17 -13.71 -0.31 6.98
C VAL A 17 -13.67 0.35 5.59
N GLU A 18 -12.45 0.56 5.09
CA GLU A 18 -12.26 1.05 3.73
C GLU A 18 -12.59 -0.06 2.73
N LYS A 19 -13.11 0.31 1.57
CA LYS A 19 -13.46 -0.68 0.57
C LYS A 19 -12.46 -0.68 -0.58
N PRO A 20 -11.59 -1.69 -0.62
CA PRO A 20 -10.58 -1.83 -1.67
C PRO A 20 -11.13 -2.41 -2.98
N LEU A 21 -12.39 -2.80 -2.97
CA LEU A 21 -13.00 -3.39 -4.14
C LEU A 21 -13.73 -2.37 -5.01
N ILE A 22 -13.57 -1.10 -4.72
CA ILE A 22 -14.19 -0.10 -5.54
C ILE A 22 -13.52 -0.11 -6.88
N LYS A 23 -14.28 -0.40 -7.87
CA LYS A 23 -13.76 -0.53 -9.20
C LYS A 23 -13.95 0.71 -10.02
N LEU A 24 -12.97 0.97 -10.81
CA LEU A 24 -12.93 2.14 -11.63
C LEU A 24 -12.42 1.81 -13.04
N CYS A 25 -13.29 1.98 -14.02
CA CYS A 25 -12.94 1.83 -15.44
C CYS A 25 -12.33 0.45 -15.78
N GLY A 26 -12.62 -0.58 -15.00
CA GLY A 26 -12.14 -1.90 -15.36
C GLY A 26 -11.56 -2.71 -14.22
N ARG A 27 -10.90 -2.09 -13.26
CA ARG A 27 -10.29 -2.84 -12.17
C ARG A 27 -10.76 -2.33 -10.84
N CYS A 28 -10.62 -3.17 -9.85
CA CYS A 28 -10.92 -2.78 -8.49
C CYS A 28 -9.71 -2.07 -7.91
N LEU A 29 -9.93 -1.26 -6.89
CA LEU A 29 -8.86 -0.46 -6.25
C LEU A 29 -7.59 -1.29 -5.98
N ILE A 30 -7.75 -2.42 -5.30
CA ILE A 30 -6.63 -3.29 -4.99
C ILE A 30 -5.97 -3.83 -6.25
N ASP A 31 -6.76 -4.12 -7.25
CA ASP A 31 -6.25 -4.65 -8.50
C ASP A 31 -5.32 -3.63 -9.17
N TYR A 32 -5.72 -2.36 -9.11
CA TYR A 32 -4.88 -1.26 -9.60
C TYR A 32 -3.60 -1.16 -8.77
N VAL A 33 -3.72 -1.38 -7.47
CA VAL A 33 -2.57 -1.36 -6.55
C VAL A 33 -1.59 -2.51 -6.84
N VAL A 34 -2.13 -3.69 -6.98
CA VAL A 34 -1.35 -4.92 -7.14
C VAL A 34 -0.68 -5.03 -8.52
N SER A 35 -1.35 -4.55 -9.56
CA SER A 35 -0.84 -4.70 -10.93
C SER A 35 0.63 -4.17 -11.10
N PRO A 36 0.93 -2.88 -10.72
CA PRO A 36 2.30 -2.36 -10.79
C PRO A 36 3.26 -3.13 -9.90
N LEU A 37 2.80 -3.51 -8.72
CA LEU A 37 3.63 -4.24 -7.77
C LEU A 37 4.03 -5.60 -8.32
N LEU A 38 3.10 -6.27 -8.95
CA LEU A 38 3.38 -7.57 -9.52
C LEU A 38 4.49 -7.48 -10.58
N LYS A 39 4.37 -6.48 -11.44
CA LYS A 39 5.36 -6.27 -12.52
C LYS A 39 6.63 -5.55 -12.05
N SER A 40 6.60 -4.99 -10.85
CA SER A 40 7.72 -4.22 -10.29
C SER A 40 8.85 -5.13 -9.82
N LYS A 41 9.86 -4.51 -9.24
CA LYS A 41 11.02 -5.18 -8.70
C LYS A 41 10.63 -6.33 -7.77
N VAL A 42 9.53 -6.17 -7.02
CA VAL A 42 9.14 -7.18 -6.07
C VAL A 42 8.67 -8.46 -6.76
N ASN A 43 9.05 -9.58 -6.19
CA ASN A 43 8.76 -10.87 -6.76
C ASN A 43 7.36 -11.36 -6.40
N ASN A 44 7.14 -11.72 -5.14
CA ASN A 44 5.85 -12.24 -4.70
C ASN A 44 5.04 -11.17 -4.01
N ILE A 45 3.76 -11.25 -4.20
CA ILE A 45 2.84 -10.33 -3.59
C ILE A 45 2.02 -11.07 -2.54
N PHE A 46 2.16 -10.67 -1.31
CA PHE A 46 1.41 -11.27 -0.23
C PHE A 46 0.31 -10.33 0.14
N ILE A 47 -0.90 -10.76 -0.07
CA ILE A 47 -2.03 -9.95 0.22
C ILE A 47 -2.62 -10.32 1.54
N ALA A 48 -2.61 -9.37 2.40
CA ALA A 48 -3.10 -9.54 3.74
C ALA A 48 -4.57 -9.25 3.79
N THR A 49 -5.31 -10.23 4.28
CA THR A 49 -6.73 -10.11 4.43
C THR A 49 -7.16 -10.56 5.81
N SER A 50 -8.39 -10.30 6.14
CA SER A 50 -8.89 -10.65 7.45
C SER A 50 -10.21 -11.40 7.36
N PRO A 51 -10.53 -12.21 8.39
CA PRO A 51 -11.79 -12.96 8.45
C PRO A 51 -12.98 -12.00 8.56
N ASN A 52 -12.69 -10.79 9.02
CA ASN A 52 -13.70 -9.75 9.14
C ASN A 52 -14.01 -9.15 7.77
N THR A 53 -13.17 -9.45 6.79
CA THR A 53 -13.34 -8.91 5.47
C THR A 53 -12.98 -9.92 4.40
N PRO A 54 -13.71 -11.02 4.23
CA PRO A 54 -13.45 -11.79 3.09
C PRO A 54 -14.56 -11.67 2.09
N LYS A 55 -14.35 -10.70 1.37
CA LYS A 55 -15.14 -10.28 0.23
C LYS A 55 -14.16 -9.62 -0.60
N THR A 56 -13.37 -8.83 0.08
CA THR A 56 -12.17 -8.42 -0.47
C THR A 56 -11.34 -9.68 -0.65
N LYS A 57 -11.26 -10.50 0.42
CA LYS A 57 -10.54 -11.75 0.34
C LYS A 57 -11.15 -12.72 -0.66
N GLU A 58 -12.49 -12.98 -0.61
CA GLU A 58 -13.02 -13.87 -1.66
C GLU A 58 -12.84 -13.29 -3.07
N TYR A 59 -12.85 -11.94 -3.22
CA TYR A 59 -12.58 -11.34 -4.54
C TYR A 59 -11.17 -11.62 -4.97
N ILE A 60 -10.24 -11.36 -4.08
CA ILE A 60 -8.82 -11.52 -4.37
C ILE A 60 -8.52 -12.96 -4.69
N ASN A 61 -9.08 -13.83 -3.89
CA ASN A 61 -8.93 -15.26 -4.07
C ASN A 61 -9.40 -15.64 -5.47
N SER A 62 -10.54 -15.11 -5.84
CA SER A 62 -11.17 -15.38 -7.14
C SER A 62 -10.40 -14.72 -8.30
N ALA A 63 -9.96 -13.50 -8.09
CA ALA A 63 -9.28 -12.72 -9.11
C ALA A 63 -7.95 -13.33 -9.45
N TYR A 64 -7.28 -13.83 -8.45
CA TYR A 64 -5.94 -14.34 -8.63
C TYR A 64 -5.89 -15.83 -8.35
N LYS A 65 -6.93 -16.54 -8.78
CA LYS A 65 -7.00 -18.00 -8.61
C LYS A 65 -5.84 -18.69 -9.33
N ASP A 66 -5.37 -18.07 -10.41
CA ASP A 66 -4.25 -18.59 -11.20
C ASP A 66 -2.90 -18.16 -10.61
N TYR A 67 -2.96 -17.59 -9.40
CA TYR A 67 -1.81 -16.99 -8.71
C TYR A 67 -0.47 -17.71 -8.93
N LYS A 68 0.43 -17.02 -9.60
CA LYS A 68 1.78 -17.51 -9.79
C LYS A 68 2.67 -16.90 -8.73
N ASN A 69 2.57 -15.59 -8.58
CA ASN A 69 3.35 -14.86 -7.59
C ASN A 69 2.44 -14.20 -6.57
N ILE A 70 1.16 -14.47 -6.68
CA ILE A 70 0.19 -13.88 -5.77
C ILE A 70 -0.07 -14.83 -4.64
N VAL A 71 0.14 -14.37 -3.46
CA VAL A 71 -0.08 -15.16 -2.29
C VAL A 71 -1.02 -14.42 -1.37
N VAL A 72 -2.05 -15.08 -0.96
CA VAL A 72 -3.01 -14.46 -0.08
C VAL A 72 -2.86 -15.00 1.32
N ILE A 73 -2.75 -14.10 2.27
CA ILE A 73 -2.54 -14.47 3.63
C ILE A 73 -3.64 -13.92 4.49
N ASP A 74 -3.83 -14.55 5.60
CA ASP A 74 -4.89 -14.17 6.52
C ASP A 74 -4.26 -13.70 7.78
N THR A 75 -4.66 -12.57 8.20
CA THR A 75 -4.05 -11.97 9.35
C THR A 75 -4.95 -10.91 10.02
N SER A 76 -4.33 -10.17 10.92
CA SER A 76 -4.94 -9.15 11.76
C SER A 76 -5.39 -7.90 10.98
N GLY A 77 -5.20 -7.90 9.65
CA GLY A 77 -5.49 -6.75 8.70
C GLY A 77 -6.64 -5.82 9.07
N LYS A 78 -7.52 -6.29 9.91
CA LYS A 78 -8.56 -5.48 10.49
C LYS A 78 -7.89 -4.29 11.21
N GLY A 79 -6.76 -4.58 11.84
CA GLY A 79 -5.95 -3.56 12.47
C GLY A 79 -4.67 -3.38 11.71
N TYR A 80 -4.35 -2.15 11.34
CA TYR A 80 -3.21 -1.87 10.47
C TYR A 80 -1.88 -2.33 11.08
N ILE A 81 -1.63 -1.93 12.31
CA ILE A 81 -0.39 -2.32 12.95
C ILE A 81 -0.43 -3.74 13.43
N GLU A 82 -1.62 -4.22 13.73
CA GLU A 82 -1.81 -5.59 14.16
C GLU A 82 -1.38 -6.52 13.05
N ASP A 83 -1.82 -6.18 11.84
CA ASP A 83 -1.48 -6.93 10.64
C ASP A 83 0.01 -6.89 10.40
N LEU A 84 0.57 -5.68 10.44
CA LEU A 84 1.98 -5.49 10.24
C LEU A 84 2.77 -6.34 11.20
N ASN A 85 2.37 -6.31 12.45
CA ASN A 85 3.02 -7.10 13.47
C ASN A 85 2.97 -8.59 13.17
N GLU A 86 1.83 -9.07 12.74
CA GLU A 86 1.71 -10.47 12.41
C GLU A 86 2.59 -10.80 11.22
N CYS A 87 2.51 -9.96 10.19
CA CYS A 87 3.28 -10.16 8.98
C CYS A 87 4.79 -10.09 9.23
N ILE A 88 5.23 -9.12 10.02
CA ILE A 88 6.65 -8.98 10.32
C ILE A 88 7.15 -10.17 11.11
N GLY A 89 6.25 -10.78 11.87
CA GLY A 89 6.61 -11.95 12.64
C GLY A 89 6.64 -13.25 11.81
N TYR A 90 6.13 -13.21 10.58
CA TYR A 90 6.07 -14.43 9.76
C TYR A 90 7.05 -14.42 8.60
N PHE A 91 7.44 -13.25 8.13
CA PHE A 91 8.39 -13.17 7.02
C PHE A 91 9.82 -13.34 7.51
N SER A 92 10.66 -13.91 6.67
CA SER A 92 12.06 -14.12 7.01
C SER A 92 12.93 -12.99 6.45
N GLU A 93 12.36 -12.19 5.57
CA GLU A 93 13.09 -11.12 4.89
C GLU A 93 12.25 -9.86 4.76
N PRO A 94 12.91 -8.71 4.58
CA PRO A 94 12.25 -7.41 4.40
C PRO A 94 11.17 -7.46 3.33
N PHE A 95 10.09 -6.77 3.58
CA PHE A 95 8.98 -6.75 2.68
C PHE A 95 8.36 -5.37 2.62
N LEU A 96 7.69 -5.10 1.53
CA LEU A 96 7.07 -3.83 1.29
C LEU A 96 5.66 -3.79 1.88
N VAL A 97 5.26 -2.67 2.40
CA VAL A 97 3.94 -2.45 2.99
C VAL A 97 3.16 -1.45 2.12
N VAL A 98 1.94 -1.78 1.73
CA VAL A 98 1.17 -0.85 0.88
C VAL A 98 -0.24 -0.64 1.39
N SER A 99 -0.86 0.44 0.95
CA SER A 99 -2.26 0.70 1.21
C SER A 99 -3.06 0.32 -0.03
N SER A 100 -4.18 -0.34 0.15
CA SER A 100 -4.98 -0.84 -0.97
C SER A 100 -5.80 0.26 -1.66
N ASP A 101 -5.87 1.42 -1.06
CA ASP A 101 -6.69 2.50 -1.60
C ASP A 101 -5.87 3.53 -2.41
N LEU A 102 -4.61 3.23 -2.69
CA LEU A 102 -3.73 4.15 -3.42
C LEU A 102 -3.77 3.90 -4.94
N ILE A 103 -4.25 4.87 -5.70
CA ILE A 103 -4.23 4.77 -7.17
C ILE A 103 -3.20 5.71 -7.75
N ASN A 104 -2.24 5.11 -8.45
CA ASN A 104 -1.15 5.81 -9.13
C ASN A 104 -0.16 4.77 -9.59
N LEU A 105 0.59 5.05 -10.64
CA LEU A 105 1.58 4.10 -11.09
C LEU A 105 2.73 4.10 -10.11
N LYS A 106 2.95 2.96 -9.49
CA LYS A 106 3.90 2.82 -8.41
C LYS A 106 5.26 2.32 -8.89
N SER A 107 5.37 2.05 -10.19
CA SER A 107 6.57 1.39 -10.72
C SER A 107 7.88 2.13 -10.39
N LYS A 108 7.85 3.43 -10.45
CA LYS A 108 9.05 4.20 -10.16
C LYS A 108 9.21 4.36 -8.66
N ILE A 109 8.09 4.31 -7.96
CA ILE A 109 8.07 4.53 -6.54
C ILE A 109 8.69 3.34 -5.83
N ILE A 110 8.34 2.18 -6.29
CA ILE A 110 8.79 0.91 -5.74
C ILE A 110 10.30 0.82 -5.84
N ASN A 111 10.80 1.12 -7.01
CA ASN A 111 12.24 1.09 -7.23
C ASN A 111 12.97 2.14 -6.40
N SER A 112 12.38 3.34 -6.32
CA SER A 112 13.00 4.44 -5.57
C SER A 112 13.04 4.15 -4.07
N ILE A 113 11.95 3.61 -3.53
CA ILE A 113 11.86 3.32 -2.10
C ILE A 113 12.87 2.27 -1.68
N VAL A 114 12.91 1.19 -2.44
CA VAL A 114 13.83 0.10 -2.15
C VAL A 114 15.27 0.58 -2.23
N ASP A 115 15.61 1.29 -3.29
CA ASP A 115 16.96 1.80 -3.48
C ASP A 115 17.36 2.76 -2.36
N TYR A 116 16.48 3.71 -2.06
CA TYR A 116 16.76 4.72 -1.05
C TYR A 116 16.95 4.06 0.32
N PHE A 117 16.07 3.12 0.65
CA PHE A 117 16.15 2.38 1.90
C PHE A 117 17.48 1.65 2.03
N TYR A 118 17.86 0.95 0.98
CA TYR A 118 19.12 0.24 0.95
C TYR A 118 20.31 1.18 1.06
N CYS A 119 20.18 2.36 0.47
CA CYS A 119 21.21 3.37 0.54
C CYS A 119 21.39 3.81 1.99
N ILE A 120 20.27 3.96 2.70
CA ILE A 120 20.29 4.37 4.10
C ILE A 120 20.98 3.33 4.94
N LYS A 121 20.63 2.07 4.72
CA LYS A 121 21.25 0.98 5.48
C LYS A 121 22.72 0.91 5.21
N ALA A 122 23.09 1.18 3.98
CA ALA A 122 24.49 1.15 3.57
C ALA A 122 25.32 2.14 4.40
N LYS A 123 24.79 3.33 4.62
CA LYS A 123 25.48 4.30 5.44
C LYS A 123 25.23 4.07 6.94
N THR A 124 24.00 3.71 7.27
CA THR A 124 23.59 3.46 8.64
C THR A 124 22.88 2.11 8.74
N PRO A 125 23.62 1.03 9.08
CA PRO A 125 23.07 -0.33 9.18
C PRO A 125 21.92 -0.45 10.18
N ASP A 126 21.88 0.47 11.13
CA ASP A 126 20.87 0.47 12.19
C ASP A 126 19.44 0.64 11.67
N VAL A 127 19.29 1.32 10.54
CA VAL A 127 17.97 1.55 9.97
C VAL A 127 17.38 0.25 9.43
N GLU A 128 16.18 -0.06 9.88
CA GLU A 128 15.55 -1.31 9.52
C GLU A 128 14.25 -1.10 8.73
N ALA A 129 13.74 0.14 8.74
CA ALA A 129 12.49 0.43 8.07
C ALA A 129 12.52 1.78 7.35
N LEU A 130 11.66 1.93 6.36
CA LEU A 130 11.59 3.15 5.57
C LEU A 130 10.14 3.56 5.37
N ALA A 131 9.88 4.81 5.53
CA ALA A 131 8.57 5.37 5.34
C ALA A 131 8.63 6.55 4.42
N VAL A 132 7.75 6.57 3.45
CA VAL A 132 7.66 7.70 2.58
C VAL A 132 6.31 8.34 2.80
N MET A 133 6.32 9.61 3.08
CA MET A 133 5.10 10.30 3.37
C MET A 133 5.14 11.72 2.86
N ILE A 134 3.97 12.30 2.72
CA ILE A 134 3.84 13.64 2.22
C ILE A 134 2.89 14.44 3.11
N PRO A 135 3.15 15.76 3.24
CA PRO A 135 2.30 16.65 4.01
C PRO A 135 0.85 16.62 3.51
N LYS A 136 -0.07 16.59 4.46
CA LYS A 136 -1.50 16.53 4.17
C LYS A 136 -1.96 17.75 3.39
N GLU A 137 -1.29 18.87 3.61
CA GLU A 137 -1.65 20.15 2.98
C GLU A 137 -1.58 20.09 1.44
N LYS A 138 -0.58 19.42 0.89
CA LYS A 138 -0.46 19.36 -0.56
C LYS A 138 -1.17 18.15 -1.10
N TYR A 139 -1.53 17.26 -0.20
CA TYR A 139 -2.23 16.05 -0.55
C TYR A 139 -3.57 16.41 -1.19
N PRO A 140 -3.86 15.87 -2.38
CA PRO A 140 -5.04 16.23 -3.18
C PRO A 140 -6.39 15.88 -2.55
N ASN A 141 -6.41 14.94 -1.62
CA ASN A 141 -7.70 14.53 -1.05
C ASN A 141 -7.68 14.47 0.47
N PRO A 142 -8.02 15.57 1.10
CA PRO A 142 -8.14 15.67 2.55
C PRO A 142 -9.52 15.21 3.02
N SER A 143 -9.57 14.16 3.81
CA SER A 143 -10.82 13.63 4.32
C SER A 143 -11.52 14.62 5.28
N ILE A 144 -10.77 15.18 6.20
CA ILE A 144 -11.33 16.08 7.20
C ILE A 144 -10.64 17.44 7.18
N ASP A 145 -9.32 17.42 7.34
CA ASP A 145 -8.55 18.65 7.40
C ASP A 145 -7.13 18.39 6.90
N PHE A 146 -6.38 19.45 6.63
CA PHE A 146 -5.02 19.32 6.13
C PHE A 146 -4.00 19.15 7.27
N ASN A 147 -4.50 18.98 8.48
CA ASN A 147 -3.66 18.73 9.64
C ASN A 147 -3.19 17.29 9.67
N GLY A 148 -1.90 17.08 9.79
CA GLY A 148 -1.37 15.74 9.89
C GLY A 148 -0.54 15.35 8.70
N LEU A 149 -0.02 14.15 8.73
CA LEU A 149 0.79 13.62 7.64
C LEU A 149 0.19 12.33 7.14
N VAL A 150 0.45 12.03 5.88
CA VAL A 150 -0.05 10.81 5.27
C VAL A 150 1.04 10.13 4.47
N PRO A 151 1.02 8.79 4.38
CA PRO A 151 1.98 8.03 3.59
C PRO A 151 1.85 8.38 2.13
N ALA A 152 2.97 8.47 1.45
CA ALA A 152 2.99 8.89 0.06
C ALA A 152 2.89 7.71 -0.89
N GLY A 153 2.96 6.51 -0.36
CA GLY A 153 2.87 5.36 -1.21
C GLY A 153 3.11 4.06 -0.50
N ILE A 154 4.36 3.67 -0.40
CA ILE A 154 4.71 2.40 0.15
C ILE A 154 5.68 2.52 1.33
N ASN A 155 5.72 1.49 2.13
CA ASN A 155 6.52 1.46 3.36
C ASN A 155 7.41 0.21 3.40
N VAL A 156 8.54 0.29 4.07
CA VAL A 156 9.46 -0.84 4.18
C VAL A 156 9.72 -1.17 5.63
N VAL A 157 9.60 -2.44 5.97
CA VAL A 157 9.86 -2.92 7.33
C VAL A 157 10.71 -4.20 7.29
N SER A 158 11.49 -4.40 8.33
CA SER A 158 12.23 -5.63 8.49
C SER A 158 11.35 -6.64 9.22
N PRO A 159 11.57 -7.94 9.02
CA PRO A 159 10.76 -8.99 9.64
C PRO A 159 11.22 -9.33 11.06
N LYS A 160 10.74 -8.58 12.03
CA LYS A 160 11.08 -8.83 13.42
C LYS A 160 9.82 -8.86 14.28
N HIS A 161 10.00 -9.08 15.57
CA HIS A 161 8.88 -9.03 16.49
C HIS A 161 8.93 -7.76 17.29
N GLY A 162 8.16 -6.77 16.87
CA GLY A 162 8.15 -5.50 17.55
C GLY A 162 8.31 -4.35 16.61
N TYR A 163 8.51 -3.16 17.15
CA TYR A 163 8.66 -1.97 16.34
C TYR A 163 10.14 -1.66 16.12
N GLN A 164 10.44 -1.06 15.00
CA GLN A 164 11.81 -0.85 14.58
C GLN A 164 12.06 0.58 14.12
N LYS A 165 13.34 0.96 13.98
CA LYS A 165 13.67 2.29 13.48
C LYS A 165 13.21 2.42 12.06
N GLU A 166 12.42 3.44 11.83
CA GLU A 166 11.89 3.70 10.53
C GLU A 166 12.34 5.07 10.07
N GLU A 167 12.81 5.15 8.85
CA GLU A 167 13.28 6.41 8.32
C GLU A 167 12.21 7.13 7.60
N ILE A 168 12.43 8.40 7.43
CA ILE A 168 11.45 9.26 6.83
C ILE A 168 11.96 9.88 5.56
N MET A 169 11.18 9.76 4.53
CA MET A 169 11.48 10.35 3.24
C MET A 169 10.26 11.08 2.70
N VAL A 170 10.50 12.27 2.17
CA VAL A 170 9.45 13.08 1.62
C VAL A 170 9.58 13.17 0.11
N ILE A 171 8.50 12.91 -0.58
CA ILE A 171 8.47 12.96 -2.04
C ILE A 171 7.48 13.99 -2.49
N ASP A 172 7.41 14.20 -3.79
CA ASP A 172 6.49 15.17 -4.32
C ASP A 172 5.52 14.49 -5.29
N GLU A 173 5.34 13.18 -5.12
CA GLU A 173 4.41 12.44 -5.95
C GLU A 173 3.11 12.24 -5.21
N LEU A 174 2.04 12.52 -5.90
CA LEU A 174 0.72 12.42 -5.35
C LEU A 174 0.03 11.11 -5.69
N ILE A 175 -0.81 10.69 -4.80
CA ILE A 175 -1.61 9.49 -4.96
C ILE A 175 -3.08 9.86 -4.92
N PHE A 176 -3.88 9.09 -5.63
CA PHE A 176 -5.31 9.33 -5.66
C PHE A 176 -6.03 8.17 -5.02
N ASN A 177 -6.73 8.43 -3.95
CA ASN A 177 -7.43 7.39 -3.23
C ASN A 177 -8.92 7.51 -3.46
N ILE A 178 -9.61 6.39 -3.44
CA ILE A 178 -11.05 6.38 -3.69
C ILE A 178 -11.84 6.04 -2.44
N ASN A 179 -12.72 6.94 -2.04
CA ASN A 179 -13.59 6.69 -0.91
C ASN A 179 -15.03 6.99 -1.28
N THR A 180 -15.20 7.95 -2.17
CA THR A 180 -16.51 8.43 -2.52
C THR A 180 -16.64 8.73 -4.04
N LYS A 181 -17.81 9.22 -4.45
CA LYS A 181 -18.15 9.46 -5.86
C LYS A 181 -17.23 10.49 -6.51
N ASP A 182 -16.92 11.57 -5.79
CA ASP A 182 -16.06 12.63 -6.31
C ASP A 182 -14.68 12.09 -6.64
N ASP A 183 -14.21 11.19 -5.80
CA ASP A 183 -12.91 10.57 -5.96
C ASP A 183 -12.84 9.81 -7.27
N LEU A 184 -13.93 9.11 -7.60
CA LEU A 184 -14.01 8.33 -8.83
C LEU A 184 -13.87 9.24 -10.00
N LYS A 185 -14.56 10.35 -9.91
CA LYS A 185 -14.50 11.39 -10.93
C LYS A 185 -13.08 11.95 -11.05
N LEU A 186 -12.47 12.20 -9.91
CA LEU A 186 -11.12 12.73 -9.86
C LEU A 186 -10.15 11.79 -10.54
N ALA A 187 -10.22 10.53 -10.15
CA ALA A 187 -9.38 9.49 -10.72
C ALA A 187 -9.69 9.23 -12.19
N GLU A 188 -10.96 9.24 -12.57
CA GLU A 188 -11.34 8.95 -13.94
C GLU A 188 -10.86 10.04 -14.88
N MET A 189 -10.74 11.27 -14.38
CA MET A 189 -10.22 12.38 -15.17
C MET A 189 -8.78 12.15 -15.60
N LEU A 190 -7.95 11.62 -14.70
CA LEU A 190 -6.55 11.36 -15.04
C LEU A 190 -6.45 10.19 -16.01
N LEU A 191 -7.30 9.19 -15.83
CA LEU A 191 -7.36 8.04 -16.74
C LEU A 191 -7.80 8.51 -18.11
N LYS A 192 -8.75 9.42 -18.08
CA LYS A 192 -9.30 10.05 -19.28
C LYS A 192 -8.19 10.79 -20.03
N LYS A 193 -7.36 11.50 -19.25
CA LYS A 193 -6.22 12.22 -19.79
C LYS A 193 -5.24 11.25 -20.46
N ASP A 194 -5.01 10.12 -19.81
CA ASP A 194 -4.13 9.08 -20.35
C ASP A 194 -4.75 8.42 -21.57
N GLY A 195 -6.06 8.42 -21.62
CA GLY A 195 -6.79 7.88 -22.76
C GLY A 195 -6.67 8.76 -23.99
N LEU A 196 -6.37 10.03 -23.76
CA LEU A 196 -6.22 10.99 -24.84
C LEU A 196 -4.78 10.99 -25.35
N MET A 1 12.99 -8.29 -1.54
CA MET A 1 11.79 -7.62 -0.99
C MET A 1 10.53 -8.32 -1.47
N ASP A 2 9.61 -8.52 -0.55
CA ASP A 2 8.29 -9.05 -0.88
C ASP A 2 7.27 -7.96 -0.72
N ALA A 3 6.09 -8.17 -1.23
CA ALA A 3 5.08 -7.14 -1.17
C ALA A 3 3.95 -7.53 -0.27
N LEU A 4 3.47 -6.58 0.47
CA LEU A 4 2.38 -6.75 1.35
C LEU A 4 1.28 -5.81 0.92
N ILE A 5 0.20 -6.37 0.48
CA ILE A 5 -0.90 -5.57 0.00
C ILE A 5 -2.10 -5.85 0.85
N MET A 6 -2.44 -4.92 1.68
CA MET A 6 -3.53 -5.12 2.64
C MET A 6 -4.83 -4.52 2.18
N ALA A 7 -5.68 -5.41 1.75
CA ALA A 7 -6.99 -5.08 1.26
C ALA A 7 -8.08 -5.68 2.15
N GLY A 8 -8.59 -4.89 3.05
CA GLY A 8 -9.64 -5.35 3.93
C GLY A 8 -9.76 -4.51 5.18
N GLY A 9 -10.57 -3.45 5.13
CA GLY A 9 -10.76 -2.60 6.29
C GLY A 9 -9.55 -1.75 6.63
N LYS A 10 -8.92 -1.19 5.59
CA LYS A 10 -7.71 -0.35 5.76
C LYS A 10 -7.92 0.79 6.77
N GLY A 11 -6.98 0.92 7.71
CA GLY A 11 -7.00 2.06 8.60
C GLY A 11 -7.18 1.70 10.05
N THR A 12 -7.71 2.65 10.77
CA THR A 12 -7.99 2.53 12.17
C THR A 12 -9.19 3.42 12.48
N ARG A 13 -9.95 3.08 13.52
CA ARG A 13 -11.20 3.80 13.81
C ARG A 13 -12.15 3.58 12.63
N MET A 14 -12.35 2.29 12.32
CA MET A 14 -13.16 1.85 11.17
C MET A 14 -12.39 2.04 9.86
N GLY A 15 -12.90 1.46 8.78
CA GLY A 15 -12.21 1.52 7.52
C GLY A 15 -12.32 2.86 6.83
N GLY A 16 -11.16 3.46 6.52
CA GLY A 16 -11.13 4.71 5.79
C GLY A 16 -11.67 4.54 4.39
N VAL A 17 -11.32 3.42 3.78
CA VAL A 17 -11.76 3.09 2.44
C VAL A 17 -12.92 2.12 2.53
N GLU A 18 -13.99 2.41 1.80
CA GLU A 18 -15.20 1.59 1.88
C GLU A 18 -14.90 0.14 1.48
N LYS A 19 -14.24 -0.05 0.35
CA LYS A 19 -13.80 -1.38 -0.05
C LYS A 19 -12.77 -1.30 -1.18
N PRO A 20 -11.79 -2.22 -1.17
CA PRO A 20 -10.73 -2.29 -2.20
C PRO A 20 -11.26 -2.74 -3.57
N LEU A 21 -12.50 -3.20 -3.60
CA LEU A 21 -13.06 -3.71 -4.83
C LEU A 21 -13.72 -2.64 -5.68
N ILE A 22 -13.49 -1.38 -5.36
CA ILE A 22 -13.98 -0.33 -6.18
C ILE A 22 -13.19 -0.34 -7.45
N LYS A 23 -13.87 -0.55 -8.52
CA LYS A 23 -13.22 -0.69 -9.79
C LYS A 23 -13.31 0.54 -10.64
N LEU A 24 -12.20 0.84 -11.23
CA LEU A 24 -12.03 1.97 -12.09
C LEU A 24 -11.47 1.51 -13.42
N CYS A 25 -12.06 1.95 -14.51
CA CYS A 25 -11.59 1.61 -15.85
C CYS A 25 -11.44 0.09 -16.06
N GLY A 26 -12.29 -0.69 -15.41
CA GLY A 26 -12.30 -2.12 -15.63
C GLY A 26 -11.65 -2.97 -14.53
N ARG A 27 -10.84 -2.39 -13.65
CA ARG A 27 -10.22 -3.19 -12.60
C ARG A 27 -10.43 -2.59 -11.25
N CYS A 28 -10.42 -3.43 -10.25
CA CYS A 28 -10.61 -3.02 -8.89
C CYS A 28 -9.33 -2.36 -8.36
N LEU A 29 -9.47 -1.62 -7.26
CA LEU A 29 -8.35 -0.90 -6.67
C LEU A 29 -7.23 -1.86 -6.32
N ILE A 30 -7.60 -3.01 -5.78
CA ILE A 30 -6.63 -4.02 -5.43
C ILE A 30 -5.81 -4.45 -6.65
N ASP A 31 -6.49 -4.66 -7.78
CA ASP A 31 -5.81 -5.14 -8.98
C ASP A 31 -4.81 -4.11 -9.48
N TYR A 32 -5.24 -2.85 -9.50
CA TYR A 32 -4.37 -1.79 -9.94
C TYR A 32 -3.20 -1.58 -8.98
N VAL A 33 -3.40 -1.94 -7.72
CA VAL A 33 -2.29 -1.92 -6.77
C VAL A 33 -1.34 -3.10 -7.03
N VAL A 34 -1.92 -4.28 -7.22
CA VAL A 34 -1.17 -5.53 -7.41
C VAL A 34 -0.35 -5.54 -8.68
N SER A 35 -0.95 -5.16 -9.80
CA SER A 35 -0.31 -5.28 -11.11
C SER A 35 1.08 -4.60 -11.19
N PRO A 36 1.24 -3.31 -10.78
CA PRO A 36 2.55 -2.64 -10.78
C PRO A 36 3.58 -3.40 -9.93
N LEU A 37 3.15 -3.86 -8.75
CA LEU A 37 4.04 -4.64 -7.88
C LEU A 37 4.37 -5.98 -8.51
N LEU A 38 3.37 -6.56 -9.12
CA LEU A 38 3.50 -7.81 -9.82
C LEU A 38 4.58 -7.70 -10.91
N LYS A 39 4.57 -6.59 -11.64
CA LYS A 39 5.57 -6.35 -12.69
C LYS A 39 6.83 -5.62 -12.14
N SER A 40 6.79 -5.21 -10.87
CA SER A 40 7.89 -4.49 -10.25
C SER A 40 8.99 -5.43 -9.77
N LYS A 41 9.98 -4.84 -9.15
CA LYS A 41 11.15 -5.50 -8.61
C LYS A 41 10.83 -6.51 -7.48
N VAL A 42 9.64 -6.42 -6.90
CA VAL A 42 9.28 -7.29 -5.81
C VAL A 42 8.96 -8.72 -6.30
N ASN A 43 9.26 -9.72 -5.45
CA ASN A 43 9.07 -11.13 -5.82
C ASN A 43 7.64 -11.62 -5.56
N ASN A 44 7.30 -11.88 -4.29
CA ASN A 44 5.98 -12.41 -3.98
C ASN A 44 5.07 -11.31 -3.50
N ILE A 45 3.81 -11.45 -3.82
CA ILE A 45 2.81 -10.52 -3.42
C ILE A 45 1.93 -11.17 -2.37
N PHE A 46 2.00 -10.68 -1.15
CA PHE A 46 1.19 -11.20 -0.09
C PHE A 46 0.07 -10.24 0.18
N ILE A 47 -1.13 -10.66 -0.08
CA ILE A 47 -2.27 -9.82 0.14
C ILE A 47 -2.91 -10.11 1.46
N ALA A 48 -2.89 -9.13 2.28
CA ALA A 48 -3.41 -9.21 3.62
C ALA A 48 -4.88 -8.89 3.62
N THR A 49 -5.66 -9.82 4.09
CA THR A 49 -7.08 -9.65 4.18
C THR A 49 -7.57 -10.09 5.54
N SER A 50 -8.74 -9.65 5.88
CA SER A 50 -9.33 -10.00 7.15
C SER A 50 -10.62 -10.79 6.94
N PRO A 51 -11.00 -11.63 7.94
CA PRO A 51 -12.24 -12.42 7.88
C PRO A 51 -13.46 -11.52 7.84
N ASN A 52 -13.26 -10.28 8.24
CA ASN A 52 -14.30 -9.27 8.22
C ASN A 52 -14.62 -8.87 6.79
N THR A 53 -13.69 -9.13 5.89
CA THR A 53 -13.87 -8.77 4.51
C THR A 53 -13.40 -9.86 3.58
N PRO A 54 -14.05 -11.03 3.51
CA PRO A 54 -13.67 -11.90 2.49
C PRO A 54 -14.69 -11.88 1.40
N LYS A 55 -14.45 -10.97 0.65
CA LYS A 55 -15.20 -10.62 -0.51
C LYS A 55 -14.21 -9.96 -1.32
N THR A 56 -13.52 -9.07 -0.66
CA THR A 56 -12.30 -8.60 -1.15
C THR A 56 -11.38 -9.81 -1.22
N LYS A 57 -11.34 -10.56 -0.09
CA LYS A 57 -10.53 -11.77 -0.04
C LYS A 57 -11.00 -12.81 -1.03
N GLU A 58 -12.32 -13.14 -1.06
CA GLU A 58 -12.73 -14.12 -2.07
C GLU A 58 -12.51 -13.60 -3.51
N TYR A 59 -12.65 -12.29 -3.75
CA TYR A 59 -12.40 -11.74 -5.08
C TYR A 59 -10.95 -11.90 -5.48
N ILE A 60 -10.07 -11.47 -4.59
CA ILE A 60 -8.65 -11.47 -4.84
C ILE A 60 -8.10 -12.87 -5.00
N ASN A 61 -8.49 -13.74 -4.11
CA ASN A 61 -8.05 -15.11 -4.13
C ASN A 61 -8.46 -15.77 -5.45
N SER A 62 -9.68 -15.47 -5.88
CA SER A 62 -10.20 -15.98 -7.14
C SER A 62 -9.45 -15.34 -8.32
N ALA A 63 -9.23 -14.04 -8.21
CA ALA A 63 -8.58 -13.25 -9.26
C ALA A 63 -7.16 -13.69 -9.51
N TYR A 64 -6.46 -14.03 -8.45
CA TYR A 64 -5.04 -14.34 -8.57
C TYR A 64 -4.72 -15.82 -8.31
N LYS A 65 -5.73 -16.67 -8.40
CA LYS A 65 -5.54 -18.11 -8.18
C LYS A 65 -4.64 -18.74 -9.25
N ASP A 66 -4.47 -18.05 -10.37
CA ASP A 66 -3.63 -18.54 -11.47
C ASP A 66 -2.21 -17.95 -11.40
N TYR A 67 -1.94 -17.15 -10.37
CA TYR A 67 -0.64 -16.50 -10.24
C TYR A 67 0.22 -17.20 -9.21
N LYS A 68 1.46 -17.51 -9.60
CA LYS A 68 2.40 -18.23 -8.74
C LYS A 68 2.89 -17.35 -7.59
N ASN A 69 3.27 -16.13 -7.91
CA ASN A 69 3.90 -15.25 -6.94
C ASN A 69 2.90 -14.48 -6.09
N ILE A 70 1.64 -14.71 -6.29
CA ILE A 70 0.65 -14.01 -5.51
C ILE A 70 0.04 -14.92 -4.48
N VAL A 71 0.14 -14.49 -3.25
CA VAL A 71 -0.28 -15.25 -2.09
C VAL A 71 -1.25 -14.42 -1.27
N VAL A 72 -2.32 -15.04 -0.84
CA VAL A 72 -3.31 -14.34 -0.03
C VAL A 72 -3.17 -14.79 1.42
N ILE A 73 -3.08 -13.84 2.30
CA ILE A 73 -2.92 -14.12 3.71
C ILE A 73 -4.04 -13.50 4.50
N ASP A 74 -4.28 -14.04 5.66
CA ASP A 74 -5.35 -13.58 6.50
C ASP A 74 -4.80 -13.08 7.79
N THR A 75 -5.24 -11.94 8.19
CA THR A 75 -4.72 -11.34 9.39
C THR A 75 -5.59 -10.14 9.89
N SER A 76 -5.01 -9.41 10.83
CA SER A 76 -5.60 -8.27 11.54
C SER A 76 -5.94 -7.07 10.65
N GLY A 77 -5.69 -7.18 9.33
CA GLY A 77 -5.84 -6.06 8.31
C GLY A 77 -6.91 -5.01 8.59
N LYS A 78 -7.95 -5.41 9.29
CA LYS A 78 -8.98 -4.49 9.73
C LYS A 78 -8.32 -3.36 10.55
N GLY A 79 -7.26 -3.71 11.24
CA GLY A 79 -6.45 -2.77 11.95
C GLY A 79 -5.10 -2.70 11.26
N TYR A 80 -4.77 -1.54 10.72
CA TYR A 80 -3.58 -1.38 9.86
C TYR A 80 -2.27 -1.75 10.60
N ILE A 81 -2.08 -1.20 11.77
CA ILE A 81 -0.85 -1.44 12.54
C ILE A 81 -0.75 -2.88 12.94
N GLU A 82 -1.85 -3.39 13.45
CA GLU A 82 -1.94 -4.77 13.93
C GLU A 82 -1.64 -5.75 12.83
N ASP A 83 -2.17 -5.49 11.66
CA ASP A 83 -1.89 -6.33 10.49
C ASP A 83 -0.42 -6.36 10.21
N LEU A 84 0.17 -5.17 10.16
CA LEU A 84 1.59 -5.06 9.91
C LEU A 84 2.38 -5.84 10.93
N ASN A 85 1.98 -5.70 12.18
CA ASN A 85 2.66 -6.40 13.26
C ASN A 85 2.59 -7.91 13.09
N GLU A 86 1.43 -8.39 12.68
CA GLU A 86 1.26 -9.81 12.42
C GLU A 86 2.13 -10.25 11.27
N CYS A 87 2.12 -9.45 10.22
CA CYS A 87 2.90 -9.76 9.04
C CYS A 87 4.41 -9.71 9.33
N ILE A 88 4.87 -8.74 10.10
CA ILE A 88 6.31 -8.62 10.40
C ILE A 88 6.76 -9.77 11.30
N GLY A 89 5.85 -10.25 12.13
CA GLY A 89 6.17 -11.35 13.02
C GLY A 89 6.50 -12.66 12.31
N TYR A 90 5.81 -12.96 11.21
CA TYR A 90 5.95 -14.26 10.55
C TYR A 90 6.83 -14.26 9.29
N PHE A 91 7.53 -13.19 9.05
CA PHE A 91 8.45 -13.13 7.91
C PHE A 91 9.90 -13.04 8.37
N SER A 92 10.81 -13.57 7.56
CA SER A 92 12.23 -13.49 7.83
C SER A 92 12.86 -12.42 6.93
N GLU A 93 12.06 -11.89 6.03
CA GLU A 93 12.50 -10.89 5.08
C GLU A 93 11.64 -9.65 5.14
N PRO A 94 12.19 -8.52 4.70
CA PRO A 94 11.48 -7.26 4.70
C PRO A 94 10.45 -7.23 3.57
N PHE A 95 9.42 -6.44 3.74
CA PHE A 95 8.38 -6.39 2.75
C PHE A 95 7.83 -4.99 2.56
N LEU A 96 7.34 -4.76 1.36
CA LEU A 96 6.78 -3.50 0.95
C LEU A 96 5.31 -3.40 1.33
N VAL A 97 4.97 -2.38 2.07
CA VAL A 97 3.61 -2.18 2.59
C VAL A 97 2.86 -1.18 1.71
N VAL A 98 1.65 -1.52 1.29
CA VAL A 98 0.89 -0.62 0.41
C VAL A 98 -0.51 -0.36 0.92
N SER A 99 -1.12 0.63 0.34
CA SER A 99 -2.50 0.93 0.56
C SER A 99 -3.30 0.35 -0.60
N SER A 100 -4.57 0.09 -0.39
CA SER A 100 -5.38 -0.45 -1.46
C SER A 100 -6.01 0.65 -2.31
N ASP A 101 -5.82 1.88 -1.89
CA ASP A 101 -6.46 3.03 -2.53
C ASP A 101 -5.47 4.04 -3.14
N LEU A 102 -4.19 3.69 -3.22
CA LEU A 102 -3.24 4.64 -3.77
C LEU A 102 -3.15 4.52 -5.29
N ILE A 103 -3.41 5.61 -5.96
CA ILE A 103 -3.37 5.64 -7.41
C ILE A 103 -2.40 6.69 -7.93
N ASN A 104 -1.23 6.23 -8.33
CA ASN A 104 -0.21 7.09 -8.86
C ASN A 104 0.77 6.26 -9.67
N LEU A 105 1.76 6.92 -10.26
CA LEU A 105 2.76 6.22 -11.05
C LEU A 105 3.83 5.63 -10.13
N LYS A 106 3.37 4.76 -9.25
CA LYS A 106 4.22 4.11 -8.25
C LYS A 106 5.19 3.10 -8.83
N SER A 107 5.12 2.87 -10.14
CA SER A 107 5.96 1.87 -10.79
C SER A 107 7.46 2.17 -10.60
N LYS A 108 7.82 3.41 -10.71
CA LYS A 108 9.24 3.80 -10.56
C LYS A 108 9.54 4.11 -9.09
N ILE A 109 8.50 4.44 -8.37
CA ILE A 109 8.57 4.79 -6.97
C ILE A 109 9.03 3.59 -6.17
N ILE A 110 8.55 2.43 -6.56
CA ILE A 110 8.88 1.16 -5.93
C ILE A 110 10.39 0.96 -5.92
N ASN A 111 11.01 1.20 -7.07
CA ASN A 111 12.46 1.11 -7.20
C ASN A 111 13.15 2.15 -6.34
N SER A 112 12.61 3.36 -6.32
CA SER A 112 13.18 4.44 -5.52
C SER A 112 13.11 4.11 -4.03
N ILE A 113 12.00 3.51 -3.61
CA ILE A 113 11.78 3.15 -2.21
C ILE A 113 12.84 2.17 -1.75
N VAL A 114 13.05 1.15 -2.57
CA VAL A 114 14.04 0.12 -2.26
C VAL A 114 15.43 0.74 -2.15
N ASP A 115 15.78 1.56 -3.12
CA ASP A 115 17.07 2.22 -3.15
C ASP A 115 17.26 3.14 -1.95
N TYR A 116 16.26 3.95 -1.67
CA TYR A 116 16.29 4.90 -0.57
C TYR A 116 16.45 4.18 0.77
N PHE A 117 15.63 3.15 0.98
CA PHE A 117 15.67 2.34 2.20
C PHE A 117 17.04 1.69 2.40
N TYR A 118 17.56 1.08 1.34
CA TYR A 118 18.89 0.46 1.38
C TYR A 118 19.97 1.49 1.67
N CYS A 119 19.82 2.67 1.09
CA CYS A 119 20.76 3.76 1.29
C CYS A 119 20.83 4.12 2.76
N ILE A 120 19.66 4.26 3.35
CA ILE A 120 19.55 4.63 4.74
C ILE A 120 20.17 3.60 5.65
N LYS A 121 19.88 2.33 5.39
CA LYS A 121 20.45 1.26 6.18
C LYS A 121 21.96 1.22 6.05
N ALA A 122 22.44 1.51 4.86
CA ALA A 122 23.87 1.53 4.61
C ALA A 122 24.58 2.56 5.51
N LYS A 123 23.99 3.74 5.66
CA LYS A 123 24.55 4.76 6.52
C LYS A 123 24.21 4.51 7.99
N THR A 124 23.01 4.01 8.24
CA THR A 124 22.53 3.68 9.56
C THR A 124 21.73 2.36 9.55
N PRO A 125 22.37 1.24 9.93
CA PRO A 125 21.75 -0.11 9.89
C PRO A 125 20.56 -0.26 10.83
N ASP A 126 20.46 0.65 11.80
CA ASP A 126 19.42 0.61 12.81
C ASP A 126 18.04 0.91 12.26
N VAL A 127 17.98 1.44 11.04
CA VAL A 127 16.69 1.72 10.43
C VAL A 127 16.07 0.43 9.94
N GLU A 128 14.90 0.13 10.45
CA GLU A 128 14.25 -1.12 10.16
C GLU A 128 12.87 -0.90 9.55
N ALA A 129 12.59 0.34 9.19
CA ALA A 129 11.33 0.68 8.56
C ALA A 129 11.44 1.97 7.78
N LEU A 130 10.62 2.11 6.77
CA LEU A 130 10.61 3.27 5.91
C LEU A 130 9.17 3.67 5.64
N ALA A 131 8.92 4.95 5.70
CA ALA A 131 7.59 5.50 5.47
C ALA A 131 7.66 6.60 4.46
N VAL A 132 6.72 6.62 3.55
CA VAL A 132 6.66 7.66 2.58
C VAL A 132 5.43 8.50 2.85
N MET A 133 5.64 9.75 3.17
CA MET A 133 4.56 10.63 3.54
C MET A 133 4.81 12.05 3.09
N ILE A 134 3.73 12.78 2.93
CA ILE A 134 3.79 14.17 2.53
C ILE A 134 2.95 15.00 3.47
N PRO A 135 3.22 16.31 3.56
CA PRO A 135 2.47 17.18 4.46
C PRO A 135 1.02 17.35 4.03
N LYS A 136 0.12 17.37 5.00
CA LYS A 136 -1.31 17.50 4.73
C LYS A 136 -1.65 18.84 4.06
N GLU A 137 -0.73 19.77 4.16
CA GLU A 137 -0.87 21.08 3.55
C GLU A 137 -0.91 20.96 2.02
N LYS A 138 -0.10 20.06 1.47
CA LYS A 138 -0.01 19.90 0.03
C LYS A 138 -0.79 18.71 -0.44
N TYR A 139 -1.12 17.86 0.49
CA TYR A 139 -1.89 16.67 0.22
C TYR A 139 -3.25 17.08 -0.37
N PRO A 140 -3.67 16.45 -1.49
CA PRO A 140 -4.88 16.85 -2.23
C PRO A 140 -6.18 16.77 -1.44
N ASN A 141 -6.28 15.83 -0.52
CA ASN A 141 -7.50 15.69 0.26
C ASN A 141 -7.20 15.31 1.70
N PRO A 142 -6.80 16.28 2.48
CA PRO A 142 -6.49 16.12 3.90
C PRO A 142 -7.74 16.16 4.78
N SER A 143 -8.89 16.45 4.15
CA SER A 143 -10.16 16.59 4.85
C SER A 143 -10.11 17.76 5.84
N ILE A 144 -11.00 17.79 6.80
CA ILE A 144 -11.00 18.84 7.80
C ILE A 144 -10.44 18.31 9.10
N ASP A 145 -9.80 19.19 9.86
CA ASP A 145 -9.12 18.80 11.10
C ASP A 145 -8.11 17.69 10.77
N PHE A 146 -8.08 16.63 11.59
CA PHE A 146 -7.21 15.48 11.36
C PHE A 146 -5.75 15.91 11.21
N ASN A 147 -5.20 16.52 12.25
CA ASN A 147 -3.83 16.97 12.21
C ASN A 147 -2.90 15.83 12.53
N GLY A 148 -2.17 15.39 11.52
CA GLY A 148 -1.26 14.30 11.67
C GLY A 148 -0.50 14.07 10.40
N LEU A 149 -0.04 12.86 10.20
CA LEU A 149 0.71 12.54 8.99
C LEU A 149 -0.13 11.67 8.08
N VAL A 150 0.10 11.81 6.79
CA VAL A 150 -0.62 11.04 5.81
C VAL A 150 0.35 10.39 4.85
N PRO A 151 0.05 9.18 4.35
CA PRO A 151 0.91 8.46 3.43
C PRO A 151 0.95 9.12 2.05
N ALA A 152 2.09 9.02 1.41
CA ALA A 152 2.25 9.59 0.08
C ALA A 152 2.54 8.50 -0.94
N GLY A 153 2.75 7.30 -0.46
CA GLY A 153 3.09 6.22 -1.35
C GLY A 153 3.05 4.88 -0.67
N ILE A 154 4.18 4.23 -0.60
CA ILE A 154 4.29 2.91 -0.04
C ILE A 154 5.34 2.87 1.08
N ASN A 155 5.24 1.88 1.92
CA ASN A 155 6.11 1.75 3.11
C ASN A 155 6.97 0.51 3.05
N VAL A 156 8.05 0.52 3.81
CA VAL A 156 8.93 -0.65 3.93
C VAL A 156 9.10 -1.01 5.38
N VAL A 157 8.98 -2.27 5.70
CA VAL A 157 9.20 -2.69 7.06
C VAL A 157 10.10 -3.92 7.12
N SER A 158 10.85 -3.99 8.19
CA SER A 158 11.69 -5.14 8.46
C SER A 158 10.90 -6.11 9.33
N PRO A 159 11.15 -7.42 9.21
CA PRO A 159 10.46 -8.44 9.99
C PRO A 159 10.79 -8.36 11.49
N LYS A 160 10.24 -7.38 12.15
CA LYS A 160 10.48 -7.14 13.57
C LYS A 160 9.31 -7.60 14.42
N HIS A 161 9.35 -7.27 15.68
CA HIS A 161 8.27 -7.55 16.60
C HIS A 161 7.96 -6.29 17.41
N GLY A 162 6.72 -5.88 17.40
CA GLY A 162 6.34 -4.68 18.12
C GLY A 162 6.43 -3.44 17.26
N TYR A 163 7.45 -2.63 17.49
CA TYR A 163 7.61 -1.39 16.75
C TYR A 163 9.10 -1.10 16.58
N GLN A 164 9.47 -0.62 15.41
CA GLN A 164 10.89 -0.39 15.10
C GLN A 164 11.13 0.98 14.47
N LYS A 165 12.41 1.38 14.39
CA LYS A 165 12.79 2.67 13.83
C LYS A 165 12.32 2.79 12.39
N GLU A 166 11.59 3.85 12.12
CA GLU A 166 11.01 4.09 10.81
C GLU A 166 11.46 5.45 10.29
N GLU A 167 11.99 5.48 9.08
CA GLU A 167 12.41 6.73 8.48
C GLU A 167 11.37 7.34 7.63
N ILE A 168 11.56 8.58 7.36
CA ILE A 168 10.58 9.36 6.63
C ILE A 168 11.09 9.81 5.28
N MET A 169 10.28 9.57 4.28
CA MET A 169 10.55 10.02 2.93
C MET A 169 9.53 11.07 2.55
N VAL A 170 10.00 12.17 2.03
CA VAL A 170 9.14 13.23 1.56
C VAL A 170 9.23 13.28 0.04
N ILE A 171 8.10 13.19 -0.62
CA ILE A 171 8.08 13.14 -2.08
C ILE A 171 7.30 14.26 -2.69
N ASP A 172 7.34 14.34 -4.01
CA ASP A 172 6.63 15.37 -4.75
C ASP A 172 5.48 14.74 -5.55
N GLU A 173 5.27 13.45 -5.35
CA GLU A 173 4.25 12.73 -6.10
C GLU A 173 2.98 12.57 -5.29
N LEU A 174 1.90 12.92 -5.91
CA LEU A 174 0.58 12.90 -5.28
C LEU A 174 -0.19 11.65 -5.56
N ILE A 175 -1.03 11.32 -4.63
CA ILE A 175 -1.94 10.21 -4.71
C ILE A 175 -3.34 10.72 -4.44
N PHE A 176 -4.33 10.09 -5.01
CA PHE A 176 -5.70 10.55 -4.82
C PHE A 176 -6.53 9.48 -4.17
N ASN A 177 -7.12 9.83 -3.04
CA ASN A 177 -7.99 8.92 -2.33
C ASN A 177 -9.43 9.18 -2.74
N ILE A 178 -10.33 8.28 -2.35
CA ILE A 178 -11.73 8.40 -2.70
C ILE A 178 -12.60 8.47 -1.46
N ASN A 179 -13.34 9.56 -1.32
CA ASN A 179 -14.28 9.72 -0.22
C ASN A 179 -15.70 9.70 -0.76
N THR A 180 -15.88 10.21 -1.96
CA THR A 180 -17.18 10.28 -2.56
C THR A 180 -17.14 9.88 -4.04
N LYS A 181 -18.29 9.86 -4.68
CA LYS A 181 -18.42 9.40 -6.07
C LYS A 181 -17.67 10.32 -7.03
N ASP A 182 -17.55 11.60 -6.67
CA ASP A 182 -16.81 12.55 -7.49
C ASP A 182 -15.35 12.15 -7.60
N ASP A 183 -14.82 11.66 -6.50
CA ASP A 183 -13.42 11.22 -6.42
C ASP A 183 -13.18 10.07 -7.40
N LEU A 184 -14.18 9.21 -7.55
CA LEU A 184 -14.07 8.08 -8.48
C LEU A 184 -13.86 8.58 -9.87
N LYS A 185 -14.61 9.60 -10.21
CA LYS A 185 -14.50 10.26 -11.50
C LYS A 185 -13.11 10.88 -11.64
N LEU A 186 -12.67 11.51 -10.58
CA LEU A 186 -11.35 12.15 -10.56
C LEU A 186 -10.27 11.10 -10.80
N ALA A 187 -10.37 10.01 -10.08
CA ALA A 187 -9.45 8.91 -10.20
C ALA A 187 -9.45 8.28 -11.59
N GLU A 188 -10.63 8.10 -12.16
CA GLU A 188 -10.72 7.50 -13.48
C GLU A 188 -10.21 8.43 -14.57
N MET A 189 -10.33 9.73 -14.34
CA MET A 189 -9.86 10.72 -15.31
C MET A 189 -8.36 10.63 -15.54
N LEU A 190 -7.60 10.39 -14.49
CA LEU A 190 -6.15 10.28 -14.64
C LEU A 190 -5.78 9.00 -15.36
N LEU A 191 -6.56 7.95 -15.15
CA LEU A 191 -6.35 6.67 -15.83
C LEU A 191 -6.64 6.80 -17.30
N LYS A 192 -7.67 7.54 -17.61
CA LYS A 192 -8.11 7.78 -18.98
C LYS A 192 -7.06 8.60 -19.75
N LYS A 193 -6.45 9.55 -19.05
CA LYS A 193 -5.55 10.52 -19.68
C LYS A 193 -4.33 9.84 -20.35
N ASP A 194 -3.73 8.85 -19.70
CA ASP A 194 -2.55 8.20 -20.28
C ASP A 194 -2.92 6.94 -21.06
N GLY A 195 -4.21 6.65 -21.14
CA GLY A 195 -4.64 5.46 -21.82
C GLY A 195 -5.70 5.71 -22.87
N LEU A 196 -5.27 5.82 -24.11
CA LEU A 196 -6.17 6.05 -25.21
C LEU A 196 -5.90 5.04 -26.32
N MET A 1 13.05 -9.44 -1.51
CA MET A 1 12.12 -8.52 -0.82
C MET A 1 10.72 -8.72 -1.36
N ASP A 2 9.80 -9.03 -0.49
CA ASP A 2 8.42 -9.24 -0.89
C ASP A 2 7.61 -8.00 -0.65
N ALA A 3 6.44 -7.95 -1.22
CA ALA A 3 5.59 -6.79 -1.06
C ALA A 3 4.31 -7.18 -0.38
N LEU A 4 3.96 -6.43 0.64
CA LEU A 4 2.77 -6.64 1.38
C LEU A 4 1.71 -5.66 0.94
N ILE A 5 0.59 -6.15 0.55
CA ILE A 5 -0.50 -5.31 0.16
C ILE A 5 -1.65 -5.55 1.08
N MET A 6 -1.86 -4.63 1.96
CA MET A 6 -2.88 -4.79 2.98
C MET A 6 -4.18 -4.13 2.61
N ALA A 7 -5.11 -4.97 2.30
CA ALA A 7 -6.44 -4.58 1.94
C ALA A 7 -7.42 -5.10 2.99
N GLY A 8 -7.75 -4.26 3.91
CA GLY A 8 -8.66 -4.59 4.97
C GLY A 8 -9.52 -3.43 5.36
N GLY A 9 -9.24 -2.84 6.50
CA GLY A 9 -10.03 -1.73 6.97
C GLY A 9 -9.35 -0.38 6.79
N LYS A 10 -10.04 0.68 7.17
CA LYS A 10 -9.53 2.03 7.08
C LYS A 10 -9.66 2.73 8.43
N GLY A 11 -9.28 3.99 8.47
CA GLY A 11 -9.43 4.78 9.67
C GLY A 11 -10.85 5.27 9.84
N THR A 12 -11.11 6.06 10.88
CA THR A 12 -12.44 6.59 11.14
C THR A 12 -13.43 5.43 11.46
N ARG A 13 -12.85 4.34 11.97
CA ARG A 13 -13.60 3.13 12.36
C ARG A 13 -14.28 2.43 11.18
N MET A 14 -13.71 2.59 9.98
CA MET A 14 -14.18 1.89 8.76
C MET A 14 -15.54 2.38 8.25
N GLY A 15 -15.61 2.61 6.94
CA GLY A 15 -16.86 3.00 6.32
C GLY A 15 -17.37 1.91 5.41
N GLY A 16 -18.69 1.75 5.34
CA GLY A 16 -19.29 0.69 4.53
C GLY A 16 -18.98 0.82 3.04
N VAL A 17 -19.10 2.04 2.52
CA VAL A 17 -18.80 2.32 1.11
C VAL A 17 -17.30 2.20 0.85
N GLU A 18 -16.53 2.68 1.79
CA GLU A 18 -15.08 2.72 1.68
C GLU A 18 -14.49 1.33 1.67
N LYS A 19 -14.11 0.88 0.48
CA LYS A 19 -13.58 -0.45 0.32
C LYS A 19 -12.55 -0.48 -0.82
N PRO A 20 -11.53 -1.34 -0.71
CA PRO A 20 -10.47 -1.49 -1.75
C PRO A 20 -11.05 -1.94 -3.10
N LEU A 21 -12.25 -2.47 -3.06
CA LEU A 21 -12.90 -2.98 -4.24
C LEU A 21 -13.62 -1.92 -5.08
N ILE A 22 -13.32 -0.64 -4.84
CA ILE A 22 -13.87 0.40 -5.66
C ILE A 22 -13.25 0.32 -7.03
N LYS A 23 -14.10 0.18 -8.00
CA LYS A 23 -13.65 0.06 -9.36
C LYS A 23 -13.31 1.38 -9.97
N LEU A 24 -12.19 1.41 -10.57
CA LEU A 24 -11.67 2.56 -11.26
C LEU A 24 -11.05 2.12 -12.56
N CYS A 25 -11.51 2.71 -13.67
CA CYS A 25 -10.98 2.41 -14.99
C CYS A 25 -11.16 0.91 -15.33
N GLY A 26 -12.16 0.29 -14.69
CA GLY A 26 -12.45 -1.10 -14.96
C GLY A 26 -11.96 -2.08 -13.90
N ARG A 27 -11.09 -1.67 -12.98
CA ARG A 27 -10.59 -2.60 -11.98
C ARG A 27 -10.61 -1.98 -10.60
N CYS A 28 -10.38 -2.79 -9.60
CA CYS A 28 -10.46 -2.36 -8.23
C CYS A 28 -9.14 -1.74 -7.76
N LEU A 29 -9.21 -1.00 -6.64
CA LEU A 29 -8.04 -0.33 -6.08
C LEU A 29 -6.96 -1.33 -5.74
N ILE A 30 -7.37 -2.49 -5.22
CA ILE A 30 -6.43 -3.54 -4.89
C ILE A 30 -5.61 -3.97 -6.11
N ASP A 31 -6.29 -4.14 -7.25
CA ASP A 31 -5.61 -4.56 -8.48
C ASP A 31 -4.65 -3.49 -8.94
N TYR A 32 -5.08 -2.24 -8.85
CA TYR A 32 -4.22 -1.10 -9.20
C TYR A 32 -2.99 -1.04 -8.30
N VAL A 33 -3.15 -1.43 -7.05
CA VAL A 33 -2.03 -1.50 -6.13
C VAL A 33 -1.12 -2.69 -6.45
N VAL A 34 -1.73 -3.83 -6.74
CA VAL A 34 -1.00 -5.07 -7.04
C VAL A 34 -0.16 -4.95 -8.30
N SER A 35 -0.74 -4.39 -9.33
CA SER A 35 -0.11 -4.35 -10.66
C SER A 35 1.33 -3.77 -10.67
N PRO A 36 1.61 -2.58 -10.07
CA PRO A 36 2.96 -2.02 -10.04
C PRO A 36 3.93 -2.91 -9.24
N LEU A 37 3.48 -3.42 -8.11
CA LEU A 37 4.30 -4.31 -7.30
C LEU A 37 4.56 -5.61 -8.03
N LEU A 38 3.56 -6.05 -8.73
CA LEU A 38 3.64 -7.24 -9.54
C LEU A 38 4.74 -7.10 -10.59
N LYS A 39 4.81 -5.93 -11.23
CA LYS A 39 5.83 -5.66 -12.24
C LYS A 39 7.11 -5.03 -11.63
N SER A 40 7.09 -4.77 -10.32
CA SER A 40 8.22 -4.13 -9.66
C SER A 40 9.34 -5.09 -9.31
N LYS A 41 10.36 -4.53 -8.70
CA LYS A 41 11.54 -5.22 -8.27
C LYS A 41 11.25 -6.37 -7.26
N VAL A 42 10.13 -6.26 -6.52
CA VAL A 42 9.84 -7.23 -5.45
C VAL A 42 9.63 -8.66 -5.94
N ASN A 43 9.75 -9.58 -5.01
CA ASN A 43 9.65 -11.00 -5.30
C ASN A 43 8.19 -11.47 -5.35
N ASN A 44 7.57 -11.64 -4.18
CA ASN A 44 6.20 -12.12 -4.10
C ASN A 44 5.30 -11.07 -3.55
N ILE A 45 4.03 -11.20 -3.85
CA ILE A 45 3.04 -10.26 -3.39
C ILE A 45 2.18 -10.92 -2.34
N PHE A 46 2.22 -10.43 -1.12
CA PHE A 46 1.41 -10.96 -0.06
C PHE A 46 0.32 -9.97 0.26
N ILE A 47 -0.91 -10.38 0.07
CA ILE A 47 -2.03 -9.53 0.34
C ILE A 47 -2.59 -9.82 1.69
N ALA A 48 -2.55 -8.83 2.50
CA ALA A 48 -3.00 -8.92 3.86
C ALA A 48 -4.46 -8.56 3.98
N THR A 49 -5.22 -9.49 4.48
CA THR A 49 -6.63 -9.29 4.70
C THR A 49 -6.98 -9.76 6.08
N SER A 50 -8.14 -9.39 6.55
CA SER A 50 -8.54 -9.76 7.89
C SER A 50 -9.90 -10.42 7.89
N PRO A 51 -10.21 -11.22 8.94
CA PRO A 51 -11.53 -11.86 9.09
C PRO A 51 -12.63 -10.83 9.12
N ASN A 52 -12.28 -9.63 9.54
CA ASN A 52 -13.21 -8.52 9.64
C ASN A 52 -13.54 -7.96 8.26
N THR A 53 -12.73 -8.33 7.26
CA THR A 53 -12.95 -7.87 5.92
C THR A 53 -12.68 -8.94 4.89
N PRO A 54 -13.44 -10.02 4.81
CA PRO A 54 -13.28 -10.83 3.71
C PRO A 54 -14.43 -10.66 2.79
N LYS A 55 -14.24 -9.72 2.05
CA LYS A 55 -15.10 -9.25 1.03
C LYS A 55 -14.16 -8.75 0.05
N THR A 56 -13.27 -7.97 0.58
CA THR A 56 -12.11 -7.62 -0.08
C THR A 56 -11.34 -8.92 -0.27
N LYS A 57 -11.23 -9.70 0.84
CA LYS A 57 -10.59 -11.00 0.75
C LYS A 57 -11.32 -11.94 -0.17
N GLU A 58 -12.68 -12.07 -0.02
CA GLU A 58 -13.37 -13.00 -0.92
C GLU A 58 -13.11 -12.65 -2.39
N TYR A 59 -13.02 -11.34 -2.71
CA TYR A 59 -12.74 -10.91 -4.06
C TYR A 59 -11.32 -11.21 -4.47
N ILE A 60 -10.39 -10.80 -3.65
CA ILE A 60 -8.98 -10.93 -3.94
C ILE A 60 -8.57 -12.38 -4.02
N ASN A 61 -9.03 -13.15 -3.06
CA ASN A 61 -8.70 -14.55 -2.99
C ASN A 61 -9.11 -15.24 -4.26
N SER A 62 -10.31 -14.97 -4.70
CA SER A 62 -10.85 -15.60 -5.90
C SER A 62 -10.16 -15.06 -7.15
N ALA A 63 -9.99 -13.74 -7.19
CA ALA A 63 -9.44 -13.07 -8.35
C ALA A 63 -8.02 -13.50 -8.62
N TYR A 64 -7.28 -13.71 -7.56
CA TYR A 64 -5.89 -14.02 -7.69
C TYR A 64 -5.60 -15.50 -7.42
N LYS A 65 -6.63 -16.34 -7.53
CA LYS A 65 -6.42 -17.79 -7.42
C LYS A 65 -5.53 -18.28 -8.56
N ASP A 66 -5.51 -17.51 -9.63
CA ASP A 66 -4.72 -17.77 -10.82
C ASP A 66 -3.29 -17.20 -10.66
N TYR A 67 -2.98 -16.78 -9.43
CA TYR A 67 -1.72 -16.13 -9.09
C TYR A 67 -0.49 -16.88 -9.56
N LYS A 68 0.54 -16.12 -9.86
CA LYS A 68 1.84 -16.68 -10.11
C LYS A 68 2.74 -16.45 -8.90
N ASN A 69 2.81 -15.20 -8.49
CA ASN A 69 3.61 -14.78 -7.34
C ASN A 69 2.77 -14.12 -6.24
N ILE A 70 1.48 -14.30 -6.29
CA ILE A 70 0.58 -13.63 -5.35
C ILE A 70 0.08 -14.59 -4.27
N VAL A 71 0.24 -14.19 -3.05
CA VAL A 71 -0.16 -14.97 -1.90
C VAL A 71 -1.09 -14.15 -1.01
N VAL A 72 -2.16 -14.75 -0.57
CA VAL A 72 -3.10 -14.05 0.31
C VAL A 72 -2.92 -14.54 1.75
N ILE A 73 -2.85 -13.59 2.66
CA ILE A 73 -2.60 -13.90 4.06
C ILE A 73 -3.62 -13.27 4.94
N ASP A 74 -3.75 -13.86 6.09
CA ASP A 74 -4.69 -13.45 7.06
C ASP A 74 -3.98 -12.75 8.19
N THR A 75 -4.51 -11.63 8.59
CA THR A 75 -3.91 -10.87 9.65
C THR A 75 -4.92 -9.89 10.29
N SER A 76 -4.38 -9.01 11.10
CA SER A 76 -5.11 -8.03 11.90
C SER A 76 -5.62 -6.82 11.09
N GLY A 77 -5.39 -6.86 9.76
CA GLY A 77 -5.68 -5.75 8.74
C GLY A 77 -6.85 -4.82 9.03
N LYS A 78 -7.70 -5.18 9.93
CA LYS A 78 -8.70 -4.30 10.43
C LYS A 78 -7.98 -3.08 11.06
N GLY A 79 -6.85 -3.37 11.70
CA GLY A 79 -5.99 -2.35 12.26
C GLY A 79 -4.63 -2.35 11.58
N TYR A 80 -4.17 -1.19 11.14
CA TYR A 80 -2.95 -1.08 10.33
C TYR A 80 -1.70 -1.62 11.06
N ILE A 81 -1.48 -1.15 12.28
CA ILE A 81 -0.27 -1.55 13.01
C ILE A 81 -0.33 -3.00 13.46
N GLU A 82 -1.51 -3.44 13.84
CA GLU A 82 -1.66 -4.81 14.30
C GLU A 82 -1.40 -5.76 13.16
N ASP A 83 -1.87 -5.37 11.99
CA ASP A 83 -1.65 -6.15 10.76
C ASP A 83 -0.17 -6.27 10.50
N LEU A 84 0.50 -5.13 10.52
CA LEU A 84 1.93 -5.10 10.29
C LEU A 84 2.64 -5.99 11.26
N ASN A 85 2.27 -5.89 12.51
CA ASN A 85 2.89 -6.70 13.54
C ASN A 85 2.71 -8.20 13.29
N GLU A 86 1.52 -8.61 12.85
CA GLU A 86 1.30 -10.02 12.54
C GLU A 86 2.17 -10.42 11.36
N CYS A 87 2.16 -9.57 10.34
CA CYS A 87 2.93 -9.84 9.14
C CYS A 87 4.44 -9.89 9.39
N ILE A 88 4.95 -8.95 10.19
CA ILE A 88 6.38 -8.91 10.48
C ILE A 88 6.78 -10.11 11.32
N GLY A 89 5.83 -10.60 12.12
CA GLY A 89 6.07 -11.77 12.94
C GLY A 89 6.34 -13.04 12.13
N TYR A 90 5.64 -13.21 11.01
CA TYR A 90 5.74 -14.45 10.24
C TYR A 90 6.69 -14.37 9.05
N PHE A 91 7.37 -13.26 8.90
CA PHE A 91 8.39 -13.16 7.86
C PHE A 91 9.76 -13.13 8.48
N SER A 92 10.71 -13.76 7.80
CA SER A 92 12.09 -13.80 8.27
C SER A 92 12.97 -12.81 7.50
N GLU A 93 12.36 -12.12 6.55
CA GLU A 93 13.06 -11.16 5.70
C GLU A 93 12.28 -9.87 5.61
N PRO A 94 12.97 -8.76 5.29
CA PRO A 94 12.33 -7.45 5.17
C PRO A 94 11.43 -7.40 3.94
N PHE A 95 10.36 -6.66 4.06
CA PHE A 95 9.37 -6.60 3.02
C PHE A 95 8.75 -5.22 2.89
N LEU A 96 8.15 -5.00 1.74
CA LEU A 96 7.51 -3.73 1.39
C LEU A 96 6.07 -3.69 1.95
N VAL A 97 5.63 -2.52 2.41
CA VAL A 97 4.28 -2.30 2.96
C VAL A 97 3.54 -1.24 2.12
N VAL A 98 2.30 -1.53 1.69
CA VAL A 98 1.53 -0.55 0.89
C VAL A 98 0.13 -0.36 1.43
N SER A 99 -0.48 0.75 1.02
CA SER A 99 -1.87 1.00 1.31
C SER A 99 -2.69 0.62 0.06
N SER A 100 -3.83 0.02 0.27
CA SER A 100 -4.65 -0.50 -0.83
C SER A 100 -5.34 0.60 -1.66
N ASP A 101 -5.32 1.82 -1.19
CA ASP A 101 -6.00 2.92 -1.89
C ASP A 101 -5.04 3.84 -2.67
N LEU A 102 -3.78 3.46 -2.80
CA LEU A 102 -2.82 4.28 -3.50
C LEU A 102 -2.94 4.08 -5.02
N ILE A 103 -3.18 5.18 -5.75
CA ILE A 103 -3.28 5.13 -7.21
C ILE A 103 -1.96 4.68 -7.83
N ASN A 104 -1.98 4.33 -9.10
CA ASN A 104 -0.78 3.79 -9.72
C ASN A 104 0.14 4.85 -10.35
N LEU A 105 0.79 5.60 -9.50
CA LEU A 105 1.90 6.47 -9.93
C LEU A 105 3.15 5.96 -9.25
N LYS A 106 2.90 5.11 -8.27
CA LYS A 106 3.89 4.50 -7.40
C LYS A 106 4.84 3.51 -8.09
N SER A 107 4.67 3.30 -9.39
CA SER A 107 5.46 2.29 -10.12
C SER A 107 6.98 2.55 -10.03
N LYS A 108 7.37 3.80 -10.13
CA LYS A 108 8.79 4.15 -10.02
C LYS A 108 9.21 4.25 -8.57
N ILE A 109 8.22 4.51 -7.74
CA ILE A 109 8.45 4.75 -6.33
C ILE A 109 9.01 3.52 -5.67
N ILE A 110 8.48 2.40 -6.07
CA ILE A 110 8.83 1.11 -5.48
C ILE A 110 10.31 0.85 -5.60
N ASN A 111 10.84 1.05 -6.78
CA ASN A 111 12.27 0.87 -7.00
C ASN A 111 13.06 1.91 -6.22
N SER A 112 12.55 3.14 -6.18
CA SER A 112 13.20 4.21 -5.44
C SER A 112 13.28 3.87 -3.94
N ILE A 113 12.21 3.28 -3.43
CA ILE A 113 12.10 2.91 -2.02
C ILE A 113 13.18 1.92 -1.64
N VAL A 114 13.28 0.88 -2.45
CA VAL A 114 14.21 -0.19 -2.19
C VAL A 114 15.64 0.31 -2.21
N ASP A 115 15.97 1.08 -3.25
CA ASP A 115 17.31 1.63 -3.38
C ASP A 115 17.66 2.54 -2.23
N TYR A 116 16.74 3.42 -1.87
CA TYR A 116 16.96 4.38 -0.80
C TYR A 116 17.19 3.67 0.54
N PHE A 117 16.31 2.72 0.85
CA PHE A 117 16.38 1.95 2.10
C PHE A 117 17.71 1.18 2.20
N TYR A 118 18.07 0.50 1.12
CA TYR A 118 19.32 -0.24 1.06
C TYR A 118 20.52 0.68 1.23
N CYS A 119 20.43 1.86 0.64
CA CYS A 119 21.48 2.85 0.76
C CYS A 119 21.63 3.30 2.20
N ILE A 120 20.50 3.45 2.89
CA ILE A 120 20.51 3.86 4.29
C ILE A 120 21.21 2.82 5.13
N LYS A 121 20.86 1.56 4.92
CA LYS A 121 21.46 0.47 5.69
C LYS A 121 22.95 0.41 5.48
N ALA A 122 23.36 0.64 4.25
CA ALA A 122 24.78 0.61 3.91
C ALA A 122 25.58 1.62 4.73
N LYS A 123 25.03 2.81 4.92
CA LYS A 123 25.70 3.84 5.71
C LYS A 123 25.36 3.70 7.21
N THR A 124 24.15 3.31 7.51
CA THR A 124 23.67 3.16 8.87
C THR A 124 22.86 1.85 9.03
N PRO A 125 23.51 0.76 9.47
CA PRO A 125 22.86 -0.56 9.67
C PRO A 125 21.71 -0.51 10.69
N ASP A 126 21.67 0.57 11.46
CA ASP A 126 20.67 0.77 12.52
C ASP A 126 19.24 0.78 11.98
N VAL A 127 19.06 1.30 10.77
CA VAL A 127 17.72 1.39 10.19
C VAL A 127 17.11 0.02 9.92
N GLU A 128 15.87 -0.16 10.34
CA GLU A 128 15.17 -1.40 10.15
C GLU A 128 13.91 -1.20 9.30
N ALA A 129 13.48 0.04 9.15
CA ALA A 129 12.25 0.34 8.44
C ALA A 129 12.32 1.69 7.75
N LEU A 130 11.47 1.89 6.77
CA LEU A 130 11.38 3.13 6.05
C LEU A 130 9.93 3.54 5.89
N ALA A 131 9.71 4.81 5.94
CA ALA A 131 8.38 5.39 5.80
C ALA A 131 8.43 6.48 4.76
N VAL A 132 7.41 6.57 3.95
CA VAL A 132 7.37 7.60 2.95
C VAL A 132 6.19 8.51 3.16
N MET A 133 6.50 9.75 3.34
CA MET A 133 5.52 10.78 3.59
C MET A 133 5.96 12.07 2.96
N ILE A 134 5.01 12.92 2.65
CA ILE A 134 5.31 14.18 2.04
C ILE A 134 4.62 15.30 2.78
N PRO A 135 5.14 16.52 2.67
CA PRO A 135 4.51 17.69 3.27
C PRO A 135 3.10 17.91 2.70
N LYS A 136 2.18 18.32 3.56
CA LYS A 136 0.82 18.56 3.13
C LYS A 136 0.75 19.67 2.08
N GLU A 137 1.79 20.48 2.02
CA GLU A 137 1.84 21.58 1.08
C GLU A 137 1.73 21.08 -0.37
N LYS A 138 2.39 19.97 -0.67
CA LYS A 138 2.30 19.39 -2.00
C LYS A 138 1.14 18.42 -2.09
N TYR A 139 0.71 17.91 -0.95
CA TYR A 139 -0.38 16.95 -0.87
C TYR A 139 -1.68 17.64 -1.31
N PRO A 140 -2.40 17.07 -2.29
CA PRO A 140 -3.59 17.71 -2.87
C PRO A 140 -4.76 17.83 -1.90
N ASN A 141 -5.33 16.71 -1.51
CA ASN A 141 -6.47 16.69 -0.63
C ASN A 141 -6.26 15.71 0.50
N PRO A 142 -6.78 16.04 1.70
CA PRO A 142 -6.59 15.24 2.94
C PRO A 142 -6.99 13.76 2.83
N SER A 143 -8.01 13.48 2.03
CA SER A 143 -8.47 12.10 1.80
C SER A 143 -8.92 11.40 3.12
N ILE A 144 -9.36 12.20 4.11
CA ILE A 144 -9.82 11.68 5.43
C ILE A 144 -8.63 11.19 6.28
N ASP A 145 -8.74 11.32 7.62
CA ASP A 145 -7.67 10.92 8.55
C ASP A 145 -6.42 11.74 8.34
N PHE A 146 -6.62 12.97 7.89
CA PHE A 146 -5.53 13.89 7.59
C PHE A 146 -4.74 14.24 8.86
N ASN A 147 -3.43 14.20 8.73
CA ASN A 147 -2.53 14.53 9.83
C ASN A 147 -1.59 15.63 9.37
N GLY A 148 -0.79 16.18 10.28
CA GLY A 148 0.19 17.19 9.91
C GLY A 148 1.15 16.65 8.89
N LEU A 149 1.54 15.40 9.08
CA LEU A 149 2.35 14.72 8.12
C LEU A 149 1.49 13.71 7.40
N VAL A 150 1.69 13.60 6.12
CA VAL A 150 0.85 12.74 5.32
C VAL A 150 1.65 11.74 4.48
N PRO A 151 1.44 10.44 4.72
CA PRO A 151 2.06 9.37 3.94
C PRO A 151 1.68 9.45 2.47
N ALA A 152 2.62 9.16 1.60
CA ALA A 152 2.36 9.23 0.16
C ALA A 152 2.91 8.03 -0.54
N GLY A 153 3.96 7.48 -0.02
CA GLY A 153 4.58 6.38 -0.66
C GLY A 153 4.27 5.09 0.01
N ILE A 154 5.25 4.25 0.05
CA ILE A 154 5.13 2.93 0.61
C ILE A 154 6.20 2.72 1.66
N ASN A 155 6.00 1.77 2.52
CA ASN A 155 6.88 1.56 3.66
C ASN A 155 7.71 0.30 3.52
N VAL A 156 8.80 0.25 4.26
CA VAL A 156 9.66 -0.92 4.33
C VAL A 156 9.82 -1.33 5.76
N VAL A 157 9.65 -2.59 6.05
CA VAL A 157 9.81 -3.08 7.41
C VAL A 157 10.67 -4.34 7.45
N SER A 158 11.33 -4.52 8.58
CA SER A 158 12.12 -5.70 8.84
C SER A 158 11.31 -6.72 9.64
N PRO A 159 11.72 -7.99 9.63
CA PRO A 159 11.07 -9.05 10.41
C PRO A 159 11.35 -8.90 11.90
N LYS A 160 10.59 -8.06 12.56
CA LYS A 160 10.80 -7.79 13.97
C LYS A 160 9.62 -8.29 14.79
N HIS A 161 9.88 -8.68 16.02
CA HIS A 161 8.82 -9.08 16.92
C HIS A 161 7.90 -7.90 17.24
N GLY A 162 8.51 -6.74 17.49
CA GLY A 162 7.75 -5.55 17.82
C GLY A 162 8.06 -4.39 16.90
N TYR A 163 7.98 -3.18 17.44
CA TYR A 163 8.23 -1.97 16.66
C TYR A 163 9.72 -1.77 16.43
N GLN A 164 10.06 -1.16 15.30
CA GLN A 164 11.44 -1.04 14.89
C GLN A 164 11.81 0.36 14.41
N LYS A 165 13.13 0.56 14.26
CA LYS A 165 13.70 1.83 13.80
C LYS A 165 13.17 2.13 12.41
N GLU A 166 12.71 3.33 12.21
CA GLU A 166 12.07 3.69 10.95
C GLU A 166 12.57 5.04 10.42
N GLU A 167 12.96 5.07 9.15
CA GLU A 167 13.42 6.30 8.50
C GLU A 167 12.34 7.01 7.76
N ILE A 168 12.62 8.24 7.45
CA ILE A 168 11.66 9.11 6.77
C ILE A 168 12.18 9.59 5.43
N MET A 169 11.35 9.46 4.42
CA MET A 169 11.68 9.93 3.08
C MET A 169 10.51 10.67 2.44
N VAL A 170 10.83 11.75 1.73
CA VAL A 170 9.85 12.55 1.04
C VAL A 170 9.97 12.34 -0.47
N ILE A 171 8.85 12.05 -1.11
CA ILE A 171 8.84 11.76 -2.55
C ILE A 171 8.28 12.91 -3.36
N ASP A 172 8.41 12.80 -4.66
CA ASP A 172 8.04 13.85 -5.58
C ASP A 172 6.62 13.71 -6.10
N GLU A 173 5.90 12.73 -5.63
CA GLU A 173 4.58 12.52 -6.16
C GLU A 173 3.53 12.39 -5.08
N LEU A 174 2.38 12.95 -5.38
CA LEU A 174 1.23 12.93 -4.51
C LEU A 174 0.27 11.82 -4.88
N ILE A 175 -0.43 11.31 -3.89
CA ILE A 175 -1.47 10.32 -4.12
C ILE A 175 -2.74 10.72 -3.39
N PHE A 176 -3.86 10.40 -3.97
CA PHE A 176 -5.13 10.59 -3.31
C PHE A 176 -5.93 9.31 -3.45
N ASN A 177 -6.78 9.03 -2.48
CA ASN A 177 -7.59 7.84 -2.55
C ASN A 177 -8.98 8.18 -3.04
N ILE A 178 -9.82 7.18 -3.16
CA ILE A 178 -11.17 7.40 -3.62
C ILE A 178 -12.15 7.16 -2.50
N ASN A 179 -12.89 8.17 -2.16
CA ASN A 179 -13.90 8.03 -1.15
C ASN A 179 -15.24 8.49 -1.69
N THR A 180 -15.18 9.31 -2.73
CA THR A 180 -16.36 9.87 -3.32
C THR A 180 -16.35 9.67 -4.83
N LYS A 181 -17.50 9.84 -5.46
CA LYS A 181 -17.62 9.72 -6.90
C LYS A 181 -16.80 10.80 -7.59
N ASP A 182 -16.75 11.97 -6.96
CA ASP A 182 -15.97 13.09 -7.47
C ASP A 182 -14.49 12.70 -7.54
N ASP A 183 -14.01 12.04 -6.49
CA ASP A 183 -12.61 11.58 -6.45
C ASP A 183 -12.40 10.53 -7.52
N LEU A 184 -13.39 9.66 -7.66
CA LEU A 184 -13.32 8.55 -8.59
C LEU A 184 -13.18 9.06 -10.02
N LYS A 185 -14.02 10.03 -10.39
CA LYS A 185 -13.95 10.63 -11.71
C LYS A 185 -12.66 11.43 -11.87
N LEU A 186 -12.25 12.07 -10.80
CA LEU A 186 -11.01 12.83 -10.80
C LEU A 186 -9.85 11.92 -11.16
N ALA A 187 -9.78 10.78 -10.50
CA ALA A 187 -8.77 9.78 -10.77
C ALA A 187 -8.86 9.23 -12.19
N GLU A 188 -10.08 8.95 -12.66
CA GLU A 188 -10.23 8.39 -14.01
C GLU A 188 -9.84 9.40 -15.06
N MET A 189 -10.06 10.67 -14.77
CA MET A 189 -9.73 11.74 -15.65
C MET A 189 -8.24 11.81 -15.92
N LEU A 190 -7.43 11.68 -14.87
CA LEU A 190 -6.00 11.75 -15.01
C LEU A 190 -5.45 10.49 -15.68
N LEU A 191 -6.06 9.33 -15.37
CA LEU A 191 -5.68 8.07 -16.00
C LEU A 191 -5.99 8.11 -17.47
N LYS A 192 -7.14 8.68 -17.76
CA LYS A 192 -7.63 8.86 -19.12
C LYS A 192 -6.68 9.75 -19.91
N LYS A 193 -6.27 10.87 -19.30
CA LYS A 193 -5.34 11.79 -19.93
C LYS A 193 -3.95 11.14 -20.09
N ASP A 194 -3.63 10.26 -19.15
CA ASP A 194 -2.34 9.56 -19.12
C ASP A 194 -2.20 8.63 -20.33
N GLY A 195 -3.32 8.24 -20.90
CA GLY A 195 -3.31 7.40 -22.08
C GLY A 195 -2.84 8.16 -23.30
N LEU A 196 -3.77 8.77 -24.03
CA LEU A 196 -3.43 9.53 -25.22
C LEU A 196 -2.75 10.84 -24.85
N MET A 1 12.57 -8.54 -1.38
CA MET A 1 11.47 -7.88 -0.65
C MET A 1 10.12 -8.27 -1.23
N ASP A 2 9.20 -8.64 -0.36
CA ASP A 2 7.85 -8.96 -0.77
C ASP A 2 6.98 -7.74 -0.64
N ALA A 3 5.82 -7.79 -1.24
CA ALA A 3 4.91 -6.67 -1.17
C ALA A 3 3.67 -7.04 -0.39
N LEU A 4 3.36 -6.24 0.57
CA LEU A 4 2.23 -6.42 1.43
C LEU A 4 1.16 -5.43 1.05
N ILE A 5 0.01 -5.91 0.72
CA ILE A 5 -1.07 -5.05 0.30
C ILE A 5 -2.23 -5.23 1.25
N MET A 6 -2.55 -4.18 1.99
CA MET A 6 -3.60 -4.23 2.92
C MET A 6 -4.93 -3.95 2.26
N ALA A 7 -5.60 -5.02 1.94
CA ALA A 7 -6.89 -4.97 1.31
C ALA A 7 -7.95 -5.53 2.25
N GLY A 8 -8.67 -4.66 2.89
CA GLY A 8 -9.67 -5.09 3.84
C GLY A 8 -9.48 -4.44 5.20
N GLY A 9 -8.46 -3.63 5.30
CA GLY A 9 -8.20 -2.92 6.54
C GLY A 9 -8.84 -1.55 6.55
N LYS A 10 -8.96 -0.95 7.73
CA LYS A 10 -9.55 0.39 7.84
C LYS A 10 -8.75 1.28 8.79
N GLY A 11 -7.80 0.70 9.49
CA GLY A 11 -6.96 1.46 10.39
C GLY A 11 -7.69 1.95 11.63
N THR A 12 -7.19 3.03 12.19
CA THR A 12 -7.70 3.59 13.42
C THR A 12 -8.68 4.74 13.17
N ARG A 13 -9.09 4.89 11.93
CA ARG A 13 -10.05 5.94 11.56
C ARG A 13 -11.37 5.36 11.10
N MET A 14 -11.64 4.11 11.49
CA MET A 14 -12.90 3.40 11.15
C MET A 14 -12.97 3.01 9.67
N GLY A 15 -12.47 3.88 8.81
CA GLY A 15 -12.47 3.60 7.39
C GLY A 15 -13.62 4.26 6.67
N GLY A 16 -13.65 5.59 6.71
CA GLY A 16 -14.71 6.34 6.02
C GLY A 16 -14.44 6.44 4.54
N VAL A 17 -14.28 5.30 3.91
CA VAL A 17 -14.00 5.22 2.49
C VAL A 17 -14.58 3.92 1.94
N GLU A 18 -14.96 3.93 0.66
CA GLU A 18 -15.49 2.74 0.03
C GLU A 18 -14.45 1.62 -0.03
N LYS A 19 -14.92 0.40 -0.17
CA LYS A 19 -14.06 -0.77 -0.19
C LYS A 19 -13.10 -0.73 -1.40
N PRO A 20 -11.95 -1.41 -1.28
CA PRO A 20 -10.89 -1.43 -2.32
C PRO A 20 -11.36 -2.06 -3.65
N LEU A 21 -12.56 -2.61 -3.66
CA LEU A 21 -13.10 -3.24 -4.85
C LEU A 21 -13.78 -2.26 -5.79
N ILE A 22 -13.43 -1.00 -5.68
CA ILE A 22 -13.94 -0.02 -6.60
C ILE A 22 -13.32 -0.28 -7.94
N LYS A 23 -14.12 -0.61 -8.87
CA LYS A 23 -13.64 -0.96 -10.18
C LYS A 23 -13.71 0.20 -11.14
N LEU A 24 -12.61 0.37 -11.80
CA LEU A 24 -12.44 1.40 -12.79
C LEU A 24 -11.88 0.76 -14.05
N CYS A 25 -12.40 1.18 -15.20
CA CYS A 25 -11.98 0.64 -16.50
C CYS A 25 -12.30 -0.86 -16.64
N GLY A 26 -11.53 -1.72 -15.99
CA GLY A 26 -11.78 -3.14 -16.10
C GLY A 26 -11.41 -3.96 -14.87
N ARG A 27 -10.91 -3.32 -13.81
CA ARG A 27 -10.56 -4.05 -12.61
C ARG A 27 -10.71 -3.20 -11.38
N CYS A 28 -10.60 -3.81 -10.23
CA CYS A 28 -10.77 -3.11 -8.97
C CYS A 28 -9.52 -2.33 -8.62
N LEU A 29 -9.71 -1.31 -7.78
CA LEU A 29 -8.63 -0.43 -7.35
C LEU A 29 -7.46 -1.23 -6.78
N ILE A 30 -7.76 -2.19 -5.90
CA ILE A 30 -6.74 -3.03 -5.31
C ILE A 30 -6.05 -3.88 -6.40
N ASP A 31 -6.82 -4.31 -7.38
CA ASP A 31 -6.29 -5.11 -8.48
C ASP A 31 -5.29 -4.25 -9.25
N TYR A 32 -5.65 -2.97 -9.42
CA TYR A 32 -4.77 -1.98 -10.03
C TYR A 32 -3.51 -1.79 -9.19
N VAL A 33 -3.66 -1.86 -7.88
CA VAL A 33 -2.53 -1.74 -6.95
C VAL A 33 -1.58 -2.93 -7.11
N VAL A 34 -2.15 -4.12 -7.24
CA VAL A 34 -1.38 -5.34 -7.38
C VAL A 34 -0.57 -5.34 -8.67
N SER A 35 -1.17 -4.88 -9.75
CA SER A 35 -0.55 -4.93 -11.08
C SER A 35 0.93 -4.40 -11.10
N PRO A 36 1.21 -3.14 -10.65
CA PRO A 36 2.59 -2.62 -10.63
C PRO A 36 3.47 -3.35 -9.62
N LEU A 37 2.90 -3.69 -8.48
CA LEU A 37 3.65 -4.37 -7.43
C LEU A 37 4.08 -5.76 -7.88
N LEU A 38 3.19 -6.46 -8.53
CA LEU A 38 3.51 -7.77 -9.06
C LEU A 38 4.63 -7.70 -10.08
N LYS A 39 4.53 -6.77 -11.01
CA LYS A 39 5.54 -6.60 -12.05
C LYS A 39 6.81 -5.91 -11.52
N SER A 40 6.75 -5.33 -10.32
CA SER A 40 7.87 -4.60 -9.76
C SER A 40 9.00 -5.53 -9.33
N LYS A 41 10.03 -4.94 -8.78
CA LYS A 41 11.20 -5.65 -8.35
C LYS A 41 10.97 -6.54 -7.11
N VAL A 42 9.77 -6.49 -6.52
CA VAL A 42 9.49 -7.30 -5.35
C VAL A 42 9.33 -8.77 -5.72
N ASN A 43 9.44 -9.63 -4.73
CA ASN A 43 9.35 -11.05 -4.92
C ASN A 43 7.91 -11.55 -5.04
N ASN A 44 7.21 -11.60 -3.92
CA ASN A 44 5.83 -12.08 -3.92
C ASN A 44 4.89 -11.03 -3.41
N ILE A 45 3.62 -11.18 -3.71
CA ILE A 45 2.61 -10.25 -3.29
C ILE A 45 1.75 -10.91 -2.22
N PHE A 46 1.77 -10.37 -1.03
CA PHE A 46 0.95 -10.87 0.05
C PHE A 46 -0.13 -9.87 0.35
N ILE A 47 -1.35 -10.26 0.17
CA ILE A 47 -2.44 -9.38 0.39
C ILE A 47 -3.09 -9.66 1.71
N ALA A 48 -3.05 -8.66 2.53
CA ALA A 48 -3.60 -8.73 3.86
C ALA A 48 -5.07 -8.44 3.84
N THR A 49 -5.85 -9.40 4.24
CA THR A 49 -7.28 -9.27 4.29
C THR A 49 -7.77 -9.59 5.67
N SER A 50 -8.99 -9.21 5.95
CA SER A 50 -9.55 -9.46 7.26
C SER A 50 -10.88 -10.19 7.14
N PRO A 51 -11.29 -10.92 8.20
CA PRO A 51 -12.58 -11.64 8.24
C PRO A 51 -13.74 -10.67 8.03
N ASN A 52 -13.50 -9.41 8.35
CA ASN A 52 -14.49 -8.36 8.21
C ASN A 52 -14.75 -8.05 6.74
N THR A 53 -13.81 -8.41 5.88
CA THR A 53 -13.94 -8.12 4.47
C THR A 53 -13.48 -9.26 3.59
N PRO A 54 -14.14 -10.41 3.55
CA PRO A 54 -13.76 -11.31 2.56
C PRO A 54 -14.74 -11.24 1.42
N LYS A 55 -14.43 -10.34 0.66
CA LYS A 55 -15.14 -9.99 -0.55
C LYS A 55 -14.10 -9.44 -1.37
N THR A 56 -13.34 -8.59 -0.73
CA THR A 56 -12.10 -8.20 -1.23
C THR A 56 -11.27 -9.46 -1.27
N LYS A 57 -11.31 -10.22 -0.16
CA LYS A 57 -10.63 -11.49 -0.07
C LYS A 57 -11.17 -12.44 -1.11
N GLU A 58 -12.52 -12.60 -1.18
CA GLU A 58 -13.06 -13.49 -2.24
C GLU A 58 -12.68 -13.04 -3.64
N TYR A 59 -12.79 -11.75 -3.89
CA TYR A 59 -12.47 -11.18 -5.22
C TYR A 59 -11.05 -11.42 -5.60
N ILE A 60 -10.14 -11.07 -4.73
CA ILE A 60 -8.73 -11.22 -4.98
C ILE A 60 -8.38 -12.66 -5.18
N ASN A 61 -8.94 -13.49 -4.33
CA ASN A 61 -8.75 -14.93 -4.39
C ASN A 61 -9.17 -15.43 -5.78
N SER A 62 -10.32 -14.94 -6.23
CA SER A 62 -10.89 -15.29 -7.51
C SER A 62 -10.08 -14.69 -8.68
N ALA A 63 -9.64 -13.47 -8.51
CA ALA A 63 -8.89 -12.77 -9.53
C ALA A 63 -7.56 -13.43 -9.78
N TYR A 64 -6.95 -13.88 -8.71
CA TYR A 64 -5.64 -14.47 -8.79
C TYR A 64 -5.68 -15.96 -8.47
N LYS A 65 -6.70 -16.63 -8.99
CA LYS A 65 -6.84 -18.09 -8.83
C LYS A 65 -5.63 -18.83 -9.42
N ASP A 66 -5.12 -18.33 -10.53
CA ASP A 66 -3.97 -18.93 -11.23
C ASP A 66 -2.65 -18.39 -10.67
N TYR A 67 -2.73 -17.68 -9.55
CA TYR A 67 -1.58 -16.99 -8.92
C TYR A 67 -0.28 -17.78 -8.96
N LYS A 68 0.78 -17.08 -9.35
CA LYS A 68 2.12 -17.63 -9.27
C LYS A 68 2.80 -17.02 -8.05
N ASN A 69 2.70 -15.70 -7.94
CA ASN A 69 3.33 -14.94 -6.87
C ASN A 69 2.34 -14.20 -5.99
N ILE A 70 1.07 -14.46 -6.16
CA ILE A 70 0.05 -13.77 -5.37
C ILE A 70 -0.42 -14.64 -4.22
N VAL A 71 -0.22 -14.16 -3.04
CA VAL A 71 -0.60 -14.86 -1.85
C VAL A 71 -1.55 -14.02 -1.05
N VAL A 72 -2.64 -14.61 -0.64
CA VAL A 72 -3.63 -13.91 0.15
C VAL A 72 -3.53 -14.36 1.59
N ILE A 73 -3.46 -13.40 2.49
CA ILE A 73 -3.32 -13.69 3.89
C ILE A 73 -4.41 -13.03 4.69
N ASP A 74 -4.69 -13.58 5.84
CA ASP A 74 -5.73 -13.06 6.71
C ASP A 74 -5.10 -12.61 8.00
N THR A 75 -5.49 -11.47 8.46
CA THR A 75 -4.88 -10.92 9.64
C THR A 75 -5.73 -9.83 10.33
N SER A 76 -5.08 -9.17 11.27
CA SER A 76 -5.63 -8.12 12.17
C SER A 76 -6.07 -6.85 11.45
N GLY A 77 -5.97 -6.83 10.11
CA GLY A 77 -6.24 -5.65 9.20
C GLY A 77 -7.29 -4.65 9.66
N LYS A 78 -8.16 -5.07 10.53
CA LYS A 78 -9.11 -4.18 11.14
C LYS A 78 -8.31 -3.05 11.84
N GLY A 79 -7.17 -3.42 12.40
CA GLY A 79 -6.26 -2.47 13.01
C GLY A 79 -4.99 -2.37 12.16
N TYR A 80 -4.62 -1.16 11.75
CA TYR A 80 -3.50 -0.95 10.82
C TYR A 80 -2.17 -1.47 11.36
N ILE A 81 -1.81 -1.05 12.56
CA ILE A 81 -0.52 -1.45 13.10
C ILE A 81 -0.55 -2.89 13.56
N GLU A 82 -1.69 -3.33 14.00
CA GLU A 82 -1.84 -4.70 14.45
C GLU A 82 -1.65 -5.64 13.29
N ASP A 83 -2.22 -5.27 12.17
CA ASP A 83 -2.07 -6.04 10.91
C ASP A 83 -0.62 -6.13 10.54
N LEU A 84 0.03 -4.97 10.50
CA LEU A 84 1.42 -4.91 10.15
C LEU A 84 2.28 -5.73 11.10
N ASN A 85 2.00 -5.60 12.38
CA ASN A 85 2.72 -6.38 13.38
C ASN A 85 2.53 -7.88 13.18
N GLU A 86 1.32 -8.28 12.85
CA GLU A 86 1.04 -9.68 12.56
C GLU A 86 1.85 -10.10 11.35
N CYS A 87 1.81 -9.27 10.32
CA CYS A 87 2.52 -9.55 9.08
C CYS A 87 4.04 -9.63 9.29
N ILE A 88 4.60 -8.71 10.07
CA ILE A 88 6.04 -8.72 10.32
C ILE A 88 6.44 -9.96 11.10
N GLY A 89 5.50 -10.48 11.88
CA GLY A 89 5.74 -11.68 12.63
C GLY A 89 5.87 -12.93 11.77
N TYR A 90 5.35 -12.90 10.53
CA TYR A 90 5.38 -14.08 9.67
C TYR A 90 6.41 -14.01 8.56
N PHE A 91 6.82 -12.82 8.16
CA PHE A 91 7.80 -12.67 7.10
C PHE A 91 9.20 -13.01 7.57
N SER A 92 10.01 -13.51 6.66
CA SER A 92 11.39 -13.83 6.96
C SER A 92 12.30 -12.68 6.52
N GLU A 93 11.75 -11.80 5.69
CA GLU A 93 12.50 -10.66 5.14
C GLU A 93 11.65 -9.41 5.10
N PRO A 94 12.31 -8.23 4.99
CA PRO A 94 11.63 -6.94 4.86
C PRO A 94 10.63 -6.94 3.71
N PHE A 95 9.53 -6.26 3.91
CA PHE A 95 8.47 -6.23 2.92
C PHE A 95 7.90 -4.83 2.76
N LEU A 96 7.33 -4.61 1.60
CA LEU A 96 6.77 -3.33 1.22
C LEU A 96 5.32 -3.24 1.71
N VAL A 97 4.95 -2.13 2.31
CA VAL A 97 3.60 -1.90 2.82
C VAL A 97 2.86 -0.90 1.92
N VAL A 98 1.65 -1.24 1.46
CA VAL A 98 0.92 -0.33 0.57
C VAL A 98 -0.50 -0.10 1.03
N SER A 99 -1.07 0.97 0.52
CA SER A 99 -2.48 1.26 0.68
C SER A 99 -3.19 0.83 -0.60
N SER A 100 -4.40 0.33 -0.47
CA SER A 100 -5.11 -0.21 -1.63
C SER A 100 -5.92 0.85 -2.39
N ASP A 101 -5.90 2.08 -1.90
CA ASP A 101 -6.67 3.14 -2.51
C ASP A 101 -5.79 4.16 -3.25
N LEU A 102 -4.51 3.88 -3.37
CA LEU A 102 -3.59 4.80 -4.02
C LEU A 102 -3.66 4.68 -5.54
N ILE A 103 -4.12 5.73 -6.19
CA ILE A 103 -4.18 5.75 -7.64
C ILE A 103 -3.10 6.67 -8.21
N ASN A 104 -2.14 6.05 -8.89
CA ASN A 104 -1.02 6.74 -9.52
C ASN A 104 -0.06 5.70 -10.06
N LEU A 105 1.00 6.15 -10.73
CA LEU A 105 1.99 5.21 -11.25
C LEU A 105 2.99 4.90 -10.13
N LYS A 106 2.83 3.72 -9.56
CA LYS A 106 3.65 3.30 -8.42
C LYS A 106 4.82 2.43 -8.84
N SER A 107 4.91 2.10 -10.13
CA SER A 107 5.95 1.20 -10.61
C SER A 107 7.36 1.74 -10.33
N LYS A 108 7.55 3.01 -10.60
CA LYS A 108 8.84 3.64 -10.39
C LYS A 108 9.02 3.97 -8.92
N ILE A 109 7.90 4.09 -8.23
CA ILE A 109 7.92 4.50 -6.83
C ILE A 109 8.51 3.39 -6.00
N ILE A 110 8.13 2.18 -6.34
CA ILE A 110 8.59 0.97 -5.67
C ILE A 110 10.09 0.88 -5.75
N ASN A 111 10.59 1.11 -6.94
CA ASN A 111 12.03 1.10 -7.19
C ASN A 111 12.75 2.17 -6.39
N SER A 112 12.16 3.36 -6.34
CA SER A 112 12.73 4.47 -5.58
C SER A 112 12.77 4.17 -4.08
N ILE A 113 11.69 3.57 -3.58
CA ILE A 113 11.56 3.27 -2.16
C ILE A 113 12.62 2.25 -1.72
N VAL A 114 12.70 1.18 -2.48
CA VAL A 114 13.63 0.11 -2.19
C VAL A 114 15.07 0.61 -2.24
N ASP A 115 15.38 1.33 -3.30
CA ASP A 115 16.72 1.86 -3.49
C ASP A 115 17.12 2.83 -2.38
N TYR A 116 16.23 3.75 -2.05
CA TYR A 116 16.49 4.74 -1.01
C TYR A 116 16.67 4.06 0.35
N PHE A 117 15.76 3.13 0.67
CA PHE A 117 15.82 2.37 1.93
C PHE A 117 17.14 1.61 2.04
N TYR A 118 17.50 0.91 0.98
CA TYR A 118 18.75 0.17 0.95
C TYR A 118 19.94 1.10 1.04
N CYS A 119 19.82 2.29 0.48
CA CYS A 119 20.90 3.27 0.54
C CYS A 119 21.16 3.65 1.99
N ILE A 120 20.09 3.92 2.71
CA ILE A 120 20.17 4.31 4.12
C ILE A 120 20.75 3.17 4.95
N LYS A 121 20.21 1.99 4.76
CA LYS A 121 20.64 0.84 5.52
C LYS A 121 22.10 0.47 5.20
N ALA A 122 22.54 0.81 4.00
CA ALA A 122 23.92 0.58 3.61
C ALA A 122 24.86 1.38 4.51
N LYS A 123 24.49 2.64 4.77
CA LYS A 123 25.30 3.49 5.63
C LYS A 123 25.01 3.20 7.11
N THR A 124 23.75 2.93 7.41
CA THR A 124 23.32 2.62 8.75
C THR A 124 22.43 1.38 8.77
N PRO A 125 23.03 0.19 8.96
CA PRO A 125 22.30 -1.10 8.97
C PRO A 125 21.21 -1.17 10.05
N ASP A 126 21.29 -0.27 11.02
CA ASP A 126 20.36 -0.23 12.14
C ASP A 126 18.92 0.05 11.69
N VAL A 127 18.75 0.83 10.63
CA VAL A 127 17.42 1.15 10.14
C VAL A 127 16.80 -0.07 9.44
N GLU A 128 15.59 -0.42 9.86
CA GLU A 128 14.92 -1.57 9.30
C GLU A 128 13.55 -1.20 8.70
N ALA A 129 13.22 0.08 8.72
CA ALA A 129 11.94 0.54 8.18
C ALA A 129 12.04 1.92 7.54
N LEU A 130 11.14 2.21 6.61
CA LEU A 130 11.09 3.48 5.92
C LEU A 130 9.66 3.95 5.79
N ALA A 131 9.48 5.23 5.85
CA ALA A 131 8.16 5.84 5.75
C ALA A 131 8.15 6.89 4.69
N VAL A 132 7.10 6.92 3.91
CA VAL A 132 6.95 7.92 2.89
C VAL A 132 5.77 8.80 3.22
N MET A 133 6.07 10.05 3.47
CA MET A 133 5.07 11.01 3.85
C MET A 133 5.40 12.37 3.28
N ILE A 134 4.40 13.18 3.16
CA ILE A 134 4.55 14.54 2.67
C ILE A 134 3.83 15.50 3.59
N PRO A 135 4.20 16.78 3.58
CA PRO A 135 3.56 17.80 4.41
C PRO A 135 2.07 17.87 4.15
N LYS A 136 1.30 18.09 5.22
CA LYS A 136 -0.15 18.19 5.13
C LYS A 136 -0.53 19.39 4.27
N GLU A 137 0.38 20.34 4.23
CA GLU A 137 0.20 21.57 3.47
C GLU A 137 0.07 21.30 1.97
N LYS A 138 0.82 20.31 1.48
CA LYS A 138 0.80 19.99 0.06
C LYS A 138 -0.22 18.93 -0.25
N TYR A 139 -0.53 18.17 0.76
CA TYR A 139 -1.46 17.08 0.62
C TYR A 139 -2.90 17.53 0.94
N PRO A 140 -3.82 17.44 -0.04
CA PRO A 140 -5.20 17.91 0.13
C PRO A 140 -6.03 17.11 1.17
N ASN A 141 -6.48 15.92 0.78
CA ASN A 141 -7.34 15.12 1.66
C ASN A 141 -6.83 13.69 1.80
N PRO A 142 -6.66 13.23 3.05
CA PRO A 142 -6.26 11.85 3.35
C PRO A 142 -7.34 10.83 2.97
N SER A 143 -6.97 9.55 3.00
CA SER A 143 -7.92 8.48 2.72
C SER A 143 -9.07 8.55 3.72
N ILE A 144 -8.72 8.85 4.97
CA ILE A 144 -9.69 9.13 6.00
C ILE A 144 -9.19 10.31 6.82
N ASP A 145 -8.10 10.07 7.55
CA ASP A 145 -7.42 11.10 8.33
C ASP A 145 -6.18 10.54 8.98
N PHE A 146 -5.17 11.37 9.14
CA PHE A 146 -3.97 10.97 9.83
C PHE A 146 -3.43 12.18 10.59
N ASN A 147 -3.14 11.97 11.86
CA ASN A 147 -2.72 13.07 12.73
C ASN A 147 -1.22 13.31 12.71
N GLY A 148 -0.84 14.55 12.42
CA GLY A 148 0.56 14.94 12.44
C GLY A 148 1.24 14.80 11.11
N LEU A 149 0.99 13.70 10.44
CA LEU A 149 1.58 13.42 9.17
C LEU A 149 0.58 12.75 8.27
N VAL A 150 0.82 12.81 6.98
CA VAL A 150 -0.03 12.12 6.03
C VAL A 150 0.83 11.28 5.10
N PRO A 151 0.43 10.03 4.82
CA PRO A 151 1.18 9.14 3.95
C PRO A 151 1.14 9.62 2.51
N ALA A 152 2.25 9.48 1.82
CA ALA A 152 2.35 9.95 0.46
C ALA A 152 2.54 8.81 -0.52
N GLY A 153 2.70 7.61 0.00
CA GLY A 153 2.95 6.50 -0.88
C GLY A 153 2.96 5.17 -0.16
N ILE A 154 4.10 4.53 -0.19
CA ILE A 154 4.25 3.21 0.36
C ILE A 154 5.30 3.18 1.49
N ASN A 155 5.23 2.15 2.31
CA ASN A 155 6.08 2.03 3.51
C ASN A 155 6.94 0.76 3.44
N VAL A 156 8.06 0.76 4.16
CA VAL A 156 8.94 -0.42 4.25
C VAL A 156 9.15 -0.82 5.68
N VAL A 157 8.96 -2.09 5.97
CA VAL A 157 9.19 -2.61 7.31
C VAL A 157 9.95 -3.93 7.27
N SER A 158 10.63 -4.23 8.36
CA SER A 158 11.31 -5.49 8.52
C SER A 158 10.44 -6.45 9.33
N PRO A 159 10.68 -7.77 9.19
CA PRO A 159 9.92 -8.79 9.91
C PRO A 159 10.35 -8.91 11.36
N LYS A 160 10.05 -7.89 12.12
CA LYS A 160 10.47 -7.84 13.52
C LYS A 160 9.38 -8.40 14.42
N HIS A 161 9.72 -8.59 15.67
CA HIS A 161 8.77 -9.03 16.67
C HIS A 161 8.49 -7.91 17.65
N GLY A 162 8.76 -6.69 17.19
CA GLY A 162 8.55 -5.50 17.98
C GLY A 162 8.70 -4.26 17.13
N TYR A 163 8.62 -3.10 17.74
CA TYR A 163 8.75 -1.84 17.00
C TYR A 163 10.20 -1.63 16.59
N GLN A 164 10.40 -1.01 15.43
CA GLN A 164 11.72 -0.86 14.84
C GLN A 164 11.97 0.55 14.34
N LYS A 165 13.24 0.85 14.05
CA LYS A 165 13.64 2.14 13.53
C LYS A 165 13.07 2.36 12.15
N GLU A 166 12.40 3.49 11.98
CA GLU A 166 11.80 3.82 10.72
C GLU A 166 12.30 5.19 10.26
N GLU A 167 12.70 5.28 9.01
CA GLU A 167 13.19 6.53 8.46
C GLU A 167 12.12 7.29 7.78
N ILE A 168 12.39 8.53 7.56
CA ILE A 168 11.41 9.43 6.99
C ILE A 168 11.88 9.96 5.64
N MET A 169 11.03 9.81 4.67
CA MET A 169 11.30 10.33 3.33
C MET A 169 10.11 11.11 2.81
N VAL A 170 10.41 12.28 2.28
CA VAL A 170 9.42 13.15 1.71
C VAL A 170 9.56 13.15 0.20
N ILE A 171 8.45 13.00 -0.47
CA ILE A 171 8.44 12.92 -1.92
C ILE A 171 7.70 14.10 -2.50
N ASP A 172 7.74 14.24 -3.81
CA ASP A 172 7.08 15.32 -4.49
C ASP A 172 6.00 14.81 -5.43
N GLU A 173 5.73 13.52 -5.38
CA GLU A 173 4.70 12.95 -6.21
C GLU A 173 3.44 12.66 -5.42
N LEU A 174 2.33 13.03 -5.98
CA LEU A 174 1.04 12.94 -5.35
C LEU A 174 0.30 11.67 -5.74
N ILE A 175 -0.51 11.23 -4.83
CA ILE A 175 -1.36 10.09 -5.01
C ILE A 175 -2.81 10.54 -5.10
N PHE A 176 -3.60 9.85 -5.89
CA PHE A 176 -4.99 10.17 -6.01
C PHE A 176 -5.83 9.18 -5.24
N ASN A 177 -6.45 9.65 -4.18
CA ASN A 177 -7.28 8.79 -3.35
C ASN A 177 -8.72 9.19 -3.51
N ILE A 178 -9.62 8.27 -3.31
CA ILE A 178 -11.04 8.53 -3.51
C ILE A 178 -11.81 8.55 -2.19
N ASN A 179 -12.42 9.68 -1.91
CA ASN A 179 -13.25 9.85 -0.71
C ASN A 179 -14.70 10.07 -1.08
N THR A 180 -14.91 10.57 -2.29
CA THR A 180 -16.24 10.94 -2.74
C THR A 180 -16.56 10.31 -4.08
N LYS A 181 -17.84 10.32 -4.42
CA LYS A 181 -18.31 9.80 -5.71
C LYS A 181 -17.69 10.62 -6.85
N ASP A 182 -17.47 11.90 -6.60
CA ASP A 182 -16.84 12.78 -7.57
C ASP A 182 -15.43 12.32 -7.86
N ASP A 183 -14.76 11.84 -6.82
CA ASP A 183 -13.41 11.30 -6.95
C ASP A 183 -13.38 10.11 -7.91
N LEU A 184 -14.45 9.31 -7.89
CA LEU A 184 -14.54 8.14 -8.79
C LEU A 184 -14.47 8.60 -10.22
N LYS A 185 -15.25 9.63 -10.48
CA LYS A 185 -15.31 10.25 -11.79
C LYS A 185 -13.97 10.90 -12.15
N LEU A 186 -13.35 11.53 -11.18
CA LEU A 186 -12.04 12.15 -11.38
C LEU A 186 -11.00 11.07 -11.70
N ALA A 187 -11.04 9.97 -10.94
CA ALA A 187 -10.13 8.86 -11.13
C ALA A 187 -10.29 8.24 -12.50
N GLU A 188 -11.54 8.06 -12.94
CA GLU A 188 -11.79 7.49 -14.25
C GLU A 188 -11.40 8.48 -15.35
N MET A 189 -11.51 9.76 -15.03
CA MET A 189 -11.14 10.82 -15.93
C MET A 189 -9.65 10.76 -16.27
N LEU A 190 -8.82 10.61 -15.24
CA LEU A 190 -7.38 10.59 -15.42
C LEU A 190 -6.91 9.34 -16.13
N LEU A 191 -7.62 8.23 -15.91
CA LEU A 191 -7.29 6.97 -16.56
C LEU A 191 -7.41 7.10 -18.06
N LYS A 192 -8.48 7.71 -18.48
CA LYS A 192 -8.72 7.94 -19.90
C LYS A 192 -7.77 9.01 -20.46
N LYS A 193 -7.65 10.11 -19.74
CA LYS A 193 -6.84 11.25 -20.17
C LYS A 193 -5.34 10.95 -20.20
N ASP A 194 -4.85 10.27 -19.19
CA ASP A 194 -3.41 9.99 -19.08
C ASP A 194 -3.04 8.57 -19.42
N GLY A 195 -3.99 7.79 -19.89
CA GLY A 195 -3.69 6.43 -20.28
C GLY A 195 -2.68 6.40 -21.41
N LEU A 196 -2.89 7.28 -22.38
CA LEU A 196 -2.01 7.41 -23.53
C LEU A 196 -1.70 8.88 -23.78
N MET A 1 12.88 -7.53 -1.84
CA MET A 1 11.77 -7.03 -1.01
C MET A 1 10.43 -7.51 -1.54
N ASP A 2 9.53 -7.82 -0.63
CA ASP A 2 8.19 -8.23 -0.97
C ASP A 2 7.23 -7.09 -0.72
N ALA A 3 6.05 -7.18 -1.28
CA ALA A 3 5.08 -6.13 -1.13
C ALA A 3 3.88 -6.58 -0.34
N LEU A 4 3.53 -5.81 0.64
CA LEU A 4 2.41 -6.08 1.47
C LEU A 4 1.28 -5.17 1.06
N ILE A 5 0.19 -5.74 0.64
CA ILE A 5 -0.93 -4.95 0.19
C ILE A 5 -2.12 -5.19 1.08
N MET A 6 -2.54 -4.16 1.77
CA MET A 6 -3.65 -4.27 2.69
C MET A 6 -4.97 -4.00 2.07
N ALA A 7 -5.61 -5.08 1.73
CA ALA A 7 -6.91 -5.08 1.11
C ALA A 7 -7.92 -5.75 2.03
N GLY A 8 -8.81 -4.97 2.56
CA GLY A 8 -9.80 -5.50 3.48
C GLY A 8 -9.47 -5.11 4.88
N GLY A 9 -8.23 -4.66 5.07
CA GLY A 9 -7.81 -4.17 6.36
C GLY A 9 -8.22 -2.74 6.56
N LYS A 10 -8.06 -2.24 7.76
CA LYS A 10 -8.45 -0.88 8.08
C LYS A 10 -7.34 -0.16 8.80
N GLY A 11 -7.34 1.16 8.67
CA GLY A 11 -6.27 1.97 9.25
C GLY A 11 -6.42 2.19 10.73
N THR A 12 -7.46 1.61 11.32
CA THR A 12 -7.73 1.75 12.75
C THR A 12 -8.21 3.17 13.06
N ARG A 13 -9.53 3.30 13.23
CA ARG A 13 -10.19 4.59 13.41
C ARG A 13 -10.18 5.36 12.10
N MET A 14 -9.78 4.66 11.03
CA MET A 14 -9.66 5.25 9.72
C MET A 14 -10.24 4.32 8.66
N GLY A 15 -10.99 4.88 7.74
CA GLY A 15 -11.58 4.11 6.68
C GLY A 15 -11.29 4.71 5.33
N GLY A 16 -12.10 4.37 4.35
CA GLY A 16 -11.94 4.94 3.02
C GLY A 16 -10.99 4.14 2.15
N VAL A 17 -10.29 3.20 2.77
CA VAL A 17 -9.35 2.35 2.06
C VAL A 17 -9.93 0.96 1.86
N GLU A 18 -11.17 0.81 2.28
CA GLU A 18 -11.86 -0.46 2.17
C GLU A 18 -12.62 -0.53 0.84
N LYS A 19 -13.08 -1.72 0.50
CA LYS A 19 -13.79 -2.00 -0.74
C LYS A 19 -12.87 -1.75 -1.96
N PRO A 20 -11.73 -2.49 -2.02
CA PRO A 20 -10.75 -2.37 -3.13
C PRO A 20 -11.34 -2.83 -4.46
N LEU A 21 -12.52 -3.43 -4.42
CA LEU A 21 -13.18 -3.93 -5.59
C LEU A 21 -13.89 -2.83 -6.39
N ILE A 22 -13.71 -1.59 -6.00
CA ILE A 22 -14.22 -0.50 -6.77
C ILE A 22 -13.35 -0.39 -7.99
N LYS A 23 -13.97 -0.41 -9.12
CA LYS A 23 -13.25 -0.45 -10.37
C LYS A 23 -13.38 0.84 -11.13
N LEU A 24 -12.33 1.17 -11.81
CA LEU A 24 -12.27 2.34 -12.65
C LEU A 24 -11.77 1.96 -14.01
N CYS A 25 -12.54 2.30 -15.04
CA CYS A 25 -12.17 2.03 -16.42
C CYS A 25 -12.11 0.53 -16.74
N GLY A 26 -11.06 -0.14 -16.27
CA GLY A 26 -10.89 -1.54 -16.58
C GLY A 26 -11.07 -2.47 -15.40
N ARG A 27 -10.13 -2.42 -14.46
CA ARG A 27 -10.12 -3.37 -13.34
C ARG A 27 -10.34 -2.69 -12.01
N CYS A 28 -10.49 -3.52 -11.00
CA CYS A 28 -10.73 -3.04 -9.65
C CYS A 28 -9.46 -2.42 -9.04
N LEU A 29 -9.67 -1.51 -8.08
CA LEU A 29 -8.61 -0.78 -7.39
C LEU A 29 -7.48 -1.71 -6.93
N ILE A 30 -7.86 -2.88 -6.41
CA ILE A 30 -6.88 -3.85 -5.93
C ILE A 30 -5.92 -4.30 -7.04
N ASP A 31 -6.46 -4.64 -8.20
CA ASP A 31 -5.62 -5.09 -9.32
C ASP A 31 -4.70 -3.99 -9.77
N TYR A 32 -5.22 -2.78 -9.80
CA TYR A 32 -4.44 -1.63 -10.20
C TYR A 32 -3.27 -1.41 -9.25
N VAL A 33 -3.49 -1.65 -7.96
CA VAL A 33 -2.43 -1.55 -6.97
C VAL A 33 -1.40 -2.68 -7.14
N VAL A 34 -1.91 -3.88 -7.36
CA VAL A 34 -1.09 -5.08 -7.52
C VAL A 34 -0.20 -5.02 -8.76
N SER A 35 -0.76 -4.55 -9.87
CA SER A 35 -0.08 -4.58 -11.16
C SER A 35 1.37 -4.02 -11.13
N PRO A 36 1.61 -2.76 -10.66
CA PRO A 36 2.97 -2.21 -10.62
C PRO A 36 3.86 -2.91 -9.59
N LEU A 37 3.28 -3.25 -8.45
CA LEU A 37 4.02 -3.89 -7.38
C LEU A 37 4.49 -5.28 -7.79
N LEU A 38 3.62 -6.00 -8.45
CA LEU A 38 3.93 -7.33 -8.92
C LEU A 38 5.07 -7.29 -9.93
N LYS A 39 4.97 -6.39 -10.89
CA LYS A 39 5.97 -6.27 -11.95
C LYS A 39 7.25 -5.55 -11.48
N SER A 40 7.19 -4.91 -10.32
CA SER A 40 8.33 -4.18 -9.81
C SER A 40 9.38 -5.13 -9.27
N LYS A 41 10.44 -4.56 -8.71
CA LYS A 41 11.53 -5.34 -8.14
C LYS A 41 11.05 -6.24 -7.00
N VAL A 42 9.81 -6.05 -6.58
CA VAL A 42 9.19 -6.86 -5.58
C VAL A 42 9.05 -8.29 -6.06
N ASN A 43 9.43 -9.20 -5.22
CA ASN A 43 9.37 -10.58 -5.56
C ASN A 43 7.95 -11.14 -5.39
N ASN A 44 7.48 -11.23 -4.16
CA ASN A 44 6.15 -11.76 -3.91
C ASN A 44 5.22 -10.67 -3.43
N ILE A 45 3.96 -10.83 -3.78
CA ILE A 45 2.93 -9.89 -3.38
C ILE A 45 2.06 -10.56 -2.35
N PHE A 46 2.02 -10.02 -1.14
CA PHE A 46 1.20 -10.58 -0.11
C PHE A 46 0.04 -9.66 0.16
N ILE A 47 -1.14 -10.12 -0.15
CA ILE A 47 -2.32 -9.34 0.08
C ILE A 47 -2.92 -9.70 1.39
N ALA A 48 -2.93 -8.74 2.25
CA ALA A 48 -3.44 -8.90 3.57
C ALA A 48 -4.91 -8.62 3.60
N THR A 49 -5.67 -9.61 4.01
CA THR A 49 -7.09 -9.48 4.09
C THR A 49 -7.57 -9.83 5.48
N SER A 50 -8.76 -9.38 5.80
CA SER A 50 -9.32 -9.63 7.10
C SER A 50 -10.47 -10.61 7.02
N PRO A 51 -10.70 -11.39 8.11
CA PRO A 51 -11.80 -12.36 8.19
C PRO A 51 -13.16 -11.69 7.98
N ASN A 52 -13.22 -10.42 8.32
CA ASN A 52 -14.44 -9.63 8.19
C ASN A 52 -14.63 -9.12 6.76
N THR A 53 -13.64 -9.35 5.91
CA THR A 53 -13.72 -8.90 4.56
C THR A 53 -13.20 -9.91 3.57
N PRO A 54 -13.82 -11.08 3.39
CA PRO A 54 -13.45 -11.85 2.31
C PRO A 54 -14.52 -11.85 1.27
N LYS A 55 -14.40 -10.89 0.55
CA LYS A 55 -15.22 -10.58 -0.59
C LYS A 55 -14.28 -9.94 -1.49
N THR A 56 -13.53 -9.06 -0.87
CA THR A 56 -12.35 -8.59 -1.43
C THR A 56 -11.44 -9.79 -1.56
N LYS A 57 -11.35 -10.57 -0.46
CA LYS A 57 -10.57 -11.80 -0.50
C LYS A 57 -11.11 -12.79 -1.49
N GLU A 58 -12.44 -13.09 -1.47
CA GLU A 58 -12.94 -14.08 -2.42
C GLU A 58 -12.67 -13.62 -3.87
N TYR A 59 -12.75 -12.30 -4.12
CA TYR A 59 -12.47 -11.77 -5.44
C TYR A 59 -11.03 -11.93 -5.83
N ILE A 60 -10.16 -11.48 -4.96
CA ILE A 60 -8.73 -11.48 -5.22
C ILE A 60 -8.20 -12.87 -5.38
N ASN A 61 -8.62 -13.75 -4.51
CA ASN A 61 -8.18 -15.12 -4.55
C ASN A 61 -8.55 -15.74 -5.89
N SER A 62 -9.77 -15.46 -6.35
CA SER A 62 -10.26 -15.96 -7.63
C SER A 62 -9.53 -15.28 -8.79
N ALA A 63 -9.35 -13.98 -8.68
CA ALA A 63 -8.74 -13.18 -9.73
C ALA A 63 -7.31 -13.63 -9.97
N TYR A 64 -6.64 -13.95 -8.90
CA TYR A 64 -5.26 -14.32 -8.97
C TYR A 64 -5.05 -15.81 -8.73
N LYS A 65 -5.99 -16.63 -9.18
CA LYS A 65 -5.86 -18.09 -9.08
C LYS A 65 -4.65 -18.56 -9.91
N ASP A 66 -4.25 -17.71 -10.84
CA ASP A 66 -3.11 -17.96 -11.72
C ASP A 66 -1.82 -17.47 -11.06
N TYR A 67 -1.90 -17.12 -9.79
CA TYR A 67 -0.79 -16.57 -9.02
C TYR A 67 0.53 -17.34 -9.19
N LYS A 68 1.57 -16.62 -9.54
CA LYS A 68 2.93 -17.16 -9.53
C LYS A 68 3.66 -16.62 -8.33
N ASN A 69 3.58 -15.31 -8.19
CA ASN A 69 4.24 -14.60 -7.10
C ASN A 69 3.24 -13.91 -6.19
N ILE A 70 2.00 -14.31 -6.31
CA ILE A 70 0.93 -13.68 -5.56
C ILE A 70 0.47 -14.58 -4.43
N VAL A 71 0.45 -14.03 -3.25
CA VAL A 71 0.05 -14.74 -2.06
C VAL A 71 -1.01 -13.94 -1.32
N VAL A 72 -2.05 -14.61 -0.93
CA VAL A 72 -3.12 -13.97 -0.18
C VAL A 72 -3.08 -14.44 1.27
N ILE A 73 -3.13 -13.52 2.19
CA ILE A 73 -2.99 -13.85 3.58
C ILE A 73 -4.11 -13.31 4.42
N ASP A 74 -4.30 -13.95 5.53
CA ASP A 74 -5.31 -13.62 6.46
C ASP A 74 -4.64 -13.10 7.69
N THR A 75 -5.11 -12.00 8.20
CA THR A 75 -4.47 -11.42 9.35
C THR A 75 -5.37 -10.41 10.13
N SER A 76 -4.72 -9.76 11.08
CA SER A 76 -5.30 -8.82 12.04
C SER A 76 -5.84 -7.53 11.43
N GLY A 77 -5.75 -7.40 10.09
CA GLY A 77 -6.10 -6.18 9.28
C GLY A 77 -7.16 -5.26 9.84
N LYS A 78 -8.03 -5.78 10.66
CA LYS A 78 -8.99 -4.99 11.37
C LYS A 78 -8.22 -3.89 12.15
N GLY A 79 -7.05 -4.28 12.64
CA GLY A 79 -6.13 -3.36 13.27
C GLY A 79 -4.88 -3.25 12.41
N TYR A 80 -4.56 -2.04 11.97
CA TYR A 80 -3.46 -1.82 11.02
C TYR A 80 -2.12 -2.29 11.55
N ILE A 81 -1.80 -1.86 12.75
CA ILE A 81 -0.53 -2.22 13.38
C ILE A 81 -0.49 -3.70 13.65
N GLU A 82 -1.59 -4.19 14.16
CA GLU A 82 -1.73 -5.60 14.52
C GLU A 82 -1.51 -6.48 13.31
N ASP A 83 -2.10 -6.08 12.20
CA ASP A 83 -1.92 -6.81 10.94
C ASP A 83 -0.47 -6.79 10.53
N LEU A 84 0.16 -5.62 10.57
CA LEU A 84 1.56 -5.48 10.24
C LEU A 84 2.37 -6.44 11.09
N ASN A 85 2.02 -6.54 12.36
CA ASN A 85 2.68 -7.47 13.29
C ASN A 85 2.57 -8.92 12.84
N GLU A 86 1.39 -9.32 12.41
CA GLU A 86 1.20 -10.68 11.98
C GLU A 86 2.03 -10.92 10.73
N CYS A 87 2.01 -9.93 9.85
CA CYS A 87 2.77 -9.97 8.63
C CYS A 87 4.29 -10.06 8.89
N ILE A 88 4.80 -9.29 9.86
CA ILE A 88 6.24 -9.31 10.17
C ILE A 88 6.63 -10.66 10.73
N GLY A 89 5.67 -11.35 11.32
CA GLY A 89 5.91 -12.68 11.84
C GLY A 89 6.36 -13.65 10.74
N TYR A 90 5.77 -13.50 9.55
CA TYR A 90 6.08 -14.39 8.43
C TYR A 90 7.39 -13.99 7.72
N PHE A 91 7.95 -12.85 8.07
CA PHE A 91 9.15 -12.37 7.40
C PHE A 91 10.33 -12.20 8.35
N SER A 92 11.51 -12.46 7.83
CA SER A 92 12.74 -12.20 8.54
C SER A 92 13.51 -11.14 7.75
N GLU A 93 12.80 -10.56 6.80
CA GLU A 93 13.32 -9.57 5.87
C GLU A 93 12.38 -8.41 5.77
N PRO A 94 12.89 -7.25 5.35
CA PRO A 94 12.08 -6.06 5.19
C PRO A 94 11.09 -6.20 4.02
N PHE A 95 9.94 -5.62 4.17
CA PHE A 95 8.91 -5.69 3.16
C PHE A 95 8.22 -4.36 2.99
N LEU A 96 7.62 -4.18 1.86
CA LEU A 96 6.98 -2.93 1.51
C LEU A 96 5.55 -2.90 2.03
N VAL A 97 5.14 -1.75 2.50
CA VAL A 97 3.80 -1.52 3.03
C VAL A 97 3.10 -0.51 2.13
N VAL A 98 1.88 -0.82 1.73
CA VAL A 98 1.17 0.10 0.83
C VAL A 98 -0.19 0.45 1.38
N SER A 99 -0.69 1.58 0.94
CA SER A 99 -2.05 1.94 1.20
C SER A 99 -2.85 1.60 -0.04
N SER A 100 -3.99 1.03 0.16
CA SER A 100 -4.81 0.53 -0.93
C SER A 100 -5.32 1.63 -1.86
N ASP A 101 -5.61 2.79 -1.32
CA ASP A 101 -6.24 3.86 -2.09
C ASP A 101 -5.26 4.78 -2.81
N LEU A 102 -3.96 4.51 -2.73
CA LEU A 102 -2.99 5.37 -3.38
C LEU A 102 -2.69 4.87 -4.79
N ILE A 103 -3.09 5.65 -5.79
CA ILE A 103 -2.87 5.31 -7.20
C ILE A 103 -2.05 6.38 -7.90
N ASN A 104 -1.00 5.95 -8.59
CA ASN A 104 -0.12 6.85 -9.34
C ASN A 104 0.91 6.00 -10.08
N LEU A 105 1.84 6.65 -10.80
CA LEU A 105 2.93 5.94 -11.45
C LEU A 105 3.93 5.49 -10.38
N LYS A 106 3.49 4.50 -9.63
CA LYS A 106 4.21 3.97 -8.47
C LYS A 106 5.31 3.02 -8.89
N SER A 107 5.35 2.70 -10.17
CA SER A 107 6.28 1.71 -10.70
C SER A 107 7.74 2.09 -10.46
N LYS A 108 8.08 3.32 -10.73
CA LYS A 108 9.47 3.77 -10.58
C LYS A 108 9.76 4.15 -9.13
N ILE A 109 8.69 4.48 -8.45
CA ILE A 109 8.74 4.91 -7.07
C ILE A 109 9.21 3.78 -6.19
N ILE A 110 8.74 2.60 -6.51
CA ILE A 110 9.09 1.38 -5.80
C ILE A 110 10.60 1.20 -5.84
N ASN A 111 11.17 1.38 -7.01
CA ASN A 111 12.62 1.30 -7.18
C ASN A 111 13.33 2.37 -6.35
N SER A 112 12.80 3.59 -6.38
CA SER A 112 13.38 4.71 -5.63
C SER A 112 13.32 4.47 -4.11
N ILE A 113 12.21 3.92 -3.65
CA ILE A 113 12.01 3.64 -2.24
C ILE A 113 13.03 2.65 -1.74
N VAL A 114 13.17 1.57 -2.48
CA VAL A 114 14.09 0.51 -2.13
C VAL A 114 15.52 1.03 -2.13
N ASP A 115 15.86 1.76 -3.18
CA ASP A 115 17.20 2.31 -3.31
C ASP A 115 17.54 3.27 -2.19
N TYR A 116 16.61 4.16 -1.84
CA TYR A 116 16.87 5.15 -0.80
C TYR A 116 17.03 4.46 0.56
N PHE A 117 16.16 3.49 0.82
CA PHE A 117 16.22 2.69 2.04
C PHE A 117 17.57 1.99 2.16
N TYR A 118 18.02 1.38 1.07
CA TYR A 118 19.33 0.73 1.04
C TYR A 118 20.47 1.73 1.14
N CYS A 119 20.28 2.94 0.62
CA CYS A 119 21.28 3.98 0.70
C CYS A 119 21.51 4.33 2.16
N ILE A 120 20.43 4.37 2.91
CA ILE A 120 20.49 4.62 4.33
C ILE A 120 21.20 3.49 5.03
N LYS A 121 20.89 2.27 4.62
CA LYS A 121 21.54 1.08 5.17
C LYS A 121 23.04 1.12 4.99
N ALA A 122 23.44 1.63 3.86
CA ALA A 122 24.86 1.74 3.54
C ALA A 122 25.59 2.62 4.54
N LYS A 123 24.97 3.72 4.96
CA LYS A 123 25.59 4.61 5.93
C LYS A 123 25.26 4.19 7.36
N THR A 124 24.05 3.72 7.58
CA THR A 124 23.58 3.35 8.89
C THR A 124 22.70 2.09 8.84
N PRO A 125 23.32 0.91 9.03
CA PRO A 125 22.59 -0.38 9.07
C PRO A 125 21.56 -0.44 10.19
N ASP A 126 21.73 0.44 11.18
CA ASP A 126 20.85 0.50 12.36
C ASP A 126 19.40 0.83 11.98
N VAL A 127 19.21 1.58 10.90
CA VAL A 127 17.86 1.96 10.47
C VAL A 127 17.10 0.73 10.01
N GLU A 128 15.93 0.53 10.56
CA GLU A 128 15.16 -0.66 10.31
C GLU A 128 14.01 -0.42 9.31
N ALA A 129 13.44 0.76 9.36
CA ALA A 129 12.26 1.07 8.55
C ALA A 129 12.40 2.37 7.79
N LEU A 130 11.52 2.57 6.83
CA LEU A 130 11.51 3.75 5.98
C LEU A 130 10.09 4.20 5.73
N ALA A 131 9.85 5.46 5.86
CA ALA A 131 8.55 6.05 5.62
C ALA A 131 8.67 7.19 4.65
N VAL A 132 7.79 7.25 3.70
CA VAL A 132 7.81 8.29 2.72
C VAL A 132 6.57 9.13 2.81
N MET A 133 6.76 10.38 3.10
CA MET A 133 5.66 11.30 3.24
C MET A 133 6.08 12.68 2.76
N ILE A 134 5.11 13.52 2.47
CA ILE A 134 5.40 14.84 1.95
C ILE A 134 4.75 15.91 2.78
N PRO A 135 5.20 17.16 2.61
CA PRO A 135 4.62 18.29 3.33
C PRO A 135 3.12 18.39 3.04
N LYS A 136 2.35 18.39 4.11
CA LYS A 136 0.89 18.38 4.05
C LYS A 136 0.31 19.60 3.33
N GLU A 137 1.07 20.68 3.31
CA GLU A 137 0.58 21.91 2.71
C GLU A 137 0.39 21.79 1.20
N LYS A 138 1.30 21.09 0.53
CA LYS A 138 1.18 20.90 -0.91
C LYS A 138 0.25 19.73 -1.22
N TYR A 139 0.10 18.87 -0.24
CA TYR A 139 -0.75 17.71 -0.33
C TYR A 139 -2.23 18.18 -0.29
N PRO A 140 -3.10 17.60 -1.14
CA PRO A 140 -4.53 17.98 -1.19
C PRO A 140 -5.19 17.88 0.20
N ASN A 141 -5.44 16.66 0.64
CA ASN A 141 -6.00 16.42 1.97
C ASN A 141 -5.70 15.01 2.44
N PRO A 142 -5.44 14.83 3.75
CA PRO A 142 -5.16 13.51 4.32
C PRO A 142 -6.35 12.58 4.19
N SER A 143 -6.09 11.30 3.99
CA SER A 143 -7.15 10.32 3.90
C SER A 143 -7.72 10.06 5.30
N ILE A 144 -8.88 10.67 5.58
CA ILE A 144 -9.59 10.54 6.87
C ILE A 144 -8.89 11.28 8.02
N ASP A 145 -7.56 11.24 8.04
CA ASP A 145 -6.78 11.90 9.10
C ASP A 145 -7.05 13.41 9.07
N PHE A 146 -7.31 13.97 10.24
CA PHE A 146 -7.65 15.38 10.36
C PHE A 146 -6.46 16.30 10.08
N ASN A 147 -5.29 15.95 10.59
CA ASN A 147 -4.10 16.79 10.43
C ASN A 147 -2.86 16.07 10.93
N GLY A 148 -1.81 16.08 10.13
CA GLY A 148 -0.58 15.44 10.51
C GLY A 148 0.32 15.26 9.33
N LEU A 149 1.10 14.21 9.35
CA LEU A 149 1.98 13.92 8.24
C LEU A 149 1.24 13.08 7.23
N VAL A 150 1.48 13.37 5.98
CA VAL A 150 0.75 12.73 4.91
C VAL A 150 1.67 11.91 3.99
N PRO A 151 1.43 10.60 3.91
CA PRO A 151 2.20 9.72 3.03
C PRO A 151 1.85 9.97 1.57
N ALA A 152 2.84 9.85 0.70
CA ALA A 152 2.61 10.10 -0.71
C ALA A 152 3.12 8.95 -1.56
N GLY A 153 3.35 7.83 -0.95
CA GLY A 153 3.84 6.71 -1.70
C GLY A 153 3.65 5.41 -0.98
N ILE A 154 4.75 4.81 -0.64
CA ILE A 154 4.76 3.51 0.01
C ILE A 154 5.73 3.52 1.19
N ASN A 155 5.57 2.58 2.08
CA ASN A 155 6.38 2.53 3.30
C ASN A 155 7.19 1.25 3.35
N VAL A 156 8.27 1.27 4.08
CA VAL A 156 9.13 0.09 4.22
C VAL A 156 9.32 -0.25 5.67
N VAL A 157 9.12 -1.50 6.01
CA VAL A 157 9.30 -1.93 7.38
C VAL A 157 10.15 -3.19 7.46
N SER A 158 10.91 -3.31 8.51
CA SER A 158 11.67 -4.49 8.80
C SER A 158 10.87 -5.30 9.84
N PRO A 159 11.11 -6.61 9.96
CA PRO A 159 10.43 -7.41 10.99
C PRO A 159 10.83 -6.92 12.39
N LYS A 160 10.01 -6.03 12.94
CA LYS A 160 10.27 -5.42 14.25
C LYS A 160 9.94 -6.36 15.39
N HIS A 161 10.26 -5.92 16.60
CA HIS A 161 9.84 -6.60 17.80
C HIS A 161 9.07 -5.63 18.69
N GLY A 162 9.78 -4.64 19.24
CA GLY A 162 9.13 -3.65 20.08
C GLY A 162 9.17 -2.28 19.43
N TYR A 163 8.81 -2.24 18.14
CA TYR A 163 8.85 -1.03 17.32
C TYR A 163 10.29 -0.71 16.92
N GLN A 164 10.46 -0.11 15.77
CA GLN A 164 11.77 0.04 15.19
C GLN A 164 12.04 1.43 14.66
N LYS A 165 13.32 1.72 14.40
CA LYS A 165 13.74 3.00 13.85
C LYS A 165 13.24 3.14 12.43
N GLU A 166 12.47 4.17 12.19
CA GLU A 166 11.91 4.42 10.90
C GLU A 166 12.32 5.80 10.41
N GLU A 167 12.88 5.86 9.22
CA GLU A 167 13.32 7.13 8.67
C GLU A 167 12.32 7.76 7.80
N ILE A 168 12.53 9.00 7.58
CA ILE A 168 11.61 9.81 6.81
C ILE A 168 12.24 10.27 5.53
N MET A 169 11.54 10.06 4.45
CA MET A 169 11.99 10.50 3.15
C MET A 169 10.86 11.22 2.44
N VAL A 170 11.20 12.32 1.78
CA VAL A 170 10.24 13.16 1.12
C VAL A 170 10.45 13.16 -0.39
N ILE A 171 9.38 12.95 -1.12
CA ILE A 171 9.41 12.93 -2.58
C ILE A 171 8.61 14.09 -3.15
N ASP A 172 8.59 14.20 -4.45
CA ASP A 172 7.92 15.32 -5.09
C ASP A 172 6.72 14.88 -5.93
N GLU A 173 6.43 13.61 -5.91
CA GLU A 173 5.32 13.09 -6.70
C GLU A 173 4.09 12.91 -5.85
N LEU A 174 2.99 13.31 -6.41
CA LEU A 174 1.71 13.27 -5.74
C LEU A 174 0.95 12.02 -6.12
N ILE A 175 0.31 11.42 -5.15
CA ILE A 175 -0.51 10.24 -5.40
C ILE A 175 -1.98 10.63 -5.42
N PHE A 176 -2.76 9.85 -6.10
CA PHE A 176 -4.18 10.08 -6.11
C PHE A 176 -4.83 9.16 -5.12
N ASN A 177 -5.28 9.72 -4.02
CA ASN A 177 -5.96 8.95 -3.00
C ASN A 177 -7.45 8.97 -3.25
N ILE A 178 -8.05 7.81 -3.35
CA ILE A 178 -9.45 7.74 -3.64
C ILE A 178 -10.25 7.28 -2.45
N ASN A 179 -11.01 8.19 -1.90
CA ASN A 179 -11.88 7.87 -0.78
C ASN A 179 -13.31 8.25 -1.12
N THR A 180 -13.45 9.04 -2.18
CA THR A 180 -14.76 9.56 -2.57
C THR A 180 -15.06 9.24 -4.03
N LYS A 181 -16.31 9.44 -4.42
CA LYS A 181 -16.74 9.25 -5.79
C LYS A 181 -16.07 10.25 -6.71
N ASP A 182 -15.85 11.45 -6.21
CA ASP A 182 -15.15 12.49 -6.95
C ASP A 182 -13.76 12.02 -7.34
N ASP A 183 -13.10 11.38 -6.39
CA ASP A 183 -11.77 10.83 -6.61
C ASP A 183 -11.80 9.78 -7.70
N LEU A 184 -12.88 8.98 -7.71
CA LEU A 184 -13.04 7.92 -8.72
C LEU A 184 -13.05 8.51 -10.09
N LYS A 185 -13.83 9.56 -10.23
CA LYS A 185 -13.91 10.26 -11.49
C LYS A 185 -12.59 10.90 -11.85
N LEU A 186 -11.90 11.44 -10.86
CA LEU A 186 -10.61 12.07 -11.08
C LEU A 186 -9.64 11.08 -11.71
N ALA A 187 -9.54 9.91 -11.09
CA ALA A 187 -8.68 8.86 -11.57
C ALA A 187 -9.15 8.29 -12.92
N GLU A 188 -10.46 8.10 -13.08
CA GLU A 188 -10.98 7.48 -14.29
C GLU A 188 -10.83 8.39 -15.51
N MET A 189 -10.88 9.69 -15.30
CA MET A 189 -10.71 10.65 -16.39
C MET A 189 -9.32 10.58 -17.00
N LEU A 190 -8.31 10.45 -16.14
CA LEU A 190 -6.94 10.43 -16.61
C LEU A 190 -6.56 9.09 -17.22
N LEU A 191 -7.13 8.00 -16.68
CA LEU A 191 -6.82 6.66 -17.18
C LEU A 191 -7.19 6.50 -18.63
N LYS A 192 -8.38 6.92 -18.97
CA LYS A 192 -8.87 6.78 -20.33
C LYS A 192 -8.15 7.73 -21.30
N LYS A 193 -7.91 8.95 -20.84
CA LYS A 193 -7.26 9.95 -21.69
C LYS A 193 -5.80 9.59 -21.97
N ASP A 194 -5.10 9.14 -20.92
CA ASP A 194 -3.67 8.83 -21.04
C ASP A 194 -3.43 7.57 -21.84
N GLY A 195 -4.41 6.69 -21.86
CA GLY A 195 -4.28 5.44 -22.60
C GLY A 195 -4.06 5.67 -24.07
N LEU A 196 -4.77 6.64 -24.62
CA LEU A 196 -4.64 6.96 -26.03
C LEU A 196 -4.31 8.44 -26.21
N MET A 1 12.64 -8.24 -2.43
CA MET A 1 11.75 -7.91 -1.29
C MET A 1 10.28 -8.09 -1.70
N ASP A 2 9.46 -8.49 -0.74
CA ASP A 2 8.03 -8.72 -0.98
C ASP A 2 7.24 -7.47 -0.75
N ALA A 3 6.00 -7.48 -1.20
CA ALA A 3 5.12 -6.35 -1.01
C ALA A 3 3.86 -6.77 -0.29
N LEU A 4 3.46 -6.00 0.70
CA LEU A 4 2.29 -6.28 1.47
C LEU A 4 1.18 -5.34 1.09
N ILE A 5 0.03 -5.87 0.76
CA ILE A 5 -1.11 -5.03 0.46
C ILE A 5 -2.21 -5.32 1.45
N MET A 6 -2.43 -4.40 2.36
CA MET A 6 -3.40 -4.55 3.37
C MET A 6 -4.78 -4.22 2.84
N ALA A 7 -5.52 -5.26 2.56
CA ALA A 7 -6.85 -5.16 2.03
C ALA A 7 -7.88 -5.72 3.01
N GLY A 8 -8.50 -4.85 3.75
CA GLY A 8 -9.52 -5.24 4.69
C GLY A 8 -9.47 -4.42 5.96
N GLY A 9 -10.43 -3.51 6.11
CA GLY A 9 -10.47 -2.67 7.28
C GLY A 9 -11.39 -1.48 7.09
N LYS A 10 -11.23 -0.48 7.96
CA LYS A 10 -12.01 0.76 7.94
C LYS A 10 -13.44 0.55 8.43
N GLY A 11 -13.70 1.00 9.64
CA GLY A 11 -15.04 0.93 10.18
C GLY A 11 -15.37 -0.40 10.81
N THR A 12 -16.30 -0.38 11.75
CA THR A 12 -16.74 -1.60 12.39
C THR A 12 -17.95 -2.18 11.66
N ARG A 13 -18.56 -1.34 10.83
CA ARG A 13 -19.72 -1.74 10.05
C ARG A 13 -19.53 -1.36 8.60
N MET A 14 -20.13 -2.12 7.72
CA MET A 14 -19.98 -1.88 6.30
C MET A 14 -21.14 -1.07 5.75
N GLY A 15 -20.83 0.11 5.27
CA GLY A 15 -21.83 0.95 4.65
C GLY A 15 -21.51 1.15 3.19
N GLY A 16 -22.51 1.02 2.34
CA GLY A 16 -22.25 1.11 0.91
C GLY A 16 -21.30 0.03 0.48
N VAL A 17 -20.25 0.41 -0.24
CA VAL A 17 -19.24 -0.55 -0.64
C VAL A 17 -17.93 -0.23 0.05
N GLU A 18 -17.32 0.89 -0.33
CA GLU A 18 -16.02 1.33 0.18
C GLU A 18 -15.00 0.20 0.10
N LYS A 19 -13.90 0.34 0.86
CA LYS A 19 -12.89 -0.70 0.97
C LYS A 19 -12.15 -0.91 -0.37
N PRO A 20 -11.14 -1.79 -0.42
CA PRO A 20 -10.37 -2.07 -1.65
C PRO A 20 -11.25 -2.59 -2.80
N LEU A 21 -12.50 -2.91 -2.52
CA LEU A 21 -13.38 -3.44 -3.55
C LEU A 21 -14.13 -2.38 -4.34
N ILE A 22 -13.84 -1.11 -4.10
CA ILE A 22 -14.45 -0.09 -4.90
C ILE A 22 -14.00 -0.27 -6.32
N LYS A 23 -14.91 -0.59 -7.14
CA LYS A 23 -14.63 -0.84 -8.52
C LYS A 23 -14.85 0.37 -9.36
N LEU A 24 -13.88 0.64 -10.16
CA LEU A 24 -13.87 1.80 -10.99
C LEU A 24 -13.39 1.44 -12.39
N CYS A 25 -14.23 1.68 -13.37
CA CYS A 25 -13.90 1.44 -14.78
C CYS A 25 -13.53 -0.02 -15.06
N GLY A 26 -14.01 -0.93 -14.22
CA GLY A 26 -13.77 -2.34 -14.47
C GLY A 26 -13.09 -3.09 -13.33
N ARG A 27 -12.23 -2.44 -12.55
CA ARG A 27 -11.52 -3.17 -11.50
C ARG A 27 -11.70 -2.51 -10.17
N CYS A 28 -11.51 -3.30 -9.15
CA CYS A 28 -11.57 -2.81 -7.80
C CYS A 28 -10.23 -2.16 -7.44
N LEU A 29 -10.23 -1.38 -6.36
CA LEU A 29 -9.03 -0.66 -5.94
C LEU A 29 -7.90 -1.63 -5.66
N ILE A 30 -8.24 -2.76 -5.05
CA ILE A 30 -7.26 -3.78 -4.75
C ILE A 30 -6.52 -4.22 -6.03
N ASP A 31 -7.27 -4.50 -7.09
CA ASP A 31 -6.67 -4.97 -8.33
C ASP A 31 -5.79 -3.89 -8.94
N TYR A 32 -6.29 -2.67 -8.92
CA TYR A 32 -5.54 -1.54 -9.45
C TYR A 32 -4.27 -1.30 -8.64
N VAL A 33 -4.33 -1.49 -7.33
CA VAL A 33 -3.15 -1.37 -6.46
C VAL A 33 -2.17 -2.51 -6.71
N VAL A 34 -2.72 -3.70 -6.87
CA VAL A 34 -1.92 -4.89 -7.11
C VAL A 34 -1.12 -4.79 -8.39
N SER A 35 -1.74 -4.30 -9.44
CA SER A 35 -1.10 -4.28 -10.76
C SER A 35 0.32 -3.62 -10.78
N PRO A 36 0.52 -2.37 -10.28
CA PRO A 36 1.87 -1.75 -10.24
C PRO A 36 2.86 -2.57 -9.41
N LEU A 37 2.40 -3.06 -8.28
CA LEU A 37 3.22 -3.85 -7.38
C LEU A 37 3.54 -5.21 -8.01
N LEU A 38 2.57 -5.72 -8.70
CA LEU A 38 2.70 -6.95 -9.44
C LEU A 38 3.83 -6.82 -10.48
N LYS A 39 3.84 -5.70 -11.18
CA LYS A 39 4.86 -5.45 -12.19
C LYS A 39 6.11 -4.75 -11.61
N SER A 40 6.08 -4.45 -10.32
CA SER A 40 7.20 -3.80 -9.67
C SER A 40 8.34 -4.77 -9.44
N LYS A 41 9.45 -4.25 -8.96
CA LYS A 41 10.64 -5.02 -8.67
C LYS A 41 10.37 -6.16 -7.66
N VAL A 42 9.36 -6.01 -6.80
CA VAL A 42 9.14 -6.96 -5.70
C VAL A 42 8.90 -8.37 -6.19
N ASN A 43 9.21 -9.32 -5.32
CA ASN A 43 9.10 -10.72 -5.64
C ASN A 43 7.65 -11.21 -5.57
N ASN A 44 7.09 -11.26 -4.38
CA ASN A 44 5.72 -11.72 -4.23
C ASN A 44 4.86 -10.66 -3.59
N ILE A 45 3.59 -10.73 -3.89
CA ILE A 45 2.63 -9.80 -3.34
C ILE A 45 1.81 -10.52 -2.30
N PHE A 46 1.91 -10.09 -1.07
CA PHE A 46 1.14 -10.68 -0.01
C PHE A 46 0.03 -9.75 0.37
N ILE A 47 -1.17 -10.19 0.16
CA ILE A 47 -2.30 -9.40 0.50
C ILE A 47 -2.80 -9.76 1.86
N ALA A 48 -2.72 -8.81 2.72
CA ALA A 48 -3.13 -8.98 4.09
C ALA A 48 -4.59 -8.68 4.21
N THR A 49 -5.34 -9.64 4.67
CA THR A 49 -6.75 -9.46 4.82
C THR A 49 -7.17 -9.78 6.23
N SER A 50 -8.28 -9.25 6.62
CA SER A 50 -8.77 -9.44 7.97
C SER A 50 -10.03 -10.30 7.94
N PRO A 51 -10.20 -11.20 8.94
CA PRO A 51 -11.37 -12.08 9.06
C PRO A 51 -12.67 -11.28 9.09
N ASN A 52 -12.58 -10.05 9.53
CA ASN A 52 -13.74 -9.15 9.59
C ASN A 52 -14.11 -8.65 8.20
N THR A 53 -13.26 -8.92 7.23
CA THR A 53 -13.49 -8.48 5.87
C THR A 53 -13.09 -9.54 4.87
N PRO A 54 -13.75 -10.69 4.77
CA PRO A 54 -13.44 -11.50 3.69
C PRO A 54 -14.52 -11.43 2.66
N LYS A 55 -14.33 -10.48 1.93
CA LYS A 55 -15.13 -10.12 0.79
C LYS A 55 -14.20 -9.54 -0.12
N THR A 56 -13.41 -8.65 0.46
CA THR A 56 -12.25 -8.22 -0.17
C THR A 56 -11.40 -9.45 -0.34
N LYS A 57 -11.28 -10.22 0.76
CA LYS A 57 -10.55 -11.47 0.72
C LYS A 57 -11.19 -12.47 -0.23
N GLU A 58 -12.54 -12.71 -0.15
CA GLU A 58 -13.13 -13.68 -1.09
C GLU A 58 -12.91 -13.24 -2.55
N TYR A 59 -12.99 -11.91 -2.81
CA TYR A 59 -12.76 -11.38 -4.16
C TYR A 59 -11.36 -11.63 -4.61
N ILE A 60 -10.42 -11.29 -3.77
CA ILE A 60 -9.01 -11.41 -4.11
C ILE A 60 -8.64 -12.85 -4.33
N ASN A 61 -9.16 -13.71 -3.47
CA ASN A 61 -8.94 -15.12 -3.58
C ASN A 61 -9.41 -15.61 -4.94
N SER A 62 -10.58 -15.17 -5.34
CA SER A 62 -11.18 -15.53 -6.61
C SER A 62 -10.46 -14.87 -7.80
N ALA A 63 -10.12 -13.62 -7.64
CA ALA A 63 -9.49 -12.83 -8.69
C ALA A 63 -8.15 -13.38 -9.06
N TYR A 64 -7.41 -13.82 -8.06
CA TYR A 64 -6.09 -14.30 -8.28
C TYR A 64 -5.96 -15.77 -8.01
N LYS A 65 -7.00 -16.53 -8.37
CA LYS A 65 -6.95 -17.99 -8.24
C LYS A 65 -5.84 -18.58 -9.13
N ASP A 66 -5.48 -17.84 -10.15
CA ASP A 66 -4.42 -18.22 -11.09
C ASP A 66 -3.07 -17.62 -10.62
N TYR A 67 -3.05 -17.10 -9.40
CA TYR A 67 -1.89 -16.40 -8.83
C TYR A 67 -0.56 -17.09 -9.11
N LYS A 68 0.38 -16.32 -9.62
CA LYS A 68 1.72 -16.82 -9.82
C LYS A 68 2.62 -16.30 -8.71
N ASN A 69 2.59 -15.01 -8.52
CA ASN A 69 3.39 -14.36 -7.48
C ASN A 69 2.50 -13.63 -6.47
N ILE A 70 1.22 -13.92 -6.50
CA ILE A 70 0.27 -13.28 -5.59
C ILE A 70 -0.10 -14.24 -4.48
N VAL A 71 0.06 -13.81 -3.27
CA VAL A 71 -0.26 -14.63 -2.11
C VAL A 71 -1.20 -13.88 -1.21
N VAL A 72 -2.23 -14.55 -0.78
CA VAL A 72 -3.19 -13.95 0.13
C VAL A 72 -2.98 -14.48 1.53
N ILE A 73 -2.98 -13.59 2.49
CA ILE A 73 -2.77 -13.95 3.85
C ILE A 73 -3.85 -13.38 4.74
N ASP A 74 -4.04 -13.98 5.86
CA ASP A 74 -5.05 -13.55 6.81
C ASP A 74 -4.37 -13.10 8.06
N THR A 75 -4.80 -12.01 8.58
CA THR A 75 -4.13 -11.45 9.71
C THR A 75 -5.00 -10.44 10.53
N SER A 76 -4.33 -9.82 11.48
CA SER A 76 -4.84 -8.87 12.45
C SER A 76 -5.34 -7.55 11.86
N GLY A 77 -5.32 -7.44 10.51
CA GLY A 77 -5.64 -6.19 9.70
C GLY A 77 -6.63 -5.21 10.31
N LYS A 78 -7.43 -5.69 11.22
CA LYS A 78 -8.28 -4.83 12.00
C LYS A 78 -7.41 -3.79 12.72
N GLY A 79 -6.27 -4.24 13.19
CA GLY A 79 -5.30 -3.38 13.80
C GLY A 79 -4.09 -3.28 12.91
N TYR A 80 -3.74 -2.06 12.51
CA TYR A 80 -2.66 -1.84 11.54
C TYR A 80 -1.32 -2.38 12.05
N ILE A 81 -0.97 -2.01 13.26
CA ILE A 81 0.28 -2.43 13.87
C ILE A 81 0.28 -3.93 14.07
N GLU A 82 -0.81 -4.40 14.58
CA GLU A 82 -0.99 -5.83 14.87
C GLU A 82 -0.87 -6.65 13.59
N ASP A 83 -1.45 -6.15 12.54
CA ASP A 83 -1.41 -6.80 11.21
C ASP A 83 0.02 -6.96 10.77
N LEU A 84 0.75 -5.86 10.80
CA LEU A 84 2.13 -5.85 10.39
C LEU A 84 2.95 -6.82 11.21
N ASN A 85 2.72 -6.83 12.50
CA ASN A 85 3.42 -7.75 13.40
C ASN A 85 3.12 -9.22 13.07
N GLU A 86 1.89 -9.53 12.74
CA GLU A 86 1.56 -10.90 12.35
C GLU A 86 2.28 -11.23 11.07
N CYS A 87 2.26 -10.27 10.14
CA CYS A 87 2.92 -10.41 8.86
C CYS A 87 4.43 -10.61 9.01
N ILE A 88 5.08 -9.84 9.89
CA ILE A 88 6.52 -9.95 10.09
C ILE A 88 6.88 -11.33 10.64
N GLY A 89 5.92 -11.94 11.34
CA GLY A 89 6.12 -13.29 11.84
C GLY A 89 6.35 -14.31 10.72
N TYR A 90 5.84 -14.00 9.53
CA TYR A 90 5.94 -14.91 8.39
C TYR A 90 7.07 -14.50 7.43
N PHE A 91 7.80 -13.47 7.78
CA PHE A 91 8.90 -13.02 6.92
C PHE A 91 10.24 -13.10 7.63
N SER A 92 11.22 -13.60 6.92
CA SER A 92 12.59 -13.63 7.39
C SER A 92 13.39 -12.53 6.71
N GLU A 93 12.70 -11.84 5.81
CA GLU A 93 13.27 -10.75 5.03
C GLU A 93 12.34 -9.54 5.07
N PRO A 94 12.87 -8.36 4.75
CA PRO A 94 12.08 -7.12 4.78
C PRO A 94 11.00 -7.13 3.70
N PHE A 95 9.98 -6.33 3.89
CA PHE A 95 8.88 -6.28 2.95
C PHE A 95 8.31 -4.87 2.83
N LEU A 96 7.63 -4.65 1.73
CA LEU A 96 7.02 -3.37 1.43
C LEU A 96 5.61 -3.28 2.05
N VAL A 97 5.24 -2.09 2.45
CA VAL A 97 3.92 -1.79 3.04
C VAL A 97 3.19 -0.81 2.13
N VAL A 98 1.94 -1.09 1.76
CA VAL A 98 1.21 -0.19 0.84
C VAL A 98 -0.18 0.13 1.35
N SER A 99 -0.75 1.16 0.77
CA SER A 99 -2.12 1.55 1.03
C SER A 99 -2.98 1.02 -0.12
N SER A 100 -4.14 0.51 0.19
CA SER A 100 -4.96 -0.15 -0.81
C SER A 100 -5.94 0.76 -1.57
N ASP A 101 -5.99 2.05 -1.25
CA ASP A 101 -6.90 2.95 -1.97
C ASP A 101 -6.18 4.06 -2.76
N LEU A 102 -4.86 3.97 -2.89
CA LEU A 102 -4.13 4.95 -3.68
C LEU A 102 -3.95 4.46 -5.12
N ILE A 103 -4.02 5.38 -6.08
CA ILE A 103 -3.86 5.00 -7.47
C ILE A 103 -3.04 6.05 -8.25
N ASN A 104 -2.05 5.55 -9.01
CA ASN A 104 -1.20 6.36 -9.90
C ASN A 104 -0.10 5.46 -10.47
N LEU A 105 0.61 5.94 -11.47
CA LEU A 105 1.70 5.18 -12.06
C LEU A 105 2.94 5.33 -11.17
N LYS A 106 3.05 4.45 -10.19
CA LYS A 106 4.12 4.50 -9.20
C LYS A 106 5.26 3.49 -9.44
N SER A 107 5.22 2.75 -10.53
CA SER A 107 6.18 1.67 -10.79
C SER A 107 7.67 2.09 -10.67
N LYS A 108 8.04 3.29 -11.08
CA LYS A 108 9.46 3.69 -10.98
C LYS A 108 9.81 3.96 -9.53
N ILE A 109 8.79 4.37 -8.78
CA ILE A 109 8.92 4.66 -7.37
C ILE A 109 9.35 3.44 -6.61
N ILE A 110 8.76 2.30 -6.93
CA ILE A 110 9.07 1.04 -6.24
C ILE A 110 10.55 0.78 -6.27
N ASN A 111 11.08 0.90 -7.46
CA ASN A 111 12.49 0.66 -7.70
C ASN A 111 13.34 1.66 -6.92
N SER A 112 12.91 2.92 -6.94
CA SER A 112 13.61 3.98 -6.21
C SER A 112 13.62 3.70 -4.71
N ILE A 113 12.51 3.17 -4.22
CA ILE A 113 12.36 2.85 -2.81
C ILE A 113 13.39 1.82 -2.39
N VAL A 114 13.49 0.78 -3.18
CA VAL A 114 14.39 -0.33 -2.89
C VAL A 114 15.83 0.14 -2.89
N ASP A 115 16.20 0.88 -3.92
CA ASP A 115 17.57 1.39 -4.04
C ASP A 115 17.92 2.31 -2.88
N TYR A 116 17.04 3.24 -2.55
CA TYR A 116 17.30 4.21 -1.49
C TYR A 116 17.38 3.53 -0.13
N PHE A 117 16.42 2.66 0.14
CA PHE A 117 16.38 1.91 1.40
C PHE A 117 17.66 1.10 1.59
N TYR A 118 18.06 0.39 0.55
CA TYR A 118 19.28 -0.39 0.58
C TYR A 118 20.51 0.49 0.76
N CYS A 119 20.51 1.67 0.14
CA CYS A 119 21.61 2.59 0.27
C CYS A 119 21.75 3.07 1.71
N ILE A 120 20.62 3.32 2.35
CA ILE A 120 20.60 3.78 3.73
C ILE A 120 21.15 2.73 4.67
N LYS A 121 20.70 1.50 4.49
CA LYS A 121 21.17 0.40 5.32
C LYS A 121 22.66 0.19 5.13
N ALA A 122 23.10 0.35 3.89
CA ALA A 122 24.50 0.20 3.56
C ALA A 122 25.37 1.19 4.35
N LYS A 123 24.91 2.43 4.46
CA LYS A 123 25.65 3.45 5.22
C LYS A 123 25.37 3.35 6.73
N THR A 124 24.14 3.00 7.07
CA THR A 124 23.74 2.82 8.45
C THR A 124 22.87 1.55 8.61
N PRO A 125 23.50 0.44 9.03
CA PRO A 125 22.80 -0.87 9.20
C PRO A 125 21.63 -0.80 10.19
N ASP A 126 21.65 0.21 11.05
CA ASP A 126 20.64 0.38 12.09
C ASP A 126 19.25 0.61 11.49
N VAL A 127 19.19 1.22 10.31
CA VAL A 127 17.92 1.53 9.66
C VAL A 127 17.29 0.26 9.09
N GLU A 128 16.06 0.00 9.48
CA GLU A 128 15.35 -1.19 9.02
C GLU A 128 14.01 -0.84 8.38
N ALA A 129 13.70 0.43 8.31
CA ALA A 129 12.44 0.86 7.74
C ALA A 129 12.60 2.13 6.92
N LEU A 130 11.68 2.34 5.99
CA LEU A 130 11.72 3.48 5.12
C LEU A 130 10.31 4.02 4.91
N ALA A 131 10.18 5.31 5.03
CA ALA A 131 8.90 5.98 4.83
C ALA A 131 9.02 6.98 3.71
N VAL A 132 8.11 6.93 2.79
CA VAL A 132 8.09 7.87 1.73
C VAL A 132 6.84 8.70 1.83
N MET A 133 7.04 9.97 1.94
CA MET A 133 5.95 10.88 2.16
C MET A 133 6.18 12.21 1.47
N ILE A 134 5.10 12.89 1.22
CA ILE A 134 5.12 14.18 0.58
C ILE A 134 4.33 15.17 1.39
N PRO A 135 4.62 16.46 1.26
CA PRO A 135 3.92 17.50 2.01
C PRO A 135 2.41 17.44 1.80
N LYS A 136 1.67 17.48 2.90
CA LYS A 136 0.22 17.48 2.86
C LYS A 136 -0.32 18.72 2.16
N GLU A 137 0.54 19.72 2.09
CA GLU A 137 0.23 20.97 1.41
C GLU A 137 0.04 20.74 -0.09
N LYS A 138 0.85 19.82 -0.64
CA LYS A 138 0.80 19.52 -2.07
C LYS A 138 -0.09 18.34 -2.31
N TYR A 139 -0.24 17.56 -1.28
CA TYR A 139 -1.06 16.37 -1.32
C TYR A 139 -2.52 16.75 -1.54
N PRO A 140 -3.24 16.02 -2.44
CA PRO A 140 -4.63 16.34 -2.79
C PRO A 140 -5.54 16.51 -1.55
N ASN A 141 -5.75 15.44 -0.83
CA ASN A 141 -6.54 15.50 0.39
C ASN A 141 -6.16 14.34 1.31
N PRO A 142 -5.96 14.61 2.61
CA PRO A 142 -5.60 13.56 3.59
C PRO A 142 -6.67 12.48 3.68
N SER A 143 -7.94 12.91 3.66
CA SER A 143 -9.09 12.02 3.75
C SER A 143 -10.36 12.85 3.93
N ILE A 144 -10.42 13.57 5.04
CA ILE A 144 -11.55 14.42 5.35
C ILE A 144 -11.12 15.54 6.31
N ASP A 145 -10.27 15.19 7.27
CA ASP A 145 -9.74 16.15 8.21
C ASP A 145 -8.28 16.43 7.91
N PHE A 146 -7.83 17.62 8.21
CA PHE A 146 -6.48 18.02 7.90
C PHE A 146 -5.51 17.67 9.03
N ASN A 147 -4.23 18.01 8.82
CA ASN A 147 -3.14 17.73 9.78
C ASN A 147 -2.73 16.26 9.76
N GLY A 148 -1.54 15.99 10.28
CA GLY A 148 -1.01 14.65 10.24
C GLY A 148 -0.08 14.49 9.06
N LEU A 149 0.49 13.33 8.90
CA LEU A 149 1.39 13.10 7.80
C LEU A 149 0.74 12.22 6.76
N VAL A 150 1.13 12.42 5.52
CA VAL A 150 0.56 11.66 4.42
C VAL A 150 1.65 10.97 3.60
N PRO A 151 1.44 9.70 3.25
CA PRO A 151 2.39 8.93 2.46
C PRO A 151 2.42 9.38 1.01
N ALA A 152 3.54 9.17 0.34
CA ALA A 152 3.67 9.54 -1.05
C ALA A 152 3.55 8.33 -1.96
N GLY A 153 3.51 7.17 -1.37
CA GLY A 153 3.44 5.96 -2.13
C GLY A 153 3.45 4.72 -1.28
N ILE A 154 4.64 4.24 -1.00
CA ILE A 154 4.80 2.99 -0.28
C ILE A 154 5.81 3.13 0.87
N ASN A 155 5.72 2.18 1.79
CA ASN A 155 6.55 2.14 3.00
C ASN A 155 7.37 0.84 3.03
N VAL A 156 8.49 0.85 3.71
CA VAL A 156 9.33 -0.34 3.83
C VAL A 156 9.61 -0.67 5.28
N VAL A 157 9.41 -1.91 5.65
CA VAL A 157 9.71 -2.36 7.00
C VAL A 157 10.45 -3.69 6.99
N SER A 158 11.19 -3.93 8.04
CA SER A 158 11.85 -5.19 8.23
C SER A 158 11.01 -6.07 9.16
N PRO A 159 11.18 -7.40 9.14
CA PRO A 159 10.37 -8.30 9.97
C PRO A 159 10.79 -8.27 11.45
N LYS A 160 10.71 -7.10 12.06
CA LYS A 160 11.10 -6.93 13.45
C LYS A 160 9.89 -6.49 14.27
N HIS A 161 9.77 -7.06 15.46
CA HIS A 161 8.60 -6.84 16.30
C HIS A 161 8.58 -5.43 16.92
N GLY A 162 7.42 -4.79 16.85
CA GLY A 162 7.28 -3.47 17.43
C GLY A 162 7.73 -2.37 16.50
N TYR A 163 8.56 -1.47 17.01
CA TYR A 163 9.04 -0.34 16.23
C TYR A 163 10.54 -0.44 15.96
N GLN A 164 10.92 -0.05 14.77
CA GLN A 164 12.29 -0.07 14.33
C GLN A 164 12.63 1.23 13.62
N LYS A 165 13.92 1.53 13.47
CA LYS A 165 14.34 2.80 12.88
C LYS A 165 13.83 2.95 11.46
N GLU A 166 13.19 4.07 11.19
CA GLU A 166 12.59 4.34 9.89
C GLU A 166 13.12 5.66 9.33
N GLU A 167 13.55 5.63 8.08
CA GLU A 167 14.04 6.83 7.42
C GLU A 167 13.00 7.50 6.58
N ILE A 168 13.28 8.74 6.25
CA ILE A 168 12.33 9.57 5.52
C ILE A 168 12.85 9.96 4.15
N MET A 169 12.00 9.78 3.17
CA MET A 169 12.28 10.20 1.81
C MET A 169 11.07 10.93 1.23
N VAL A 170 11.33 12.08 0.62
CA VAL A 170 10.28 12.88 0.03
C VAL A 170 10.43 12.89 -1.48
N ILE A 171 9.34 12.65 -2.16
CA ILE A 171 9.34 12.56 -3.62
C ILE A 171 8.50 13.67 -4.21
N ASP A 172 8.49 13.75 -5.52
CA ASP A 172 7.74 14.77 -6.23
C ASP A 172 6.41 14.21 -6.76
N GLU A 173 6.21 12.92 -6.58
CA GLU A 173 5.03 12.26 -7.11
C GLU A 173 3.93 12.08 -6.08
N LEU A 174 2.76 12.47 -6.49
CA LEU A 174 1.57 12.40 -5.67
C LEU A 174 0.75 11.17 -5.98
N ILE A 175 0.00 10.73 -5.02
CA ILE A 175 -0.91 9.62 -5.17
C ILE A 175 -2.33 10.13 -5.07
N PHE A 176 -3.23 9.48 -5.77
CA PHE A 176 -4.60 9.86 -5.72
C PHE A 176 -5.40 8.88 -4.89
N ASN A 177 -5.91 9.36 -3.79
CA ASN A 177 -6.72 8.55 -2.90
C ASN A 177 -8.18 8.89 -3.09
N ILE A 178 -9.04 7.92 -2.86
CA ILE A 178 -10.46 8.14 -3.04
C ILE A 178 -11.20 7.99 -1.73
N ASN A 179 -11.82 9.08 -1.31
CA ASN A 179 -12.63 9.06 -0.10
C ASN A 179 -14.06 9.45 -0.42
N THR A 180 -14.24 10.08 -1.57
CA THR A 180 -15.54 10.57 -1.97
C THR A 180 -15.90 10.11 -3.38
N LYS A 181 -17.18 10.22 -3.72
CA LYS A 181 -17.66 9.90 -5.07
C LYS A 181 -16.97 10.81 -6.09
N ASP A 182 -16.62 12.01 -5.63
CA ASP A 182 -15.94 12.99 -6.46
C ASP A 182 -14.57 12.47 -6.87
N ASP A 183 -13.89 11.85 -5.91
CA ASP A 183 -12.56 11.30 -6.15
C ASP A 183 -12.61 10.18 -7.18
N LEU A 184 -13.75 9.49 -7.27
CA LEU A 184 -13.93 8.43 -8.27
C LEU A 184 -13.81 9.01 -9.64
N LYS A 185 -14.48 10.14 -9.82
CA LYS A 185 -14.43 10.88 -11.06
C LYS A 185 -13.01 11.33 -11.34
N LEU A 186 -12.34 11.80 -10.31
CA LEU A 186 -10.96 12.24 -10.44
C LEU A 186 -10.08 11.09 -10.92
N ALA A 187 -10.20 9.96 -10.26
CA ALA A 187 -9.43 8.78 -10.60
C ALA A 187 -9.73 8.27 -12.01
N GLU A 188 -11.01 8.24 -12.39
CA GLU A 188 -11.39 7.76 -13.71
C GLU A 188 -10.91 8.69 -14.81
N MET A 189 -10.89 9.99 -14.54
CA MET A 189 -10.41 10.98 -15.50
C MET A 189 -8.95 10.77 -15.82
N LEU A 190 -8.15 10.48 -14.79
CA LEU A 190 -6.72 10.27 -14.98
C LEU A 190 -6.45 8.90 -15.57
N LEU A 191 -7.29 7.93 -15.23
CA LEU A 191 -7.19 6.61 -15.73
C LEU A 191 -7.41 6.60 -17.25
N LYS A 192 -8.43 7.33 -17.67
CA LYS A 192 -8.75 7.48 -19.08
C LYS A 192 -7.63 8.27 -19.79
N LYS A 193 -7.10 9.26 -19.09
CA LYS A 193 -6.14 10.22 -19.63
C LYS A 193 -4.87 9.56 -20.20
N ASP A 194 -4.31 8.56 -19.51
CA ASP A 194 -3.04 7.97 -19.99
C ASP A 194 -3.27 7.10 -21.22
N GLY A 195 -4.53 6.94 -21.62
CA GLY A 195 -4.84 6.24 -22.83
C GLY A 195 -4.28 6.95 -24.04
N LEU A 196 -4.34 8.27 -24.01
CA LEU A 196 -3.82 9.10 -25.08
C LEU A 196 -2.70 10.00 -24.57
N MET A 1 13.26 -8.44 -0.57
CA MET A 1 12.05 -7.64 -0.25
C MET A 1 10.81 -8.30 -0.79
N ASP A 2 9.80 -8.40 0.04
CA ASP A 2 8.49 -8.87 -0.37
C ASP A 2 7.53 -7.74 -0.25
N ALA A 3 6.36 -7.87 -0.82
CA ALA A 3 5.40 -6.78 -0.79
C ALA A 3 4.18 -7.14 0.00
N LEU A 4 3.79 -6.28 0.90
CA LEU A 4 2.61 -6.49 1.69
C LEU A 4 1.50 -5.59 1.20
N ILE A 5 0.40 -6.16 0.85
CA ILE A 5 -0.74 -5.38 0.40
C ILE A 5 -1.90 -5.61 1.33
N MET A 6 -2.11 -4.67 2.21
CA MET A 6 -3.15 -4.80 3.22
C MET A 6 -4.47 -4.20 2.76
N ALA A 7 -5.34 -5.10 2.46
CA ALA A 7 -6.65 -4.80 1.98
C ALA A 7 -7.71 -5.26 2.98
N GLY A 8 -8.25 -4.31 3.69
CA GLY A 8 -9.27 -4.57 4.67
C GLY A 8 -10.02 -3.30 5.01
N GLY A 9 -10.80 -3.33 6.08
CA GLY A 9 -11.54 -2.15 6.48
C GLY A 9 -10.64 -1.06 7.01
N LYS A 10 -10.92 0.19 6.63
CA LYS A 10 -10.10 1.30 7.06
C LYS A 10 -10.53 1.83 8.42
N GLY A 11 -10.09 1.15 9.47
CA GLY A 11 -10.40 1.57 10.83
C GLY A 11 -11.81 1.22 11.25
N THR A 12 -12.79 1.78 10.55
CA THR A 12 -14.18 1.54 10.86
C THR A 12 -14.76 0.52 9.86
N ARG A 13 -15.32 -0.55 10.40
CA ARG A 13 -15.83 -1.66 9.58
C ARG A 13 -17.20 -1.38 8.97
N MET A 14 -17.86 -0.32 9.43
CA MET A 14 -19.19 0.02 8.93
C MET A 14 -19.20 1.44 8.39
N GLY A 15 -19.99 1.66 7.34
CA GLY A 15 -20.11 2.99 6.79
C GLY A 15 -20.33 2.97 5.30
N GLY A 16 -20.57 4.14 4.73
CA GLY A 16 -20.78 4.28 3.30
C GLY A 16 -19.53 4.77 2.60
N VAL A 17 -18.42 4.67 3.29
CA VAL A 17 -17.13 5.13 2.78
C VAL A 17 -16.63 4.22 1.66
N GLU A 18 -15.65 4.71 0.93
CA GLU A 18 -15.09 4.00 -0.19
C GLU A 18 -14.28 2.79 0.29
N LYS A 19 -14.33 1.73 -0.50
CA LYS A 19 -13.67 0.49 -0.17
C LYS A 19 -12.70 0.08 -1.28
N PRO A 20 -11.69 -0.75 -0.96
CA PRO A 20 -10.64 -1.17 -1.91
C PRO A 20 -11.18 -1.93 -3.13
N LEU A 21 -12.41 -2.42 -3.07
CA LEU A 21 -12.96 -3.18 -4.19
C LEU A 21 -13.73 -2.32 -5.16
N ILE A 22 -13.73 -1.02 -4.97
CA ILE A 22 -14.41 -0.18 -5.90
C ILE A 22 -13.58 -0.05 -7.15
N LYS A 23 -14.16 -0.49 -8.22
CA LYS A 23 -13.50 -0.54 -9.49
C LYS A 23 -13.42 0.82 -10.17
N LEU A 24 -12.24 1.11 -10.59
CA LEU A 24 -11.93 2.32 -11.30
C LEU A 24 -11.21 1.98 -12.60
N CYS A 25 -11.73 2.46 -13.71
CA CYS A 25 -11.08 2.28 -15.02
C CYS A 25 -10.78 0.79 -15.34
N GLY A 26 -11.59 -0.11 -14.80
CA GLY A 26 -11.43 -1.52 -15.10
C GLY A 26 -10.87 -2.36 -13.95
N ARG A 27 -10.24 -1.73 -12.97
CA ARG A 27 -9.68 -2.48 -11.86
C ARG A 27 -10.09 -1.93 -10.54
N CYS A 28 -10.10 -2.78 -9.55
CA CYS A 28 -10.40 -2.36 -8.21
C CYS A 28 -9.14 -1.75 -7.62
N LEU A 29 -9.28 -1.03 -6.53
CA LEU A 29 -8.14 -0.33 -5.95
C LEU A 29 -7.04 -1.31 -5.57
N ILE A 30 -7.42 -2.46 -5.05
CA ILE A 30 -6.47 -3.49 -4.68
C ILE A 30 -5.69 -3.98 -5.92
N ASP A 31 -6.39 -4.13 -7.06
CA ASP A 31 -5.76 -4.55 -8.31
C ASP A 31 -4.74 -3.54 -8.75
N TYR A 32 -5.09 -2.26 -8.59
CA TYR A 32 -4.18 -1.17 -8.93
C TYR A 32 -2.93 -1.20 -8.08
N VAL A 33 -3.09 -1.55 -6.82
CA VAL A 33 -1.95 -1.64 -5.92
C VAL A 33 -1.06 -2.84 -6.30
N VAL A 34 -1.70 -3.96 -6.61
CA VAL A 34 -0.99 -5.20 -6.96
C VAL A 34 -0.17 -5.06 -8.22
N SER A 35 -0.74 -4.44 -9.23
CA SER A 35 -0.12 -4.40 -10.55
C SER A 35 1.34 -3.86 -10.56
N PRO A 36 1.64 -2.66 -9.96
CA PRO A 36 3.00 -2.13 -9.94
C PRO A 36 3.95 -3.02 -9.14
N LEU A 37 3.46 -3.57 -8.04
CA LEU A 37 4.25 -4.48 -7.22
C LEU A 37 4.52 -5.77 -7.95
N LEU A 38 3.52 -6.24 -8.63
CA LEU A 38 3.59 -7.45 -9.40
C LEU A 38 4.69 -7.34 -10.47
N LYS A 39 4.74 -6.20 -11.14
CA LYS A 39 5.77 -5.94 -12.16
C LYS A 39 7.11 -5.43 -11.56
N SER A 40 7.09 -5.00 -10.29
CA SER A 40 8.30 -4.49 -9.64
C SER A 40 9.25 -5.62 -9.29
N LYS A 41 10.44 -5.25 -8.84
CA LYS A 41 11.49 -6.18 -8.51
C LYS A 41 11.13 -7.08 -7.32
N VAL A 42 10.02 -6.82 -6.66
CA VAL A 42 9.63 -7.59 -5.49
C VAL A 42 9.19 -9.00 -5.92
N ASN A 43 9.49 -10.00 -5.08
CA ASN A 43 9.20 -11.39 -5.42
C ASN A 43 7.75 -11.78 -5.13
N ASN A 44 7.41 -11.92 -3.86
CA ASN A 44 6.07 -12.36 -3.51
C ASN A 44 5.23 -11.23 -3.00
N ILE A 45 3.97 -11.32 -3.30
CA ILE A 45 3.01 -10.34 -2.89
C ILE A 45 2.13 -10.95 -1.81
N PHE A 46 2.21 -10.44 -0.62
CA PHE A 46 1.41 -10.95 0.47
C PHE A 46 0.28 -10.00 0.73
N ILE A 47 -0.91 -10.45 0.51
CA ILE A 47 -2.07 -9.63 0.71
C ILE A 47 -2.64 -9.87 2.07
N ALA A 48 -2.61 -8.84 2.84
CA ALA A 48 -3.06 -8.87 4.20
C ALA A 48 -4.52 -8.53 4.27
N THR A 49 -5.31 -9.46 4.74
CA THR A 49 -6.72 -9.23 4.90
C THR A 49 -7.15 -9.61 6.29
N SER A 50 -8.26 -9.08 6.69
CA SER A 50 -8.79 -9.35 8.00
C SER A 50 -9.98 -10.28 7.89
N PRO A 51 -10.21 -11.13 8.91
CA PRO A 51 -11.36 -12.05 8.97
C PRO A 51 -12.67 -11.28 8.89
N ASN A 52 -12.62 -10.01 9.31
CA ASN A 52 -13.78 -9.13 9.29
C ASN A 52 -14.04 -8.62 7.89
N THR A 53 -13.15 -8.92 6.95
CA THR A 53 -13.29 -8.46 5.60
C THR A 53 -12.91 -9.53 4.60
N PRO A 54 -13.64 -10.64 4.48
CA PRO A 54 -13.37 -11.46 3.39
C PRO A 54 -14.45 -11.31 2.38
N LYS A 55 -14.20 -10.38 1.64
CA LYS A 55 -15.00 -9.92 0.53
C LYS A 55 -14.03 -9.26 -0.29
N THR A 56 -13.24 -8.47 0.39
CA THR A 56 -12.05 -8.03 -0.15
C THR A 56 -11.21 -9.27 -0.34
N LYS A 57 -11.12 -10.10 0.73
CA LYS A 57 -10.39 -11.35 0.64
C LYS A 57 -11.01 -12.30 -0.36
N GLU A 58 -12.35 -12.58 -0.27
CA GLU A 58 -12.90 -13.52 -1.28
C GLU A 58 -12.81 -12.96 -2.71
N TYR A 59 -12.85 -11.64 -2.89
CA TYR A 59 -12.68 -11.06 -4.22
C TYR A 59 -11.29 -11.34 -4.74
N ILE A 60 -10.32 -11.02 -3.91
CA ILE A 60 -8.92 -11.13 -4.24
C ILE A 60 -8.54 -12.56 -4.51
N ASN A 61 -9.03 -13.44 -3.66
CA ASN A 61 -8.76 -14.85 -3.82
C ASN A 61 -9.24 -15.32 -5.17
N SER A 62 -10.44 -14.91 -5.52
CA SER A 62 -11.05 -15.28 -6.79
C SER A 62 -10.28 -14.64 -7.95
N ALA A 63 -9.92 -13.38 -7.78
CA ALA A 63 -9.24 -12.62 -8.79
C ALA A 63 -7.91 -13.22 -9.13
N TYR A 64 -7.21 -13.69 -8.11
CA TYR A 64 -5.90 -14.22 -8.29
C TYR A 64 -5.82 -15.72 -7.96
N LYS A 65 -6.85 -16.48 -8.32
CA LYS A 65 -6.86 -17.94 -8.09
C LYS A 65 -5.71 -18.61 -8.82
N ASP A 66 -5.24 -17.98 -9.88
CA ASP A 66 -4.14 -18.48 -10.70
C ASP A 66 -2.80 -17.95 -10.20
N TYR A 67 -2.80 -17.34 -9.01
CA TYR A 67 -1.61 -16.70 -8.44
C TYR A 67 -0.34 -17.55 -8.55
N LYS A 68 0.72 -16.91 -9.03
CA LYS A 68 2.01 -17.54 -9.09
C LYS A 68 2.89 -17.01 -7.94
N ASN A 69 2.92 -15.69 -7.79
CA ASN A 69 3.77 -15.05 -6.79
C ASN A 69 2.95 -14.28 -5.76
N ILE A 70 1.68 -14.56 -5.71
CA ILE A 70 0.78 -13.87 -4.80
C ILE A 70 0.36 -14.80 -3.68
N VAL A 71 0.47 -14.31 -2.47
CA VAL A 71 0.12 -15.05 -1.28
C VAL A 71 -0.88 -14.25 -0.47
N VAL A 72 -1.93 -14.88 -0.03
CA VAL A 72 -2.94 -14.19 0.74
C VAL A 72 -2.83 -14.58 2.22
N ILE A 73 -2.81 -13.59 3.08
CA ILE A 73 -2.64 -13.81 4.50
C ILE A 73 -3.71 -13.13 5.28
N ASP A 74 -3.91 -13.64 6.45
CA ASP A 74 -4.89 -13.16 7.34
C ASP A 74 -4.22 -12.49 8.50
N THR A 75 -4.67 -11.30 8.81
CA THR A 75 -4.06 -10.57 9.89
C THR A 75 -5.01 -9.49 10.47
N SER A 76 -4.45 -8.72 11.35
CA SER A 76 -5.11 -7.69 12.16
C SER A 76 -5.55 -6.44 11.38
N GLY A 77 -5.31 -6.44 10.04
CA GLY A 77 -5.52 -5.28 9.08
C GLY A 77 -6.62 -4.29 9.43
N LYS A 78 -7.59 -4.71 10.20
CA LYS A 78 -8.60 -3.83 10.73
C LYS A 78 -7.86 -2.70 11.50
N GLY A 79 -6.78 -3.09 12.16
CA GLY A 79 -5.90 -2.17 12.83
C GLY A 79 -4.58 -2.13 12.07
N TYR A 80 -4.19 -0.95 11.63
CA TYR A 80 -3.04 -0.81 10.72
C TYR A 80 -1.74 -1.33 11.32
N ILE A 81 -1.40 -0.90 12.52
CA ILE A 81 -0.15 -1.32 13.11
C ILE A 81 -0.23 -2.71 13.66
N GLU A 82 -1.41 -3.11 14.07
CA GLU A 82 -1.61 -4.46 14.57
C GLU A 82 -1.34 -5.44 13.46
N ASP A 83 -1.81 -5.09 12.28
CA ASP A 83 -1.56 -5.88 11.07
C ASP A 83 -0.07 -5.96 10.80
N LEU A 84 0.57 -4.80 10.79
CA LEU A 84 1.99 -4.73 10.56
C LEU A 84 2.75 -5.56 11.56
N ASN A 85 2.36 -5.45 12.81
CA ASN A 85 3.00 -6.23 13.87
C ASN A 85 2.86 -7.73 13.65
N GLU A 86 1.69 -8.18 13.20
CA GLU A 86 1.51 -9.59 12.92
C GLU A 86 2.41 -9.99 11.77
N CYS A 87 2.41 -9.18 10.73
CA CYS A 87 3.20 -9.43 9.54
C CYS A 87 4.71 -9.43 9.85
N ILE A 88 5.18 -8.47 10.64
CA ILE A 88 6.59 -8.39 10.97
C ILE A 88 7.02 -9.61 11.80
N GLY A 89 6.09 -10.13 12.57
CA GLY A 89 6.35 -11.33 13.33
C GLY A 89 6.59 -12.56 12.45
N TYR A 90 5.82 -12.68 11.37
CA TYR A 90 5.92 -13.86 10.49
C TYR A 90 7.06 -13.78 9.48
N PHE A 91 7.33 -12.60 8.95
CA PHE A 91 8.38 -12.46 7.94
C PHE A 91 9.76 -12.63 8.54
N SER A 92 10.67 -13.18 7.76
CA SER A 92 12.03 -13.37 8.19
C SER A 92 12.93 -12.31 7.55
N GLU A 93 12.37 -11.57 6.60
CA GLU A 93 13.12 -10.57 5.85
C GLU A 93 12.31 -9.31 5.64
N PRO A 94 12.99 -8.18 5.34
CA PRO A 94 12.35 -6.90 5.07
C PRO A 94 11.26 -7.01 4.01
N PHE A 95 10.20 -6.27 4.21
CA PHE A 95 9.10 -6.28 3.28
C PHE A 95 8.49 -4.90 3.13
N LEU A 96 7.87 -4.70 2.01
CA LEU A 96 7.25 -3.45 1.66
C LEU A 96 5.82 -3.36 2.21
N VAL A 97 5.42 -2.17 2.62
CA VAL A 97 4.09 -1.89 3.18
C VAL A 97 3.35 -0.93 2.24
N VAL A 98 2.09 -1.21 1.93
CA VAL A 98 1.35 -0.34 1.00
C VAL A 98 -0.01 0.06 1.55
N SER A 99 -0.59 1.08 0.93
CA SER A 99 -1.96 1.47 1.21
C SER A 99 -2.86 0.87 0.11
N SER A 100 -4.11 0.63 0.44
CA SER A 100 -5.03 -0.08 -0.46
C SER A 100 -5.52 0.72 -1.68
N ASP A 101 -5.28 2.01 -1.73
CA ASP A 101 -5.83 2.83 -2.81
C ASP A 101 -4.80 3.51 -3.72
N LEU A 102 -3.55 3.04 -3.69
CA LEU A 102 -2.51 3.55 -4.59
C LEU A 102 -2.87 3.29 -6.06
N ILE A 103 -2.34 4.13 -6.94
CA ILE A 103 -2.63 4.05 -8.37
C ILE A 103 -1.37 3.80 -9.18
N ASN A 104 -1.55 3.59 -10.48
CA ASN A 104 -0.46 3.30 -11.42
C ASN A 104 0.53 4.48 -11.54
N LEU A 105 1.74 4.18 -12.07
CA LEU A 105 2.85 5.15 -12.24
C LEU A 105 3.62 5.30 -10.93
N LYS A 106 3.23 4.52 -9.94
CA LYS A 106 3.87 4.51 -8.65
C LYS A 106 4.95 3.44 -8.55
N SER A 107 5.12 2.68 -9.62
CA SER A 107 6.11 1.62 -9.66
C SER A 107 7.54 2.16 -9.48
N LYS A 108 7.72 3.41 -9.84
CA LYS A 108 9.01 4.07 -9.72
C LYS A 108 9.33 4.34 -8.26
N ILE A 109 8.31 4.35 -7.43
CA ILE A 109 8.46 4.62 -6.02
C ILE A 109 9.20 3.48 -5.38
N ILE A 110 8.82 2.30 -5.80
CA ILE A 110 9.40 1.05 -5.34
C ILE A 110 10.88 1.02 -5.67
N ASN A 111 11.18 1.42 -6.87
CA ASN A 111 12.58 1.47 -7.31
C ASN A 111 13.35 2.46 -6.42
N SER A 112 12.74 3.63 -6.25
CA SER A 112 13.33 4.72 -5.50
C SER A 112 13.53 4.36 -4.02
N ILE A 113 12.54 3.72 -3.43
CA ILE A 113 12.60 3.37 -2.03
C ILE A 113 13.64 2.32 -1.75
N VAL A 114 13.71 1.31 -2.59
CA VAL A 114 14.65 0.25 -2.42
C VAL A 114 16.06 0.77 -2.48
N ASP A 115 16.35 1.56 -3.50
CA ASP A 115 17.67 2.14 -3.64
C ASP A 115 18.01 3.07 -2.48
N TYR A 116 17.06 3.94 -2.11
CA TYR A 116 17.30 4.91 -1.06
C TYR A 116 17.49 4.21 0.29
N PHE A 117 16.61 3.26 0.59
CA PHE A 117 16.67 2.50 1.83
C PHE A 117 18.01 1.76 1.96
N TYR A 118 18.41 1.09 0.89
CA TYR A 118 19.68 0.37 0.87
C TYR A 118 20.85 1.33 1.04
N CYS A 119 20.75 2.50 0.43
CA CYS A 119 21.79 3.50 0.54
C CYS A 119 21.92 3.98 1.99
N ILE A 120 20.78 4.15 2.65
CA ILE A 120 20.78 4.61 4.02
C ILE A 120 21.39 3.59 4.95
N LYS A 121 20.96 2.34 4.81
CA LYS A 121 21.46 1.29 5.69
C LYS A 121 22.95 1.06 5.48
N ALA A 122 23.44 1.36 4.28
CA ALA A 122 24.86 1.23 4.00
C ALA A 122 25.67 2.15 4.91
N LYS A 123 25.20 3.38 5.08
CA LYS A 123 25.86 4.34 5.93
C LYS A 123 25.46 4.15 7.40
N THR A 124 24.22 3.75 7.63
CA THR A 124 23.71 3.49 8.97
C THR A 124 22.82 2.24 8.98
N PRO A 125 23.38 1.07 9.35
CA PRO A 125 22.64 -0.20 9.38
C PRO A 125 21.57 -0.26 10.47
N ASP A 126 21.62 0.71 11.38
CA ASP A 126 20.65 0.80 12.48
C ASP A 126 19.22 0.99 11.97
N VAL A 127 19.07 1.69 10.85
CA VAL A 127 17.76 1.93 10.30
C VAL A 127 17.34 0.80 9.38
N GLU A 128 16.22 0.20 9.70
CA GLU A 128 15.70 -0.89 8.92
C GLU A 128 14.25 -0.63 8.50
N ALA A 129 13.85 0.62 8.56
CA ALA A 129 12.51 1.02 8.14
C ALA A 129 12.55 2.36 7.44
N LEU A 130 11.64 2.54 6.49
CA LEU A 130 11.56 3.76 5.73
C LEU A 130 10.11 4.15 5.54
N ALA A 131 9.88 5.43 5.47
CA ALA A 131 8.55 5.97 5.27
C ALA A 131 8.54 6.92 4.11
N VAL A 132 7.54 6.80 3.28
CA VAL A 132 7.39 7.68 2.15
C VAL A 132 6.19 8.59 2.36
N MET A 133 6.47 9.87 2.47
CA MET A 133 5.45 10.86 2.74
C MET A 133 5.72 12.17 2.04
N ILE A 134 4.68 12.95 1.84
CA ILE A 134 4.77 14.24 1.18
C ILE A 134 3.98 15.30 1.93
N PRO A 135 4.34 16.58 1.77
CA PRO A 135 3.61 17.69 2.39
C PRO A 135 2.16 17.72 1.91
N LYS A 136 1.24 17.94 2.82
CA LYS A 136 -0.17 17.95 2.48
C LYS A 136 -0.55 19.16 1.63
N GLU A 137 0.32 20.17 1.61
CA GLU A 137 0.04 21.39 0.88
C GLU A 137 -0.11 21.14 -0.62
N LYS A 138 0.71 20.25 -1.16
CA LYS A 138 0.63 19.92 -2.57
C LYS A 138 -0.32 18.76 -2.78
N TYR A 139 -0.64 18.09 -1.70
CA TYR A 139 -1.50 16.94 -1.71
C TYR A 139 -2.97 17.42 -1.69
N PRO A 140 -3.70 17.18 -2.79
CA PRO A 140 -5.07 17.71 -2.99
C PRO A 140 -6.16 17.09 -2.09
N ASN A 141 -5.99 15.86 -1.68
CA ASN A 141 -7.04 15.19 -0.90
C ASN A 141 -6.51 14.53 0.37
N PRO A 142 -6.31 15.34 1.41
CA PRO A 142 -5.74 14.88 2.69
C PRO A 142 -6.73 14.07 3.52
N SER A 143 -6.20 13.13 4.28
CA SER A 143 -7.03 12.26 5.09
C SER A 143 -6.50 12.17 6.52
N ILE A 144 -7.42 11.95 7.46
CA ILE A 144 -7.10 11.82 8.89
C ILE A 144 -6.68 13.17 9.49
N ASP A 145 -7.51 13.65 10.40
CA ASP A 145 -7.36 14.98 10.99
C ASP A 145 -6.16 15.10 11.96
N PHE A 146 -5.42 16.21 11.82
CA PHE A 146 -4.33 16.63 12.74
C PHE A 146 -2.97 15.97 12.47
N ASN A 147 -2.91 14.99 11.59
CA ASN A 147 -1.63 14.37 11.27
C ASN A 147 -0.66 15.37 10.65
N GLY A 148 -1.18 16.25 9.80
CA GLY A 148 -0.35 17.28 9.19
C GLY A 148 0.41 16.76 7.99
N LEU A 149 0.93 15.57 8.12
CA LEU A 149 1.65 14.93 7.05
C LEU A 149 0.81 13.81 6.48
N VAL A 150 1.04 13.49 5.24
CA VAL A 150 0.27 12.45 4.58
C VAL A 150 1.21 11.45 3.90
N PRO A 151 0.80 10.18 3.81
CA PRO A 151 1.59 9.15 3.14
C PRO A 151 1.64 9.42 1.65
N ALA A 152 2.77 9.12 1.05
CA ALA A 152 2.94 9.39 -0.35
C ALA A 152 3.05 8.12 -1.17
N GLY A 153 2.87 6.98 -0.54
CA GLY A 153 2.96 5.77 -1.28
C GLY A 153 3.11 4.53 -0.44
N ILE A 154 4.33 4.08 -0.30
CA ILE A 154 4.64 2.82 0.34
C ILE A 154 5.73 2.96 1.40
N ASN A 155 5.80 1.99 2.30
CA ASN A 155 6.75 2.01 3.42
C ASN A 155 7.62 0.77 3.41
N VAL A 156 8.76 0.83 4.06
CA VAL A 156 9.65 -0.32 4.18
C VAL A 156 9.88 -0.64 5.63
N VAL A 157 9.70 -1.89 5.99
CA VAL A 157 9.92 -2.30 7.37
C VAL A 157 10.73 -3.59 7.45
N SER A 158 11.37 -3.74 8.58
CA SER A 158 12.13 -4.92 8.90
C SER A 158 11.27 -5.83 9.77
N PRO A 159 11.41 -7.14 9.64
CA PRO A 159 10.63 -8.11 10.40
C PRO A 159 11.05 -8.18 11.88
N LYS A 160 10.82 -7.11 12.60
CA LYS A 160 11.12 -7.06 14.02
C LYS A 160 9.90 -7.49 14.82
N HIS A 161 10.03 -7.58 16.12
CA HIS A 161 8.86 -7.85 16.98
C HIS A 161 8.45 -6.58 17.68
N GLY A 162 9.31 -5.58 17.59
CA GLY A 162 9.03 -4.29 18.19
C GLY A 162 9.09 -3.20 17.15
N TYR A 163 9.34 -1.98 17.58
CA TYR A 163 9.45 -0.87 16.65
C TYR A 163 10.90 -0.46 16.51
N GLN A 164 11.31 -0.26 15.28
CA GLN A 164 12.69 0.01 14.95
C GLN A 164 12.83 1.34 14.23
N LYS A 165 14.06 1.83 14.10
CA LYS A 165 14.34 3.11 13.46
C LYS A 165 13.76 3.16 12.05
N GLU A 166 13.05 4.23 11.80
CA GLU A 166 12.40 4.47 10.54
C GLU A 166 12.88 5.81 9.98
N GLU A 167 13.25 5.83 8.71
CA GLU A 167 13.64 7.08 8.07
C GLU A 167 12.52 7.69 7.31
N ILE A 168 12.68 8.93 7.02
CA ILE A 168 11.65 9.70 6.33
C ILE A 168 12.14 10.17 4.98
N MET A 169 11.36 9.87 3.97
CA MET A 169 11.68 10.30 2.63
C MET A 169 10.48 11.01 1.98
N VAL A 170 10.74 12.17 1.43
CA VAL A 170 9.75 12.94 0.73
C VAL A 170 9.95 12.76 -0.76
N ILE A 171 8.88 12.43 -1.45
CA ILE A 171 8.96 12.17 -2.88
C ILE A 171 8.26 13.26 -3.68
N ASP A 172 8.37 13.16 -4.98
CA ASP A 172 7.77 14.14 -5.88
C ASP A 172 6.50 13.57 -6.53
N GLU A 173 6.16 12.35 -6.16
CA GLU A 173 5.00 11.68 -6.76
C GLU A 173 3.78 11.76 -5.89
N LEU A 174 2.67 11.99 -6.55
CA LEU A 174 1.38 12.09 -5.92
C LEU A 174 0.62 10.78 -5.98
N ILE A 175 -0.10 10.51 -4.92
CA ILE A 175 -1.00 9.39 -4.85
C ILE A 175 -2.34 9.91 -4.35
N PHE A 176 -3.40 9.23 -4.66
CA PHE A 176 -4.70 9.71 -4.25
C PHE A 176 -5.37 8.77 -3.28
N ASN A 177 -5.49 9.22 -2.04
CA ASN A 177 -6.20 8.48 -1.03
C ASN A 177 -7.65 8.94 -1.06
N ILE A 178 -8.52 8.08 -1.53
CA ILE A 178 -9.90 8.47 -1.77
C ILE A 178 -10.65 8.81 -0.50
N ASN A 179 -11.18 10.01 -0.47
CA ASN A 179 -11.95 10.50 0.68
C ASN A 179 -13.44 10.44 0.41
N THR A 180 -13.84 10.73 -0.82
CA THR A 180 -15.25 10.76 -1.18
C THR A 180 -15.51 10.10 -2.52
N LYS A 181 -16.77 9.81 -2.81
CA LYS A 181 -17.16 9.25 -4.09
C LYS A 181 -16.83 10.20 -5.24
N ASP A 182 -17.01 11.49 -5.01
CA ASP A 182 -16.60 12.50 -5.99
C ASP A 182 -15.10 12.47 -6.20
N ASP A 183 -14.37 12.30 -5.10
CA ASP A 183 -12.91 12.18 -5.13
C ASP A 183 -12.51 10.91 -5.88
N LEU A 184 -13.29 9.86 -5.65
CA LEU A 184 -13.14 8.58 -6.32
C LEU A 184 -13.27 8.78 -7.83
N LYS A 185 -14.30 9.52 -8.21
CA LYS A 185 -14.55 9.87 -9.60
C LYS A 185 -13.41 10.71 -10.15
N LEU A 186 -12.92 11.63 -9.33
CA LEU A 186 -11.82 12.49 -9.70
C LEU A 186 -10.59 11.64 -10.04
N ALA A 187 -10.27 10.73 -9.16
CA ALA A 187 -9.13 9.84 -9.33
C ALA A 187 -9.29 8.98 -10.58
N GLU A 188 -10.50 8.47 -10.80
CA GLU A 188 -10.73 7.60 -11.95
C GLU A 188 -10.70 8.37 -13.27
N MET A 189 -11.22 9.60 -13.27
CA MET A 189 -11.26 10.38 -14.48
C MET A 189 -9.89 10.85 -14.89
N LEU A 190 -9.03 11.11 -13.91
CA LEU A 190 -7.68 11.54 -14.22
C LEU A 190 -6.86 10.40 -14.79
N LEU A 191 -7.20 9.16 -14.40
CA LEU A 191 -6.52 7.99 -14.94
C LEU A 191 -6.74 7.92 -16.43
N LYS A 192 -7.97 8.13 -16.82
CA LYS A 192 -8.34 8.15 -18.22
C LYS A 192 -7.73 9.36 -18.93
N LYS A 193 -7.83 10.53 -18.27
CA LYS A 193 -7.31 11.79 -18.82
C LYS A 193 -5.80 11.77 -19.03
N ASP A 194 -5.08 11.26 -18.05
CA ASP A 194 -3.63 11.27 -18.12
C ASP A 194 -3.11 10.03 -18.80
N GLY A 195 -4.01 9.12 -19.11
CA GLY A 195 -3.62 7.96 -19.86
C GLY A 195 -3.74 8.20 -21.34
N LEU A 196 -4.30 9.36 -21.70
CA LEU A 196 -4.52 9.75 -23.09
C LEU A 196 -5.31 8.68 -23.82
N MET A 1 13.26 -8.31 -1.61
CA MET A 1 12.15 -7.88 -0.73
C MET A 1 10.82 -8.39 -1.27
N ASP A 2 9.86 -8.58 -0.39
CA ASP A 2 8.51 -8.96 -0.77
C ASP A 2 7.56 -7.83 -0.45
N ALA A 3 6.38 -7.88 -1.01
CA ALA A 3 5.42 -6.81 -0.83
C ALA A 3 4.21 -7.28 -0.06
N LEU A 4 3.72 -6.44 0.82
CA LEU A 4 2.57 -6.76 1.60
C LEU A 4 1.49 -5.80 1.22
N ILE A 5 0.39 -6.29 0.75
CA ILE A 5 -0.69 -5.42 0.40
C ILE A 5 -1.82 -5.63 1.35
N MET A 6 -2.05 -4.67 2.21
CA MET A 6 -3.05 -4.75 3.18
C MET A 6 -4.39 -4.42 2.57
N ALA A 7 -5.17 -5.47 2.38
CA ALA A 7 -6.45 -5.37 1.76
C ALA A 7 -7.55 -5.68 2.76
N GLY A 8 -8.11 -4.64 3.31
CA GLY A 8 -9.16 -4.75 4.27
C GLY A 8 -9.79 -3.39 4.53
N GLY A 9 -10.83 -3.37 5.33
CA GLY A 9 -11.50 -2.12 5.61
C GLY A 9 -10.81 -1.33 6.70
N LYS A 10 -10.88 0.00 6.59
CA LYS A 10 -10.28 0.90 7.59
C LYS A 10 -8.76 0.71 7.71
N GLY A 11 -8.12 0.50 6.57
CA GLY A 11 -6.68 0.36 6.55
C GLY A 11 -6.01 1.70 6.29
N THR A 12 -4.91 1.68 5.54
CA THR A 12 -4.20 2.92 5.16
C THR A 12 -3.82 3.73 6.43
N ARG A 13 -3.86 5.05 6.34
CA ARG A 13 -3.52 5.90 7.46
C ARG A 13 -4.52 7.05 7.58
N MET A 14 -4.86 7.41 8.82
CA MET A 14 -5.81 8.48 9.13
C MET A 14 -7.25 8.05 8.84
N GLY A 15 -7.59 8.00 7.58
CA GLY A 15 -8.93 7.59 7.20
C GLY A 15 -8.91 6.53 6.15
N GLY A 16 -8.81 5.28 6.57
CA GLY A 16 -8.75 4.18 5.64
C GLY A 16 -10.05 3.95 4.91
N VAL A 17 -9.95 3.43 3.72
CA VAL A 17 -11.10 3.16 2.88
C VAL A 17 -11.77 1.85 3.31
N GLU A 18 -13.08 1.93 3.56
CA GLU A 18 -13.85 0.77 3.98
C GLU A 18 -13.94 -0.29 2.88
N LYS A 19 -14.12 0.16 1.64
CA LYS A 19 -14.29 -0.76 0.53
C LYS A 19 -13.12 -0.70 -0.45
N PRO A 20 -12.17 -1.65 -0.33
CA PRO A 20 -11.02 -1.77 -1.26
C PRO A 20 -11.47 -2.22 -2.65
N LEU A 21 -12.71 -2.67 -2.74
CA LEU A 21 -13.23 -3.19 -3.99
C LEU A 21 -13.94 -2.15 -4.83
N ILE A 22 -13.76 -0.87 -4.50
CA ILE A 22 -14.28 0.18 -5.33
C ILE A 22 -13.61 0.09 -6.65
N LYS A 23 -14.40 0.00 -7.63
CA LYS A 23 -13.92 -0.23 -8.96
C LYS A 23 -13.73 1.02 -9.74
N LEU A 24 -12.62 1.06 -10.37
CA LEU A 24 -12.20 2.15 -11.20
C LEU A 24 -11.74 1.59 -12.53
N CYS A 25 -12.37 2.02 -13.61
CA CYS A 25 -12.04 1.57 -14.96
C CYS A 25 -12.18 0.04 -15.05
N GLY A 26 -13.06 -0.53 -14.22
CA GLY A 26 -13.32 -1.95 -14.25
C GLY A 26 -12.50 -2.77 -13.25
N ARG A 27 -11.53 -2.16 -12.59
CA ARG A 27 -10.73 -2.89 -11.62
C ARG A 27 -10.90 -2.33 -10.25
N CYS A 28 -10.67 -3.13 -9.28
CA CYS A 28 -10.80 -2.72 -7.91
C CYS A 28 -9.53 -1.99 -7.47
N LEU A 29 -9.62 -1.25 -6.37
CA LEU A 29 -8.49 -0.47 -5.87
C LEU A 29 -7.32 -1.39 -5.58
N ILE A 30 -7.62 -2.49 -4.94
CA ILE A 30 -6.61 -3.47 -4.59
C ILE A 30 -5.96 -4.04 -5.87
N ASP A 31 -6.76 -4.25 -6.91
CA ASP A 31 -6.27 -4.80 -8.18
C ASP A 31 -5.25 -3.86 -8.81
N TYR A 32 -5.58 -2.57 -8.82
CA TYR A 32 -4.69 -1.55 -9.34
C TYR A 32 -3.43 -1.43 -8.50
N VAL A 33 -3.55 -1.70 -7.22
CA VAL A 33 -2.39 -1.69 -6.33
C VAL A 33 -1.46 -2.87 -6.62
N VAL A 34 -2.04 -4.05 -6.84
CA VAL A 34 -1.29 -5.28 -7.11
C VAL A 34 -0.54 -5.22 -8.42
N SER A 35 -1.19 -4.72 -9.45
CA SER A 35 -0.64 -4.76 -10.80
C SER A 35 0.81 -4.20 -10.88
N PRO A 36 1.10 -2.96 -10.38
CA PRO A 36 2.47 -2.41 -10.39
C PRO A 36 3.42 -3.24 -9.55
N LEU A 37 2.95 -3.69 -8.39
CA LEU A 37 3.78 -4.46 -7.47
C LEU A 37 4.16 -5.81 -8.03
N LEU A 38 3.23 -6.47 -8.66
CA LEU A 38 3.51 -7.74 -9.27
C LEU A 38 4.58 -7.60 -10.35
N LYS A 39 4.44 -6.59 -11.19
CA LYS A 39 5.39 -6.33 -12.25
C LYS A 39 6.66 -5.57 -11.76
N SER A 40 6.63 -5.09 -10.51
CA SER A 40 7.75 -4.35 -9.97
C SER A 40 8.88 -5.27 -9.55
N LYS A 41 9.97 -4.67 -9.13
CA LYS A 41 11.16 -5.38 -8.74
C LYS A 41 10.89 -6.36 -7.58
N VAL A 42 9.83 -6.14 -6.81
CA VAL A 42 9.54 -6.98 -5.67
C VAL A 42 9.18 -8.40 -6.13
N ASN A 43 9.57 -9.40 -5.34
CA ASN A 43 9.40 -10.79 -5.74
C ASN A 43 7.96 -11.29 -5.55
N ASN A 44 7.58 -11.63 -4.33
CA ASN A 44 6.23 -12.15 -4.09
C ASN A 44 5.35 -11.10 -3.50
N ILE A 45 4.08 -11.24 -3.76
CA ILE A 45 3.09 -10.33 -3.25
C ILE A 45 2.26 -11.03 -2.20
N PHE A 46 2.32 -10.56 -0.98
CA PHE A 46 1.54 -11.11 0.08
C PHE A 46 0.45 -10.16 0.42
N ILE A 47 -0.76 -10.58 0.23
CA ILE A 47 -1.89 -9.75 0.50
C ILE A 47 -2.47 -10.06 1.84
N ALA A 48 -2.44 -9.08 2.66
CA ALA A 48 -2.92 -9.20 4.01
C ALA A 48 -4.40 -8.92 4.04
N THR A 49 -5.15 -9.92 4.41
CA THR A 49 -6.57 -9.78 4.50
C THR A 49 -7.05 -10.23 5.85
N SER A 50 -8.24 -9.84 6.20
CA SER A 50 -8.78 -10.16 7.49
C SER A 50 -10.16 -10.78 7.37
N PRO A 51 -10.59 -11.55 8.40
CA PRO A 51 -11.93 -12.14 8.43
C PRO A 51 -13.00 -11.07 8.45
N ASN A 52 -12.60 -9.86 8.82
CA ASN A 52 -13.49 -8.72 8.83
C ASN A 52 -13.82 -8.28 7.41
N THR A 53 -12.94 -8.60 6.48
CA THR A 53 -13.14 -8.24 5.10
C THR A 53 -12.71 -9.32 4.15
N PRO A 54 -13.37 -10.48 4.09
CA PRO A 54 -13.05 -11.33 3.05
C PRO A 54 -14.14 -11.29 2.01
N LYS A 55 -13.93 -10.37 1.25
CA LYS A 55 -14.74 -10.00 0.10
C LYS A 55 -13.78 -9.45 -0.79
N THR A 56 -12.96 -8.64 -0.19
CA THR A 56 -11.75 -8.26 -0.77
C THR A 56 -10.94 -9.53 -0.91
N LYS A 57 -10.90 -10.30 0.21
CA LYS A 57 -10.19 -11.56 0.21
C LYS A 57 -10.77 -12.55 -0.78
N GLU A 58 -12.11 -12.79 -0.75
CA GLU A 58 -12.67 -13.70 -1.77
C GLU A 58 -12.52 -13.14 -3.20
N TYR A 59 -12.55 -11.80 -3.36
CA TYR A 59 -12.33 -11.19 -4.66
C TYR A 59 -10.95 -11.49 -5.19
N ILE A 60 -9.98 -11.25 -4.35
CA ILE A 60 -8.58 -11.39 -4.71
C ILE A 60 -8.26 -12.82 -5.06
N ASN A 61 -8.79 -13.72 -4.26
CA ASN A 61 -8.61 -15.14 -4.50
C ASN A 61 -9.12 -15.52 -5.88
N SER A 62 -10.26 -14.97 -6.25
CA SER A 62 -10.84 -15.22 -7.55
C SER A 62 -10.07 -14.47 -8.66
N ALA A 63 -9.73 -13.24 -8.39
CA ALA A 63 -9.06 -12.39 -9.37
C ALA A 63 -7.72 -12.95 -9.76
N TYR A 64 -7.04 -13.50 -8.79
CA TYR A 64 -5.72 -14.02 -9.02
C TYR A 64 -5.70 -15.53 -8.83
N LYS A 65 -6.72 -16.22 -9.33
CA LYS A 65 -6.78 -17.68 -9.24
C LYS A 65 -5.57 -18.34 -9.94
N ASP A 66 -5.01 -17.63 -10.91
CA ASP A 66 -3.85 -18.11 -11.67
C ASP A 66 -2.53 -17.72 -10.97
N TYR A 67 -2.66 -17.22 -9.73
CA TYR A 67 -1.54 -16.70 -8.95
C TYR A 67 -0.29 -17.56 -8.97
N LYS A 68 0.80 -16.97 -9.40
CA LYS A 68 2.10 -17.60 -9.31
C LYS A 68 2.87 -16.98 -8.17
N ASN A 69 2.89 -15.66 -8.17
CA ASN A 69 3.63 -14.89 -7.17
C ASN A 69 2.69 -14.16 -6.21
N ILE A 70 1.41 -14.43 -6.31
CA ILE A 70 0.44 -13.78 -5.42
C ILE A 70 0.06 -14.73 -4.31
N VAL A 71 0.32 -14.30 -3.11
CA VAL A 71 0.03 -15.07 -1.94
C VAL A 71 -0.90 -14.30 -1.06
N VAL A 72 -1.96 -14.93 -0.65
CA VAL A 72 -2.92 -14.27 0.21
C VAL A 72 -2.73 -14.76 1.62
N ILE A 73 -2.70 -13.85 2.55
CA ILE A 73 -2.51 -14.20 3.92
C ILE A 73 -3.64 -13.66 4.73
N ASP A 74 -3.88 -14.29 5.84
CA ASP A 74 -4.98 -13.89 6.70
C ASP A 74 -4.42 -13.45 8.00
N THR A 75 -4.80 -12.30 8.41
CA THR A 75 -4.23 -11.74 9.59
C THR A 75 -5.14 -10.70 10.27
N SER A 76 -4.54 -10.00 11.21
CA SER A 76 -5.15 -8.99 12.07
C SER A 76 -5.62 -7.73 11.33
N GLY A 77 -5.45 -7.71 9.99
CA GLY A 77 -5.73 -6.55 9.06
C GLY A 77 -6.86 -5.59 9.44
N LYS A 78 -7.71 -6.01 10.34
CA LYS A 78 -8.69 -5.14 10.93
C LYS A 78 -7.96 -3.99 11.59
N GLY A 79 -6.83 -4.31 12.20
CA GLY A 79 -5.98 -3.33 12.81
C GLY A 79 -4.65 -3.25 12.08
N TYR A 80 -4.26 -2.05 11.69
CA TYR A 80 -3.03 -1.83 10.91
C TYR A 80 -1.79 -2.31 11.66
N ILE A 81 -1.67 -1.88 12.89
CA ILE A 81 -0.52 -2.23 13.72
C ILE A 81 -0.47 -3.71 13.96
N GLU A 82 -1.61 -4.23 14.33
CA GLU A 82 -1.76 -5.64 14.65
C GLU A 82 -1.42 -6.50 13.45
N ASP A 83 -1.90 -6.09 12.30
CA ASP A 83 -1.65 -6.80 11.04
C ASP A 83 -0.17 -6.85 10.77
N LEU A 84 0.45 -5.69 10.84
CA LEU A 84 1.87 -5.59 10.60
C LEU A 84 2.65 -6.43 11.57
N ASN A 85 2.25 -6.39 12.81
CA ASN A 85 2.91 -7.19 13.84
C ASN A 85 2.81 -8.68 13.52
N GLU A 86 1.66 -9.10 13.08
CA GLU A 86 1.48 -10.48 12.71
C GLU A 86 2.35 -10.81 11.50
N CYS A 87 2.32 -9.92 10.52
CA CYS A 87 3.07 -10.08 9.29
C CYS A 87 4.59 -10.08 9.54
N ILE A 88 5.07 -9.19 10.40
CA ILE A 88 6.50 -9.14 10.70
C ILE A 88 6.93 -10.41 11.41
N GLY A 89 6.01 -11.01 12.15
CA GLY A 89 6.29 -12.27 12.79
C GLY A 89 6.52 -13.41 11.79
N TYR A 90 5.73 -13.42 10.70
CA TYR A 90 5.82 -14.50 9.70
C TYR A 90 7.09 -14.45 8.84
N PHE A 91 7.49 -13.25 8.45
CA PHE A 91 8.63 -13.08 7.54
C PHE A 91 9.98 -13.22 8.23
N SER A 92 10.98 -13.61 7.47
CA SER A 92 12.35 -13.68 7.94
C SER A 92 13.21 -12.63 7.22
N GLU A 93 12.60 -11.95 6.26
CA GLU A 93 13.28 -10.92 5.47
C GLU A 93 12.44 -9.66 5.37
N PRO A 94 13.11 -8.52 5.13
CA PRO A 94 12.45 -7.22 4.95
C PRO A 94 11.37 -7.28 3.89
N PHE A 95 10.28 -6.62 4.15
CA PHE A 95 9.17 -6.62 3.24
C PHE A 95 8.52 -5.26 3.18
N LEU A 96 7.86 -5.01 2.10
CA LEU A 96 7.22 -3.76 1.83
C LEU A 96 5.80 -3.74 2.39
N VAL A 97 5.38 -2.60 2.88
CA VAL A 97 4.05 -2.39 3.42
C VAL A 97 3.26 -1.54 2.43
N VAL A 98 2.09 -2.02 2.03
CA VAL A 98 1.32 -1.37 0.98
C VAL A 98 -0.14 -1.14 1.37
N SER A 99 -0.65 0.00 0.96
CA SER A 99 -2.05 0.34 1.13
C SER A 99 -2.81 0.01 -0.17
N SER A 100 -4.02 -0.48 -0.04
CA SER A 100 -4.79 -0.96 -1.21
C SER A 100 -5.64 0.13 -1.89
N ASP A 101 -5.60 1.35 -1.40
CA ASP A 101 -6.45 2.38 -1.97
C ASP A 101 -5.72 3.40 -2.86
N LEU A 102 -4.41 3.30 -2.98
CA LEU A 102 -3.66 4.22 -3.81
C LEU A 102 -3.71 3.78 -5.28
N ILE A 103 -3.92 4.73 -6.19
CA ILE A 103 -3.98 4.42 -7.61
C ILE A 103 -2.57 4.17 -8.18
N ASN A 104 -2.50 4.00 -9.50
CA ASN A 104 -1.23 3.67 -10.14
C ASN A 104 -0.32 4.89 -10.33
N LEU A 105 0.21 5.36 -9.22
CA LEU A 105 1.24 6.38 -9.22
C LEU A 105 2.37 5.91 -8.33
N LYS A 106 2.13 4.75 -7.72
CA LYS A 106 3.03 4.13 -6.78
C LYS A 106 4.04 3.21 -7.48
N SER A 107 3.92 3.09 -8.80
CA SER A 107 4.77 2.17 -9.58
C SER A 107 6.26 2.52 -9.48
N LYS A 108 6.57 3.79 -9.53
CA LYS A 108 7.95 4.25 -9.47
C LYS A 108 8.42 4.29 -8.03
N ILE A 109 7.44 4.36 -7.14
CA ILE A 109 7.69 4.50 -5.73
C ILE A 109 8.32 3.26 -5.19
N ILE A 110 7.87 2.15 -5.70
CA ILE A 110 8.30 0.83 -5.27
C ILE A 110 9.80 0.70 -5.39
N ASN A 111 10.31 1.05 -6.54
CA ASN A 111 11.73 0.99 -6.80
C ASN A 111 12.49 2.06 -6.02
N SER A 112 11.89 3.25 -5.95
CA SER A 112 12.53 4.39 -5.28
C SER A 112 12.74 4.13 -3.78
N ILE A 113 11.74 3.57 -3.13
CA ILE A 113 11.79 3.29 -1.70
C ILE A 113 12.88 2.29 -1.39
N VAL A 114 12.91 1.24 -2.20
CA VAL A 114 13.88 0.17 -2.04
C VAL A 114 15.29 0.71 -2.16
N ASP A 115 15.51 1.52 -3.18
CA ASP A 115 16.83 2.12 -3.42
C ASP A 115 17.26 2.99 -2.24
N TYR A 116 16.35 3.83 -1.77
CA TYR A 116 16.70 4.75 -0.70
C TYR A 116 16.91 4.01 0.62
N PHE A 117 16.03 3.05 0.90
CA PHE A 117 16.15 2.23 2.11
C PHE A 117 17.49 1.51 2.14
N TYR A 118 17.82 0.87 1.03
CA TYR A 118 19.08 0.17 0.91
C TYR A 118 20.26 1.12 1.02
N CYS A 119 20.09 2.32 0.50
CA CYS A 119 21.12 3.34 0.57
C CYS A 119 21.43 3.66 2.03
N ILE A 120 20.37 3.87 2.80
CA ILE A 120 20.52 4.24 4.20
C ILE A 120 21.12 3.11 5.01
N LYS A 121 20.58 1.92 4.86
CA LYS A 121 21.06 0.78 5.63
C LYS A 121 22.50 0.42 5.26
N ALA A 122 22.91 0.75 4.04
CA ALA A 122 24.27 0.52 3.62
C ALA A 122 25.24 1.31 4.49
N LYS A 123 24.88 2.56 4.80
CA LYS A 123 25.69 3.40 5.64
C LYS A 123 25.38 3.16 7.13
N THR A 124 24.12 2.93 7.44
CA THR A 124 23.67 2.66 8.79
C THR A 124 22.79 1.40 8.82
N PRO A 125 23.36 0.23 9.13
CA PRO A 125 22.63 -1.06 9.13
C PRO A 125 21.57 -1.15 10.23
N ASP A 126 21.65 -0.25 11.19
CA ASP A 126 20.70 -0.23 12.31
C ASP A 126 19.28 0.03 11.85
N VAL A 127 19.11 0.82 10.80
CA VAL A 127 17.79 1.12 10.30
C VAL A 127 17.23 -0.07 9.52
N GLU A 128 16.11 -0.57 9.98
CA GLU A 128 15.49 -1.70 9.36
C GLU A 128 14.05 -1.40 8.93
N ALA A 129 13.73 -0.13 8.90
CA ALA A 129 12.40 0.31 8.46
C ALA A 129 12.47 1.67 7.76
N LEU A 130 11.57 1.88 6.83
CA LEU A 130 11.55 3.11 6.04
C LEU A 130 10.13 3.58 5.82
N ALA A 131 9.91 4.84 6.00
CA ALA A 131 8.61 5.44 5.78
C ALA A 131 8.75 6.63 4.87
N VAL A 132 7.81 6.79 3.97
CA VAL A 132 7.84 7.89 3.05
C VAL A 132 6.56 8.70 3.18
N MET A 133 6.68 10.02 3.21
CA MET A 133 5.54 10.89 3.37
C MET A 133 5.60 12.04 2.37
N ILE A 134 4.45 12.63 2.11
CA ILE A 134 4.36 13.77 1.22
C ILE A 134 3.56 14.89 1.88
N PRO A 135 3.80 16.15 1.47
CA PRO A 135 3.13 17.31 2.06
C PRO A 135 1.60 17.25 1.94
N LYS A 136 0.94 17.57 3.05
CA LYS A 136 -0.52 17.61 3.14
C LYS A 136 -1.09 18.64 2.16
N GLU A 137 -0.38 19.74 2.02
CA GLU A 137 -0.85 20.89 1.23
C GLU A 137 -1.10 20.53 -0.23
N LYS A 138 -0.28 19.66 -0.81
CA LYS A 138 -0.47 19.30 -2.20
C LYS A 138 -1.18 17.96 -2.33
N TYR A 139 -1.20 17.20 -1.26
CA TYR A 139 -1.90 15.93 -1.22
C TYR A 139 -3.41 16.18 -1.39
N PRO A 140 -4.12 15.36 -2.20
CA PRO A 140 -5.56 15.54 -2.46
C PRO A 140 -6.38 15.65 -1.16
N ASN A 141 -6.51 14.56 -0.43
CA ASN A 141 -7.20 14.56 0.85
C ASN A 141 -6.93 13.27 1.61
N PRO A 142 -6.75 13.34 2.94
CA PRO A 142 -6.48 12.16 3.78
C PRO A 142 -7.71 11.26 3.93
N SER A 143 -8.86 11.84 3.70
CA SER A 143 -10.14 11.15 3.80
C SER A 143 -11.25 12.09 3.39
N ILE A 144 -11.45 13.12 4.19
CA ILE A 144 -12.41 14.17 3.88
C ILE A 144 -11.84 15.51 4.34
N ASP A 145 -11.70 15.67 5.66
CA ASP A 145 -11.18 16.90 6.24
C ASP A 145 -10.46 16.65 7.57
N PHE A 146 -9.17 16.32 7.48
CA PHE A 146 -8.32 16.14 8.66
C PHE A 146 -6.96 16.74 8.43
N ASN A 147 -6.30 17.15 9.50
CA ASN A 147 -4.98 17.74 9.39
C ASN A 147 -3.92 16.82 10.00
N GLY A 148 -2.86 16.61 9.26
CA GLY A 148 -1.78 15.76 9.70
C GLY A 148 -0.88 15.42 8.54
N LEU A 149 0.09 14.56 8.77
CA LEU A 149 0.97 14.14 7.70
C LEU A 149 0.42 12.92 7.01
N VAL A 150 0.62 12.85 5.73
CA VAL A 150 0.08 11.78 4.93
C VAL A 150 1.19 10.92 4.33
N PRO A 151 0.92 9.61 4.13
CA PRO A 151 1.89 8.69 3.55
C PRO A 151 2.08 8.96 2.05
N ALA A 152 3.28 8.70 1.56
CA ALA A 152 3.58 8.92 0.16
C ALA A 152 3.33 7.68 -0.68
N GLY A 153 2.97 6.59 -0.03
CA GLY A 153 2.69 5.40 -0.78
C GLY A 153 2.93 4.11 -0.02
N ILE A 154 4.19 3.75 0.15
CA ILE A 154 4.55 2.49 0.74
C ILE A 154 5.54 2.64 1.89
N ASN A 155 5.64 1.61 2.72
CA ASN A 155 6.50 1.59 3.90
C ASN A 155 7.38 0.34 3.89
N VAL A 156 8.52 0.38 4.54
CA VAL A 156 9.41 -0.78 4.63
C VAL A 156 9.63 -1.18 6.07
N VAL A 157 9.46 -2.45 6.35
CA VAL A 157 9.69 -2.96 7.70
C VAL A 157 10.51 -4.23 7.69
N SER A 158 11.20 -4.44 8.78
CA SER A 158 11.96 -5.63 9.01
C SER A 158 11.16 -6.60 9.86
N PRO A 159 11.28 -7.90 9.61
CA PRO A 159 10.52 -8.92 10.31
C PRO A 159 10.98 -9.14 11.76
N LYS A 160 10.77 -8.15 12.58
CA LYS A 160 11.07 -8.26 14.00
C LYS A 160 9.78 -8.53 14.75
N HIS A 161 9.83 -8.42 16.05
CA HIS A 161 8.61 -8.50 16.83
C HIS A 161 8.61 -7.36 17.85
N GLY A 162 8.04 -6.25 17.44
CA GLY A 162 8.02 -5.06 18.26
C GLY A 162 8.14 -3.83 17.40
N TYR A 163 8.95 -2.88 17.83
CA TYR A 163 9.17 -1.66 17.05
C TYR A 163 10.64 -1.43 16.85
N GLN A 164 11.00 -0.93 15.68
CA GLN A 164 12.37 -0.72 15.32
C GLN A 164 12.59 0.64 14.70
N LYS A 165 13.86 1.03 14.60
CA LYS A 165 14.24 2.32 14.03
C LYS A 165 13.76 2.41 12.59
N GLU A 166 13.06 3.47 12.30
CA GLU A 166 12.49 3.69 10.99
C GLU A 166 12.88 5.06 10.46
N GLU A 167 13.31 5.12 9.22
CA GLU A 167 13.69 6.38 8.65
C GLU A 167 12.58 7.04 7.92
N ILE A 168 12.74 8.31 7.72
CA ILE A 168 11.73 9.11 7.08
C ILE A 168 12.25 9.74 5.82
N MET A 169 11.52 9.58 4.77
CA MET A 169 11.83 10.18 3.50
C MET A 169 10.62 10.93 2.98
N VAL A 170 10.85 12.13 2.50
CA VAL A 170 9.78 12.94 1.98
C VAL A 170 9.98 13.12 0.48
N ILE A 171 8.97 12.80 -0.29
CA ILE A 171 9.06 12.91 -1.73
C ILE A 171 8.07 13.92 -2.24
N ASP A 172 8.11 14.20 -3.51
CA ASP A 172 7.23 15.18 -4.10
C ASP A 172 6.31 14.52 -5.13
N GLU A 173 6.14 13.21 -5.03
CA GLU A 173 5.30 12.48 -5.94
C GLU A 173 3.96 12.28 -5.32
N LEU A 174 2.95 12.54 -6.06
CA LEU A 174 1.59 12.49 -5.58
C LEU A 174 0.90 11.18 -5.87
N ILE A 175 -0.01 10.87 -5.00
CA ILE A 175 -0.86 9.71 -5.10
C ILE A 175 -2.29 10.13 -4.91
N PHE A 176 -3.19 9.38 -5.47
CA PHE A 176 -4.60 9.61 -5.29
C PHE A 176 -5.23 8.34 -4.81
N ASN A 177 -6.20 8.46 -3.95
CA ASN A 177 -6.90 7.32 -3.43
C ASN A 177 -8.38 7.60 -3.41
N ILE A 178 -9.18 6.56 -3.41
CA ILE A 178 -10.60 6.76 -3.48
C ILE A 178 -11.21 6.74 -2.09
N ASN A 179 -11.12 7.88 -1.43
CA ASN A 179 -11.68 8.05 -0.10
C ASN A 179 -13.19 7.97 -0.19
N THR A 180 -13.73 8.55 -1.23
CA THR A 180 -15.15 8.55 -1.46
C THR A 180 -15.43 8.59 -2.97
N LYS A 181 -16.71 8.53 -3.34
CA LYS A 181 -17.14 8.53 -4.75
C LYS A 181 -16.64 9.78 -5.48
N ASP A 182 -16.45 10.86 -4.75
CA ASP A 182 -15.92 12.11 -5.32
C ASP A 182 -14.53 11.87 -5.90
N ASP A 183 -13.70 11.19 -5.12
CA ASP A 183 -12.34 10.84 -5.53
C ASP A 183 -12.38 9.88 -6.71
N LEU A 184 -13.38 9.01 -6.71
CA LEU A 184 -13.56 8.03 -7.79
C LEU A 184 -13.74 8.76 -9.11
N LYS A 185 -14.59 9.79 -9.11
CA LYS A 185 -14.79 10.61 -10.28
C LYS A 185 -13.51 11.34 -10.66
N LEU A 186 -12.78 11.79 -9.66
CA LEU A 186 -11.51 12.47 -9.88
C LEU A 186 -10.53 11.51 -10.58
N ALA A 187 -10.40 10.31 -10.03
CA ALA A 187 -9.52 9.30 -10.55
C ALA A 187 -9.89 8.84 -11.96
N GLU A 188 -11.18 8.63 -12.21
CA GLU A 188 -11.62 8.20 -13.55
C GLU A 188 -11.40 9.31 -14.55
N MET A 189 -11.57 10.55 -14.10
CA MET A 189 -11.40 11.69 -14.93
C MET A 189 -9.97 11.77 -15.45
N LEU A 190 -9.02 11.57 -14.55
CA LEU A 190 -7.62 11.64 -14.92
C LEU A 190 -7.22 10.45 -15.81
N LEU A 191 -7.77 9.26 -15.51
CA LEU A 191 -7.48 8.09 -16.34
C LEU A 191 -8.02 8.28 -17.74
N LYS A 192 -9.22 8.78 -17.81
CA LYS A 192 -9.88 9.04 -19.09
C LYS A 192 -9.13 10.12 -19.86
N LYS A 193 -8.73 11.16 -19.13
CA LYS A 193 -7.97 12.26 -19.71
C LYS A 193 -6.60 11.78 -20.21
N ASP A 194 -5.99 10.89 -19.42
CA ASP A 194 -4.65 10.35 -19.73
C ASP A 194 -4.69 9.48 -20.97
N GLY A 195 -5.83 8.89 -21.23
CA GLY A 195 -5.99 8.06 -22.41
C GLY A 195 -6.57 8.84 -23.57
N LEU A 196 -6.68 10.17 -23.39
CA LEU A 196 -7.28 11.10 -24.36
C LEU A 196 -8.33 10.46 -25.26
N MET A 1 13.40 -8.33 -1.34
CA MET A 1 12.23 -7.74 -0.63
C MET A 1 10.93 -8.21 -1.26
N ASP A 2 9.90 -8.36 -0.44
CA ASP A 2 8.57 -8.73 -0.90
C ASP A 2 7.64 -7.56 -0.72
N ALA A 3 6.50 -7.61 -1.36
CA ALA A 3 5.55 -6.50 -1.29
C ALA A 3 4.30 -6.92 -0.58
N LEU A 4 3.86 -6.10 0.35
CA LEU A 4 2.67 -6.37 1.10
C LEU A 4 1.56 -5.45 0.65
N ILE A 5 0.45 -6.03 0.27
CA ILE A 5 -0.70 -5.24 -0.10
C ILE A 5 -1.81 -5.55 0.86
N MET A 6 -2.06 -4.63 1.76
CA MET A 6 -3.04 -4.85 2.81
C MET A 6 -4.39 -4.28 2.45
N ALA A 7 -5.21 -5.14 1.98
CA ALA A 7 -6.56 -4.83 1.58
C ALA A 7 -7.58 -5.56 2.45
N GLY A 8 -8.07 -4.87 3.44
CA GLY A 8 -9.06 -5.44 4.33
C GLY A 8 -9.35 -4.51 5.50
N GLY A 9 -9.26 -3.22 5.26
CA GLY A 9 -9.47 -2.26 6.30
C GLY A 9 -10.88 -1.70 6.30
N LYS A 10 -11.42 -1.47 7.47
CA LYS A 10 -12.76 -0.90 7.62
C LYS A 10 -12.73 0.21 8.65
N GLY A 11 -13.58 1.21 8.45
CA GLY A 11 -13.68 2.29 9.41
C GLY A 11 -14.71 1.98 10.49
N THR A 12 -14.97 2.95 11.36
CA THR A 12 -15.97 2.78 12.40
C THR A 12 -17.37 2.70 11.78
N ARG A 13 -17.53 3.42 10.70
CA ARG A 13 -18.75 3.42 9.94
C ARG A 13 -18.36 3.37 8.47
N MET A 14 -18.94 2.46 7.71
CA MET A 14 -18.56 2.29 6.31
C MET A 14 -18.95 3.50 5.49
N GLY A 15 -18.06 3.91 4.60
CA GLY A 15 -18.33 5.05 3.76
C GLY A 15 -17.17 6.02 3.71
N GLY A 16 -16.06 5.64 4.32
CA GLY A 16 -14.87 6.47 4.29
C GLY A 16 -13.84 5.93 3.32
N VAL A 17 -12.57 6.06 3.69
CA VAL A 17 -11.49 5.54 2.87
C VAL A 17 -11.34 4.03 3.10
N GLU A 18 -12.12 3.27 2.36
CA GLU A 18 -12.17 1.83 2.50
C GLU A 18 -12.78 1.21 1.25
N LYS A 19 -13.19 -0.06 1.35
CA LYS A 19 -13.77 -0.81 0.21
C LYS A 19 -12.77 -0.93 -0.93
N PRO A 20 -11.73 -1.76 -0.76
CA PRO A 20 -10.66 -1.96 -1.75
C PRO A 20 -11.17 -2.47 -3.11
N LEU A 21 -12.39 -3.00 -3.14
CA LEU A 21 -12.93 -3.55 -4.37
C LEU A 21 -13.71 -2.53 -5.18
N ILE A 22 -13.60 -1.27 -4.85
CA ILE A 22 -14.24 -0.26 -5.64
C ILE A 22 -13.60 -0.23 -7.00
N LYS A 23 -14.39 -0.53 -7.98
CA LYS A 23 -13.93 -0.55 -9.33
C LYS A 23 -13.92 0.83 -9.90
N LEU A 24 -12.85 1.12 -10.55
CA LEU A 24 -12.63 2.42 -11.11
C LEU A 24 -12.07 2.30 -12.52
N CYS A 25 -12.87 2.72 -13.49
CA CYS A 25 -12.46 2.73 -14.90
C CYS A 25 -12.14 1.31 -15.42
N GLY A 26 -12.63 0.27 -14.74
CA GLY A 26 -12.43 -1.08 -15.24
C GLY A 26 -11.80 -2.05 -14.25
N ARG A 27 -11.08 -1.56 -13.25
CA ARG A 27 -10.47 -2.47 -12.26
C ARG A 27 -10.76 -2.01 -10.87
N CYS A 28 -10.65 -2.93 -9.95
CA CYS A 28 -10.83 -2.62 -8.56
C CYS A 28 -9.58 -1.92 -8.04
N LEU A 29 -9.76 -1.07 -7.04
CA LEU A 29 -8.66 -0.29 -6.46
C LEU A 29 -7.46 -1.19 -6.12
N ILE A 30 -7.74 -2.32 -5.50
CA ILE A 30 -6.71 -3.26 -5.11
C ILE A 30 -5.93 -3.78 -6.35
N ASP A 31 -6.65 -4.01 -7.44
CA ASP A 31 -6.03 -4.49 -8.69
C ASP A 31 -5.06 -3.46 -9.22
N TYR A 32 -5.48 -2.20 -9.18
CA TYR A 32 -4.63 -1.09 -9.60
C TYR A 32 -3.38 -1.02 -8.75
N VAL A 33 -3.52 -1.29 -7.47
CA VAL A 33 -2.37 -1.30 -6.55
C VAL A 33 -1.41 -2.45 -6.92
N VAL A 34 -1.97 -3.61 -7.22
CA VAL A 34 -1.19 -4.80 -7.55
C VAL A 34 -0.34 -4.62 -8.80
N SER A 35 -0.92 -4.01 -9.83
CA SER A 35 -0.26 -3.90 -11.13
C SER A 35 1.20 -3.33 -11.06
N PRO A 36 1.45 -2.11 -10.50
CA PRO A 36 2.82 -1.57 -10.40
C PRO A 36 3.73 -2.43 -9.52
N LEU A 37 3.17 -2.92 -8.43
CA LEU A 37 3.93 -3.71 -7.48
C LEU A 37 4.37 -5.03 -8.05
N LEU A 38 3.50 -5.68 -8.78
CA LEU A 38 3.84 -6.94 -9.41
C LEU A 38 4.95 -6.76 -10.43
N LYS A 39 4.81 -5.74 -11.26
CA LYS A 39 5.82 -5.46 -12.29
C LYS A 39 7.12 -4.86 -11.72
N SER A 40 7.09 -4.40 -10.47
CA SER A 40 8.27 -3.82 -9.85
C SER A 40 9.32 -4.89 -9.54
N LYS A 41 10.48 -4.44 -9.11
CA LYS A 41 11.60 -5.31 -8.84
C LYS A 41 11.40 -6.19 -7.59
N VAL A 42 10.23 -6.09 -6.96
CA VAL A 42 9.95 -6.86 -5.77
C VAL A 42 9.73 -8.35 -6.11
N ASN A 43 10.02 -9.22 -5.14
CA ASN A 43 9.91 -10.68 -5.34
C ASN A 43 8.46 -11.14 -5.51
N ASN A 44 7.73 -11.27 -4.39
CA ASN A 44 6.32 -11.72 -4.45
C ASN A 44 5.41 -10.69 -3.86
N ILE A 45 4.14 -10.83 -4.14
CA ILE A 45 3.13 -9.96 -3.65
C ILE A 45 2.31 -10.69 -2.58
N PHE A 46 2.37 -10.22 -1.36
CA PHE A 46 1.61 -10.80 -0.29
C PHE A 46 0.48 -9.88 0.05
N ILE A 47 -0.72 -10.34 -0.14
CA ILE A 47 -1.87 -9.55 0.13
C ILE A 47 -2.42 -9.88 1.48
N ALA A 48 -2.42 -8.88 2.30
CA ALA A 48 -2.88 -8.99 3.65
C ALA A 48 -4.35 -8.70 3.71
N THR A 49 -5.10 -9.62 4.22
CA THR A 49 -6.52 -9.45 4.37
C THR A 49 -6.95 -9.81 5.76
N SER A 50 -8.06 -9.27 6.17
CA SER A 50 -8.57 -9.51 7.49
C SER A 50 -9.76 -10.47 7.42
N PRO A 51 -9.90 -11.37 8.43
CA PRO A 51 -11.04 -12.30 8.52
C PRO A 51 -12.36 -11.55 8.54
N ASN A 52 -12.30 -10.31 8.99
CA ASN A 52 -13.48 -9.45 9.06
C ASN A 52 -13.79 -8.84 7.70
N THR A 53 -12.95 -9.15 6.72
CA THR A 53 -13.15 -8.65 5.38
C THR A 53 -12.78 -9.69 4.35
N PRO A 54 -13.47 -10.82 4.22
CA PRO A 54 -13.17 -11.61 3.12
C PRO A 54 -14.25 -11.48 2.10
N LYS A 55 -14.04 -10.53 1.39
CA LYS A 55 -14.86 -10.10 0.32
C LYS A 55 -13.91 -9.52 -0.62
N THR A 56 -13.12 -8.64 -0.05
CA THR A 56 -11.94 -8.23 -0.68
C THR A 56 -11.09 -9.47 -0.82
N LYS A 57 -10.98 -10.23 0.29
CA LYS A 57 -10.25 -11.48 0.26
C LYS A 57 -10.87 -12.48 -0.68
N GLU A 58 -12.22 -12.69 -0.60
CA GLU A 58 -12.82 -13.66 -1.53
C GLU A 58 -12.52 -13.27 -3.00
N TYR A 59 -12.54 -11.96 -3.30
CA TYR A 59 -12.23 -11.49 -4.65
C TYR A 59 -10.79 -11.76 -5.01
N ILE A 60 -9.90 -11.34 -4.15
CA ILE A 60 -8.48 -11.44 -4.41
C ILE A 60 -8.04 -12.89 -4.54
N ASN A 61 -8.50 -13.70 -3.62
CA ASN A 61 -8.15 -15.09 -3.58
C ASN A 61 -8.58 -15.78 -4.87
N SER A 62 -9.74 -15.42 -5.35
CA SER A 62 -10.29 -15.95 -6.59
C SER A 62 -9.58 -15.38 -7.82
N ALA A 63 -9.43 -14.06 -7.83
CA ALA A 63 -8.91 -13.34 -8.98
C ALA A 63 -7.46 -13.66 -9.27
N TYR A 64 -6.66 -13.79 -8.23
CA TYR A 64 -5.23 -13.95 -8.40
C TYR A 64 -4.77 -15.36 -8.07
N LYS A 65 -5.71 -16.28 -7.99
CA LYS A 65 -5.40 -17.65 -7.63
C LYS A 65 -4.48 -18.32 -8.67
N ASP A 66 -4.47 -17.80 -9.88
CA ASP A 66 -3.67 -18.39 -10.94
C ASP A 66 -2.24 -17.83 -10.97
N TYR A 67 -1.93 -16.89 -10.09
CA TYR A 67 -0.60 -16.29 -10.09
C TYR A 67 0.26 -16.84 -8.98
N LYS A 68 1.45 -17.29 -9.35
CA LYS A 68 2.41 -17.88 -8.43
C LYS A 68 2.97 -16.82 -7.47
N ASN A 69 3.27 -15.64 -8.01
CA ASN A 69 3.92 -14.60 -7.22
C ASN A 69 2.93 -13.85 -6.35
N ILE A 70 1.67 -14.20 -6.42
CA ILE A 70 0.68 -13.55 -5.61
C ILE A 70 0.20 -14.49 -4.52
N VAL A 71 0.36 -14.05 -3.31
CA VAL A 71 0.05 -14.83 -2.13
C VAL A 71 -0.91 -14.07 -1.24
N VAL A 72 -1.90 -14.75 -0.74
CA VAL A 72 -2.88 -14.12 0.13
C VAL A 72 -2.67 -14.58 1.57
N ILE A 73 -2.62 -13.64 2.48
CA ILE A 73 -2.33 -13.94 3.87
C ILE A 73 -3.42 -13.40 4.80
N ASP A 74 -3.50 -13.99 5.97
CA ASP A 74 -4.49 -13.63 6.96
C ASP A 74 -3.87 -12.79 8.04
N THR A 75 -4.52 -11.73 8.37
CA THR A 75 -4.03 -10.82 9.38
C THR A 75 -5.12 -9.88 9.94
N SER A 76 -4.69 -9.03 10.83
CA SER A 76 -5.47 -8.07 11.58
C SER A 76 -5.92 -6.87 10.73
N GLY A 77 -5.61 -6.92 9.42
CA GLY A 77 -5.76 -5.83 8.38
C GLY A 77 -6.84 -4.79 8.59
N LYS A 78 -7.80 -5.09 9.40
CA LYS A 78 -8.75 -4.11 9.80
C LYS A 78 -7.98 -2.97 10.50
N GLY A 79 -6.97 -3.36 11.28
CA GLY A 79 -6.11 -2.42 11.94
C GLY A 79 -4.74 -2.42 11.28
N TYR A 80 -4.27 -1.24 10.90
CA TYR A 80 -3.04 -1.12 10.10
C TYR A 80 -1.80 -1.65 10.85
N ILE A 81 -1.62 -1.20 12.09
CA ILE A 81 -0.45 -1.61 12.89
C ILE A 81 -0.49 -3.08 13.19
N GLU A 82 -1.65 -3.51 13.57
CA GLU A 82 -1.92 -4.90 13.94
C GLU A 82 -1.64 -5.82 12.75
N ASP A 83 -2.08 -5.38 11.59
CA ASP A 83 -1.84 -6.11 10.34
C ASP A 83 -0.36 -6.28 10.12
N LEU A 84 0.35 -5.17 10.23
CA LEU A 84 1.78 -5.17 10.06
C LEU A 84 2.43 -6.12 11.01
N ASN A 85 1.98 -6.13 12.23
CA ASN A 85 2.54 -7.04 13.23
C ASN A 85 2.40 -8.51 12.84
N GLU A 86 1.24 -8.90 12.34
CA GLU A 86 1.08 -10.28 11.90
C GLU A 86 1.96 -10.54 10.69
N CYS A 87 1.97 -9.57 9.78
CA CYS A 87 2.77 -9.65 8.56
C CYS A 87 4.28 -9.73 8.85
N ILE A 88 4.76 -8.93 9.80
CA ILE A 88 6.17 -8.93 10.16
C ILE A 88 6.55 -10.24 10.83
N GLY A 89 5.56 -10.87 11.46
CA GLY A 89 5.79 -12.18 12.05
C GLY A 89 6.14 -13.25 11.02
N TYR A 90 5.50 -13.19 9.84
CA TYR A 90 5.73 -14.20 8.78
C TYR A 90 7.12 -14.08 8.13
N PHE A 91 7.56 -12.85 7.90
CA PHE A 91 8.79 -12.62 7.14
C PHE A 91 10.06 -12.74 7.97
N SER A 92 11.14 -13.13 7.30
CA SER A 92 12.46 -13.19 7.90
C SER A 92 13.34 -12.11 7.27
N GLU A 93 12.75 -11.38 6.32
CA GLU A 93 13.43 -10.34 5.58
C GLU A 93 12.54 -9.12 5.49
N PRO A 94 13.13 -7.95 5.23
CA PRO A 94 12.38 -6.71 5.11
C PRO A 94 11.44 -6.74 3.92
N PHE A 95 10.32 -6.08 4.05
CA PHE A 95 9.31 -6.12 3.02
C PHE A 95 8.64 -4.77 2.85
N LEU A 96 8.00 -4.63 1.72
CA LEU A 96 7.35 -3.41 1.32
C LEU A 96 5.91 -3.35 1.89
N VAL A 97 5.51 -2.18 2.34
CA VAL A 97 4.17 -1.93 2.90
C VAL A 97 3.44 -0.91 2.02
N VAL A 98 2.18 -1.16 1.68
CA VAL A 98 1.46 -0.24 0.80
C VAL A 98 0.13 0.21 1.37
N SER A 99 -0.36 1.31 0.87
CA SER A 99 -1.69 1.78 1.18
C SER A 99 -2.60 1.39 0.02
N SER A 100 -3.77 0.87 0.33
CA SER A 100 -4.67 0.33 -0.69
C SER A 100 -5.39 1.40 -1.52
N ASP A 101 -5.34 2.64 -1.10
CA ASP A 101 -6.08 3.70 -1.77
C ASP A 101 -5.23 4.58 -2.69
N LEU A 102 -3.94 4.27 -2.83
CA LEU A 102 -3.07 5.11 -3.65
C LEU A 102 -3.03 4.65 -5.10
N ILE A 103 -3.42 5.54 -6.01
CA ILE A 103 -3.44 5.23 -7.44
C ILE A 103 -2.48 6.15 -8.22
N ASN A 104 -1.47 5.55 -8.88
CA ASN A 104 -0.53 6.27 -9.78
C ASN A 104 0.68 5.38 -10.10
N LEU A 105 1.48 5.81 -11.08
CA LEU A 105 2.68 5.05 -11.45
C LEU A 105 3.79 5.30 -10.43
N LYS A 106 3.86 4.42 -9.46
CA LYS A 106 4.80 4.51 -8.35
C LYS A 106 6.02 3.63 -8.55
N SER A 107 6.08 2.96 -9.68
CA SER A 107 7.14 1.99 -9.98
C SER A 107 8.56 2.55 -9.80
N LYS A 108 8.73 3.82 -10.07
CA LYS A 108 10.04 4.46 -9.95
C LYS A 108 10.42 4.59 -8.48
N ILE A 109 9.40 4.67 -7.64
CA ILE A 109 9.58 4.90 -6.22
C ILE A 109 10.15 3.67 -5.56
N ILE A 110 9.65 2.54 -5.98
CA ILE A 110 10.03 1.25 -5.44
C ILE A 110 11.51 1.01 -5.64
N ASN A 111 11.98 1.29 -6.81
CA ASN A 111 13.40 1.17 -7.09
C ASN A 111 14.20 2.17 -6.24
N SER A 112 13.68 3.40 -6.17
CA SER A 112 14.33 4.48 -5.41
C SER A 112 14.42 4.14 -3.93
N ILE A 113 13.32 3.64 -3.37
CA ILE A 113 13.24 3.33 -1.96
C ILE A 113 14.17 2.22 -1.56
N VAL A 114 14.26 1.20 -2.39
CA VAL A 114 15.12 0.07 -2.10
C VAL A 114 16.56 0.52 -2.03
N ASP A 115 16.99 1.26 -3.03
CA ASP A 115 18.35 1.77 -3.05
C ASP A 115 18.60 2.77 -1.92
N TYR A 116 17.65 3.66 -1.69
CA TYR A 116 17.75 4.68 -0.64
C TYR A 116 17.82 4.03 0.75
N PHE A 117 16.88 3.12 1.00
CA PHE A 117 16.81 2.39 2.27
C PHE A 117 18.09 1.62 2.53
N TYR A 118 18.54 0.88 1.53
CA TYR A 118 19.77 0.11 1.65
C TYR A 118 20.99 1.00 1.83
N CYS A 119 20.95 2.19 1.23
CA CYS A 119 22.04 3.15 1.38
C CYS A 119 22.17 3.54 2.85
N ILE A 120 21.02 3.84 3.44
CA ILE A 120 20.96 4.24 4.84
C ILE A 120 21.40 3.08 5.71
N LYS A 121 20.90 1.91 5.36
CA LYS A 121 21.19 0.67 6.08
C LYS A 121 22.66 0.35 6.08
N ALA A 122 23.28 0.55 4.96
CA ALA A 122 24.70 0.30 4.81
C ALA A 122 25.53 1.17 5.75
N LYS A 123 25.19 2.45 5.86
CA LYS A 123 25.91 3.34 6.75
C LYS A 123 25.48 3.14 8.20
N THR A 124 24.22 2.79 8.40
CA THR A 124 23.68 2.55 9.72
C THR A 124 22.68 1.39 9.70
N PRO A 125 23.09 0.19 10.11
CA PRO A 125 22.24 -1.01 10.08
C PRO A 125 21.08 -0.93 11.06
N ASP A 126 21.15 0.02 11.99
CA ASP A 126 20.12 0.19 13.02
C ASP A 126 18.77 0.54 12.43
N VAL A 127 18.77 1.28 11.32
CA VAL A 127 17.51 1.60 10.67
C VAL A 127 16.95 0.34 10.02
N GLU A 128 15.71 0.06 10.29
CA GLU A 128 15.11 -1.14 9.75
C GLU A 128 13.79 -0.84 9.04
N ALA A 129 13.46 0.43 8.92
CA ALA A 129 12.23 0.83 8.24
C ALA A 129 12.40 2.16 7.53
N LEU A 130 11.61 2.35 6.49
CA LEU A 130 11.63 3.59 5.73
C LEU A 130 10.21 4.00 5.41
N ALA A 131 9.99 5.26 5.38
CA ALA A 131 8.70 5.81 5.07
C ALA A 131 8.82 6.82 3.97
N VAL A 132 8.01 6.69 2.97
CA VAL A 132 7.97 7.63 1.91
C VAL A 132 6.74 8.47 2.08
N MET A 133 6.93 9.73 2.33
CA MET A 133 5.83 10.62 2.63
C MET A 133 6.06 12.01 2.10
N ILE A 134 4.97 12.74 1.92
CA ILE A 134 5.00 14.10 1.44
C ILE A 134 4.10 14.96 2.31
N PRO A 135 4.37 16.28 2.37
CA PRO A 135 3.57 17.21 3.17
C PRO A 135 2.08 17.15 2.81
N LYS A 136 1.24 16.96 3.81
CA LYS A 136 -0.18 16.85 3.61
C LYS A 136 -0.83 18.17 3.16
N GLU A 137 -0.17 19.27 3.45
CA GLU A 137 -0.68 20.58 3.06
C GLU A 137 -0.73 20.76 1.55
N LYS A 138 0.26 20.22 0.85
CA LYS A 138 0.30 20.34 -0.60
C LYS A 138 -0.48 19.21 -1.23
N TYR A 139 -0.62 18.16 -0.47
CA TYR A 139 -1.29 16.97 -0.90
C TYR A 139 -2.79 17.25 -1.20
N PRO A 140 -3.30 16.75 -2.35
CA PRO A 140 -4.70 16.97 -2.80
C PRO A 140 -5.74 16.56 -1.74
N ASN A 141 -5.45 15.49 -1.03
CA ASN A 141 -6.35 14.99 0.00
C ASN A 141 -5.62 14.86 1.32
N PRO A 142 -5.53 15.95 2.04
CA PRO A 142 -4.78 16.03 3.30
C PRO A 142 -5.47 15.35 4.47
N SER A 143 -4.68 14.83 5.39
CA SER A 143 -5.23 14.22 6.57
C SER A 143 -5.39 15.28 7.65
N ILE A 144 -6.34 16.17 7.43
CA ILE A 144 -6.64 17.26 8.34
C ILE A 144 -7.16 16.73 9.67
N ASP A 145 -7.96 15.68 9.57
CA ASP A 145 -8.66 15.10 10.72
C ASP A 145 -7.71 14.68 11.83
N PHE A 146 -6.58 14.11 11.48
CA PHE A 146 -5.62 13.66 12.48
C PHE A 146 -4.37 14.55 12.49
N ASN A 147 -4.24 15.38 11.46
CA ASN A 147 -3.06 16.24 11.28
C ASN A 147 -1.80 15.39 11.27
N GLY A 148 -1.90 14.24 10.64
CA GLY A 148 -0.81 13.32 10.56
C GLY A 148 -0.09 13.41 9.25
N LEU A 149 0.65 12.38 8.93
CA LEU A 149 1.39 12.35 7.71
C LEU A 149 0.71 11.46 6.71
N VAL A 150 0.92 11.75 5.46
CA VAL A 150 0.35 10.96 4.40
C VAL A 150 1.47 10.33 3.57
N PRO A 151 1.45 9.00 3.44
CA PRO A 151 2.44 8.30 2.62
C PRO A 151 2.42 8.82 1.20
N ALA A 152 3.59 9.02 0.65
CA ALA A 152 3.71 9.54 -0.70
C ALA A 152 3.83 8.42 -1.70
N GLY A 153 3.79 7.22 -1.18
CA GLY A 153 3.89 6.08 -2.03
C GLY A 153 3.78 4.81 -1.25
N ILE A 154 4.92 4.30 -0.82
CA ILE A 154 4.98 3.05 -0.13
C ILE A 154 5.96 3.07 1.05
N ASN A 155 5.80 2.12 1.93
CA ASN A 155 6.59 2.01 3.16
C ASN A 155 7.51 0.79 3.14
N VAL A 156 8.57 0.84 3.92
CA VAL A 156 9.50 -0.27 4.08
C VAL A 156 9.64 -0.64 5.53
N VAL A 157 9.50 -1.91 5.85
CA VAL A 157 9.64 -2.36 7.24
C VAL A 157 10.43 -3.66 7.31
N SER A 158 11.05 -3.88 8.45
CA SER A 158 11.72 -5.14 8.73
C SER A 158 10.81 -6.04 9.55
N PRO A 159 11.01 -7.35 9.49
CA PRO A 159 10.23 -8.31 10.26
C PRO A 159 10.66 -8.34 11.71
N LYS A 160 10.11 -7.45 12.51
CA LYS A 160 10.45 -7.35 13.91
C LYS A 160 9.30 -7.86 14.78
N HIS A 161 9.46 -7.72 16.08
CA HIS A 161 8.40 -8.04 17.04
C HIS A 161 8.22 -6.87 17.99
N GLY A 162 8.54 -5.70 17.48
CA GLY A 162 8.43 -4.48 18.22
C GLY A 162 8.56 -3.30 17.30
N TYR A 163 8.55 -2.11 17.85
CA TYR A 163 8.67 -0.92 17.03
C TYR A 163 10.13 -0.73 16.63
N GLN A 164 10.35 -0.27 15.41
CA GLN A 164 11.68 -0.16 14.86
C GLN A 164 11.94 1.22 14.27
N LYS A 165 13.22 1.55 14.10
CA LYS A 165 13.60 2.83 13.55
C LYS A 165 13.16 2.97 12.11
N GLU A 166 12.44 4.03 11.85
CA GLU A 166 11.91 4.30 10.53
C GLU A 166 12.47 5.61 10.02
N GLU A 167 13.03 5.59 8.82
CA GLU A 167 13.54 6.80 8.22
C GLU A 167 12.54 7.45 7.36
N ILE A 168 12.80 8.68 7.08
CA ILE A 168 11.85 9.47 6.31
C ILE A 168 12.44 9.94 5.00
N MET A 169 11.70 9.71 3.96
CA MET A 169 12.08 10.20 2.64
C MET A 169 10.91 10.95 2.03
N VAL A 170 11.17 12.17 1.63
CA VAL A 170 10.17 13.02 1.04
C VAL A 170 10.42 13.11 -0.45
N ILE A 171 9.38 12.92 -1.23
CA ILE A 171 9.51 12.89 -2.68
C ILE A 171 8.68 13.98 -3.32
N ASP A 172 8.86 14.15 -4.61
CA ASP A 172 8.11 15.12 -5.36
C ASP A 172 7.11 14.42 -6.28
N GLU A 173 6.88 13.13 -6.04
CA GLU A 173 5.95 12.36 -6.86
C GLU A 173 4.60 12.26 -6.21
N LEU A 174 3.62 12.45 -7.02
CA LEU A 174 2.23 12.53 -6.59
C LEU A 174 1.51 11.21 -6.68
N ILE A 175 0.50 11.09 -5.84
CA ILE A 175 -0.40 9.97 -5.82
C ILE A 175 -1.82 10.47 -5.76
N PHE A 176 -2.74 9.72 -6.29
CA PHE A 176 -4.13 10.09 -6.24
C PHE A 176 -4.90 9.04 -5.47
N ASN A 177 -5.47 9.44 -4.35
CA ASN A 177 -6.27 8.53 -3.56
C ASN A 177 -7.69 9.03 -3.54
N ILE A 178 -8.60 8.28 -2.93
CA ILE A 178 -10.00 8.67 -2.98
C ILE A 178 -10.56 9.00 -1.62
N ASN A 179 -11.03 10.23 -1.48
CA ASN A 179 -11.71 10.66 -0.27
C ASN A 179 -13.22 10.57 -0.46
N THR A 180 -13.69 11.08 -1.58
CA THR A 180 -15.12 11.17 -1.85
C THR A 180 -15.46 10.55 -3.20
N LYS A 181 -16.75 10.33 -3.44
CA LYS A 181 -17.20 9.80 -4.73
C LYS A 181 -16.88 10.79 -5.85
N ASP A 182 -17.01 12.07 -5.55
CA ASP A 182 -16.62 13.11 -6.50
C ASP A 182 -15.14 13.00 -6.84
N ASP A 183 -14.35 12.74 -5.80
CA ASP A 183 -12.92 12.54 -5.92
C ASP A 183 -12.63 11.29 -6.75
N LEU A 184 -13.45 10.27 -6.54
CA LEU A 184 -13.38 9.03 -7.30
C LEU A 184 -13.63 9.32 -8.77
N LYS A 185 -14.61 10.17 -9.04
CA LYS A 185 -14.95 10.60 -10.38
C LYS A 185 -13.75 11.34 -11.02
N LEU A 186 -13.08 12.15 -10.22
CA LEU A 186 -11.90 12.86 -10.69
C LEU A 186 -10.83 11.86 -11.11
N ALA A 187 -10.64 10.85 -10.26
CA ALA A 187 -9.67 9.81 -10.53
C ALA A 187 -10.03 9.01 -11.78
N GLU A 188 -11.32 8.69 -11.96
CA GLU A 188 -11.74 7.91 -13.12
C GLU A 188 -11.48 8.68 -14.40
N MET A 189 -11.70 10.00 -14.37
CA MET A 189 -11.46 10.83 -15.53
C MET A 189 -9.98 10.81 -15.90
N LEU A 190 -9.14 10.83 -14.88
CA LEU A 190 -7.71 10.79 -15.06
C LEU A 190 -7.29 9.47 -15.72
N LEU A 191 -7.85 8.38 -15.24
CA LEU A 191 -7.55 7.05 -15.77
C LEU A 191 -7.99 6.92 -17.21
N LYS A 192 -9.13 7.50 -17.50
CA LYS A 192 -9.72 7.47 -18.84
C LYS A 192 -8.82 8.16 -19.87
N LYS A 193 -7.89 8.97 -19.37
CA LYS A 193 -6.96 9.70 -20.22
C LYS A 193 -5.88 8.79 -20.81
N ASP A 194 -5.81 7.53 -20.36
CA ASP A 194 -4.79 6.60 -20.90
C ASP A 194 -5.12 6.26 -22.34
N GLY A 195 -6.35 6.48 -22.72
CA GLY A 195 -6.77 6.25 -24.07
C GLY A 195 -6.88 7.55 -24.84
N LEU A 196 -7.70 7.55 -25.87
CA LEU A 196 -7.91 8.74 -26.68
C LEU A 196 -9.35 9.20 -26.57
N MET A 1 13.09 -8.67 -0.68
CA MET A 1 11.94 -7.75 -0.53
C MET A 1 10.71 -8.31 -1.22
N ASP A 2 9.63 -8.32 -0.50
CA ASP A 2 8.34 -8.73 -1.03
C ASP A 2 7.38 -7.59 -0.85
N ALA A 3 6.26 -7.64 -1.50
CA ALA A 3 5.33 -6.53 -1.41
C ALA A 3 4.07 -6.94 -0.69
N LEU A 4 3.71 -6.18 0.32
CA LEU A 4 2.51 -6.46 1.08
C LEU A 4 1.42 -5.52 0.65
N ILE A 5 0.29 -6.08 0.28
CA ILE A 5 -0.82 -5.27 -0.13
C ILE A 5 -1.99 -5.51 0.79
N MET A 6 -2.28 -4.53 1.62
CA MET A 6 -3.32 -4.63 2.57
C MET A 6 -4.67 -4.34 1.94
N ALA A 7 -5.36 -5.40 1.61
CA ALA A 7 -6.65 -5.33 1.00
C ALA A 7 -7.73 -5.97 1.89
N GLY A 8 -8.44 -5.15 2.63
CA GLY A 8 -9.50 -5.68 3.47
C GLY A 8 -9.44 -5.17 4.90
N GLY A 9 -9.95 -3.97 5.12
CA GLY A 9 -9.96 -3.41 6.46
C GLY A 9 -10.66 -2.07 6.51
N LYS A 10 -10.29 -1.25 7.48
CA LYS A 10 -10.85 0.10 7.57
C LYS A 10 -9.88 1.14 7.05
N GLY A 11 -8.64 0.72 6.82
CA GLY A 11 -7.62 1.64 6.32
C GLY A 11 -7.23 2.67 7.36
N THR A 12 -7.82 3.85 7.24
CA THR A 12 -7.57 4.92 8.19
C THR A 12 -8.07 4.53 9.59
N ARG A 13 -7.31 4.88 10.62
CA ARG A 13 -7.68 4.54 12.00
C ARG A 13 -9.02 5.18 12.38
N MET A 14 -9.26 6.38 11.91
CA MET A 14 -10.53 7.07 12.14
C MET A 14 -11.61 6.55 11.18
N GLY A 15 -11.21 5.69 10.26
CA GLY A 15 -12.13 5.15 9.28
C GLY A 15 -12.18 5.97 8.02
N GLY A 16 -12.99 5.54 7.07
CA GLY A 16 -13.11 6.27 5.85
C GLY A 16 -12.81 5.42 4.63
N VAL A 17 -11.86 5.87 3.84
CA VAL A 17 -11.48 5.20 2.60
C VAL A 17 -10.87 3.80 2.84
N GLU A 18 -11.22 2.88 1.93
CA GLU A 18 -10.75 1.51 1.91
C GLU A 18 -11.60 0.77 0.88
N LYS A 19 -11.74 -0.54 1.06
CA LYS A 19 -12.54 -1.38 0.17
C LYS A 19 -11.97 -1.34 -1.25
N PRO A 20 -10.89 -2.09 -1.47
CA PRO A 20 -10.15 -2.12 -2.73
C PRO A 20 -10.96 -2.60 -3.93
N LEU A 21 -12.19 -3.04 -3.72
CA LEU A 21 -12.98 -3.51 -4.82
C LEU A 21 -13.68 -2.40 -5.58
N ILE A 22 -13.40 -1.16 -5.21
CA ILE A 22 -13.86 -0.05 -5.98
C ILE A 22 -13.03 -0.06 -7.23
N LYS A 23 -13.68 -0.05 -8.34
CA LYS A 23 -12.98 -0.22 -9.58
C LYS A 23 -13.04 0.98 -10.48
N LEU A 24 -11.93 1.19 -11.14
CA LEU A 24 -11.75 2.25 -12.10
C LEU A 24 -11.24 1.68 -13.40
N CYS A 25 -11.74 2.22 -14.51
CA CYS A 25 -11.29 1.84 -15.85
C CYS A 25 -11.21 0.32 -16.08
N GLY A 26 -12.14 -0.43 -15.48
CA GLY A 26 -12.21 -1.85 -15.75
C GLY A 26 -11.66 -2.76 -14.65
N ARG A 27 -10.94 -2.24 -13.66
CA ARG A 27 -10.45 -3.12 -12.61
C ARG A 27 -10.48 -2.45 -11.27
N CYS A 28 -10.42 -3.27 -10.25
CA CYS A 28 -10.52 -2.82 -8.88
C CYS A 28 -9.21 -2.21 -8.39
N LEU A 29 -9.28 -1.50 -7.27
CA LEU A 29 -8.12 -0.80 -6.70
C LEU A 29 -7.02 -1.79 -6.41
N ILE A 30 -7.39 -2.97 -5.91
CA ILE A 30 -6.42 -4.00 -5.63
C ILE A 30 -5.63 -4.38 -6.88
N ASP A 31 -6.33 -4.56 -8.00
CA ASP A 31 -5.68 -4.95 -9.25
C ASP A 31 -4.73 -3.84 -9.71
N TYR A 32 -5.18 -2.60 -9.59
CA TYR A 32 -4.36 -1.45 -9.91
C TYR A 32 -3.13 -1.37 -9.01
N VAL A 33 -3.27 -1.73 -7.75
CA VAL A 33 -2.15 -1.74 -6.85
C VAL A 33 -1.19 -2.90 -7.16
N VAL A 34 -1.76 -4.09 -7.39
CA VAL A 34 -1.00 -5.30 -7.66
C VAL A 34 -0.20 -5.22 -8.95
N SER A 35 -0.82 -4.73 -10.01
CA SER A 35 -0.21 -4.74 -11.33
C SER A 35 1.22 -4.10 -11.35
N PRO A 36 1.40 -2.84 -10.88
CA PRO A 36 2.73 -2.22 -10.82
C PRO A 36 3.70 -3.00 -9.92
N LEU A 37 3.19 -3.48 -8.80
CA LEU A 37 4.03 -4.21 -7.85
C LEU A 37 4.48 -5.54 -8.41
N LEU A 38 3.59 -6.25 -9.05
CA LEU A 38 3.96 -7.50 -9.67
C LEU A 38 5.01 -7.28 -10.77
N LYS A 39 4.79 -6.28 -11.60
CA LYS A 39 5.73 -5.96 -12.67
C LYS A 39 7.01 -5.30 -12.13
N SER A 40 6.99 -4.81 -10.89
CA SER A 40 8.14 -4.17 -10.31
C SER A 40 9.20 -5.19 -9.90
N LYS A 41 10.34 -4.70 -9.48
CA LYS A 41 11.47 -5.50 -9.13
C LYS A 41 11.17 -6.47 -7.96
N VAL A 42 10.11 -6.21 -7.20
CA VAL A 42 9.79 -7.04 -6.05
C VAL A 42 9.42 -8.47 -6.49
N ASN A 43 9.77 -9.44 -5.67
CA ASN A 43 9.59 -10.85 -6.01
C ASN A 43 8.14 -11.34 -5.81
N ASN A 44 7.73 -11.52 -4.57
CA ASN A 44 6.38 -12.01 -4.29
C ASN A 44 5.47 -10.93 -3.80
N ILE A 45 4.22 -11.09 -4.10
CA ILE A 45 3.20 -10.17 -3.68
C ILE A 45 2.33 -10.85 -2.65
N PHE A 46 2.33 -10.34 -1.43
CA PHE A 46 1.52 -10.90 -0.39
C PHE A 46 0.37 -9.98 -0.13
N ILE A 47 -0.82 -10.45 -0.35
CA ILE A 47 -1.98 -9.66 -0.14
C ILE A 47 -2.58 -9.98 1.19
N ALA A 48 -2.63 -8.98 2.00
CA ALA A 48 -3.13 -9.09 3.34
C ALA A 48 -4.60 -8.85 3.35
N THR A 49 -5.33 -9.84 3.74
CA THR A 49 -6.76 -9.72 3.85
C THR A 49 -7.19 -10.11 5.23
N SER A 50 -8.32 -9.66 5.63
CA SER A 50 -8.81 -9.98 6.94
C SER A 50 -9.98 -10.95 6.85
N PRO A 51 -10.23 -11.72 7.93
CA PRO A 51 -11.36 -12.67 7.98
C PRO A 51 -12.69 -11.94 7.86
N ASN A 52 -12.64 -10.64 8.12
CA ASN A 52 -13.82 -9.80 8.06
C ASN A 52 -14.07 -9.34 6.62
N THR A 53 -13.15 -9.64 5.72
CA THR A 53 -13.32 -9.23 4.35
C THR A 53 -12.84 -10.26 3.36
N PRO A 54 -13.45 -11.44 3.23
CA PRO A 54 -13.10 -12.21 2.14
C PRO A 54 -14.16 -12.09 1.10
N LYS A 55 -13.96 -11.08 0.44
CA LYS A 55 -14.82 -10.59 -0.60
C LYS A 55 -13.90 -9.91 -1.50
N THR A 56 -13.12 -9.07 -0.88
CA THR A 56 -11.96 -8.59 -1.47
C THR A 56 -11.07 -9.80 -1.69
N LYS A 57 -10.96 -10.64 -0.63
CA LYS A 57 -10.20 -11.86 -0.73
C LYS A 57 -10.77 -12.80 -1.78
N GLU A 58 -12.12 -13.06 -1.76
CA GLU A 58 -12.67 -13.95 -2.79
C GLU A 58 -12.40 -13.40 -4.21
N TYR A 59 -12.49 -12.06 -4.38
CA TYR A 59 -12.22 -11.45 -5.68
C TYR A 59 -10.79 -11.65 -6.10
N ILE A 60 -9.88 -11.34 -5.20
CA ILE A 60 -8.46 -11.41 -5.47
C ILE A 60 -8.04 -12.82 -5.77
N ASN A 61 -8.55 -13.73 -4.97
CA ASN A 61 -8.26 -15.13 -5.15
C ASN A 61 -8.72 -15.58 -6.53
N SER A 62 -9.88 -15.15 -6.91
CA SER A 62 -10.47 -15.47 -8.20
C SER A 62 -9.70 -14.78 -9.34
N ALA A 63 -9.31 -13.54 -9.10
CA ALA A 63 -8.61 -12.74 -10.09
C ALA A 63 -7.25 -13.32 -10.39
N TYR A 64 -6.61 -13.80 -9.36
CA TYR A 64 -5.27 -14.30 -9.47
C TYR A 64 -5.20 -15.78 -9.16
N LYS A 65 -6.17 -16.53 -9.67
CA LYS A 65 -6.21 -17.99 -9.49
C LYS A 65 -4.96 -18.65 -10.12
N ASP A 66 -4.33 -17.94 -11.04
CA ASP A 66 -3.14 -18.41 -11.74
C ASP A 66 -1.86 -17.94 -11.05
N TYR A 67 -2.00 -17.41 -9.84
CA TYR A 67 -0.87 -16.85 -9.06
C TYR A 67 0.42 -17.70 -9.09
N LYS A 68 1.51 -17.09 -9.55
CA LYS A 68 2.83 -17.71 -9.46
C LYS A 68 3.59 -17.05 -8.33
N ASN A 69 3.59 -15.72 -8.35
CA ASN A 69 4.30 -14.92 -7.36
C ASN A 69 3.34 -14.18 -6.45
N ILE A 70 2.09 -14.53 -6.54
CA ILE A 70 1.07 -13.87 -5.75
C ILE A 70 0.61 -14.78 -4.63
N VAL A 71 0.72 -14.29 -3.43
CA VAL A 71 0.36 -15.03 -2.24
C VAL A 71 -0.64 -14.25 -1.43
N VAL A 72 -1.66 -14.92 -0.99
CA VAL A 72 -2.69 -14.27 -0.20
C VAL A 72 -2.57 -14.70 1.25
N ILE A 73 -2.61 -13.73 2.14
CA ILE A 73 -2.45 -14.01 3.55
C ILE A 73 -3.57 -13.42 4.35
N ASP A 74 -3.76 -13.99 5.48
CA ASP A 74 -4.80 -13.61 6.36
C ASP A 74 -4.21 -12.97 7.57
N THR A 75 -4.76 -11.85 7.96
CA THR A 75 -4.23 -11.13 9.09
C THR A 75 -5.23 -10.10 9.67
N SER A 76 -4.71 -9.29 10.56
CA SER A 76 -5.43 -8.29 11.34
C SER A 76 -5.94 -7.10 10.52
N GLY A 77 -5.70 -7.12 9.18
CA GLY A 77 -6.00 -5.99 8.21
C GLY A 77 -7.18 -5.09 8.53
N LYS A 78 -8.08 -5.57 9.33
CA LYS A 78 -9.16 -4.77 9.86
C LYS A 78 -8.55 -3.55 10.59
N GLY A 79 -7.38 -3.79 11.21
CA GLY A 79 -6.61 -2.73 11.85
C GLY A 79 -5.22 -2.65 11.19
N TYR A 80 -4.85 -1.47 10.73
CA TYR A 80 -3.61 -1.28 9.93
C TYR A 80 -2.33 -1.68 10.68
N ILE A 81 -2.17 -1.17 11.89
CA ILE A 81 -0.95 -1.42 12.66
C ILE A 81 -0.85 -2.87 13.03
N GLU A 82 -1.96 -3.37 13.49
CA GLU A 82 -2.06 -4.75 13.93
C GLU A 82 -1.76 -5.71 12.80
N ASP A 83 -2.30 -5.40 11.63
CA ASP A 83 -2.01 -6.20 10.42
C ASP A 83 -0.53 -6.22 10.16
N LEU A 84 0.06 -5.04 10.14
CA LEU A 84 1.46 -4.89 9.89
C LEU A 84 2.27 -5.67 10.90
N ASN A 85 1.87 -5.57 12.14
CA ASN A 85 2.56 -6.30 13.20
C ASN A 85 2.48 -7.81 12.99
N GLU A 86 1.34 -8.30 12.55
CA GLU A 86 1.20 -9.73 12.30
C GLU A 86 2.08 -10.11 11.12
N CYS A 87 2.03 -9.28 10.09
CA CYS A 87 2.82 -9.49 8.89
C CYS A 87 4.33 -9.42 9.14
N ILE A 88 4.77 -8.46 9.95
CA ILE A 88 6.19 -8.35 10.24
C ILE A 88 6.66 -9.54 11.05
N GLY A 89 5.79 -10.06 11.92
CA GLY A 89 6.10 -11.28 12.63
C GLY A 89 6.16 -12.47 11.67
N TYR A 90 5.23 -12.48 10.71
CA TYR A 90 5.10 -13.53 9.70
C TYR A 90 6.36 -13.65 8.80
N PHE A 91 6.81 -12.51 8.27
CA PHE A 91 7.95 -12.51 7.36
C PHE A 91 9.27 -12.75 8.07
N SER A 92 10.20 -13.38 7.38
CA SER A 92 11.51 -13.68 7.93
C SER A 92 12.53 -12.62 7.52
N GLU A 93 12.13 -11.73 6.62
CA GLU A 93 13.02 -10.69 6.13
C GLU A 93 12.17 -9.46 5.70
N PRO A 94 12.80 -8.31 5.33
CA PRO A 94 12.06 -7.06 5.09
C PRO A 94 11.19 -7.10 3.84
N PHE A 95 10.09 -6.36 3.91
CA PHE A 95 9.10 -6.33 2.85
C PHE A 95 8.45 -4.95 2.72
N LEU A 96 7.83 -4.71 1.59
CA LEU A 96 7.11 -3.47 1.32
C LEU A 96 5.71 -3.48 1.86
N VAL A 97 5.26 -2.31 2.20
CA VAL A 97 3.93 -2.08 2.74
C VAL A 97 3.19 -1.07 1.84
N VAL A 98 1.97 -1.40 1.42
CA VAL A 98 1.21 -0.47 0.58
C VAL A 98 -0.20 -0.30 1.11
N SER A 99 -0.85 0.74 0.65
CA SER A 99 -2.24 0.97 0.96
C SER A 99 -3.07 0.50 -0.23
N SER A 100 -4.25 -0.02 0.05
CA SER A 100 -5.12 -0.60 -0.97
C SER A 100 -5.63 0.44 -1.97
N ASP A 101 -5.60 1.69 -1.60
CA ASP A 101 -6.16 2.77 -2.41
C ASP A 101 -5.10 3.64 -3.11
N LEU A 102 -3.85 3.19 -3.15
CA LEU A 102 -2.81 3.97 -3.80
C LEU A 102 -2.95 3.93 -5.31
N ILE A 103 -3.24 5.09 -5.91
CA ILE A 103 -3.36 5.18 -7.35
C ILE A 103 -2.38 6.20 -7.89
N ASN A 104 -1.44 5.74 -8.72
CA ASN A 104 -0.42 6.59 -9.35
C ASN A 104 0.55 5.69 -10.09
N LEU A 105 1.41 6.26 -10.89
CA LEU A 105 2.45 5.51 -11.57
C LEU A 105 3.56 5.24 -10.57
N LYS A 106 3.29 4.33 -9.67
CA LYS A 106 4.18 3.97 -8.59
C LYS A 106 5.25 2.99 -9.00
N SER A 107 5.21 2.54 -10.24
CA SER A 107 6.16 1.54 -10.73
C SER A 107 7.61 2.02 -10.59
N LYS A 108 7.82 3.27 -10.90
CA LYS A 108 9.14 3.88 -10.78
C LYS A 108 9.49 4.06 -9.32
N ILE A 109 8.49 4.45 -8.60
CA ILE A 109 8.59 4.80 -7.19
C ILE A 109 9.01 3.61 -6.37
N ILE A 110 8.49 2.45 -6.71
CA ILE A 110 8.79 1.20 -6.01
C ILE A 110 10.28 0.93 -6.04
N ASN A 111 10.87 1.07 -7.21
CA ASN A 111 12.31 0.90 -7.36
C ASN A 111 13.06 1.97 -6.56
N SER A 112 12.54 3.19 -6.60
CA SER A 112 13.14 4.31 -5.86
C SER A 112 13.12 4.04 -4.36
N ILE A 113 12.06 3.41 -3.87
CA ILE A 113 11.92 3.09 -2.46
C ILE A 113 13.05 2.19 -2.02
N VAL A 114 13.28 1.15 -2.82
CA VAL A 114 14.31 0.18 -2.54
C VAL A 114 15.68 0.84 -2.59
N ASP A 115 15.90 1.66 -3.61
CA ASP A 115 17.17 2.36 -3.78
C ASP A 115 17.46 3.27 -2.59
N TYR A 116 16.46 4.05 -2.19
CA TYR A 116 16.62 5.00 -1.09
C TYR A 116 16.87 4.28 0.23
N PHE A 117 16.04 3.27 0.52
CA PHE A 117 16.17 2.49 1.73
C PHE A 117 17.54 1.82 1.80
N TYR A 118 17.93 1.18 0.71
CA TYR A 118 19.23 0.54 0.63
C TYR A 118 20.37 1.52 0.80
N CYS A 119 20.19 2.72 0.28
CA CYS A 119 21.21 3.73 0.39
C CYS A 119 21.45 4.07 1.85
N ILE A 120 20.36 4.28 2.57
CA ILE A 120 20.43 4.64 3.98
C ILE A 120 21.02 3.52 4.81
N LYS A 121 20.50 2.31 4.64
CA LYS A 121 20.97 1.17 5.41
C LYS A 121 22.41 0.80 5.08
N ALA A 122 22.83 1.11 3.87
CA ALA A 122 24.20 0.88 3.47
C ALA A 122 25.16 1.67 4.35
N LYS A 123 24.81 2.91 4.64
CA LYS A 123 25.63 3.72 5.50
C LYS A 123 25.31 3.41 6.98
N THR A 124 24.02 3.24 7.25
CA THR A 124 23.55 2.99 8.60
C THR A 124 22.61 1.78 8.62
N PRO A 125 23.13 0.60 9.01
CA PRO A 125 22.33 -0.66 9.03
C PRO A 125 21.25 -0.65 10.11
N ASP A 126 21.30 0.36 10.98
CA ASP A 126 20.36 0.52 12.08
C ASP A 126 18.93 0.68 11.57
N VAL A 127 18.76 1.31 10.42
CA VAL A 127 17.44 1.52 9.86
C VAL A 127 16.89 0.21 9.28
N GLU A 128 15.71 -0.18 9.74
CA GLU A 128 15.09 -1.40 9.28
C GLU A 128 13.76 -1.13 8.59
N ALA A 129 13.37 0.12 8.54
CA ALA A 129 12.11 0.49 7.92
C ALA A 129 12.21 1.84 7.23
N LEU A 130 11.37 2.03 6.23
CA LEU A 130 11.37 3.27 5.45
C LEU A 130 9.94 3.73 5.25
N ALA A 131 9.70 4.98 5.50
CA ALA A 131 8.37 5.53 5.37
C ALA A 131 8.35 6.62 4.34
N VAL A 132 7.45 6.50 3.41
CA VAL A 132 7.25 7.53 2.43
C VAL A 132 5.97 8.23 2.72
N MET A 133 6.08 9.46 3.12
CA MET A 133 4.96 10.26 3.51
C MET A 133 5.18 11.69 3.13
N ILE A 134 4.11 12.42 3.03
CA ILE A 134 4.17 13.81 2.69
C ILE A 134 3.28 14.62 3.60
N PRO A 135 3.54 15.93 3.75
CA PRO A 135 2.72 16.80 4.59
C PRO A 135 1.25 16.81 4.15
N LYS A 136 0.36 16.80 5.12
CA LYS A 136 -1.09 16.85 4.86
C LYS A 136 -1.43 18.12 4.09
N GLU A 137 -0.61 19.14 4.27
CA GLU A 137 -0.82 20.44 3.67
C GLU A 137 -0.87 20.34 2.14
N LYS A 138 -0.05 19.49 1.56
CA LYS A 138 -0.03 19.30 0.11
C LYS A 138 -0.93 18.15 -0.31
N TYR A 139 -1.19 17.25 0.63
CA TYR A 139 -2.00 16.08 0.36
C TYR A 139 -3.50 16.46 0.30
N PRO A 140 -4.20 16.05 -0.77
CA PRO A 140 -5.62 16.39 -0.98
C PRO A 140 -6.60 15.53 -0.15
N ASN A 141 -6.35 15.45 1.17
CA ASN A 141 -7.23 14.71 2.13
C ASN A 141 -7.34 13.22 1.79
N PRO A 142 -6.70 12.38 2.61
CA PRO A 142 -6.68 10.92 2.40
C PRO A 142 -8.00 10.27 2.79
N SER A 143 -8.77 10.95 3.59
CA SER A 143 -10.04 10.44 4.05
C SER A 143 -10.84 11.60 4.63
N ILE A 144 -11.99 11.29 5.18
CA ILE A 144 -12.82 12.30 5.83
C ILE A 144 -12.05 12.90 7.00
N ASP A 145 -11.43 12.01 7.76
CA ASP A 145 -10.57 12.40 8.87
C ASP A 145 -9.14 11.95 8.57
N PHE A 146 -8.17 12.69 9.06
CA PHE A 146 -6.78 12.35 8.81
C PHE A 146 -6.26 11.31 9.81
N ASN A 147 -5.21 10.62 9.43
CA ASN A 147 -4.65 9.53 10.24
C ASN A 147 -3.43 10.02 11.03
N GLY A 148 -3.37 11.32 11.28
CA GLY A 148 -2.23 11.91 11.96
C GLY A 148 -1.18 12.32 10.95
N LEU A 149 -0.74 11.36 10.18
CA LEU A 149 0.20 11.58 9.11
C LEU A 149 -0.34 10.89 7.88
N VAL A 150 0.10 11.30 6.72
CA VAL A 150 -0.41 10.72 5.50
C VAL A 150 0.69 10.11 4.65
N PRO A 151 0.55 8.81 4.31
CA PRO A 151 1.52 8.11 3.47
C PRO A 151 1.45 8.62 2.03
N ALA A 152 2.59 8.61 1.36
CA ALA A 152 2.65 9.11 0.00
C ALA A 152 2.96 8.01 -1.00
N GLY A 153 3.13 6.79 -0.53
CA GLY A 153 3.46 5.72 -1.44
C GLY A 153 3.71 4.40 -0.76
N ILE A 154 4.88 3.85 -1.00
CA ILE A 154 5.25 2.55 -0.52
C ILE A 154 6.15 2.65 0.69
N ASN A 155 5.86 1.81 1.64
CA ASN A 155 6.58 1.77 2.90
C ASN A 155 7.42 0.49 3.00
N VAL A 156 8.46 0.52 3.81
CA VAL A 156 9.34 -0.61 4.03
C VAL A 156 9.39 -0.98 5.48
N VAL A 157 9.21 -2.24 5.78
CA VAL A 157 9.31 -2.72 7.15
C VAL A 157 10.15 -3.99 7.23
N SER A 158 10.78 -4.17 8.36
CA SER A 158 11.56 -5.33 8.66
C SER A 158 10.75 -6.34 9.49
N PRO A 159 11.20 -7.61 9.59
CA PRO A 159 10.54 -8.62 10.40
C PRO A 159 10.79 -8.43 11.90
N LYS A 160 10.12 -7.46 12.48
CA LYS A 160 10.30 -7.15 13.89
C LYS A 160 9.01 -7.38 14.66
N HIS A 161 9.01 -6.98 15.91
CA HIS A 161 7.82 -7.04 16.74
C HIS A 161 7.57 -5.68 17.36
N GLY A 162 6.34 -5.21 17.27
CA GLY A 162 6.02 -3.89 17.78
C GLY A 162 6.38 -2.80 16.81
N TYR A 163 7.34 -1.97 17.19
CA TYR A 163 7.79 -0.86 16.35
C TYR A 163 9.31 -0.90 16.22
N GLN A 164 9.81 -0.51 15.06
CA GLN A 164 11.23 -0.52 14.81
C GLN A 164 11.70 0.77 14.14
N LYS A 165 13.02 0.98 14.10
CA LYS A 165 13.61 2.18 13.51
C LYS A 165 13.16 2.34 12.06
N GLU A 166 12.65 3.51 11.76
CA GLU A 166 12.11 3.80 10.44
C GLU A 166 12.55 5.19 9.99
N GLU A 167 12.98 5.29 8.74
CA GLU A 167 13.36 6.58 8.18
C GLU A 167 12.25 7.22 7.44
N ILE A 168 12.40 8.48 7.21
CA ILE A 168 11.34 9.27 6.60
C ILE A 168 11.76 9.87 5.27
N MET A 169 10.93 9.67 4.28
CA MET A 169 11.15 10.26 2.97
C MET A 169 9.89 10.98 2.50
N VAL A 170 10.07 12.21 2.05
CA VAL A 170 8.98 13.03 1.57
C VAL A 170 9.13 13.23 0.07
N ILE A 171 8.06 13.02 -0.66
CA ILE A 171 8.10 13.06 -2.12
C ILE A 171 7.22 14.16 -2.69
N ASP A 172 7.38 14.39 -3.98
CA ASP A 172 6.65 15.41 -4.70
C ASP A 172 5.40 14.82 -5.35
N GLU A 173 5.14 13.55 -5.12
CA GLU A 173 4.00 12.90 -5.74
C GLU A 173 2.82 12.79 -4.83
N LEU A 174 1.71 13.19 -5.37
CA LEU A 174 0.44 13.11 -4.72
C LEU A 174 -0.29 11.86 -5.15
N ILE A 175 -1.08 11.34 -4.28
CA ILE A 175 -1.89 10.19 -4.57
C ILE A 175 -3.34 10.50 -4.32
N PHE A 176 -4.18 10.03 -5.18
CA PHE A 176 -5.60 10.24 -5.04
C PHE A 176 -6.27 8.90 -4.78
N ASN A 177 -7.03 8.87 -3.71
CA ASN A 177 -7.67 7.64 -3.29
C ASN A 177 -9.18 7.77 -3.29
N ILE A 178 -9.66 8.75 -4.03
CA ILE A 178 -11.08 8.97 -4.28
C ILE A 178 -11.82 9.59 -3.10
N ASN A 179 -12.40 8.75 -2.24
CA ASN A 179 -13.23 9.19 -1.10
C ASN A 179 -14.58 9.79 -1.53
N THR A 180 -14.60 10.52 -2.64
CA THR A 180 -15.83 11.17 -3.09
C THR A 180 -16.13 10.85 -4.55
N LYS A 181 -17.39 11.08 -4.95
CA LYS A 181 -17.82 10.87 -6.33
C LYS A 181 -17.02 11.76 -7.28
N ASP A 182 -16.75 12.98 -6.85
CA ASP A 182 -15.99 13.93 -7.66
C ASP A 182 -14.61 13.40 -7.98
N ASP A 183 -13.93 12.92 -6.95
CA ASP A 183 -12.60 12.36 -7.12
C ASP A 183 -12.65 11.09 -7.95
N LEU A 184 -13.71 10.32 -7.76
CA LEU A 184 -13.90 9.06 -8.49
C LEU A 184 -13.96 9.32 -10.00
N LYS A 185 -14.79 10.27 -10.39
CA LYS A 185 -14.93 10.62 -11.80
C LYS A 185 -13.64 11.23 -12.32
N LEU A 186 -13.02 12.07 -11.49
CA LEU A 186 -11.77 12.72 -11.84
C LEU A 186 -10.70 11.68 -12.11
N ALA A 187 -10.64 10.68 -11.25
CA ALA A 187 -9.67 9.60 -11.39
C ALA A 187 -9.87 8.87 -12.69
N GLU A 188 -11.13 8.59 -13.04
CA GLU A 188 -11.45 7.93 -14.30
C GLU A 188 -10.97 8.78 -15.47
N MET A 189 -11.26 10.07 -15.39
CA MET A 189 -10.88 11.02 -16.42
C MET A 189 -9.38 11.12 -16.55
N LEU A 190 -8.68 11.17 -15.42
CA LEU A 190 -7.24 11.26 -15.41
C LEU A 190 -6.60 10.01 -16.00
N LEU A 191 -7.14 8.86 -15.64
CA LEU A 191 -6.63 7.59 -16.16
C LEU A 191 -6.77 7.55 -17.65
N LYS A 192 -7.90 8.00 -18.13
CA LYS A 192 -8.17 8.11 -19.55
C LYS A 192 -7.23 9.13 -20.19
N LYS A 193 -7.03 10.24 -19.52
CA LYS A 193 -6.21 11.35 -20.00
C LYS A 193 -4.74 10.94 -20.20
N ASP A 194 -4.17 10.21 -19.25
CA ASP A 194 -2.76 9.82 -19.34
C ASP A 194 -2.59 8.46 -19.98
N GLY A 195 -3.60 7.62 -19.88
CA GLY A 195 -3.52 6.29 -20.44
C GLY A 195 -4.00 6.21 -21.87
N LEU A 196 -4.66 7.26 -22.34
CA LEU A 196 -5.19 7.33 -23.68
C LEU A 196 -6.03 6.09 -24.01
N MET A 1 12.87 -9.12 -0.68
CA MET A 1 11.73 -8.28 -0.22
C MET A 1 10.44 -8.71 -0.89
N ASP A 2 9.39 -8.78 -0.10
CA ASP A 2 8.06 -9.10 -0.60
C ASP A 2 7.16 -7.91 -0.40
N ALA A 3 6.03 -7.91 -1.04
CA ALA A 3 5.13 -6.78 -0.93
C ALA A 3 3.86 -7.15 -0.22
N LEU A 4 3.53 -6.39 0.79
CA LEU A 4 2.33 -6.61 1.54
C LEU A 4 1.30 -5.59 1.13
N ILE A 5 0.17 -6.06 0.73
CA ILE A 5 -0.91 -5.19 0.38
C ILE A 5 -2.05 -5.47 1.30
N MET A 6 -2.28 -4.58 2.23
CA MET A 6 -3.25 -4.82 3.29
C MET A 6 -4.60 -4.16 3.04
N ALA A 7 -5.49 -4.98 2.59
CA ALA A 7 -6.86 -4.61 2.35
C ALA A 7 -7.76 -5.43 3.27
N GLY A 8 -8.14 -4.83 4.37
CA GLY A 8 -8.95 -5.52 5.34
C GLY A 8 -9.90 -4.60 6.09
N GLY A 9 -10.70 -3.86 5.36
CA GLY A 9 -11.70 -3.00 5.98
C GLY A 9 -11.13 -1.78 6.68
N LYS A 10 -10.17 -1.12 6.06
CA LYS A 10 -9.60 0.09 6.63
C LYS A 10 -10.69 1.15 6.78
N GLY A 11 -11.13 1.39 8.01
CA GLY A 11 -12.19 2.36 8.25
C GLY A 11 -13.56 1.81 7.90
N THR A 12 -13.67 0.49 7.82
CA THR A 12 -14.92 -0.15 7.46
C THR A 12 -15.45 -1.01 8.60
N ARG A 13 -16.74 -0.89 8.89
CA ARG A 13 -17.38 -1.68 9.92
C ARG A 13 -18.57 -2.46 9.34
N MET A 14 -19.69 -1.76 9.16
CA MET A 14 -20.93 -2.34 8.65
C MET A 14 -20.83 -2.69 7.15
N GLY A 15 -20.15 -1.85 6.40
CA GLY A 15 -20.08 -2.03 4.96
C GLY A 15 -19.24 -3.22 4.53
N GLY A 16 -19.27 -3.52 3.24
CA GLY A 16 -18.52 -4.62 2.70
C GLY A 16 -17.15 -4.19 2.22
N VAL A 17 -16.70 -3.05 2.76
CA VAL A 17 -15.40 -2.46 2.43
C VAL A 17 -15.38 -1.94 1.00
N GLU A 18 -16.29 -1.02 0.72
CA GLU A 18 -16.39 -0.42 -0.59
C GLU A 18 -15.34 0.68 -0.76
N LYS A 19 -14.08 0.27 -0.75
CA LYS A 19 -12.99 1.20 -0.94
C LYS A 19 -11.89 0.59 -1.83
N PRO A 20 -11.22 -0.51 -1.40
CA PRO A 20 -10.17 -1.13 -2.21
C PRO A 20 -10.74 -1.80 -3.46
N LEU A 21 -12.04 -2.07 -3.44
CA LEU A 21 -12.67 -2.73 -4.55
C LEU A 21 -13.32 -1.73 -5.51
N ILE A 22 -13.09 -0.45 -5.27
CA ILE A 22 -13.62 0.54 -6.16
C ILE A 22 -12.84 0.51 -7.44
N LYS A 23 -13.54 0.24 -8.48
CA LYS A 23 -12.97 0.14 -9.79
C LYS A 23 -13.18 1.39 -10.57
N LEU A 24 -12.16 1.77 -11.27
CA LEU A 24 -12.15 2.99 -12.01
C LEU A 24 -11.54 2.78 -13.38
N CYS A 25 -12.34 2.96 -14.43
CA CYS A 25 -11.89 2.78 -15.82
C CYS A 25 -11.39 1.36 -16.10
N GLY A 26 -11.78 0.41 -15.26
CA GLY A 26 -11.34 -0.95 -15.48
C GLY A 26 -11.34 -1.81 -14.23
N ARG A 27 -10.23 -1.81 -13.50
CA ARG A 27 -10.07 -2.68 -12.36
C ARG A 27 -10.23 -1.94 -11.05
N CYS A 28 -10.30 -2.70 -9.99
CA CYS A 28 -10.46 -2.17 -8.66
C CYS A 28 -9.13 -1.61 -8.15
N LEU A 29 -9.18 -0.80 -7.09
CA LEU A 29 -7.98 -0.15 -6.53
C LEU A 29 -6.97 -1.19 -6.08
N ILE A 30 -7.45 -2.28 -5.51
CA ILE A 30 -6.58 -3.35 -5.07
C ILE A 30 -5.74 -3.89 -6.24
N ASP A 31 -6.38 -4.13 -7.38
CA ASP A 31 -5.70 -4.66 -8.55
C ASP A 31 -4.72 -3.66 -9.10
N TYR A 32 -5.12 -2.40 -9.13
CA TYR A 32 -4.27 -1.34 -9.63
C TYR A 32 -3.02 -1.22 -8.75
N VAL A 33 -3.17 -1.48 -7.46
CA VAL A 33 -2.05 -1.52 -6.56
C VAL A 33 -1.17 -2.76 -6.81
N VAL A 34 -1.83 -3.90 -7.01
CA VAL A 34 -1.16 -5.18 -7.23
C VAL A 34 -0.33 -5.20 -8.52
N SER A 35 -0.90 -4.67 -9.60
CA SER A 35 -0.27 -4.74 -10.91
C SER A 35 1.20 -4.23 -10.94
N PRO A 36 1.49 -2.98 -10.48
CA PRO A 36 2.86 -2.47 -10.46
C PRO A 36 3.76 -3.23 -9.49
N LEU A 37 3.20 -3.57 -8.33
CA LEU A 37 3.97 -4.29 -7.33
C LEU A 37 4.34 -5.68 -7.80
N LEU A 38 3.43 -6.36 -8.44
CA LEU A 38 3.69 -7.68 -8.96
C LEU A 38 4.80 -7.63 -10.02
N LYS A 39 4.71 -6.69 -10.93
CA LYS A 39 5.70 -6.54 -12.00
C LYS A 39 7.01 -5.89 -11.50
N SER A 40 6.98 -5.32 -10.29
CA SER A 40 8.13 -4.61 -9.77
C SER A 40 9.24 -5.57 -9.32
N LYS A 41 10.29 -4.98 -8.81
CA LYS A 41 11.46 -5.67 -8.35
C LYS A 41 11.14 -6.68 -7.22
N VAL A 42 10.05 -6.43 -6.50
CA VAL A 42 9.67 -7.23 -5.36
C VAL A 42 9.36 -8.70 -5.74
N ASN A 43 9.51 -9.60 -4.76
CA ASN A 43 9.31 -11.03 -4.98
C ASN A 43 7.83 -11.44 -5.05
N ASN A 44 7.22 -11.70 -3.89
CA ASN A 44 5.83 -12.12 -3.87
C ASN A 44 4.92 -11.04 -3.35
N ILE A 45 3.66 -11.12 -3.72
CA ILE A 45 2.67 -10.18 -3.30
C ILE A 45 1.75 -10.84 -2.29
N PHE A 46 1.77 -10.35 -1.08
CA PHE A 46 0.93 -10.89 -0.04
C PHE A 46 -0.16 -9.91 0.28
N ILE A 47 -1.39 -10.33 0.13
CA ILE A 47 -2.50 -9.48 0.42
C ILE A 47 -3.10 -9.82 1.73
N ALA A 48 -3.07 -8.86 2.60
CA ALA A 48 -3.55 -9.01 3.96
C ALA A 48 -5.02 -8.71 4.03
N THR A 49 -5.77 -9.64 4.58
CA THR A 49 -7.20 -9.50 4.75
C THR A 49 -7.62 -9.91 6.15
N SER A 50 -8.86 -9.65 6.48
CA SER A 50 -9.38 -10.01 7.79
C SER A 50 -10.67 -10.83 7.66
N PRO A 51 -10.96 -11.72 8.64
CA PRO A 51 -12.16 -12.58 8.64
C PRO A 51 -13.44 -11.77 8.60
N ASN A 52 -13.36 -10.56 9.11
CA ASN A 52 -14.50 -9.67 9.17
C ASN A 52 -14.63 -8.86 7.89
N THR A 53 -13.78 -9.16 6.93
CA THR A 53 -13.82 -8.48 5.66
C THR A 53 -13.57 -9.43 4.51
N PRO A 54 -14.43 -10.39 4.23
CA PRO A 54 -14.23 -11.09 3.06
C PRO A 54 -15.23 -10.71 2.04
N LYS A 55 -14.83 -9.74 1.39
CA LYS A 55 -15.48 -9.11 0.28
C LYS A 55 -14.39 -8.58 -0.48
N THR A 56 -13.56 -7.88 0.25
CA THR A 56 -12.29 -7.58 -0.23
C THR A 56 -11.58 -8.91 -0.38
N LYS A 57 -11.65 -9.75 0.68
CA LYS A 57 -11.04 -11.07 0.63
C LYS A 57 -11.71 -11.94 -0.40
N GLU A 58 -13.06 -12.08 -0.38
CA GLU A 58 -13.66 -12.92 -1.41
C GLU A 58 -13.39 -12.41 -2.83
N TYR A 59 -13.28 -11.08 -3.03
CA TYR A 59 -13.00 -10.57 -4.36
C TYR A 59 -11.58 -10.87 -4.77
N ILE A 60 -10.65 -10.50 -3.92
CA ILE A 60 -9.24 -10.63 -4.22
C ILE A 60 -8.83 -12.07 -4.40
N ASN A 61 -9.28 -12.89 -3.48
CA ASN A 61 -8.97 -14.30 -3.50
C ASN A 61 -9.46 -14.94 -4.80
N SER A 62 -10.66 -14.57 -5.21
CA SER A 62 -11.24 -15.07 -6.45
C SER A 62 -10.52 -14.47 -7.66
N ALA A 63 -10.22 -13.18 -7.59
CA ALA A 63 -9.59 -12.46 -8.68
C ALA A 63 -8.23 -13.01 -8.98
N TYR A 64 -7.53 -13.38 -7.94
CA TYR A 64 -6.18 -13.84 -8.08
C TYR A 64 -6.06 -15.34 -7.87
N LYS A 65 -7.09 -16.08 -8.25
CA LYS A 65 -7.05 -17.55 -8.18
C LYS A 65 -5.95 -18.09 -9.12
N ASP A 66 -5.55 -17.25 -10.07
CA ASP A 66 -4.50 -17.56 -11.04
C ASP A 66 -3.13 -17.15 -10.51
N TYR A 67 -3.08 -16.80 -9.23
CA TYR A 67 -1.87 -16.30 -8.57
C TYR A 67 -0.62 -17.12 -8.89
N LYS A 68 0.41 -16.43 -9.32
CA LYS A 68 1.70 -17.04 -9.53
C LYS A 68 2.63 -16.69 -8.39
N ASN A 69 2.71 -15.42 -8.12
CA ASN A 69 3.51 -14.86 -7.03
C ASN A 69 2.62 -14.13 -6.03
N ILE A 70 1.35 -14.38 -6.10
CA ILE A 70 0.39 -13.70 -5.24
C ILE A 70 -0.13 -14.63 -4.16
N VAL A 71 -0.09 -14.18 -2.95
CA VAL A 71 -0.54 -14.94 -1.82
C VAL A 71 -1.52 -14.12 -1.00
N VAL A 72 -2.63 -14.71 -0.66
CA VAL A 72 -3.62 -14.04 0.16
C VAL A 72 -3.45 -14.52 1.59
N ILE A 73 -3.35 -13.60 2.51
CA ILE A 73 -3.10 -13.95 3.88
C ILE A 73 -4.15 -13.37 4.81
N ASP A 74 -4.28 -14.00 5.94
CA ASP A 74 -5.24 -13.59 6.95
C ASP A 74 -4.53 -12.96 8.10
N THR A 75 -5.03 -11.86 8.54
CA THR A 75 -4.41 -11.11 9.60
C THR A 75 -5.39 -10.12 10.26
N SER A 76 -4.83 -9.31 11.12
CA SER A 76 -5.49 -8.31 11.95
C SER A 76 -5.86 -7.03 11.18
N GLY A 77 -5.62 -7.05 9.85
CA GLY A 77 -5.72 -5.89 8.88
C GLY A 77 -6.71 -4.80 9.21
N LYS A 78 -7.70 -5.10 9.98
CA LYS A 78 -8.60 -4.12 10.48
C LYS A 78 -7.79 -3.06 11.27
N GLY A 79 -6.78 -3.56 11.98
CA GLY A 79 -5.86 -2.71 12.70
C GLY A 79 -4.51 -2.72 12.02
N TYR A 80 -4.03 -1.54 11.64
CA TYR A 80 -2.81 -1.43 10.83
C TYR A 80 -1.58 -2.03 11.51
N ILE A 81 -1.33 -1.64 12.74
CA ILE A 81 -0.15 -2.12 13.47
C ILE A 81 -0.28 -3.59 13.77
N GLU A 82 -1.46 -3.95 14.19
CA GLU A 82 -1.76 -5.34 14.55
C GLU A 82 -1.56 -6.26 13.35
N ASP A 83 -2.01 -5.80 12.20
CA ASP A 83 -1.82 -6.53 10.95
C ASP A 83 -0.36 -6.71 10.67
N LEU A 84 0.38 -5.61 10.75
CA LEU A 84 1.80 -5.63 10.52
C LEU A 84 2.46 -6.60 11.45
N ASN A 85 2.04 -6.61 12.68
CA ASN A 85 2.59 -7.53 13.68
C ASN A 85 2.34 -8.99 13.28
N GLU A 86 1.15 -9.30 12.80
CA GLU A 86 0.86 -10.66 12.37
C GLU A 86 1.73 -10.99 11.16
N CYS A 87 1.79 -10.04 10.24
CA CYS A 87 2.58 -10.18 9.03
C CYS A 87 4.09 -10.33 9.30
N ILE A 88 4.63 -9.54 10.23
CA ILE A 88 6.05 -9.64 10.55
C ILE A 88 6.34 -11.00 11.14
N GLY A 89 5.35 -11.57 11.82
CA GLY A 89 5.48 -12.93 12.30
C GLY A 89 5.61 -13.91 11.13
N TYR A 90 4.85 -13.66 10.07
CA TYR A 90 4.84 -14.51 8.88
C TYR A 90 6.13 -14.40 8.05
N PHE A 91 6.68 -13.20 7.96
CA PHE A 91 7.85 -12.94 7.11
C PHE A 91 9.16 -13.08 7.86
N SER A 92 10.12 -13.73 7.23
CA SER A 92 11.44 -13.90 7.81
C SER A 92 12.43 -12.89 7.21
N GLU A 93 11.94 -12.13 6.23
CA GLU A 93 12.75 -11.13 5.53
C GLU A 93 12.00 -9.83 5.40
N PRO A 94 12.71 -8.71 5.15
CA PRO A 94 12.08 -7.40 5.03
C PRO A 94 11.13 -7.34 3.85
N PHE A 95 10.04 -6.62 4.03
CA PHE A 95 8.97 -6.57 3.06
C PHE A 95 8.33 -5.20 3.00
N LEU A 96 7.63 -4.95 1.92
CA LEU A 96 6.90 -3.71 1.72
C LEU A 96 5.55 -3.74 2.36
N VAL A 97 5.12 -2.59 2.76
CA VAL A 97 3.80 -2.38 3.35
C VAL A 97 3.07 -1.34 2.51
N VAL A 98 1.87 -1.66 2.02
CA VAL A 98 1.15 -0.68 1.19
C VAL A 98 -0.33 -0.60 1.55
N SER A 99 -0.92 0.51 1.20
CA SER A 99 -2.35 0.69 1.32
C SER A 99 -2.98 0.49 -0.06
N SER A 100 -4.16 -0.10 -0.08
CA SER A 100 -4.81 -0.49 -1.34
C SER A 100 -5.45 0.69 -2.09
N ASP A 101 -5.51 1.85 -1.47
CA ASP A 101 -6.14 3.01 -2.09
C ASP A 101 -5.13 4.07 -2.57
N LEU A 102 -3.85 3.71 -2.56
CA LEU A 102 -2.83 4.63 -3.03
C LEU A 102 -2.59 4.42 -4.52
N ILE A 103 -2.92 5.40 -5.34
CA ILE A 103 -2.79 5.26 -6.78
C ILE A 103 -1.94 6.38 -7.39
N ASN A 104 -1.03 5.98 -8.27
CA ASN A 104 -0.12 6.87 -8.99
C ASN A 104 0.75 5.98 -9.87
N LEU A 105 1.69 6.56 -10.60
CA LEU A 105 2.64 5.78 -11.38
C LEU A 105 3.71 5.24 -10.42
N LYS A 106 3.24 4.48 -9.46
CA LYS A 106 4.02 3.94 -8.35
C LYS A 106 5.05 2.92 -8.80
N SER A 107 5.02 2.51 -10.06
CA SER A 107 5.93 1.49 -10.58
C SER A 107 7.39 1.92 -10.40
N LYS A 108 7.66 3.17 -10.66
CA LYS A 108 8.98 3.73 -10.49
C LYS A 108 9.31 3.88 -9.02
N ILE A 109 8.29 4.26 -8.29
CA ILE A 109 8.42 4.61 -6.89
C ILE A 109 8.93 3.43 -6.10
N ILE A 110 8.42 2.27 -6.44
CA ILE A 110 8.74 1.02 -5.77
C ILE A 110 10.23 0.74 -5.83
N ASN A 111 10.77 0.87 -7.03
CA ASN A 111 12.19 0.65 -7.26
C ASN A 111 13.03 1.71 -6.53
N SER A 112 12.55 2.94 -6.56
CA SER A 112 13.23 4.06 -5.90
C SER A 112 13.32 3.83 -4.40
N ILE A 113 12.28 3.24 -3.83
CA ILE A 113 12.23 2.96 -2.40
C ILE A 113 13.35 2.01 -2.03
N VAL A 114 13.50 0.97 -2.83
CA VAL A 114 14.51 -0.02 -2.61
C VAL A 114 15.89 0.61 -2.70
N ASP A 115 16.08 1.45 -3.71
CA ASP A 115 17.35 2.14 -3.90
C ASP A 115 17.67 3.03 -2.69
N TYR A 116 16.69 3.80 -2.27
CA TYR A 116 16.86 4.73 -1.14
C TYR A 116 17.13 3.97 0.16
N PHE A 117 16.34 2.94 0.42
CA PHE A 117 16.50 2.12 1.61
C PHE A 117 17.90 1.52 1.66
N TYR A 118 18.35 0.97 0.54
CA TYR A 118 19.69 0.43 0.42
C TYR A 118 20.76 1.51 0.63
N CYS A 119 20.51 2.71 0.12
CA CYS A 119 21.45 3.80 0.26
C CYS A 119 21.65 4.14 1.73
N ILE A 120 20.55 4.16 2.47
CA ILE A 120 20.60 4.48 3.88
C ILE A 120 21.32 3.41 4.66
N LYS A 121 20.96 2.17 4.42
CA LYS A 121 21.55 1.07 5.16
C LYS A 121 23.04 0.94 4.87
N ALA A 122 23.45 1.42 3.70
CA ALA A 122 24.86 1.43 3.35
C ALA A 122 25.66 2.33 4.31
N LYS A 123 25.11 3.51 4.62
CA LYS A 123 25.77 4.42 5.55
C LYS A 123 25.44 4.05 7.00
N THR A 124 24.20 3.68 7.22
CA THR A 124 23.71 3.32 8.53
C THR A 124 22.97 1.97 8.45
N PRO A 125 23.66 0.87 8.75
CA PRO A 125 23.06 -0.48 8.68
C PRO A 125 22.00 -0.70 9.77
N ASP A 126 21.99 0.21 10.73
CA ASP A 126 21.07 0.14 11.87
C ASP A 126 19.60 0.25 11.43
N VAL A 127 19.34 0.97 10.35
CA VAL A 127 17.99 1.14 9.85
C VAL A 127 17.40 -0.19 9.37
N GLU A 128 16.18 -0.48 9.78
CA GLU A 128 15.53 -1.71 9.40
C GLU A 128 14.18 -1.47 8.72
N ALA A 129 13.78 -0.21 8.64
CA ALA A 129 12.50 0.13 8.03
C ALA A 129 12.57 1.47 7.30
N LEU A 130 11.67 1.66 6.35
CA LEU A 130 11.64 2.86 5.52
C LEU A 130 10.19 3.32 5.36
N ALA A 131 9.98 4.60 5.46
CA ALA A 131 8.65 5.17 5.33
C ALA A 131 8.63 6.28 4.31
N VAL A 132 7.59 6.32 3.52
CA VAL A 132 7.41 7.38 2.56
C VAL A 132 6.22 8.19 2.95
N MET A 133 6.46 9.43 3.25
CA MET A 133 5.42 10.31 3.71
C MET A 133 5.66 11.71 3.21
N ILE A 134 4.58 12.45 3.07
CA ILE A 134 4.65 13.81 2.62
C ILE A 134 3.83 14.71 3.53
N PRO A 135 4.10 16.02 3.53
CA PRO A 135 3.33 16.96 4.33
C PRO A 135 1.86 16.90 3.97
N LYS A 136 1.00 16.85 4.99
CA LYS A 136 -0.43 16.76 4.78
C LYS A 136 -0.97 18.02 4.12
N GLU A 137 -0.18 19.08 4.15
CA GLU A 137 -0.54 20.35 3.54
C GLU A 137 -0.70 20.23 2.02
N LYS A 138 0.18 19.45 1.38
CA LYS A 138 0.10 19.26 -0.05
C LYS A 138 -0.71 18.01 -0.38
N TYR A 139 -0.90 17.20 0.63
CA TYR A 139 -1.67 15.97 0.50
C TYR A 139 -3.14 16.33 0.20
N PRO A 140 -3.73 15.76 -0.86
CA PRO A 140 -5.09 16.14 -1.29
C PRO A 140 -6.18 15.89 -0.25
N ASN A 141 -6.13 14.73 0.39
CA ASN A 141 -7.12 14.39 1.42
C ASN A 141 -6.75 13.08 2.12
N PRO A 142 -6.71 13.09 3.47
CA PRO A 142 -6.45 11.88 4.25
C PRO A 142 -7.50 10.80 3.99
N SER A 143 -7.06 9.56 3.83
CA SER A 143 -7.98 8.46 3.62
C SER A 143 -8.87 8.28 4.84
N ILE A 144 -8.24 8.25 6.01
CA ILE A 144 -8.94 8.14 7.29
C ILE A 144 -8.27 9.04 8.31
N ASP A 145 -9.07 9.57 9.25
CA ASP A 145 -8.58 10.46 10.31
C ASP A 145 -7.80 11.65 9.70
N PHE A 146 -6.90 12.24 10.47
CA PHE A 146 -6.06 13.31 9.97
C PHE A 146 -4.63 12.83 9.89
N ASN A 147 -4.29 11.89 10.80
CA ASN A 147 -2.96 11.26 10.88
C ASN A 147 -1.85 12.25 11.20
N GLY A 148 -0.92 11.82 12.08
CA GLY A 148 0.23 12.64 12.40
C GLY A 148 1.07 12.86 11.16
N LEU A 149 1.19 11.82 10.36
CA LEU A 149 1.89 11.86 9.11
C LEU A 149 1.11 11.07 8.09
N VAL A 150 1.21 11.47 6.85
CA VAL A 150 0.48 10.82 5.78
C VAL A 150 1.41 10.20 4.74
N PRO A 151 1.31 8.88 4.53
CA PRO A 151 2.13 8.17 3.55
C PRO A 151 1.74 8.51 2.12
N ALA A 152 2.73 8.57 1.24
CA ALA A 152 2.49 8.89 -0.16
C ALA A 152 2.90 7.76 -1.10
N GLY A 153 3.50 6.72 -0.56
CA GLY A 153 3.97 5.64 -1.40
C GLY A 153 3.88 4.30 -0.73
N ILE A 154 5.01 3.65 -0.60
CA ILE A 154 5.09 2.35 0.01
C ILE A 154 6.02 2.38 1.21
N ASN A 155 5.86 1.45 2.08
CA ASN A 155 6.64 1.38 3.31
C ASN A 155 7.49 0.11 3.34
N VAL A 156 8.61 0.16 4.02
CA VAL A 156 9.49 -1.00 4.15
C VAL A 156 9.67 -1.36 5.61
N VAL A 157 9.48 -2.61 5.94
CA VAL A 157 9.71 -3.08 7.30
C VAL A 157 10.48 -4.40 7.30
N SER A 158 11.25 -4.60 8.34
CA SER A 158 11.97 -5.82 8.56
C SER A 158 11.19 -6.71 9.56
N PRO A 159 11.50 -8.02 9.65
CA PRO A 159 10.85 -8.92 10.60
C PRO A 159 11.32 -8.67 12.04
N LYS A 160 10.85 -7.58 12.63
CA LYS A 160 11.20 -7.22 14.00
C LYS A 160 9.98 -7.27 14.89
N HIS A 161 10.14 -7.80 16.10
CA HIS A 161 9.05 -7.81 17.05
C HIS A 161 9.15 -6.60 17.95
N GLY A 162 8.25 -5.67 17.73
CA GLY A 162 8.24 -4.43 18.47
C GLY A 162 8.22 -3.27 17.52
N TYR A 163 9.13 -2.34 17.71
CA TYR A 163 9.25 -1.21 16.82
C TYR A 163 10.71 -0.97 16.54
N GLN A 164 11.03 -0.88 15.29
CA GLN A 164 12.41 -0.74 14.86
C GLN A 164 12.65 0.57 14.16
N LYS A 165 13.93 0.92 13.97
CA LYS A 165 14.29 2.17 13.34
C LYS A 165 13.74 2.24 11.94
N GLU A 166 12.93 3.23 11.71
CA GLU A 166 12.32 3.45 10.44
C GLU A 166 12.71 4.83 9.92
N GLU A 167 13.17 4.89 8.70
CA GLU A 167 13.60 6.15 8.14
C GLU A 167 12.52 6.81 7.40
N ILE A 168 12.71 8.06 7.20
CA ILE A 168 11.70 8.90 6.59
C ILE A 168 12.18 9.48 5.28
N MET A 169 11.39 9.27 4.26
CA MET A 169 11.63 9.86 2.97
C MET A 169 10.42 10.65 2.52
N VAL A 170 10.66 11.87 2.14
CA VAL A 170 9.61 12.75 1.71
C VAL A 170 9.70 12.94 0.21
N ILE A 171 8.60 12.75 -0.47
CA ILE A 171 8.53 12.87 -1.91
C ILE A 171 7.63 14.01 -2.30
N ASP A 172 7.55 14.29 -3.58
CA ASP A 172 6.69 15.35 -4.07
C ASP A 172 5.68 14.78 -5.06
N GLU A 173 5.43 13.49 -4.95
CA GLU A 173 4.48 12.83 -5.80
C GLU A 173 3.15 12.69 -5.10
N LEU A 174 2.12 13.09 -5.78
CA LEU A 174 0.78 13.11 -5.23
C LEU A 174 -0.01 11.88 -5.61
N ILE A 175 -0.81 11.44 -4.69
CA ILE A 175 -1.67 10.29 -4.87
C ILE A 175 -3.10 10.70 -4.64
N PHE A 176 -4.03 10.00 -5.23
CA PHE A 176 -5.43 10.29 -5.02
C PHE A 176 -6.10 9.17 -4.29
N ASN A 177 -6.39 9.40 -3.02
CA ASN A 177 -7.10 8.43 -2.20
C ASN A 177 -8.52 8.28 -2.66
N ILE A 178 -9.09 9.41 -3.10
CA ILE A 178 -10.45 9.49 -3.61
C ILE A 178 -11.48 9.20 -2.52
N ASN A 179 -12.20 10.24 -2.13
CA ASN A 179 -13.20 10.11 -1.11
C ASN A 179 -14.56 10.52 -1.66
N THR A 180 -14.53 11.21 -2.78
CA THR A 180 -15.74 11.76 -3.36
C THR A 180 -15.90 11.33 -4.82
N LYS A 181 -17.09 11.54 -5.36
CA LYS A 181 -17.38 11.23 -6.75
C LYS A 181 -16.52 12.10 -7.66
N ASP A 182 -16.32 13.35 -7.25
CA ASP A 182 -15.49 14.30 -7.99
C ASP A 182 -14.08 13.75 -8.12
N ASP A 183 -13.59 13.15 -7.03
CA ASP A 183 -12.26 12.54 -7.02
C ASP A 183 -12.18 11.42 -8.04
N LEU A 184 -13.24 10.61 -8.13
CA LEU A 184 -13.29 9.49 -9.08
C LEU A 184 -13.22 10.01 -10.47
N LYS A 185 -14.01 11.02 -10.73
CA LYS A 185 -14.08 11.64 -12.03
C LYS A 185 -12.74 12.24 -12.41
N LEU A 186 -12.11 12.90 -11.46
CA LEU A 186 -10.82 13.52 -11.70
C LEU A 186 -9.80 12.45 -12.09
N ALA A 187 -9.76 11.37 -11.33
CA ALA A 187 -8.86 10.27 -11.59
C ALA A 187 -9.15 9.58 -12.93
N GLU A 188 -10.42 9.35 -13.22
CA GLU A 188 -10.82 8.66 -14.45
C GLU A 188 -10.55 9.48 -15.69
N MET A 189 -10.65 10.80 -15.58
CA MET A 189 -10.39 11.68 -16.71
C MET A 189 -8.94 11.57 -17.17
N LEU A 190 -8.02 11.48 -16.22
CA LEU A 190 -6.61 11.39 -16.57
C LEU A 190 -6.26 9.99 -17.07
N LEU A 191 -6.88 8.96 -16.49
CA LEU A 191 -6.65 7.59 -16.91
C LEU A 191 -7.08 7.40 -18.35
N LYS A 192 -8.26 7.91 -18.64
CA LYS A 192 -8.83 7.84 -19.97
C LYS A 192 -7.99 8.63 -20.97
N LYS A 193 -7.60 9.83 -20.59
CA LYS A 193 -6.82 10.70 -21.47
C LYS A 193 -5.45 10.09 -21.79
N ASP A 194 -4.80 9.52 -20.78
CA ASP A 194 -3.48 8.92 -20.99
C ASP A 194 -3.62 7.65 -21.82
N GLY A 195 -4.76 7.01 -21.68
CA GLY A 195 -5.07 5.81 -22.45
C GLY A 195 -5.19 6.11 -23.93
N LEU A 196 -5.84 7.22 -24.25
CA LEU A 196 -6.06 7.61 -25.63
C LEU A 196 -5.33 8.92 -25.94
N MET A 1 13.20 -8.87 -1.49
CA MET A 1 12.07 -8.14 -0.85
C MET A 1 10.74 -8.57 -1.43
N ASP A 2 9.80 -8.86 -0.57
CA ASP A 2 8.44 -9.21 -0.97
C ASP A 2 7.56 -8.00 -0.82
N ALA A 3 6.40 -8.04 -1.39
CA ALA A 3 5.48 -6.92 -1.31
C ALA A 3 4.23 -7.29 -0.55
N LEU A 4 3.88 -6.46 0.39
CA LEU A 4 2.70 -6.65 1.19
C LEU A 4 1.65 -5.65 0.76
N ILE A 5 0.50 -6.15 0.41
CA ILE A 5 -0.59 -5.28 0.04
C ILE A 5 -1.71 -5.48 1.00
N MET A 6 -1.84 -4.54 1.92
CA MET A 6 -2.83 -4.68 2.97
C MET A 6 -4.12 -3.96 2.64
N ALA A 7 -5.03 -4.74 2.17
CA ALA A 7 -6.33 -4.27 1.80
C ALA A 7 -7.39 -4.89 2.71
N GLY A 8 -7.79 -4.13 3.69
CA GLY A 8 -8.80 -4.58 4.63
C GLY A 8 -8.90 -3.70 5.86
N GLY A 9 -8.30 -2.52 5.81
CA GLY A 9 -8.34 -1.62 6.94
C GLY A 9 -9.07 -0.33 6.62
N LYS A 10 -10.33 -0.24 7.04
CA LYS A 10 -11.14 0.97 6.83
C LYS A 10 -12.12 1.20 7.99
N GLY A 11 -11.80 0.65 9.15
CA GLY A 11 -12.65 0.84 10.31
C GLY A 11 -13.97 0.09 10.22
N THR A 12 -13.95 -1.04 9.56
CA THR A 12 -15.15 -1.84 9.39
C THR A 12 -15.24 -2.94 10.44
N ARG A 13 -16.43 -3.19 10.93
CA ARG A 13 -16.65 -4.21 11.94
C ARG A 13 -17.63 -5.27 11.48
N MET A 14 -18.54 -4.90 10.59
CA MET A 14 -19.52 -5.84 10.06
C MET A 14 -19.15 -6.28 8.66
N GLY A 15 -19.01 -5.33 7.77
CA GLY A 15 -18.67 -5.65 6.41
C GLY A 15 -17.68 -4.68 5.85
N GLY A 16 -16.78 -5.17 5.02
CA GLY A 16 -15.76 -4.32 4.45
C GLY A 16 -16.30 -3.40 3.39
N VAL A 17 -15.74 -2.21 3.32
CA VAL A 17 -16.13 -1.24 2.32
C VAL A 17 -15.37 -1.50 1.03
N GLU A 18 -16.07 -1.46 -0.09
CA GLU A 18 -15.49 -1.77 -1.40
C GLU A 18 -14.58 -0.66 -1.94
N LYS A 19 -14.06 0.22 -1.07
CA LYS A 19 -13.15 1.29 -1.54
C LYS A 19 -11.92 0.72 -2.30
N PRO A 20 -11.22 -0.30 -1.74
CA PRO A 20 -10.09 -0.93 -2.45
C PRO A 20 -10.56 -1.72 -3.68
N LEU A 21 -11.87 -1.97 -3.77
CA LEU A 21 -12.40 -2.72 -4.88
C LEU A 21 -13.09 -1.81 -5.88
N ILE A 22 -12.96 -0.51 -5.72
CA ILE A 22 -13.56 0.39 -6.65
C ILE A 22 -12.84 0.31 -7.95
N LYS A 23 -13.55 -0.08 -8.94
CA LYS A 23 -13.01 -0.22 -10.25
C LYS A 23 -13.09 1.06 -11.01
N LEU A 24 -11.97 1.45 -11.48
CA LEU A 24 -11.79 2.71 -12.13
C LEU A 24 -11.05 2.55 -13.44
N CYS A 25 -11.69 2.94 -14.52
CA CYS A 25 -11.10 2.86 -15.86
C CYS A 25 -10.71 1.42 -16.21
N GLY A 26 -11.41 0.45 -15.63
CA GLY A 26 -11.13 -0.93 -15.93
C GLY A 26 -11.10 -1.85 -14.71
N ARG A 27 -10.03 -1.79 -13.95
CA ARG A 27 -9.81 -2.72 -12.85
C ARG A 27 -10.14 -2.12 -11.50
N CYS A 28 -10.24 -2.98 -10.51
CA CYS A 28 -10.46 -2.55 -9.16
C CYS A 28 -9.16 -1.99 -8.60
N LEU A 29 -9.26 -1.07 -7.66
CA LEU A 29 -8.11 -0.40 -7.07
C LEU A 29 -7.03 -1.40 -6.64
N ILE A 30 -7.44 -2.44 -5.92
CA ILE A 30 -6.52 -3.47 -5.45
C ILE A 30 -5.76 -4.13 -6.61
N ASP A 31 -6.46 -4.40 -7.69
CA ASP A 31 -5.87 -5.06 -8.84
C ASP A 31 -4.83 -4.16 -9.48
N TYR A 32 -5.15 -2.86 -9.54
CA TYR A 32 -4.22 -1.88 -10.07
C TYR A 32 -2.97 -1.80 -9.22
N VAL A 33 -3.13 -1.93 -7.91
CA VAL A 33 -2.00 -1.91 -6.99
C VAL A 33 -1.10 -3.12 -7.23
N VAL A 34 -1.73 -4.26 -7.40
CA VAL A 34 -1.04 -5.53 -7.62
C VAL A 34 -0.22 -5.54 -8.90
N SER A 35 -0.80 -5.02 -9.99
CA SER A 35 -0.17 -5.08 -11.31
C SER A 35 1.32 -4.61 -11.33
N PRO A 36 1.64 -3.35 -10.89
CA PRO A 36 3.02 -2.87 -10.89
C PRO A 36 3.89 -3.61 -9.87
N LEU A 37 3.32 -3.93 -8.72
CA LEU A 37 4.06 -4.62 -7.67
C LEU A 37 4.46 -6.02 -8.12
N LEU A 38 3.56 -6.70 -8.77
CA LEU A 38 3.83 -8.03 -9.28
C LEU A 38 5.00 -8.01 -10.27
N LYS A 39 4.97 -7.05 -11.19
CA LYS A 39 6.02 -6.91 -12.19
C LYS A 39 7.24 -6.13 -11.67
N SER A 40 7.13 -5.59 -10.47
CA SER A 40 8.20 -4.79 -9.89
C SER A 40 9.34 -5.65 -9.41
N LYS A 41 10.34 -5.00 -8.85
CA LYS A 41 11.53 -5.60 -8.33
C LYS A 41 11.24 -6.68 -7.26
N VAL A 42 10.10 -6.59 -6.58
CA VAL A 42 9.80 -7.49 -5.47
C VAL A 42 9.58 -8.93 -5.92
N ASN A 43 9.69 -9.83 -4.96
CA ASN A 43 9.56 -11.25 -5.19
C ASN A 43 8.10 -11.71 -5.29
N ASN A 44 7.42 -11.82 -4.15
CA ASN A 44 6.04 -12.28 -4.14
C ASN A 44 5.13 -11.21 -3.61
N ILE A 45 3.87 -11.33 -3.93
CA ILE A 45 2.88 -10.37 -3.50
C ILE A 45 2.02 -11.01 -2.43
N PHE A 46 2.10 -10.50 -1.22
CA PHE A 46 1.29 -11.00 -0.14
C PHE A 46 0.24 -9.98 0.19
N ILE A 47 -1.00 -10.35 0.00
CA ILE A 47 -2.07 -9.44 0.26
C ILE A 47 -2.66 -9.71 1.61
N ALA A 48 -2.53 -8.72 2.44
CA ALA A 48 -3.01 -8.78 3.79
C ALA A 48 -4.44 -8.34 3.84
N THR A 49 -5.28 -9.17 4.38
CA THR A 49 -6.68 -8.87 4.50
C THR A 49 -7.16 -9.08 5.90
N SER A 50 -8.26 -8.45 6.23
CA SER A 50 -8.82 -8.54 7.55
C SER A 50 -10.03 -9.46 7.56
N PRO A 51 -10.28 -10.12 8.70
CA PRO A 51 -11.44 -11.00 8.86
C PRO A 51 -12.74 -10.22 8.81
N ASN A 52 -12.64 -8.92 9.06
CA ASN A 52 -13.79 -8.03 9.06
C ASN A 52 -14.03 -7.47 7.68
N THR A 53 -13.21 -7.89 6.73
CA THR A 53 -13.34 -7.43 5.37
C THR A 53 -13.16 -8.55 4.38
N PRO A 54 -14.05 -9.53 4.29
CA PRO A 54 -13.94 -10.40 3.22
C PRO A 54 -14.92 -10.03 2.19
N LYS A 55 -14.45 -9.20 1.44
CA LYS A 55 -15.10 -8.59 0.30
C LYS A 55 -14.00 -8.16 -0.50
N THR A 56 -13.15 -7.43 0.15
CA THR A 56 -11.90 -7.18 -0.39
C THR A 56 -11.21 -8.53 -0.46
N LYS A 57 -11.24 -9.28 0.67
CA LYS A 57 -10.68 -10.61 0.69
C LYS A 57 -11.43 -11.58 -0.19
N GLU A 58 -12.81 -11.66 -0.11
CA GLU A 58 -13.46 -12.60 -1.04
C GLU A 58 -13.20 -12.24 -2.51
N TYR A 59 -13.03 -10.95 -2.84
CA TYR A 59 -12.74 -10.56 -4.22
C TYR A 59 -11.32 -10.92 -4.59
N ILE A 60 -10.37 -10.52 -3.77
CA ILE A 60 -8.97 -10.70 -4.07
C ILE A 60 -8.61 -12.16 -4.17
N ASN A 61 -9.10 -12.93 -3.23
CA ASN A 61 -8.84 -14.35 -3.22
C ASN A 61 -9.35 -14.98 -4.52
N SER A 62 -10.54 -14.56 -4.91
CA SER A 62 -11.19 -15.03 -6.13
C SER A 62 -10.47 -14.54 -7.38
N ALA A 63 -10.05 -13.28 -7.35
CA ALA A 63 -9.40 -12.63 -8.46
C ALA A 63 -8.07 -13.27 -8.77
N TYR A 64 -7.38 -13.67 -7.73
CA TYR A 64 -6.05 -14.21 -7.88
C TYR A 64 -5.98 -15.69 -7.58
N LYS A 65 -7.07 -16.40 -7.86
CA LYS A 65 -7.11 -17.85 -7.66
C LYS A 65 -6.06 -18.56 -8.55
N ASP A 66 -5.69 -17.89 -9.63
CA ASP A 66 -4.72 -18.40 -10.59
C ASP A 66 -3.31 -17.94 -10.23
N TYR A 67 -3.16 -17.38 -9.03
CA TYR A 67 -1.89 -16.81 -8.54
C TYR A 67 -0.66 -17.68 -8.81
N LYS A 68 0.39 -17.04 -9.30
CA LYS A 68 1.68 -17.68 -9.44
C LYS A 68 2.60 -17.20 -8.31
N ASN A 69 2.64 -15.89 -8.14
CA ASN A 69 3.47 -15.23 -7.14
C ASN A 69 2.63 -14.43 -6.16
N ILE A 70 1.34 -14.64 -6.19
CA ILE A 70 0.44 -13.90 -5.34
C ILE A 70 -0.08 -14.77 -4.22
N VAL A 71 0.05 -14.28 -3.02
CA VAL A 71 -0.37 -14.99 -1.85
C VAL A 71 -1.29 -14.12 -1.04
N VAL A 72 -2.40 -14.66 -0.62
CA VAL A 72 -3.33 -13.90 0.20
C VAL A 72 -3.20 -14.35 1.64
N ILE A 73 -3.07 -13.40 2.52
CA ILE A 73 -2.90 -13.69 3.92
C ILE A 73 -3.96 -12.99 4.73
N ASP A 74 -4.22 -13.55 5.87
CA ASP A 74 -5.23 -13.02 6.76
C ASP A 74 -4.58 -12.59 8.02
N THR A 75 -4.91 -11.43 8.47
CA THR A 75 -4.28 -10.91 9.65
C THR A 75 -5.03 -9.72 10.27
N SER A 76 -4.34 -9.08 11.18
CA SER A 76 -4.79 -7.96 11.99
C SER A 76 -5.08 -6.67 11.21
N GLY A 77 -4.90 -6.72 9.86
CA GLY A 77 -5.04 -5.56 8.90
C GLY A 77 -6.05 -4.48 9.27
N LYS A 78 -7.01 -4.83 10.09
CA LYS A 78 -7.94 -3.89 10.62
C LYS A 78 -7.15 -2.78 11.36
N GLY A 79 -6.07 -3.22 12.00
CA GLY A 79 -5.15 -2.31 12.64
C GLY A 79 -3.84 -2.33 11.89
N TYR A 80 -3.40 -1.18 11.43
CA TYR A 80 -2.22 -1.09 10.55
C TYR A 80 -0.96 -1.65 11.19
N ILE A 81 -0.67 -1.20 12.40
CA ILE A 81 0.54 -1.65 13.06
C ILE A 81 0.44 -3.10 13.51
N GLU A 82 -0.75 -3.53 13.87
CA GLU A 82 -0.97 -4.90 14.31
C GLU A 82 -0.70 -5.86 13.17
N ASP A 83 -1.21 -5.49 12.00
CA ASP A 83 -0.99 -6.27 10.78
C ASP A 83 0.47 -6.34 10.47
N LEU A 84 1.11 -5.18 10.47
CA LEU A 84 2.52 -5.08 10.19
C LEU A 84 3.31 -5.92 11.13
N ASN A 85 2.99 -5.85 12.40
CA ASN A 85 3.69 -6.63 13.41
C ASN A 85 3.55 -8.14 13.16
N GLU A 86 2.36 -8.59 12.82
CA GLU A 86 2.14 -9.92 12.51
C GLU A 86 2.91 -10.31 11.25
N CYS A 87 2.82 -9.47 10.23
CA CYS A 87 3.51 -9.72 8.97
C CYS A 87 5.04 -9.70 9.12
N ILE A 88 5.57 -8.78 9.91
CA ILE A 88 7.02 -8.71 10.11
C ILE A 88 7.51 -9.96 10.82
N GLY A 89 6.71 -10.47 11.76
CA GLY A 89 7.05 -11.72 12.40
C GLY A 89 7.00 -12.89 11.41
N TYR A 90 6.01 -12.84 10.52
CA TYR A 90 5.80 -13.85 9.48
C TYR A 90 6.95 -13.92 8.48
N PHE A 91 7.36 -12.77 7.96
CA PHE A 91 8.40 -12.72 6.93
C PHE A 91 9.80 -12.93 7.50
N SER A 92 10.67 -13.50 6.68
CA SER A 92 12.05 -13.71 7.05
C SER A 92 12.95 -12.66 6.38
N GLU A 93 12.35 -11.85 5.53
CA GLU A 93 13.07 -10.84 4.77
C GLU A 93 12.32 -9.53 4.77
N PRO A 94 13.04 -8.43 4.50
CA PRO A 94 12.45 -7.10 4.35
C PRO A 94 11.37 -7.12 3.29
N PHE A 95 10.31 -6.41 3.52
CA PHE A 95 9.21 -6.40 2.60
C PHE A 95 8.59 -5.03 2.46
N LEU A 96 7.95 -4.84 1.35
CA LEU A 96 7.32 -3.59 0.98
C LEU A 96 5.90 -3.54 1.56
N VAL A 97 5.51 -2.40 2.08
CA VAL A 97 4.19 -2.19 2.66
C VAL A 97 3.45 -1.12 1.85
N VAL A 98 2.20 -1.37 1.47
CA VAL A 98 1.44 -0.40 0.66
C VAL A 98 0.10 -0.06 1.29
N SER A 99 -0.48 1.03 0.82
CA SER A 99 -1.80 1.44 1.23
C SER A 99 -2.85 0.67 0.42
N SER A 100 -4.06 0.60 0.91
CA SER A 100 -5.10 -0.15 0.24
C SER A 100 -5.82 0.66 -0.83
N ASP A 101 -5.82 1.96 -0.66
CA ASP A 101 -6.56 2.85 -1.55
C ASP A 101 -5.68 3.87 -2.27
N LEU A 102 -4.43 3.55 -2.51
CA LEU A 102 -3.54 4.46 -3.21
C LEU A 102 -3.66 4.30 -4.73
N ILE A 103 -3.30 5.33 -5.48
CA ILE A 103 -3.46 5.30 -6.93
C ILE A 103 -2.17 4.90 -7.65
N ASN A 104 -2.28 4.74 -8.97
CA ASN A 104 -1.17 4.30 -9.83
C ASN A 104 -0.07 5.35 -9.97
N LEU A 105 0.87 5.08 -10.91
CA LEU A 105 2.06 5.93 -11.18
C LEU A 105 3.09 5.75 -10.08
N LYS A 106 2.90 4.70 -9.31
CA LYS A 106 3.77 4.39 -8.19
C LYS A 106 4.78 3.31 -8.54
N SER A 107 4.73 2.82 -9.77
CA SER A 107 5.61 1.74 -10.22
C SER A 107 7.10 2.14 -10.12
N LYS A 108 7.39 3.39 -10.42
CA LYS A 108 8.75 3.90 -10.39
C LYS A 108 9.21 4.07 -8.95
N ILE A 109 8.22 4.23 -8.09
CA ILE A 109 8.46 4.52 -6.70
C ILE A 109 9.09 3.33 -6.05
N ILE A 110 8.60 2.18 -6.43
CA ILE A 110 9.00 0.90 -5.86
C ILE A 110 10.50 0.72 -6.00
N ASN A 111 10.99 0.93 -7.19
CA ASN A 111 12.41 0.82 -7.47
C ASN A 111 13.21 1.88 -6.71
N SER A 112 12.67 3.10 -6.67
CA SER A 112 13.33 4.20 -5.96
C SER A 112 13.43 3.89 -4.47
N ILE A 113 12.37 3.33 -3.92
CA ILE A 113 12.30 3.02 -2.50
C ILE A 113 13.36 2.02 -2.11
N VAL A 114 13.46 0.96 -2.88
CA VAL A 114 14.39 -0.11 -2.61
C VAL A 114 15.82 0.42 -2.65
N ASP A 115 16.13 1.14 -3.72
CA ASP A 115 17.46 1.69 -3.90
C ASP A 115 17.81 2.71 -2.81
N TYR A 116 16.84 3.56 -2.49
CA TYR A 116 17.04 4.60 -1.48
C TYR A 116 17.21 3.98 -0.09
N PHE A 117 16.38 2.98 0.20
CA PHE A 117 16.44 2.26 1.45
C PHE A 117 17.82 1.63 1.62
N TYR A 118 18.30 0.98 0.57
CA TYR A 118 19.64 0.40 0.57
C TYR A 118 20.71 1.46 0.80
N CYS A 119 20.51 2.65 0.23
CA CYS A 119 21.45 3.73 0.42
C CYS A 119 21.53 4.10 1.90
N ILE A 120 20.37 4.12 2.55
CA ILE A 120 20.28 4.42 3.96
C ILE A 120 20.91 3.30 4.77
N LYS A 121 20.63 2.08 4.36
CA LYS A 121 21.17 0.88 5.01
C LYS A 121 22.67 0.87 4.99
N ALA A 122 23.19 1.22 3.87
CA ALA A 122 24.63 1.28 3.67
C ALA A 122 25.31 2.25 4.64
N LYS A 123 24.70 3.42 4.86
CA LYS A 123 25.27 4.37 5.78
C LYS A 123 24.91 4.04 7.23
N THR A 124 23.72 3.50 7.44
CA THR A 124 23.27 3.14 8.77
C THR A 124 22.50 1.82 8.74
N PRO A 125 23.19 0.70 9.02
CA PRO A 125 22.58 -0.64 9.02
C PRO A 125 21.42 -0.77 10.02
N ASP A 126 21.43 0.07 11.05
CA ASP A 126 20.42 0.04 12.10
C ASP A 126 19.03 0.34 11.54
N VAL A 127 18.98 1.18 10.51
CA VAL A 127 17.71 1.53 9.90
C VAL A 127 17.17 0.32 9.18
N GLU A 128 15.99 -0.09 9.54
CA GLU A 128 15.39 -1.24 8.92
C GLU A 128 13.97 -0.98 8.46
N ALA A 129 13.62 0.28 8.34
CA ALA A 129 12.31 0.67 7.86
C ALA A 129 12.37 2.01 7.13
N LEU A 130 11.47 2.20 6.20
CA LEU A 130 11.40 3.44 5.43
C LEU A 130 9.96 3.85 5.25
N ALA A 131 9.73 5.12 5.30
CA ALA A 131 8.41 5.68 5.16
C ALA A 131 8.41 6.76 4.11
N VAL A 132 7.38 6.78 3.30
CA VAL A 132 7.28 7.80 2.29
C VAL A 132 6.04 8.63 2.54
N MET A 133 6.26 9.88 2.81
CA MET A 133 5.20 10.81 3.15
C MET A 133 5.51 12.19 2.62
N ILE A 134 4.49 13.01 2.52
CA ILE A 134 4.66 14.34 2.02
C ILE A 134 3.97 15.33 2.92
N PRO A 135 4.43 16.60 2.92
CA PRO A 135 3.79 17.66 3.69
C PRO A 135 2.33 17.78 3.30
N LYS A 136 1.46 17.81 4.29
CA LYS A 136 0.02 17.87 4.03
C LYS A 136 -0.37 19.17 3.33
N GLU A 137 0.48 20.18 3.47
CA GLU A 137 0.23 21.49 2.86
C GLU A 137 0.23 21.39 1.33
N LYS A 138 1.12 20.58 0.77
CA LYS A 138 1.20 20.41 -0.66
C LYS A 138 0.16 19.39 -1.16
N TYR A 139 -0.28 18.55 -0.24
CA TYR A 139 -1.25 17.51 -0.53
C TYR A 139 -2.67 18.11 -0.62
N PRO A 140 -3.34 17.97 -1.77
CA PRO A 140 -4.73 18.46 -1.93
C PRO A 140 -5.70 17.74 -0.99
N ASN A 141 -6.46 18.52 -0.22
CA ASN A 141 -7.45 17.99 0.73
C ASN A 141 -6.81 17.03 1.76
N PRO A 142 -5.84 17.54 2.51
CA PRO A 142 -5.08 16.76 3.49
C PRO A 142 -5.87 16.40 4.73
N SER A 143 -6.86 17.24 5.07
CA SER A 143 -7.66 17.07 6.29
C SER A 143 -6.78 17.28 7.54
N ILE A 144 -7.39 17.18 8.72
CA ILE A 144 -6.68 17.34 10.01
C ILE A 144 -5.85 18.63 10.05
N ASP A 145 -6.49 19.72 10.42
CA ASP A 145 -5.85 21.02 10.48
C ASP A 145 -4.72 21.07 11.50
N PHE A 146 -4.93 20.45 12.64
CA PHE A 146 -3.93 20.50 13.71
C PHE A 146 -3.14 19.20 13.78
N ASN A 147 -1.82 19.31 13.59
CA ASN A 147 -0.89 18.18 13.64
C ASN A 147 -1.23 17.14 12.54
N GLY A 148 -0.53 16.01 12.56
CA GLY A 148 -0.80 14.96 11.61
C GLY A 148 0.04 15.04 10.36
N LEU A 149 0.19 13.93 9.68
CA LEU A 149 0.94 13.85 8.45
C LEU A 149 0.24 12.94 7.48
N VAL A 150 0.55 13.11 6.21
CA VAL A 150 -0.09 12.31 5.18
C VAL A 150 0.94 11.52 4.35
N PRO A 151 0.78 10.18 4.32
CA PRO A 151 1.65 9.31 3.52
C PRO A 151 1.32 9.47 2.04
N ALA A 152 2.29 9.25 1.19
CA ALA A 152 2.07 9.41 -0.25
C ALA A 152 2.60 8.23 -1.03
N GLY A 153 3.62 7.60 -0.49
CA GLY A 153 4.23 6.50 -1.18
C GLY A 153 4.01 5.18 -0.51
N ILE A 154 5.07 4.42 -0.46
CA ILE A 154 5.02 3.09 0.10
C ILE A 154 6.04 2.95 1.23
N ASN A 155 5.86 1.95 2.05
CA ASN A 155 6.67 1.75 3.24
C ASN A 155 7.54 0.50 3.12
N VAL A 156 8.67 0.49 3.80
CA VAL A 156 9.56 -0.67 3.87
C VAL A 156 9.81 -1.06 5.29
N VAL A 157 9.66 -2.32 5.58
CA VAL A 157 9.94 -2.81 6.92
C VAL A 157 10.76 -4.08 6.86
N SER A 158 11.57 -4.25 7.87
CA SER A 158 12.36 -5.44 8.06
C SER A 158 11.63 -6.36 9.03
N PRO A 159 11.83 -7.68 8.93
CA PRO A 159 11.20 -8.64 9.84
C PRO A 159 11.72 -8.51 11.26
N LYS A 160 11.25 -7.51 11.96
CA LYS A 160 11.67 -7.25 13.33
C LYS A 160 10.55 -7.59 14.30
N HIS A 161 10.76 -7.33 15.57
CA HIS A 161 9.73 -7.52 16.56
C HIS A 161 9.65 -6.30 17.46
N GLY A 162 8.53 -5.62 17.42
CA GLY A 162 8.36 -4.42 18.19
C GLY A 162 8.37 -3.19 17.32
N TYR A 163 9.26 -2.26 17.59
CA TYR A 163 9.41 -1.06 16.79
C TYR A 163 10.88 -0.87 16.42
N GLN A 164 11.13 -0.44 15.20
CA GLN A 164 12.48 -0.27 14.73
C GLN A 164 12.66 1.05 14.02
N LYS A 165 13.92 1.46 13.85
CA LYS A 165 14.26 2.69 13.16
C LYS A 165 13.70 2.75 11.74
N GLU A 166 13.00 3.84 11.48
CA GLU A 166 12.37 4.09 10.21
C GLU A 166 12.79 5.46 9.69
N GLU A 167 13.09 5.55 8.41
CA GLU A 167 13.44 6.82 7.79
C GLU A 167 12.30 7.45 7.06
N ILE A 168 12.45 8.72 6.78
CA ILE A 168 11.39 9.50 6.13
C ILE A 168 11.82 9.99 4.76
N MET A 169 10.97 9.76 3.79
CA MET A 169 11.18 10.21 2.41
C MET A 169 10.02 11.08 1.95
N VAL A 170 10.35 12.12 1.18
CA VAL A 170 9.33 13.01 0.65
C VAL A 170 9.35 12.93 -0.89
N ILE A 171 8.18 12.77 -1.49
CA ILE A 171 8.06 12.61 -2.94
C ILE A 171 7.21 13.69 -3.58
N ASP A 172 7.14 13.65 -4.90
CA ASP A 172 6.36 14.62 -5.68
C ASP A 172 5.09 13.96 -6.21
N GLU A 173 4.85 12.72 -5.82
CA GLU A 173 3.72 11.99 -6.33
C GLU A 173 2.54 12.06 -5.39
N LEU A 174 1.43 12.39 -5.97
CA LEU A 174 0.18 12.55 -5.27
C LEU A 174 -0.68 11.32 -5.36
N ILE A 175 -1.49 11.16 -4.36
CA ILE A 175 -2.45 10.10 -4.30
C ILE A 175 -3.80 10.69 -3.93
N PHE A 176 -4.86 10.08 -4.40
CA PHE A 176 -6.18 10.54 -4.07
C PHE A 176 -6.97 9.41 -3.46
N ASN A 177 -7.41 9.62 -2.23
CA ASN A 177 -8.21 8.64 -1.55
C ASN A 177 -9.64 8.79 -1.99
N ILE A 178 -10.19 7.75 -2.59
CA ILE A 178 -11.53 7.81 -3.13
C ILE A 178 -12.56 7.64 -2.01
N ASN A 179 -13.19 8.73 -1.63
CA ASN A 179 -14.21 8.70 -0.58
C ASN A 179 -15.57 9.02 -1.13
N THR A 180 -15.60 9.64 -2.30
CA THR A 180 -16.83 10.03 -2.91
C THR A 180 -16.73 9.96 -4.44
N LYS A 181 -17.88 10.02 -5.09
CA LYS A 181 -17.97 9.91 -6.56
C LYS A 181 -17.16 11.00 -7.25
N ASP A 182 -17.05 12.17 -6.63
CA ASP A 182 -16.23 13.25 -7.18
C ASP A 182 -14.77 12.82 -7.28
N ASP A 183 -14.30 12.16 -6.23
CA ASP A 183 -12.92 11.66 -6.18
C ASP A 183 -12.70 10.67 -7.30
N LEU A 184 -13.70 9.82 -7.50
CA LEU A 184 -13.65 8.80 -8.52
C LEU A 184 -13.55 9.42 -9.91
N LYS A 185 -14.39 10.43 -10.16
CA LYS A 185 -14.38 11.13 -11.43
C LYS A 185 -13.05 11.86 -11.66
N LEU A 186 -12.56 12.49 -10.61
CA LEU A 186 -11.30 13.20 -10.67
C LEU A 186 -10.19 12.22 -11.04
N ALA A 187 -10.21 11.07 -10.38
CA ALA A 187 -9.26 10.02 -10.62
C ALA A 187 -9.37 9.46 -12.05
N GLU A 188 -10.59 9.29 -12.54
CA GLU A 188 -10.78 8.72 -13.88
C GLU A 188 -10.27 9.67 -14.95
N MET A 189 -10.46 10.97 -14.72
CA MET A 189 -10.07 11.97 -15.69
C MET A 189 -8.59 11.97 -15.95
N LEU A 190 -7.80 11.78 -14.91
CA LEU A 190 -6.37 11.75 -15.06
C LEU A 190 -5.90 10.43 -15.69
N LEU A 191 -6.58 9.33 -15.36
CA LEU A 191 -6.23 8.02 -15.93
C LEU A 191 -6.57 7.92 -17.41
N LYS A 192 -7.77 8.36 -17.74
CA LYS A 192 -8.25 8.27 -19.11
C LYS A 192 -7.46 9.20 -20.03
N LYS A 193 -6.95 10.28 -19.48
CA LYS A 193 -6.12 11.21 -20.23
C LYS A 193 -4.83 10.53 -20.67
N ASP A 194 -4.25 9.75 -19.76
CA ASP A 194 -3.00 9.02 -20.03
C ASP A 194 -3.23 7.92 -21.06
N GLY A 195 -4.44 7.42 -21.10
CA GLY A 195 -4.79 6.39 -22.05
C GLY A 195 -5.08 6.95 -23.43
N LEU A 196 -6.08 7.79 -23.49
CA LEU A 196 -6.48 8.42 -24.73
C LEU A 196 -7.09 9.79 -24.46
N MET A 1 13.17 -6.86 -2.18
CA MET A 1 12.44 -7.37 -0.99
C MET A 1 11.05 -7.87 -1.40
N ASP A 2 10.23 -8.22 -0.43
CA ASP A 2 8.87 -8.67 -0.71
C ASP A 2 7.92 -7.50 -0.57
N ALA A 3 6.74 -7.63 -1.10
CA ALA A 3 5.76 -6.56 -1.04
C ALA A 3 4.48 -6.99 -0.32
N LEU A 4 4.06 -6.21 0.67
CA LEU A 4 2.84 -6.48 1.39
C LEU A 4 1.77 -5.51 0.93
N ILE A 5 0.65 -6.04 0.55
CA ILE A 5 -0.44 -5.21 0.14
C ILE A 5 -1.60 -5.40 1.07
N MET A 6 -1.80 -4.44 1.93
CA MET A 6 -2.84 -4.56 2.94
C MET A 6 -4.06 -3.82 2.55
N ALA A 7 -5.04 -4.62 2.40
CA ALA A 7 -6.32 -4.24 2.00
C ALA A 7 -7.30 -4.49 3.13
N GLY A 8 -8.51 -4.30 2.82
CA GLY A 8 -9.59 -4.45 3.77
C GLY A 8 -10.19 -3.11 4.13
N GLY A 9 -9.46 -2.35 4.92
CA GLY A 9 -9.90 -1.05 5.32
C GLY A 9 -8.77 -0.28 5.94
N LYS A 10 -8.97 1.01 6.13
CA LYS A 10 -7.94 1.84 6.73
C LYS A 10 -8.49 2.52 7.97
N GLY A 11 -7.63 2.65 8.97
CA GLY A 11 -8.05 3.28 10.21
C GLY A 11 -8.67 2.29 11.17
N THR A 12 -8.30 2.38 12.43
CA THR A 12 -8.83 1.48 13.43
C THR A 12 -10.21 1.92 13.90
N ARG A 13 -10.24 2.94 14.74
CA ARG A 13 -11.48 3.47 15.27
C ARG A 13 -12.33 4.10 14.16
N MET A 14 -11.66 4.83 13.27
CA MET A 14 -12.33 5.50 12.16
C MET A 14 -11.47 5.38 10.91
N GLY A 15 -12.11 5.33 9.75
CA GLY A 15 -11.38 5.25 8.52
C GLY A 15 -12.22 5.65 7.33
N GLY A 16 -11.68 6.52 6.50
CA GLY A 16 -12.40 6.98 5.33
C GLY A 16 -12.12 6.17 4.08
N VAL A 17 -11.26 5.16 4.21
CA VAL A 17 -10.92 4.31 3.08
C VAL A 17 -11.24 2.85 3.39
N GLU A 18 -12.06 2.26 2.55
CA GLU A 18 -12.44 0.87 2.66
C GLU A 18 -13.03 0.42 1.34
N LYS A 19 -13.41 -0.85 1.26
CA LYS A 19 -13.99 -1.43 0.04
C LYS A 19 -12.99 -1.32 -1.13
N PRO A 20 -11.87 -2.06 -1.05
CA PRO A 20 -10.78 -2.04 -2.06
C PRO A 20 -11.25 -2.46 -3.46
N LEU A 21 -12.49 -2.94 -3.56
CA LEU A 21 -13.00 -3.39 -4.84
C LEU A 21 -13.65 -2.28 -5.64
N ILE A 22 -13.47 -1.03 -5.21
CA ILE A 22 -13.91 0.10 -5.96
C ILE A 22 -13.14 0.12 -7.25
N LYS A 23 -13.84 0.17 -8.32
CA LYS A 23 -13.25 0.03 -9.62
C LYS A 23 -13.07 1.34 -10.34
N LEU A 24 -11.96 1.41 -11.00
CA LEU A 24 -11.61 2.52 -11.85
C LEU A 24 -11.27 2.01 -13.24
N CYS A 25 -12.12 2.29 -14.19
CA CYS A 25 -11.93 1.87 -15.57
C CYS A 25 -11.89 0.33 -15.69
N GLY A 26 -12.67 -0.33 -14.83
CA GLY A 26 -12.81 -1.77 -14.93
C GLY A 26 -12.06 -2.59 -13.86
N ARG A 27 -11.06 -2.02 -13.21
CA ARG A 27 -10.34 -2.79 -12.20
C ARG A 27 -10.46 -2.20 -10.84
N CYS A 28 -10.36 -3.06 -9.86
CA CYS A 28 -10.47 -2.69 -8.47
C CYS A 28 -9.20 -1.99 -8.01
N LEU A 29 -9.30 -1.29 -6.88
CA LEU A 29 -8.17 -0.56 -6.31
C LEU A 29 -7.04 -1.53 -5.99
N ILE A 30 -7.40 -2.70 -5.47
CA ILE A 30 -6.41 -3.73 -5.16
C ILE A 30 -5.67 -4.16 -6.42
N ASP A 31 -6.40 -4.34 -7.51
CA ASP A 31 -5.83 -4.79 -8.78
C ASP A 31 -4.82 -3.77 -9.28
N TYR A 32 -5.20 -2.51 -9.21
CA TYR A 32 -4.32 -1.42 -9.60
C TYR A 32 -3.09 -1.33 -8.70
N VAL A 33 -3.25 -1.66 -7.44
CA VAL A 33 -2.13 -1.68 -6.52
C VAL A 33 -1.19 -2.86 -6.81
N VAL A 34 -1.78 -4.03 -7.02
CA VAL A 34 -1.02 -5.25 -7.27
C VAL A 34 -0.22 -5.21 -8.55
N SER A 35 -0.83 -4.71 -9.62
CA SER A 35 -0.22 -4.75 -10.94
C SER A 35 1.24 -4.17 -10.98
N PRO A 36 1.48 -2.90 -10.52
CA PRO A 36 2.84 -2.33 -10.48
C PRO A 36 3.78 -3.10 -9.56
N LEU A 37 3.27 -3.50 -8.40
CA LEU A 37 4.07 -4.20 -7.42
C LEU A 37 4.47 -5.58 -7.90
N LEU A 38 3.56 -6.26 -8.54
CA LEU A 38 3.82 -7.57 -9.07
C LEU A 38 4.93 -7.51 -10.12
N LYS A 39 4.82 -6.54 -11.01
CA LYS A 39 5.81 -6.32 -12.06
C LYS A 39 7.11 -5.69 -11.53
N SER A 40 7.06 -5.10 -10.34
CA SER A 40 8.22 -4.42 -9.77
C SER A 40 9.30 -5.41 -9.35
N LYS A 41 10.46 -4.87 -9.02
CA LYS A 41 11.63 -5.65 -8.68
C LYS A 41 11.51 -6.33 -7.29
N VAL A 42 10.30 -6.58 -6.81
CA VAL A 42 10.13 -7.26 -5.55
C VAL A 42 10.02 -8.77 -5.76
N ASN A 43 10.22 -9.50 -4.69
CA ASN A 43 10.19 -10.95 -4.73
C ASN A 43 8.76 -11.47 -4.90
N ASN A 44 7.99 -11.45 -3.82
CA ASN A 44 6.61 -11.94 -3.87
C ASN A 44 5.65 -10.89 -3.36
N ILE A 45 4.41 -11.04 -3.73
CA ILE A 45 3.36 -10.13 -3.31
C ILE A 45 2.48 -10.82 -2.29
N PHE A 46 2.44 -10.30 -1.09
CA PHE A 46 1.61 -10.85 -0.06
C PHE A 46 0.49 -9.89 0.22
N ILE A 47 -0.72 -10.31 -0.03
CA ILE A 47 -1.86 -9.46 0.18
C ILE A 47 -2.51 -9.74 1.48
N ALA A 48 -2.53 -8.74 2.29
CA ALA A 48 -3.10 -8.81 3.60
C ALA A 48 -4.53 -8.33 3.58
N THR A 49 -5.43 -9.19 3.95
CA THR A 49 -6.81 -8.82 4.02
C THR A 49 -7.37 -9.13 5.39
N SER A 50 -8.34 -8.36 5.79
CA SER A 50 -8.93 -8.52 7.09
C SER A 50 -9.99 -9.61 7.10
N PRO A 51 -10.21 -10.26 8.25
CA PRO A 51 -11.21 -11.33 8.40
C PRO A 51 -12.61 -10.82 8.17
N ASN A 52 -12.76 -9.50 8.27
CA ASN A 52 -14.04 -8.85 8.10
C ASN A 52 -14.24 -8.47 6.64
N THR A 53 -13.24 -8.77 5.81
CA THR A 53 -13.31 -8.41 4.42
C THR A 53 -12.75 -9.47 3.52
N PRO A 54 -13.35 -10.64 3.38
CA PRO A 54 -12.92 -11.45 2.34
C PRO A 54 -13.93 -11.40 1.24
N LYS A 55 -13.72 -10.44 0.51
CA LYS A 55 -14.52 -10.07 -0.64
C LYS A 55 -13.54 -9.54 -1.57
N THR A 56 -12.75 -8.63 -1.04
CA THR A 56 -11.56 -8.27 -1.67
C THR A 56 -10.72 -9.52 -1.71
N LYS A 57 -10.66 -10.22 -0.56
CA LYS A 57 -9.91 -11.46 -0.48
C LYS A 57 -10.44 -12.52 -1.43
N GLU A 58 -11.78 -12.80 -1.41
CA GLU A 58 -12.29 -13.78 -2.38
C GLU A 58 -12.09 -13.30 -3.84
N TYR A 59 -12.16 -11.98 -4.07
CA TYR A 59 -11.92 -11.43 -5.41
C TYR A 59 -10.52 -11.70 -5.87
N ILE A 60 -9.57 -11.38 -5.03
CA ILE A 60 -8.17 -11.51 -5.36
C ILE A 60 -7.79 -12.95 -5.62
N ASN A 61 -8.28 -13.82 -4.77
CA ASN A 61 -8.01 -15.23 -4.90
C ASN A 61 -8.48 -15.72 -6.28
N SER A 62 -9.67 -15.28 -6.67
CA SER A 62 -10.25 -15.64 -7.96
C SER A 62 -9.51 -14.95 -9.12
N ALA A 63 -9.21 -13.67 -8.94
CA ALA A 63 -8.56 -12.88 -9.98
C ALA A 63 -7.17 -13.39 -10.25
N TYR A 64 -6.49 -13.78 -9.20
CA TYR A 64 -5.14 -14.24 -9.30
C TYR A 64 -5.03 -15.72 -9.00
N LYS A 65 -5.99 -16.50 -9.52
CA LYS A 65 -5.98 -17.97 -9.34
C LYS A 65 -4.71 -18.57 -9.97
N ASP A 66 -4.13 -17.83 -10.89
CA ASP A 66 -2.92 -18.24 -11.61
C ASP A 66 -1.69 -17.74 -10.90
N TYR A 67 -1.88 -17.25 -9.66
CA TYR A 67 -0.82 -16.62 -8.87
C TYR A 67 0.55 -17.26 -9.03
N LYS A 68 1.45 -16.49 -9.60
CA LYS A 68 2.82 -16.88 -9.77
C LYS A 68 3.63 -16.37 -8.58
N ASN A 69 3.50 -15.08 -8.31
CA ASN A 69 4.20 -14.46 -7.21
C ASN A 69 3.23 -13.87 -6.19
N ILE A 70 1.97 -14.24 -6.29
CA ILE A 70 0.96 -13.70 -5.42
C ILE A 70 0.59 -14.68 -4.31
N VAL A 71 0.67 -14.20 -3.11
CA VAL A 71 0.31 -14.95 -1.93
C VAL A 71 -0.70 -14.13 -1.13
N VAL A 72 -1.74 -14.76 -0.71
CA VAL A 72 -2.77 -14.06 0.04
C VAL A 72 -2.74 -14.46 1.50
N ILE A 73 -2.77 -13.47 2.37
CA ILE A 73 -2.73 -13.70 3.78
C ILE A 73 -3.89 -13.01 4.47
N ASP A 74 -4.24 -13.52 5.61
CA ASP A 74 -5.36 -13.00 6.36
C ASP A 74 -4.89 -12.48 7.67
N THR A 75 -5.29 -11.31 8.00
CA THR A 75 -4.83 -10.69 9.22
C THR A 75 -5.67 -9.46 9.65
N SER A 76 -5.18 -8.83 10.67
CA SER A 76 -5.77 -7.69 11.39
C SER A 76 -5.90 -6.40 10.57
N GLY A 77 -5.55 -6.44 9.27
CA GLY A 77 -5.38 -5.24 8.34
C GLY A 77 -6.22 -4.01 8.63
N LYS A 78 -7.36 -4.19 9.20
CA LYS A 78 -8.18 -3.10 9.64
C LYS A 78 -7.39 -2.25 10.65
N GLY A 79 -6.63 -2.94 11.49
CA GLY A 79 -5.77 -2.29 12.42
C GLY A 79 -4.37 -2.32 11.88
N TYR A 80 -3.84 -1.15 11.57
CA TYR A 80 -2.55 -1.04 10.91
C TYR A 80 -1.43 -1.68 11.72
N ILE A 81 -1.38 -1.36 13.01
CA ILE A 81 -0.34 -1.89 13.88
C ILE A 81 -0.46 -3.39 13.96
N GLU A 82 -1.66 -3.82 14.21
CA GLU A 82 -1.97 -5.24 14.39
C GLU A 82 -1.60 -6.06 13.18
N ASP A 83 -2.00 -5.58 12.03
CA ASP A 83 -1.68 -6.25 10.76
C ASP A 83 -0.19 -6.33 10.56
N LEU A 84 0.47 -5.19 10.67
CA LEU A 84 1.89 -5.11 10.48
C LEU A 84 2.60 -6.01 11.42
N ASN A 85 2.20 -5.99 12.66
CA ASN A 85 2.80 -6.82 13.68
C ASN A 85 2.71 -8.30 13.34
N GLU A 86 1.55 -8.73 12.93
CA GLU A 86 1.39 -10.12 12.51
C GLU A 86 2.24 -10.41 11.29
N CYS A 87 2.17 -9.52 10.32
CA CYS A 87 2.90 -9.69 9.07
C CYS A 87 4.42 -9.69 9.28
N ILE A 88 4.90 -8.77 10.10
CA ILE A 88 6.33 -8.66 10.36
C ILE A 88 6.83 -9.90 11.09
N GLY A 89 5.94 -10.49 11.90
CA GLY A 89 6.29 -11.72 12.58
C GLY A 89 6.56 -12.88 11.62
N TYR A 90 5.76 -12.98 10.56
CA TYR A 90 5.89 -14.08 9.60
C TYR A 90 7.09 -13.94 8.66
N PHE A 91 7.42 -12.71 8.29
CA PHE A 91 8.51 -12.48 7.34
C PHE A 91 9.90 -12.63 7.96
N SER A 92 10.81 -13.19 7.18
CA SER A 92 12.20 -13.36 7.59
C SER A 92 13.08 -12.30 6.91
N GLU A 93 12.44 -11.45 6.11
CA GLU A 93 13.12 -10.43 5.33
C GLU A 93 12.35 -9.13 5.38
N PRO A 94 13.00 -8.02 5.06
CA PRO A 94 12.35 -6.73 5.00
C PRO A 94 11.37 -6.71 3.83
N PHE A 95 10.26 -6.02 4.01
CA PHE A 95 9.22 -6.01 3.01
C PHE A 95 8.52 -4.68 2.93
N LEU A 96 7.84 -4.48 1.83
CA LEU A 96 7.10 -3.26 1.59
C LEU A 96 5.73 -3.32 2.18
N VAL A 97 5.26 -2.19 2.56
CA VAL A 97 3.92 -2.01 3.10
C VAL A 97 3.19 -1.01 2.19
N VAL A 98 2.03 -1.38 1.67
CA VAL A 98 1.33 -0.47 0.76
C VAL A 98 -0.13 -0.32 1.12
N SER A 99 -0.73 0.73 0.60
CA SER A 99 -2.12 0.99 0.75
C SER A 99 -2.87 0.52 -0.51
N SER A 100 -4.06 -0.02 -0.32
CA SER A 100 -4.86 -0.54 -1.43
C SER A 100 -5.46 0.60 -2.27
N ASP A 101 -5.33 1.80 -1.76
CA ASP A 101 -5.89 2.99 -2.36
C ASP A 101 -4.85 3.83 -3.13
N LEU A 102 -3.70 3.23 -3.45
CA LEU A 102 -2.67 3.94 -4.21
C LEU A 102 -2.87 3.73 -5.71
N ILE A 103 -3.12 4.81 -6.43
CA ILE A 103 -3.34 4.78 -7.90
C ILE A 103 -2.05 4.45 -8.65
N ASN A 104 -2.08 4.55 -9.98
CA ASN A 104 -0.93 4.19 -10.82
C ASN A 104 0.17 5.26 -10.79
N LEU A 105 1.22 5.04 -11.62
CA LEU A 105 2.41 5.92 -11.72
C LEU A 105 3.38 5.62 -10.57
N LYS A 106 3.29 4.40 -10.06
CA LYS A 106 4.12 3.93 -8.95
C LYS A 106 5.30 3.10 -9.43
N SER A 107 5.40 2.90 -10.73
CA SER A 107 6.37 1.96 -11.29
C SER A 107 7.83 2.29 -10.92
N LYS A 108 8.21 3.54 -10.98
CA LYS A 108 9.58 3.91 -10.64
C LYS A 108 9.68 4.15 -9.14
N ILE A 109 8.54 4.42 -8.54
CA ILE A 109 8.46 4.77 -7.14
C ILE A 109 8.92 3.61 -6.29
N ILE A 110 8.44 2.44 -6.65
CA ILE A 110 8.69 1.21 -5.93
C ILE A 110 10.18 0.91 -5.88
N ASN A 111 10.81 1.00 -7.03
CA ASN A 111 12.24 0.75 -7.14
C ASN A 111 13.03 1.77 -6.35
N SER A 112 12.59 3.03 -6.41
CA SER A 112 13.21 4.11 -5.66
C SER A 112 13.13 3.85 -4.15
N ILE A 113 11.99 3.31 -3.71
CA ILE A 113 11.77 3.02 -2.30
C ILE A 113 12.82 2.05 -1.79
N VAL A 114 13.03 0.99 -2.54
CA VAL A 114 13.97 -0.04 -2.18
C VAL A 114 15.38 0.52 -2.13
N ASP A 115 15.76 1.24 -3.17
CA ASP A 115 17.09 1.82 -3.26
C ASP A 115 17.35 2.85 -2.17
N TYR A 116 16.36 3.68 -1.91
CA TYR A 116 16.47 4.74 -0.91
C TYR A 116 16.66 4.13 0.48
N PHE A 117 15.85 3.13 0.80
CA PHE A 117 15.95 2.42 2.08
C PHE A 117 17.32 1.78 2.25
N TYR A 118 17.78 1.08 1.22
CA TYR A 118 19.10 0.46 1.24
C TYR A 118 20.20 1.50 1.41
N CYS A 119 20.02 2.66 0.80
CA CYS A 119 21.00 3.73 0.89
C CYS A 119 21.12 4.18 2.33
N ILE A 120 19.98 4.35 2.97
CA ILE A 120 19.94 4.77 4.37
C ILE A 120 20.58 3.76 5.27
N LYS A 121 20.19 2.51 5.12
CA LYS A 121 20.73 1.46 5.96
C LYS A 121 22.22 1.28 5.72
N ALA A 122 22.68 1.67 4.54
CA ALA A 122 24.10 1.61 4.22
C ALA A 122 24.89 2.51 5.15
N LYS A 123 24.37 3.71 5.41
CA LYS A 123 25.04 4.62 6.33
C LYS A 123 24.65 4.31 7.77
N THR A 124 23.42 3.88 7.96
CA THR A 124 22.93 3.54 9.28
C THR A 124 22.09 2.26 9.22
N PRO A 125 22.70 1.10 9.57
CA PRO A 125 22.02 -0.22 9.54
C PRO A 125 20.93 -0.31 10.60
N ASP A 126 20.96 0.64 11.53
CA ASP A 126 19.99 0.74 12.62
C ASP A 126 18.57 0.94 12.10
N VAL A 127 18.45 1.58 10.94
CA VAL A 127 17.15 1.84 10.35
C VAL A 127 16.48 0.55 9.92
N GLU A 128 15.27 0.35 10.39
CA GLU A 128 14.52 -0.86 10.14
C GLU A 128 13.38 -0.64 9.17
N ALA A 129 12.90 0.58 9.10
CA ALA A 129 11.73 0.89 8.32
C ALA A 129 11.87 2.19 7.56
N LEU A 130 11.06 2.35 6.54
CA LEU A 130 11.06 3.52 5.69
C LEU A 130 9.64 3.97 5.44
N ALA A 131 9.39 5.23 5.60
CA ALA A 131 8.08 5.81 5.40
C ALA A 131 8.12 6.89 4.36
N VAL A 132 7.17 6.87 3.47
CA VAL A 132 7.08 7.88 2.45
C VAL A 132 5.83 8.70 2.69
N MET A 133 6.01 9.97 2.91
CA MET A 133 4.88 10.83 3.20
C MET A 133 5.13 12.22 2.62
N ILE A 134 4.06 12.96 2.41
CA ILE A 134 4.15 14.30 1.87
C ILE A 134 3.26 15.24 2.65
N PRO A 135 3.57 16.55 2.61
CA PRO A 135 2.76 17.56 3.30
C PRO A 135 1.31 17.54 2.84
N LYS A 136 0.41 17.70 3.80
CA LYS A 136 -1.02 17.73 3.56
C LYS A 136 -1.38 18.91 2.65
N GLU A 137 -0.49 19.90 2.64
CA GLU A 137 -0.71 21.13 1.88
C GLU A 137 -0.88 20.85 0.38
N LYS A 138 -0.13 19.90 -0.15
CA LYS A 138 -0.23 19.54 -1.55
C LYS A 138 -1.08 18.31 -1.74
N TYR A 139 -1.21 17.55 -0.66
CA TYR A 139 -2.01 16.34 -0.65
C TYR A 139 -3.48 16.71 -0.92
N PRO A 140 -4.17 15.99 -1.83
CA PRO A 140 -5.55 16.32 -2.23
C PRO A 140 -6.48 16.50 -1.03
N ASN A 141 -6.68 15.43 -0.27
CA ASN A 141 -7.50 15.49 0.92
C ASN A 141 -7.18 14.30 1.81
N PRO A 142 -7.42 14.42 3.13
CA PRO A 142 -7.21 13.32 4.07
C PRO A 142 -8.26 12.22 3.90
N SER A 143 -8.15 11.50 2.80
CA SER A 143 -9.08 10.42 2.46
C SER A 143 -9.10 9.34 3.54
N ILE A 144 -7.92 9.08 4.11
CA ILE A 144 -7.77 8.09 5.18
C ILE A 144 -8.66 8.47 6.37
N ASP A 145 -8.91 9.78 6.51
CA ASP A 145 -9.72 10.35 7.61
C ASP A 145 -8.93 10.32 8.90
N PHE A 146 -7.62 10.35 8.75
CA PHE A 146 -6.71 10.39 9.86
C PHE A 146 -5.85 11.63 9.71
N ASN A 147 -5.84 12.47 10.73
CA ASN A 147 -5.12 13.74 10.66
C ASN A 147 -3.65 13.58 10.95
N GLY A 148 -2.91 14.67 10.85
CA GLY A 148 -1.49 14.64 11.06
C GLY A 148 -0.77 14.51 9.74
N LEU A 149 0.22 13.63 9.70
CA LEU A 149 0.95 13.39 8.48
C LEU A 149 0.29 12.30 7.67
N VAL A 150 0.37 12.42 6.37
CA VAL A 150 -0.29 11.50 5.47
C VAL A 150 0.72 10.76 4.59
N PRO A 151 0.52 9.44 4.38
CA PRO A 151 1.41 8.63 3.55
C PRO A 151 1.29 9.00 2.09
N ALA A 152 2.40 8.95 1.37
CA ALA A 152 2.41 9.34 -0.02
C ALA A 152 2.76 8.19 -0.96
N GLY A 153 3.06 7.03 -0.40
CA GLY A 153 3.44 5.93 -1.26
C GLY A 153 3.65 4.62 -0.53
N ILE A 154 4.80 4.03 -0.76
CA ILE A 154 5.13 2.73 -0.24
C ILE A 154 6.03 2.81 0.97
N ASN A 155 5.76 1.96 1.91
CA ASN A 155 6.48 1.90 3.18
C ASN A 155 7.36 0.65 3.24
N VAL A 156 8.40 0.69 4.04
CA VAL A 156 9.33 -0.43 4.22
C VAL A 156 9.44 -0.79 5.68
N VAL A 157 9.40 -2.07 5.97
CA VAL A 157 9.61 -2.56 7.33
C VAL A 157 10.55 -3.76 7.33
N SER A 158 11.28 -3.93 8.42
CA SER A 158 12.18 -5.07 8.57
C SER A 158 11.44 -6.24 9.24
N PRO A 159 11.98 -7.48 9.16
CA PRO A 159 11.35 -8.65 9.78
C PRO A 159 11.55 -8.68 11.30
N LYS A 160 11.00 -7.70 11.97
CA LYS A 160 11.07 -7.62 13.42
C LYS A 160 9.69 -7.85 14.00
N HIS A 161 9.56 -7.66 15.30
CA HIS A 161 8.26 -7.74 15.93
C HIS A 161 8.18 -6.69 17.03
N GLY A 162 7.23 -5.79 16.91
CA GLY A 162 7.08 -4.74 17.88
C GLY A 162 7.13 -3.38 17.24
N TYR A 163 8.02 -2.53 17.73
CA TYR A 163 8.18 -1.20 17.18
C TYR A 163 9.54 -1.08 16.51
N GLN A 164 9.58 -0.36 15.41
CA GLN A 164 10.77 -0.29 14.58
C GLN A 164 11.18 1.14 14.30
N LYS A 165 12.47 1.34 14.09
CA LYS A 165 12.96 2.65 13.71
C LYS A 165 12.64 2.87 12.26
N GLU A 166 11.98 3.97 11.97
CA GLU A 166 11.52 4.24 10.64
C GLU A 166 12.06 5.58 10.14
N GLU A 167 12.51 5.59 8.90
CA GLU A 167 12.99 6.81 8.27
C GLU A 167 11.93 7.47 7.45
N ILE A 168 12.18 8.71 7.13
CA ILE A 168 11.21 9.51 6.40
C ILE A 168 11.70 9.89 5.01
N MET A 169 10.84 9.68 4.05
CA MET A 169 11.08 10.05 2.66
C MET A 169 10.05 11.08 2.23
N VAL A 170 10.51 12.12 1.56
CA VAL A 170 9.63 13.13 1.03
C VAL A 170 9.65 13.06 -0.50
N ILE A 171 8.47 12.96 -1.10
CA ILE A 171 8.34 12.85 -2.55
C ILE A 171 7.53 14.02 -3.09
N ASP A 172 7.42 14.10 -4.40
CA ASP A 172 6.73 15.22 -5.02
C ASP A 172 5.56 14.74 -5.90
N GLU A 173 5.33 13.46 -5.90
CA GLU A 173 4.24 12.88 -6.69
C GLU A 173 3.01 12.62 -5.83
N LEU A 174 1.88 12.96 -6.39
CA LEU A 174 0.59 12.88 -5.72
C LEU A 174 -0.15 11.60 -6.03
N ILE A 175 -0.95 11.19 -5.08
CA ILE A 175 -1.81 10.04 -5.19
C ILE A 175 -3.23 10.43 -4.83
N PHE A 176 -4.19 9.70 -5.36
CA PHE A 176 -5.58 9.95 -5.03
C PHE A 176 -6.17 8.71 -4.40
N ASN A 177 -6.41 8.79 -3.10
CA ASN A 177 -6.92 7.67 -2.32
C ASN A 177 -8.41 7.48 -2.61
N ILE A 178 -9.07 8.62 -2.83
CA ILE A 178 -10.49 8.68 -3.15
C ILE A 178 -11.38 8.55 -1.92
N ASN A 179 -11.79 9.69 -1.40
CA ASN A 179 -12.72 9.73 -0.30
C ASN A 179 -14.04 10.26 -0.79
N THR A 180 -13.99 10.91 -1.94
CA THR A 180 -15.15 11.55 -2.50
C THR A 180 -15.40 11.09 -3.92
N LYS A 181 -16.61 11.32 -4.40
CA LYS A 181 -16.97 10.99 -5.76
C LYS A 181 -16.09 11.75 -6.74
N ASP A 182 -15.74 12.98 -6.38
CA ASP A 182 -14.88 13.82 -7.21
C ASP A 182 -13.52 13.18 -7.39
N ASP A 183 -12.98 12.62 -6.31
CA ASP A 183 -11.69 11.93 -6.37
C ASP A 183 -11.80 10.73 -7.28
N LEU A 184 -12.91 10.02 -7.14
CA LEU A 184 -13.20 8.82 -7.92
C LEU A 184 -13.25 9.16 -9.40
N LYS A 185 -14.00 10.20 -9.71
CA LYS A 185 -14.14 10.70 -11.07
C LYS A 185 -12.81 11.19 -11.63
N LEU A 186 -12.07 11.93 -10.82
CA LEU A 186 -10.78 12.43 -11.24
C LEU A 186 -9.84 11.27 -11.55
N ALA A 187 -9.83 10.29 -10.67
CA ALA A 187 -8.99 9.11 -10.83
C ALA A 187 -9.34 8.34 -12.10
N GLU A 188 -10.63 8.18 -12.37
CA GLU A 188 -11.05 7.46 -13.56
C GLU A 188 -10.75 8.26 -14.82
N MET A 189 -10.91 9.58 -14.73
CA MET A 189 -10.65 10.46 -15.87
C MET A 189 -9.20 10.44 -16.29
N LEU A 190 -8.29 10.44 -15.33
CA LEU A 190 -6.87 10.46 -15.67
C LEU A 190 -6.47 9.18 -16.36
N LEU A 191 -7.06 8.06 -15.95
CA LEU A 191 -6.79 6.77 -16.56
C LEU A 191 -7.21 6.76 -18.01
N LYS A 192 -8.41 7.26 -18.26
CA LYS A 192 -8.96 7.31 -19.59
C LYS A 192 -8.24 8.36 -20.47
N LYS A 193 -7.97 9.53 -19.90
CA LYS A 193 -7.29 10.60 -20.63
C LYS A 193 -5.89 10.21 -21.03
N ASP A 194 -5.19 9.51 -20.13
CA ASP A 194 -3.81 9.10 -20.39
C ASP A 194 -3.75 8.07 -21.50
N GLY A 195 -4.83 7.34 -21.67
CA GLY A 195 -4.91 6.35 -22.73
C GLY A 195 -5.37 6.96 -24.04
N LEU A 196 -5.88 8.21 -23.95
CA LEU A 196 -6.41 8.98 -25.08
C LEU A 196 -7.15 8.10 -26.09
N MET A 1 13.19 -7.86 -2.55
CA MET A 1 12.17 -7.47 -1.54
C MET A 1 10.79 -7.99 -1.94
N ASP A 2 10.03 -8.42 -0.96
CA ASP A 2 8.65 -8.84 -1.18
C ASP A 2 7.76 -7.69 -0.84
N ALA A 3 6.51 -7.76 -1.23
CA ALA A 3 5.61 -6.65 -0.99
C ALA A 3 4.33 -7.07 -0.33
N LEU A 4 3.92 -6.28 0.63
CA LEU A 4 2.66 -6.45 1.30
C LEU A 4 1.64 -5.57 0.68
N ILE A 5 0.50 -6.12 0.47
CA ILE A 5 -0.61 -5.34 0.00
C ILE A 5 -1.76 -5.59 0.92
N MET A 6 -1.97 -4.67 1.81
CA MET A 6 -2.99 -4.85 2.83
C MET A 6 -4.29 -4.22 2.45
N ALA A 7 -5.13 -5.07 1.98
CA ALA A 7 -6.44 -4.74 1.55
C ALA A 7 -7.46 -5.39 2.45
N GLY A 8 -8.12 -4.58 3.21
CA GLY A 8 -9.11 -5.06 4.14
C GLY A 8 -8.92 -4.48 5.52
N GLY A 9 -7.88 -3.68 5.66
CA GLY A 9 -7.58 -3.05 6.94
C GLY A 9 -8.50 -1.89 7.27
N LYS A 10 -9.73 -2.21 7.61
CA LYS A 10 -10.70 -1.20 7.99
C LYS A 10 -11.54 -1.69 9.17
N GLY A 11 -11.54 -0.93 10.25
CA GLY A 11 -12.31 -1.30 11.42
C GLY A 11 -13.72 -0.73 11.37
N THR A 12 -13.93 0.22 10.48
CA THR A 12 -15.23 0.84 10.31
C THR A 12 -16.13 0.00 9.39
N ARG A 13 -17.40 0.35 9.33
CA ARG A 13 -18.36 -0.37 8.50
C ARG A 13 -18.37 0.16 7.05
N MET A 14 -19.53 0.09 6.41
CA MET A 14 -19.70 0.55 5.03
C MET A 14 -19.59 2.09 4.97
N GLY A 15 -18.37 2.58 5.04
CA GLY A 15 -18.12 4.01 4.98
C GLY A 15 -16.65 4.26 4.80
N GLY A 16 -16.26 5.53 4.65
CA GLY A 16 -14.85 5.85 4.42
C GLY A 16 -14.37 5.20 3.15
N VAL A 17 -13.35 4.37 3.25
CA VAL A 17 -12.95 3.58 2.11
C VAL A 17 -13.95 2.44 2.02
N GLU A 18 -14.98 2.63 1.21
CA GLU A 18 -16.09 1.70 1.15
C GLU A 18 -15.63 0.32 0.70
N LYS A 19 -14.89 0.25 -0.38
CA LYS A 19 -14.41 -1.02 -0.90
C LYS A 19 -13.01 -0.91 -1.46
N PRO A 20 -12.10 -1.80 -1.06
CA PRO A 20 -10.79 -1.94 -1.71
C PRO A 20 -11.00 -2.52 -3.11
N LEU A 21 -12.21 -2.98 -3.35
CA LEU A 21 -12.59 -3.58 -4.61
C LEU A 21 -13.25 -2.59 -5.55
N ILE A 22 -13.08 -1.30 -5.31
CA ILE A 22 -13.63 -0.31 -6.20
C ILE A 22 -13.00 -0.47 -7.56
N LYS A 23 -13.84 -0.75 -8.49
CA LYS A 23 -13.44 -1.03 -9.84
C LYS A 23 -13.31 0.21 -10.69
N LEU A 24 -12.21 0.26 -11.35
CA LEU A 24 -11.89 1.30 -12.30
C LEU A 24 -11.37 0.66 -13.57
N CYS A 25 -11.97 0.99 -14.69
CA CYS A 25 -11.57 0.46 -16.00
C CYS A 25 -11.47 -1.09 -16.01
N GLY A 26 -12.29 -1.74 -15.19
CA GLY A 26 -12.32 -3.18 -15.18
C GLY A 26 -11.54 -3.83 -14.03
N ARG A 27 -10.77 -3.07 -13.26
CA ARG A 27 -10.02 -3.67 -12.17
C ARG A 27 -10.27 -2.97 -10.87
N CYS A 28 -10.11 -3.69 -9.80
CA CYS A 28 -10.32 -3.19 -8.46
C CYS A 28 -9.10 -2.39 -7.99
N LEU A 29 -9.28 -1.60 -6.92
CA LEU A 29 -8.18 -0.78 -6.36
C LEU A 29 -7.03 -1.69 -5.94
N ILE A 30 -7.37 -2.79 -5.29
CA ILE A 30 -6.37 -3.74 -4.86
C ILE A 30 -5.61 -4.33 -6.07
N ASP A 31 -6.35 -4.61 -7.16
CA ASP A 31 -5.75 -5.19 -8.36
C ASP A 31 -4.76 -4.21 -8.98
N TYR A 32 -5.17 -2.94 -9.03
CA TYR A 32 -4.33 -1.87 -9.54
C TYR A 32 -3.08 -1.69 -8.68
N VAL A 33 -3.21 -1.90 -7.39
CA VAL A 33 -2.06 -1.83 -6.52
C VAL A 33 -1.12 -3.01 -6.77
N VAL A 34 -1.70 -4.19 -6.95
CA VAL A 34 -0.94 -5.41 -7.18
C VAL A 34 -0.11 -5.37 -8.45
N SER A 35 -0.73 -4.92 -9.53
CA SER A 35 -0.09 -4.99 -10.84
C SER A 35 1.33 -4.35 -10.90
N PRO A 36 1.54 -3.09 -10.45
CA PRO A 36 2.87 -2.47 -10.46
C PRO A 36 3.88 -3.24 -9.62
N LEU A 37 3.45 -3.67 -8.42
CA LEU A 37 4.33 -4.43 -7.54
C LEU A 37 4.65 -5.79 -8.14
N LEU A 38 3.65 -6.35 -8.77
CA LEU A 38 3.75 -7.62 -9.45
C LEU A 38 4.82 -7.56 -10.55
N LYS A 39 4.80 -6.47 -11.31
CA LYS A 39 5.76 -6.28 -12.40
C LYS A 39 7.03 -5.52 -11.95
N SER A 40 7.05 -5.06 -10.71
CA SER A 40 8.20 -4.34 -10.17
C SER A 40 9.28 -5.30 -9.70
N LYS A 41 10.32 -4.74 -9.14
CA LYS A 41 11.46 -5.45 -8.59
C LYS A 41 11.03 -6.53 -7.57
N VAL A 42 9.85 -6.36 -6.97
CA VAL A 42 9.35 -7.23 -5.91
C VAL A 42 9.34 -8.71 -6.28
N ASN A 43 9.76 -9.51 -5.33
CA ASN A 43 9.82 -10.93 -5.47
C ASN A 43 8.42 -11.56 -5.45
N ASN A 44 7.82 -11.71 -4.26
CA ASN A 44 6.45 -12.22 -4.16
C ASN A 44 5.54 -11.17 -3.58
N ILE A 45 4.28 -11.30 -3.89
CA ILE A 45 3.28 -10.37 -3.45
C ILE A 45 2.45 -11.01 -2.36
N PHE A 46 2.50 -10.48 -1.17
CA PHE A 46 1.72 -10.99 -0.09
C PHE A 46 0.62 -10.03 0.22
N ILE A 47 -0.59 -10.47 0.02
CA ILE A 47 -1.73 -9.63 0.24
C ILE A 47 -2.32 -9.90 1.58
N ALA A 48 -2.28 -8.89 2.39
CA ALA A 48 -2.77 -8.96 3.74
C ALA A 48 -4.23 -8.62 3.77
N THR A 49 -5.01 -9.52 4.31
CA THR A 49 -6.42 -9.33 4.43
C THR A 49 -6.89 -9.60 5.83
N SER A 50 -8.06 -9.11 6.14
CA SER A 50 -8.61 -9.26 7.46
C SER A 50 -9.89 -10.08 7.44
N PRO A 51 -10.19 -10.79 8.53
CA PRO A 51 -11.40 -11.60 8.64
C PRO A 51 -12.65 -10.72 8.66
N ASN A 52 -12.45 -9.45 8.97
CA ASN A 52 -13.53 -8.48 9.03
C ASN A 52 -13.89 -8.01 7.63
N THR A 53 -13.06 -8.35 6.66
CA THR A 53 -13.27 -7.95 5.30
C THR A 53 -12.91 -9.06 4.35
N PRO A 54 -13.63 -10.18 4.32
CA PRO A 54 -13.35 -11.07 3.29
C PRO A 54 -14.39 -10.99 2.24
N LYS A 55 -14.10 -10.14 1.42
CA LYS A 55 -14.82 -9.83 0.22
C LYS A 55 -13.79 -9.37 -0.67
N THR A 56 -12.99 -8.50 -0.11
CA THR A 56 -11.76 -8.20 -0.68
C THR A 56 -10.96 -9.48 -0.65
N LYS A 57 -10.95 -10.14 0.54
CA LYS A 57 -10.30 -11.43 0.67
C LYS A 57 -10.95 -12.48 -0.21
N GLU A 58 -12.32 -12.55 -0.23
CA GLU A 58 -12.95 -13.51 -1.16
C GLU A 58 -12.53 -13.25 -2.59
N TYR A 59 -12.51 -11.99 -2.98
CA TYR A 59 -12.08 -11.62 -4.33
C TYR A 59 -10.64 -12.04 -4.60
N ILE A 60 -9.77 -11.65 -3.71
CA ILE A 60 -8.35 -11.90 -3.87
C ILE A 60 -8.03 -13.39 -3.88
N ASN A 61 -8.61 -14.09 -2.92
CA ASN A 61 -8.41 -15.52 -2.76
C ASN A 61 -8.80 -16.27 -4.03
N SER A 62 -9.87 -15.83 -4.64
CA SER A 62 -10.42 -16.50 -5.79
C SER A 62 -9.76 -16.01 -7.09
N ALA A 63 -9.34 -14.75 -7.13
CA ALA A 63 -8.81 -14.17 -8.35
C ALA A 63 -7.32 -14.42 -8.53
N TYR A 64 -6.59 -14.45 -7.42
CA TYR A 64 -5.14 -14.58 -7.52
C TYR A 64 -4.69 -15.99 -7.16
N LYS A 65 -5.65 -16.89 -6.97
CA LYS A 65 -5.36 -18.28 -6.63
C LYS A 65 -4.54 -18.95 -7.75
N ASP A 66 -4.67 -18.41 -8.94
CA ASP A 66 -3.94 -18.89 -10.10
C ASP A 66 -2.46 -18.56 -10.00
N TYR A 67 -2.16 -17.43 -9.40
CA TYR A 67 -0.79 -16.92 -9.36
C TYR A 67 0.05 -17.60 -8.29
N LYS A 68 1.29 -17.85 -8.64
CA LYS A 68 2.22 -18.50 -7.75
C LYS A 68 2.92 -17.48 -6.86
N ASN A 69 3.33 -16.36 -7.45
CA ASN A 69 4.06 -15.34 -6.70
C ASN A 69 3.13 -14.45 -5.92
N ILE A 70 1.83 -14.67 -6.04
CA ILE A 70 0.88 -13.92 -5.27
C ILE A 70 0.33 -14.79 -4.18
N VAL A 71 0.50 -14.34 -2.98
CA VAL A 71 0.12 -15.08 -1.81
C VAL A 71 -0.83 -14.27 -0.96
N VAL A 72 -1.91 -14.87 -0.57
CA VAL A 72 -2.89 -14.20 0.28
C VAL A 72 -2.67 -14.61 1.71
N ILE A 73 -2.61 -13.64 2.58
CA ILE A 73 -2.39 -13.90 3.97
C ILE A 73 -3.47 -13.25 4.81
N ASP A 74 -3.65 -13.78 5.98
CA ASP A 74 -4.66 -13.29 6.91
C ASP A 74 -3.98 -12.78 8.12
N THR A 75 -4.37 -11.64 8.56
CA THR A 75 -3.69 -11.04 9.68
C THR A 75 -4.55 -9.99 10.43
N SER A 76 -3.90 -9.30 11.34
CA SER A 76 -4.46 -8.32 12.26
C SER A 76 -4.99 -7.05 11.60
N GLY A 77 -4.93 -6.98 10.25
CA GLY A 77 -5.28 -5.77 9.41
C GLY A 77 -6.36 -4.85 9.96
N LYS A 78 -7.21 -5.36 10.80
CA LYS A 78 -8.19 -4.57 11.51
C LYS A 78 -7.41 -3.43 12.24
N GLY A 79 -6.21 -3.77 12.66
CA GLY A 79 -5.27 -2.83 13.23
C GLY A 79 -4.02 -2.76 12.34
N TYR A 80 -3.72 -1.59 11.82
CA TYR A 80 -2.62 -1.43 10.84
C TYR A 80 -1.26 -1.86 11.39
N ILE A 81 -0.93 -1.35 12.56
CA ILE A 81 0.35 -1.65 13.20
C ILE A 81 0.43 -3.11 13.53
N GLU A 82 -0.64 -3.59 14.07
CA GLU A 82 -0.78 -4.98 14.49
C GLU A 82 -0.61 -5.93 13.31
N ASP A 83 -1.22 -5.55 12.21
CA ASP A 83 -1.11 -6.31 10.95
C ASP A 83 0.33 -6.45 10.53
N LEU A 84 1.01 -5.32 10.50
CA LEU A 84 2.40 -5.30 10.11
C LEU A 84 3.22 -6.15 11.04
N ASN A 85 2.94 -6.06 12.31
CA ASN A 85 3.66 -6.86 13.31
C ASN A 85 3.51 -8.36 13.08
N GLU A 86 2.31 -8.80 12.72
CA GLU A 86 2.10 -10.20 12.45
C GLU A 86 2.91 -10.59 11.22
N CYS A 87 2.85 -9.74 10.21
CA CYS A 87 3.57 -9.98 8.97
C CYS A 87 5.09 -9.99 9.17
N ILE A 88 5.61 -9.03 9.93
CA ILE A 88 7.07 -8.90 10.14
C ILE A 88 7.59 -10.11 10.91
N GLY A 89 6.72 -10.69 11.73
CA GLY A 89 7.09 -11.85 12.48
C GLY A 89 7.48 -13.05 11.61
N TYR A 90 6.77 -13.24 10.50
CA TYR A 90 6.98 -14.42 9.66
C TYR A 90 7.90 -14.22 8.46
N PHE A 91 8.39 -13.01 8.27
CA PHE A 91 9.33 -12.75 7.19
C PHE A 91 10.75 -12.76 7.71
N SER A 92 11.70 -13.01 6.82
CA SER A 92 13.11 -12.99 7.17
C SER A 92 13.85 -11.92 6.36
N GLU A 93 13.10 -11.21 5.53
CA GLU A 93 13.66 -10.14 4.71
C GLU A 93 12.78 -8.91 4.76
N PRO A 94 13.39 -7.76 4.50
CA PRO A 94 12.67 -6.50 4.38
C PRO A 94 11.58 -6.60 3.31
N PHE A 95 10.46 -5.98 3.56
CA PHE A 95 9.36 -6.05 2.64
C PHE A 95 8.62 -4.73 2.54
N LEU A 96 7.92 -4.57 1.45
CA LEU A 96 7.23 -3.34 1.12
C LEU A 96 5.81 -3.31 1.76
N VAL A 97 5.39 -2.13 2.19
CA VAL A 97 4.07 -1.91 2.79
C VAL A 97 3.28 -0.87 1.96
N VAL A 98 2.03 -1.17 1.61
CA VAL A 98 1.23 -0.25 0.77
C VAL A 98 -0.15 0.00 1.33
N SER A 99 -0.74 1.09 0.89
CA SER A 99 -2.12 1.38 1.13
C SER A 99 -2.88 1.01 -0.16
N SER A 100 -4.14 0.68 -0.04
CA SER A 100 -4.89 0.18 -1.19
C SER A 100 -5.56 1.28 -2.04
N ASP A 101 -5.41 2.54 -1.66
CA ASP A 101 -6.13 3.61 -2.36
C ASP A 101 -5.25 4.51 -3.23
N LEU A 102 -3.94 4.32 -3.23
CA LEU A 102 -3.09 5.14 -4.10
C LEU A 102 -2.95 4.51 -5.48
N ILE A 103 -3.47 5.21 -6.48
CA ILE A 103 -3.42 4.76 -7.86
C ILE A 103 -2.23 5.38 -8.59
N ASN A 104 -1.38 6.05 -7.83
CA ASN A 104 -0.19 6.70 -8.36
C ASN A 104 0.69 5.71 -9.11
N LEU A 105 1.32 6.19 -10.19
CA LEU A 105 2.24 5.37 -10.97
C LEU A 105 3.49 5.11 -10.15
N LYS A 106 3.35 4.16 -9.26
CA LYS A 106 4.35 3.77 -8.28
C LYS A 106 5.52 2.98 -8.88
N SER A 107 5.49 2.72 -10.18
CA SER A 107 6.51 1.87 -10.81
C SER A 107 7.93 2.41 -10.58
N LYS A 108 8.10 3.69 -10.76
CA LYS A 108 9.40 4.31 -10.55
C LYS A 108 9.65 4.48 -9.06
N ILE A 109 8.56 4.57 -8.32
CA ILE A 109 8.63 4.86 -6.91
C ILE A 109 9.19 3.67 -6.17
N ILE A 110 8.74 2.50 -6.57
CA ILE A 110 9.12 1.24 -5.94
C ILE A 110 10.62 1.04 -6.02
N ASN A 111 11.14 1.25 -7.20
CA ASN A 111 12.58 1.12 -7.41
C ASN A 111 13.36 2.15 -6.62
N SER A 112 12.84 3.37 -6.60
CA SER A 112 13.49 4.46 -5.88
C SER A 112 13.54 4.17 -4.37
N ILE A 113 12.46 3.59 -3.85
CA ILE A 113 12.36 3.26 -2.45
C ILE A 113 13.45 2.27 -2.05
N VAL A 114 13.59 1.24 -2.86
CA VAL A 114 14.55 0.20 -2.61
C VAL A 114 15.97 0.77 -2.63
N ASP A 115 16.26 1.55 -3.65
CA ASP A 115 17.58 2.17 -3.77
C ASP A 115 17.88 3.10 -2.61
N TYR A 116 16.91 3.92 -2.22
CA TYR A 116 17.09 4.87 -1.12
C TYR A 116 17.33 4.13 0.21
N PHE A 117 16.48 3.15 0.48
CA PHE A 117 16.58 2.34 1.70
C PHE A 117 17.93 1.61 1.76
N TYR A 118 18.30 0.98 0.66
CA TYR A 118 19.57 0.28 0.59
C TYR A 118 20.76 1.23 0.66
N CYS A 119 20.57 2.44 0.17
CA CYS A 119 21.59 3.46 0.23
C CYS A 119 21.87 3.78 1.68
N ILE A 120 20.81 3.93 2.44
CA ILE A 120 20.91 4.25 3.85
C ILE A 120 21.60 3.16 4.62
N LYS A 121 21.17 1.91 4.43
CA LYS A 121 21.80 0.79 5.15
C LYS A 121 23.26 0.62 4.77
N ALA A 122 23.62 1.10 3.59
CA ALA A 122 25.01 1.05 3.17
C ALA A 122 25.90 1.85 4.12
N LYS A 123 25.40 3.02 4.53
CA LYS A 123 26.14 3.86 5.46
C LYS A 123 25.74 3.58 6.91
N THR A 124 24.47 3.38 7.14
CA THR A 124 23.93 3.09 8.44
C THR A 124 23.06 1.83 8.35
N PRO A 125 23.65 0.65 8.60
CA PRO A 125 22.95 -0.63 8.49
C PRO A 125 21.89 -0.81 9.58
N ASP A 126 21.94 0.06 10.57
CA ASP A 126 21.04 0.00 11.71
C ASP A 126 19.58 0.24 11.30
N VAL A 127 19.37 1.03 10.22
CA VAL A 127 18.01 1.33 9.74
C VAL A 127 17.22 0.05 9.47
N GLU A 128 16.01 0.00 10.01
CA GLU A 128 15.20 -1.18 9.93
C GLU A 128 13.92 -0.94 9.11
N ALA A 129 13.62 0.30 8.82
CA ALA A 129 12.40 0.63 8.09
C ALA A 129 12.53 1.94 7.35
N LEU A 130 11.63 2.16 6.41
CA LEU A 130 11.64 3.36 5.59
C LEU A 130 10.21 3.86 5.39
N ALA A 131 10.02 5.14 5.58
CA ALA A 131 8.72 5.78 5.43
C ALA A 131 8.81 6.90 4.42
N VAL A 132 7.81 7.01 3.58
CA VAL A 132 7.79 8.03 2.57
C VAL A 132 6.61 8.97 2.78
N MET A 133 6.91 10.24 2.92
CA MET A 133 5.90 11.22 3.18
C MET A 133 6.21 12.55 2.52
N ILE A 134 5.22 13.42 2.47
CA ILE A 134 5.36 14.72 1.85
C ILE A 134 4.98 15.81 2.83
N PRO A 135 5.45 17.04 2.59
CA PRO A 135 5.17 18.14 3.48
C PRO A 135 3.68 18.50 3.50
N LYS A 136 3.14 18.59 4.71
CA LYS A 136 1.75 18.92 4.93
C LYS A 136 1.41 20.28 4.37
N GLU A 137 2.37 21.19 4.47
CA GLU A 137 2.20 22.55 4.02
C GLU A 137 1.86 22.61 2.51
N LYS A 138 2.48 21.74 1.71
CA LYS A 138 2.23 21.77 0.28
C LYS A 138 1.05 20.91 -0.09
N TYR A 139 0.75 19.96 0.76
CA TYR A 139 -0.35 19.06 0.52
C TYR A 139 -1.67 19.76 0.89
N PRO A 140 -2.57 19.93 -0.09
CA PRO A 140 -3.84 20.65 0.12
C PRO A 140 -4.92 19.81 0.84
N ASN A 141 -4.56 19.25 1.99
CA ASN A 141 -5.47 18.43 2.83
C ASN A 141 -5.89 17.14 2.11
N PRO A 142 -5.98 16.02 2.84
CA PRO A 142 -6.34 14.74 2.26
C PRO A 142 -7.83 14.62 1.93
N SER A 143 -8.64 14.36 2.93
CA SER A 143 -10.07 14.18 2.75
C SER A 143 -10.83 15.00 3.78
N ILE A 144 -10.15 16.02 4.32
CA ILE A 144 -10.68 16.83 5.41
C ILE A 144 -10.77 15.95 6.65
N ASP A 145 -9.66 15.83 7.34
CA ASP A 145 -9.54 14.95 8.49
C ASP A 145 -8.57 15.58 9.47
N PHE A 146 -8.10 14.83 10.45
CA PHE A 146 -7.14 15.37 11.40
C PHE A 146 -5.85 15.73 10.67
N ASN A 147 -5.28 16.87 11.01
CA ASN A 147 -4.08 17.32 10.35
C ASN A 147 -2.84 16.88 11.11
N GLY A 148 -1.87 16.37 10.37
CA GLY A 148 -0.64 15.89 10.93
C GLY A 148 0.35 15.57 9.84
N LEU A 149 0.96 14.41 9.89
CA LEU A 149 1.87 14.01 8.82
C LEU A 149 1.09 13.29 7.74
N VAL A 150 1.47 13.52 6.52
CA VAL A 150 0.77 12.93 5.39
C VAL A 150 1.67 12.01 4.55
N PRO A 151 1.57 10.69 4.78
CA PRO A 151 2.30 9.69 3.99
C PRO A 151 1.87 9.76 2.53
N ALA A 152 2.81 9.58 1.63
CA ALA A 152 2.50 9.65 0.21
C ALA A 152 2.98 8.42 -0.51
N GLY A 153 4.20 8.04 -0.24
CA GLY A 153 4.75 6.92 -0.93
C GLY A 153 4.47 5.63 -0.24
N ILE A 154 5.33 4.69 -0.45
CA ILE A 154 5.17 3.38 0.10
C ILE A 154 6.18 3.16 1.22
N ASN A 155 5.90 2.20 2.07
CA ASN A 155 6.70 1.98 3.27
C ASN A 155 7.53 0.71 3.19
N VAL A 156 8.65 0.70 3.88
CA VAL A 156 9.52 -0.46 3.96
C VAL A 156 9.73 -0.86 5.39
N VAL A 157 9.57 -2.13 5.68
CA VAL A 157 9.79 -2.64 7.01
C VAL A 157 10.67 -3.87 6.99
N SER A 158 11.40 -4.06 8.06
CA SER A 158 12.20 -5.25 8.25
C SER A 158 11.44 -6.24 9.11
N PRO A 159 11.83 -7.53 9.08
CA PRO A 159 11.19 -8.57 9.90
C PRO A 159 11.58 -8.47 11.37
N LYS A 160 11.42 -7.30 11.93
CA LYS A 160 11.78 -7.04 13.31
C LYS A 160 10.51 -6.80 14.12
N HIS A 161 10.16 -7.75 14.97
CA HIS A 161 8.94 -7.64 15.77
C HIS A 161 8.98 -6.43 16.71
N GLY A 162 7.83 -5.82 16.94
CA GLY A 162 7.79 -4.64 17.75
C GLY A 162 8.00 -3.39 16.91
N TYR A 163 8.63 -2.39 17.48
CA TYR A 163 8.94 -1.18 16.74
C TYR A 163 10.40 -1.15 16.36
N GLN A 164 10.69 -0.67 15.17
CA GLN A 164 12.02 -0.66 14.65
C GLN A 164 12.39 0.70 14.04
N LYS A 165 13.69 0.95 13.88
CA LYS A 165 14.20 2.22 13.34
C LYS A 165 13.68 2.45 11.95
N GLU A 166 12.95 3.52 11.80
CA GLU A 166 12.33 3.85 10.52
C GLU A 166 12.83 5.21 10.05
N GLU A 167 13.34 5.26 8.83
CA GLU A 167 13.83 6.49 8.28
C GLU A 167 12.81 7.18 7.45
N ILE A 168 13.09 8.41 7.20
CA ILE A 168 12.13 9.27 6.52
C ILE A 168 12.60 9.69 5.15
N MET A 169 11.72 9.51 4.19
CA MET A 169 11.93 9.96 2.83
C MET A 169 10.94 11.04 2.51
N VAL A 170 11.42 12.14 1.98
CA VAL A 170 10.54 13.19 1.57
C VAL A 170 10.54 13.26 0.05
N ILE A 171 9.37 13.14 -0.53
CA ILE A 171 9.24 13.14 -1.98
C ILE A 171 8.52 14.38 -2.46
N ASP A 172 8.47 14.55 -3.76
CA ASP A 172 7.83 15.72 -4.35
C ASP A 172 6.70 15.30 -5.28
N GLU A 173 6.50 14.00 -5.36
CA GLU A 173 5.42 13.46 -6.17
C GLU A 173 4.23 13.15 -5.30
N LEU A 174 3.09 13.54 -5.77
CA LEU A 174 1.85 13.36 -5.05
C LEU A 174 1.14 12.12 -5.48
N ILE A 175 0.42 11.53 -4.57
CA ILE A 175 -0.34 10.34 -4.84
C ILE A 175 -1.81 10.67 -4.97
N PHE A 176 -2.52 9.85 -5.70
CA PHE A 176 -3.94 10.02 -5.86
C PHE A 176 -4.65 8.95 -5.08
N ASN A 177 -5.36 9.36 -4.05
CA ASN A 177 -6.09 8.43 -3.20
C ASN A 177 -7.56 8.64 -3.35
N ILE A 178 -8.34 7.60 -3.10
CA ILE A 178 -9.76 7.71 -3.19
C ILE A 178 -10.31 8.08 -1.81
N ASN A 179 -10.80 9.30 -1.69
CA ASN A 179 -11.34 9.78 -0.44
C ASN A 179 -12.84 9.82 -0.50
N THR A 180 -13.34 10.11 -1.68
CA THR A 180 -14.76 10.22 -1.91
C THR A 180 -15.10 9.82 -3.35
N LYS A 181 -16.38 9.92 -3.70
CA LYS A 181 -16.88 9.52 -5.02
C LYS A 181 -16.27 10.36 -6.14
N ASP A 182 -16.07 11.65 -5.87
CA ASP A 182 -15.44 12.56 -6.84
C ASP A 182 -14.04 12.09 -7.21
N ASP A 183 -13.33 11.55 -6.24
CA ASP A 183 -11.97 11.03 -6.46
C ASP A 183 -11.98 9.90 -7.47
N LEU A 184 -13.05 9.10 -7.47
CA LEU A 184 -13.18 8.01 -8.44
C LEU A 184 -13.20 8.57 -9.82
N LYS A 185 -13.92 9.66 -9.95
CA LYS A 185 -14.03 10.41 -11.20
C LYS A 185 -12.65 10.95 -11.59
N LEU A 186 -11.91 11.43 -10.61
CA LEU A 186 -10.55 11.89 -10.81
C LEU A 186 -9.67 10.75 -11.31
N ALA A 187 -9.78 9.62 -10.62
CA ALA A 187 -9.03 8.42 -10.94
C ALA A 187 -9.33 7.91 -12.34
N GLU A 188 -10.61 7.85 -12.68
CA GLU A 188 -11.02 7.39 -14.01
C GLU A 188 -10.61 8.40 -15.09
N MET A 189 -10.59 9.67 -14.70
CA MET A 189 -10.20 10.74 -15.60
C MET A 189 -8.77 10.57 -16.07
N LEU A 190 -7.86 10.28 -15.15
CA LEU A 190 -6.46 10.11 -15.51
C LEU A 190 -6.23 8.80 -16.25
N LEU A 191 -7.04 7.79 -15.95
CA LEU A 191 -6.97 6.52 -16.67
C LEU A 191 -7.34 6.73 -18.11
N LYS A 192 -8.37 7.53 -18.31
CA LYS A 192 -8.81 7.92 -19.65
C LYS A 192 -7.73 8.75 -20.34
N LYS A 193 -7.07 9.61 -19.57
CA LYS A 193 -6.00 10.47 -20.06
C LYS A 193 -4.84 9.63 -20.62
N ASP A 194 -4.59 8.49 -19.99
CA ASP A 194 -3.55 7.57 -20.46
C ASP A 194 -3.92 7.02 -21.84
N GLY A 195 -5.21 6.97 -22.09
CA GLY A 195 -5.71 6.55 -23.36
C GLY A 195 -6.01 7.75 -24.25
N LEU A 196 -4.98 8.56 -24.46
CA LEU A 196 -5.08 9.79 -25.26
C LEU A 196 -5.63 9.50 -26.66
N MET A 1 13.52 -7.87 -2.01
CA MET A 1 12.55 -7.89 -0.90
C MET A 1 11.15 -8.21 -1.44
N ASP A 2 10.22 -8.47 -0.55
CA ASP A 2 8.86 -8.77 -0.95
C ASP A 2 7.95 -7.59 -0.70
N ALA A 3 6.78 -7.62 -1.28
CA ALA A 3 5.84 -6.54 -1.12
C ALA A 3 4.55 -7.01 -0.48
N LEU A 4 4.08 -6.25 0.48
CA LEU A 4 2.87 -6.55 1.18
C LEU A 4 1.78 -5.62 0.72
N ILE A 5 0.68 -6.18 0.30
CA ILE A 5 -0.45 -5.39 -0.06
C ILE A 5 -1.59 -5.73 0.85
N MET A 6 -1.84 -4.87 1.80
CA MET A 6 -2.87 -5.13 2.77
C MET A 6 -4.20 -4.57 2.34
N ALA A 7 -4.97 -5.44 1.81
CA ALA A 7 -6.27 -5.13 1.30
C ALA A 7 -7.35 -5.84 2.11
N GLY A 8 -7.90 -5.12 3.03
CA GLY A 8 -8.96 -5.60 3.87
C GLY A 8 -9.76 -4.46 4.39
N GLY A 9 -9.86 -3.43 3.57
CA GLY A 9 -10.53 -2.23 3.96
C GLY A 9 -9.57 -1.28 4.62
N LYS A 10 -10.01 -0.07 4.90
CA LYS A 10 -9.15 0.89 5.56
C LYS A 10 -9.23 0.74 7.06
N GLY A 11 -8.40 -0.16 7.59
CA GLY A 11 -8.38 -0.44 9.02
C GLY A 11 -7.85 0.70 9.85
N THR A 12 -7.30 1.71 9.17
CA THR A 12 -6.76 2.88 9.84
C THR A 12 -7.82 3.62 10.66
N ARG A 13 -9.09 3.36 10.38
CA ARG A 13 -10.17 3.98 11.15
C ARG A 13 -11.29 2.98 11.45
N MET A 14 -12.11 2.68 10.44
CA MET A 14 -13.22 1.74 10.62
C MET A 14 -13.02 0.48 9.81
N GLY A 15 -12.82 0.66 8.51
CA GLY A 15 -12.65 -0.47 7.61
C GLY A 15 -13.99 -0.94 7.08
N GLY A 16 -13.95 -1.81 6.08
CA GLY A 16 -15.19 -2.35 5.52
C GLY A 16 -15.86 -1.41 4.53
N VAL A 17 -16.31 -0.25 5.02
CA VAL A 17 -17.00 0.74 4.19
C VAL A 17 -16.13 1.22 3.03
N GLU A 18 -14.86 1.42 3.29
CA GLU A 18 -13.92 1.79 2.26
C GLU A 18 -13.03 0.62 1.96
N LYS A 19 -13.02 0.22 0.70
CA LYS A 19 -12.28 -0.94 0.29
C LYS A 19 -11.61 -0.69 -1.05
N PRO A 20 -10.52 -1.44 -1.34
CA PRO A 20 -9.78 -1.31 -2.58
C PRO A 20 -10.51 -1.88 -3.80
N LEU A 21 -11.67 -2.48 -3.59
CA LEU A 21 -12.42 -3.07 -4.69
C LEU A 21 -13.24 -2.06 -5.45
N ILE A 22 -12.95 -0.80 -5.28
CA ILE A 22 -13.62 0.19 -6.03
C ILE A 22 -13.21 0.08 -7.46
N LYS A 23 -14.18 -0.13 -8.25
CA LYS A 23 -13.97 -0.33 -9.66
C LYS A 23 -13.82 1.00 -10.32
N LEU A 24 -12.76 1.12 -11.02
CA LEU A 24 -12.43 2.37 -11.64
C LEU A 24 -11.75 2.16 -12.98
N CYS A 25 -12.39 2.64 -14.04
CA CYS A 25 -11.85 2.59 -15.39
C CYS A 25 -11.45 1.16 -15.81
N GLY A 26 -12.26 0.18 -15.44
CA GLY A 26 -12.04 -1.17 -15.89
C GLY A 26 -11.61 -2.15 -14.80
N ARG A 27 -10.97 -1.69 -13.74
CA ARG A 27 -10.52 -2.61 -12.70
C ARG A 27 -10.58 -2.00 -11.33
N CYS A 28 -10.35 -2.81 -10.34
CA CYS A 28 -10.41 -2.38 -8.97
C CYS A 28 -9.10 -1.71 -8.55
N LEU A 29 -9.20 -0.82 -7.57
CA LEU A 29 -8.09 -0.07 -7.07
C LEU A 29 -6.93 -1.00 -6.65
N ILE A 30 -7.26 -2.16 -6.05
CA ILE A 30 -6.21 -3.09 -5.65
C ILE A 30 -5.43 -3.61 -6.85
N ASP A 31 -6.11 -3.89 -7.94
CA ASP A 31 -5.43 -4.37 -9.15
C ASP A 31 -4.48 -3.30 -9.64
N TYR A 32 -4.94 -2.06 -9.54
CA TYR A 32 -4.10 -0.91 -9.86
C TYR A 32 -2.88 -0.85 -8.92
N VAL A 33 -3.07 -1.25 -7.67
CA VAL A 33 -1.97 -1.32 -6.70
C VAL A 33 -1.00 -2.47 -7.01
N VAL A 34 -1.57 -3.63 -7.30
CA VAL A 34 -0.81 -4.86 -7.56
C VAL A 34 0.06 -4.74 -8.81
N SER A 35 -0.50 -4.16 -9.86
CA SER A 35 0.15 -4.12 -11.16
C SER A 35 1.60 -3.57 -11.11
N PRO A 36 1.85 -2.34 -10.55
CA PRO A 36 3.21 -1.81 -10.47
C PRO A 36 4.10 -2.60 -9.50
N LEU A 37 3.51 -3.05 -8.39
CA LEU A 37 4.25 -3.80 -7.39
C LEU A 37 4.73 -5.13 -7.91
N LEU A 38 3.89 -5.80 -8.64
CA LEU A 38 4.27 -7.08 -9.23
C LEU A 38 5.40 -6.91 -10.22
N LYS A 39 5.28 -5.89 -11.07
CA LYS A 39 6.29 -5.61 -12.09
C LYS A 39 7.53 -4.88 -11.54
N SER A 40 7.46 -4.46 -10.26
CA SER A 40 8.58 -3.76 -9.64
C SER A 40 9.71 -4.72 -9.30
N LYS A 41 10.77 -4.18 -8.74
CA LYS A 41 11.93 -4.93 -8.35
C LYS A 41 11.62 -6.05 -7.33
N VAL A 42 10.51 -5.93 -6.58
CA VAL A 42 10.22 -6.89 -5.51
C VAL A 42 10.04 -8.32 -6.00
N ASN A 43 10.18 -9.25 -5.07
CA ASN A 43 10.12 -10.67 -5.36
C ASN A 43 8.68 -11.19 -5.42
N ASN A 44 8.04 -11.30 -4.26
CA ASN A 44 6.68 -11.82 -4.19
C ASN A 44 5.74 -10.78 -3.68
N ILE A 45 4.48 -10.94 -4.01
CA ILE A 45 3.44 -10.04 -3.55
C ILE A 45 2.57 -10.78 -2.55
N PHE A 46 2.58 -10.34 -1.31
CA PHE A 46 1.75 -10.94 -0.30
C PHE A 46 0.61 -10.01 0.01
N ILE A 47 -0.58 -10.47 -0.24
CA ILE A 47 -1.74 -9.66 0.01
C ILE A 47 -2.38 -10.03 1.29
N ALA A 48 -2.42 -9.08 2.16
CA ALA A 48 -2.96 -9.26 3.48
C ALA A 48 -4.44 -8.97 3.48
N THR A 49 -5.20 -9.96 3.88
CA THR A 49 -6.63 -9.84 3.96
C THR A 49 -7.11 -10.29 5.32
N SER A 50 -8.34 -10.00 5.63
CA SER A 50 -8.88 -10.36 6.92
C SER A 50 -10.22 -11.05 6.77
N PRO A 51 -10.64 -11.84 7.79
CA PRO A 51 -11.95 -12.50 7.79
C PRO A 51 -13.07 -11.48 7.79
N ASN A 52 -12.74 -10.27 8.22
CA ASN A 52 -13.68 -9.16 8.25
C ASN A 52 -13.99 -8.69 6.83
N THR A 53 -13.08 -8.97 5.90
CA THR A 53 -13.26 -8.54 4.53
C THR A 53 -12.89 -9.60 3.53
N PRO A 54 -13.60 -10.71 3.40
CA PRO A 54 -13.31 -11.51 2.29
C PRO A 54 -14.31 -11.23 1.23
N LYS A 55 -13.97 -10.26 0.58
CA LYS A 55 -14.70 -9.64 -0.51
C LYS A 55 -13.65 -9.18 -1.37
N THR A 56 -12.77 -8.45 -0.75
CA THR A 56 -11.54 -8.16 -1.29
C THR A 56 -10.81 -9.48 -1.44
N LYS A 57 -10.83 -10.28 -0.35
CA LYS A 57 -10.20 -11.59 -0.39
C LYS A 57 -10.85 -12.52 -1.42
N GLU A 58 -12.21 -12.64 -1.43
CA GLU A 58 -12.80 -13.48 -2.50
C GLU A 58 -12.42 -12.96 -3.91
N TYR A 59 -12.34 -11.63 -4.07
CA TYR A 59 -11.94 -11.05 -5.36
C TYR A 59 -10.53 -11.44 -5.73
N ILE A 60 -9.63 -11.22 -4.81
CA ILE A 60 -8.22 -11.42 -5.04
C ILE A 60 -7.91 -12.85 -5.37
N ASN A 61 -8.49 -13.74 -4.59
CA ASN A 61 -8.27 -15.14 -4.75
C ASN A 61 -8.67 -15.57 -6.15
N SER A 62 -9.83 -15.09 -6.59
CA SER A 62 -10.36 -15.44 -7.90
C SER A 62 -9.59 -14.73 -9.02
N ALA A 63 -9.33 -13.44 -8.82
CA ALA A 63 -8.70 -12.61 -9.84
C ALA A 63 -7.30 -13.09 -10.13
N TYR A 64 -6.62 -13.50 -9.10
CA TYR A 64 -5.25 -13.90 -9.22
C TYR A 64 -5.08 -15.38 -9.04
N LYS A 65 -6.08 -16.15 -9.48
CA LYS A 65 -6.03 -17.62 -9.41
C LYS A 65 -4.85 -18.16 -10.21
N ASP A 66 -4.43 -17.41 -11.21
CA ASP A 66 -3.32 -17.78 -12.08
C ASP A 66 -2.00 -17.27 -11.53
N TYR A 67 -2.02 -16.79 -10.28
CA TYR A 67 -0.87 -16.18 -9.61
C TYR A 67 0.44 -16.94 -9.82
N LYS A 68 1.48 -16.21 -10.13
CA LYS A 68 2.82 -16.75 -10.21
C LYS A 68 3.58 -16.34 -8.95
N ASN A 69 3.52 -15.04 -8.65
CA ASN A 69 4.24 -14.48 -7.51
C ASN A 69 3.29 -13.85 -6.49
N ILE A 70 2.01 -14.10 -6.66
CA ILE A 70 1.03 -13.51 -5.78
C ILE A 70 0.56 -14.49 -4.73
N VAL A 71 0.72 -14.11 -3.50
CA VAL A 71 0.36 -14.92 -2.36
C VAL A 71 -0.64 -14.19 -1.51
N VAL A 72 -1.70 -14.85 -1.17
CA VAL A 72 -2.72 -14.26 -0.33
C VAL A 72 -2.57 -14.75 1.09
N ILE A 73 -2.59 -13.84 2.02
CA ILE A 73 -2.44 -14.18 3.41
C ILE A 73 -3.59 -13.62 4.20
N ASP A 74 -3.87 -14.22 5.31
CA ASP A 74 -4.96 -13.81 6.16
C ASP A 74 -4.44 -13.39 7.48
N THR A 75 -4.86 -12.25 7.93
CA THR A 75 -4.33 -11.71 9.15
C THR A 75 -5.26 -10.64 9.78
N SER A 76 -4.68 -9.95 10.75
CA SER A 76 -5.31 -8.93 11.58
C SER A 76 -5.77 -7.67 10.82
N GLY A 77 -5.59 -7.68 9.48
CA GLY A 77 -5.87 -6.52 8.53
C GLY A 77 -7.00 -5.57 8.90
N LYS A 78 -7.87 -5.99 9.77
CA LYS A 78 -8.89 -5.14 10.32
C LYS A 78 -8.17 -3.96 11.02
N GLY A 79 -7.06 -4.27 11.66
CA GLY A 79 -6.24 -3.26 12.31
C GLY A 79 -4.91 -3.12 11.58
N TYR A 80 -4.54 -1.89 11.25
CA TYR A 80 -3.34 -1.63 10.44
C TYR A 80 -2.05 -2.13 11.11
N ILE A 81 -1.85 -1.75 12.35
CA ILE A 81 -0.62 -2.15 13.05
C ILE A 81 -0.66 -3.60 13.45
N GLU A 82 -1.84 -4.10 13.72
CA GLU A 82 -2.02 -5.49 14.09
C GLU A 82 -1.65 -6.37 12.93
N ASP A 83 -2.10 -5.97 11.76
CA ASP A 83 -1.80 -6.68 10.52
C ASP A 83 -0.31 -6.69 10.28
N LEU A 84 0.29 -5.50 10.36
CA LEU A 84 1.71 -5.35 10.16
C LEU A 84 2.48 -6.24 11.10
N ASN A 85 2.11 -6.19 12.36
CA ASN A 85 2.78 -7.01 13.37
C ASN A 85 2.69 -8.51 13.08
N GLU A 86 1.52 -8.96 12.68
CA GLU A 86 1.38 -10.36 12.32
C GLU A 86 2.21 -10.69 11.10
N CYS A 87 2.15 -9.81 10.11
CA CYS A 87 2.88 -9.99 8.86
C CYS A 87 4.40 -9.96 9.08
N ILE A 88 4.87 -9.04 9.92
CA ILE A 88 6.31 -8.93 10.20
C ILE A 88 6.78 -10.13 10.99
N GLY A 89 5.85 -10.78 11.69
CA GLY A 89 6.17 -12.00 12.42
C GLY A 89 6.38 -13.22 11.51
N TYR A 90 5.96 -13.12 10.24
CA TYR A 90 6.09 -14.26 9.30
C TYR A 90 7.30 -14.16 8.40
N PHE A 91 8.06 -13.10 8.54
CA PHE A 91 9.22 -12.91 7.69
C PHE A 91 10.48 -12.67 8.51
N SER A 92 11.60 -13.09 7.95
CA SER A 92 12.89 -12.84 8.57
C SER A 92 13.67 -11.81 7.75
N GLU A 93 13.01 -11.30 6.71
CA GLU A 93 13.58 -10.31 5.82
C GLU A 93 12.64 -9.13 5.66
N PRO A 94 13.19 -7.96 5.35
CA PRO A 94 12.41 -6.73 5.20
C PRO A 94 11.50 -6.78 3.98
N PHE A 95 10.37 -6.12 4.08
CA PHE A 95 9.38 -6.13 3.02
C PHE A 95 8.68 -4.78 2.88
N LEU A 96 8.04 -4.59 1.75
CA LEU A 96 7.35 -3.37 1.40
C LEU A 96 5.91 -3.37 1.97
N VAL A 97 5.47 -2.23 2.46
CA VAL A 97 4.11 -2.02 3.02
C VAL A 97 3.37 -0.99 2.16
N VAL A 98 2.12 -1.27 1.79
CA VAL A 98 1.38 -0.33 0.93
C VAL A 98 0.02 0.00 1.51
N SER A 99 -0.56 1.07 1.03
CA SER A 99 -1.90 1.45 1.38
C SER A 99 -2.83 0.98 0.26
N SER A 100 -4.01 0.51 0.64
CA SER A 100 -4.94 -0.09 -0.30
C SER A 100 -5.58 0.91 -1.29
N ASP A 101 -5.45 2.19 -1.00
CA ASP A 101 -6.10 3.20 -1.82
C ASP A 101 -5.14 4.06 -2.67
N LEU A 102 -3.89 3.65 -2.78
CA LEU A 102 -2.93 4.40 -3.58
C LEU A 102 -3.16 4.12 -5.07
N ILE A 103 -3.59 5.12 -5.81
CA ILE A 103 -3.79 4.93 -7.23
C ILE A 103 -3.11 6.03 -8.04
N ASN A 104 -2.22 5.58 -8.92
CA ASN A 104 -1.41 6.41 -9.83
C ASN A 104 -0.25 5.55 -10.29
N LEU A 105 0.60 6.06 -11.15
CA LEU A 105 1.75 5.30 -11.59
C LEU A 105 2.78 5.24 -10.45
N LYS A 106 2.83 4.10 -9.79
CA LYS A 106 3.69 3.89 -8.63
C LYS A 106 4.98 3.15 -8.99
N SER A 107 5.12 2.78 -10.24
CA SER A 107 6.19 1.87 -10.68
C SER A 107 7.61 2.33 -10.35
N LYS A 108 7.92 3.59 -10.50
CA LYS A 108 9.29 4.05 -10.25
C LYS A 108 9.48 4.33 -8.78
N ILE A 109 8.38 4.65 -8.14
CA ILE A 109 8.33 5.01 -6.75
C ILE A 109 8.72 3.84 -5.88
N ILE A 110 8.21 2.69 -6.23
CA ILE A 110 8.44 1.46 -5.52
C ILE A 110 9.92 1.14 -5.50
N ASN A 111 10.53 1.20 -6.66
CA ASN A 111 11.94 0.94 -6.80
C ASN A 111 12.77 1.96 -6.04
N SER A 112 12.33 3.22 -6.09
CA SER A 112 13.02 4.31 -5.42
C SER A 112 13.05 4.10 -3.90
N ILE A 113 11.92 3.67 -3.34
CA ILE A 113 11.80 3.44 -1.91
C ILE A 113 12.73 2.32 -1.46
N VAL A 114 12.69 1.23 -2.20
CA VAL A 114 13.48 0.05 -1.89
C VAL A 114 14.97 0.39 -1.95
N ASP A 115 15.37 1.06 -3.02
CA ASP A 115 16.76 1.44 -3.24
C ASP A 115 17.28 2.35 -2.14
N TYR A 116 16.49 3.39 -1.83
CA TYR A 116 16.87 4.37 -0.83
C TYR A 116 16.98 3.71 0.55
N PHE A 117 15.99 2.88 0.90
CA PHE A 117 16.00 2.16 2.18
C PHE A 117 17.23 1.28 2.31
N TYR A 118 17.53 0.51 1.27
CA TYR A 118 18.69 -0.36 1.27
C TYR A 118 19.98 0.44 1.41
N CYS A 119 20.01 1.62 0.78
CA CYS A 119 21.17 2.50 0.86
C CYS A 119 21.39 2.91 2.30
N ILE A 120 20.29 3.26 2.96
CA ILE A 120 20.33 3.67 4.36
C ILE A 120 20.80 2.53 5.22
N LYS A 121 20.29 1.36 4.93
CA LYS A 121 20.63 0.15 5.68
C LYS A 121 22.10 -0.16 5.63
N ALA A 122 22.65 -0.03 4.48
CA ALA A 122 24.07 -0.29 4.27
C ALA A 122 24.94 0.63 5.14
N LYS A 123 24.60 1.90 5.20
CA LYS A 123 25.36 2.85 6.00
C LYS A 123 24.95 2.81 7.47
N THR A 124 23.67 2.62 7.72
CA THR A 124 23.12 2.63 9.05
C THR A 124 22.18 1.42 9.26
N PRO A 125 22.72 0.28 9.71
CA PRO A 125 21.93 -0.94 9.97
C PRO A 125 20.86 -0.72 11.04
N ASP A 126 21.00 0.38 11.79
CA ASP A 126 20.06 0.74 12.86
C ASP A 126 18.64 0.92 12.33
N VAL A 127 18.53 1.38 11.10
CA VAL A 127 17.23 1.61 10.49
C VAL A 127 16.53 0.30 10.22
N GLU A 128 15.33 0.17 10.71
CA GLU A 128 14.57 -1.04 10.55
C GLU A 128 13.26 -0.78 9.81
N ALA A 129 13.06 0.43 9.34
CA ALA A 129 11.87 0.77 8.60
C ALA A 129 12.06 2.07 7.81
N LEU A 130 11.21 2.28 6.81
CA LEU A 130 11.29 3.46 5.97
C LEU A 130 9.89 3.99 5.71
N ALA A 131 9.73 5.24 5.93
CA ALA A 131 8.47 5.92 5.69
C ALA A 131 8.72 7.15 4.85
N VAL A 132 7.83 7.43 3.94
CA VAL A 132 7.95 8.60 3.13
C VAL A 132 6.75 9.48 3.30
N MET A 133 6.97 10.78 3.26
CA MET A 133 5.89 11.71 3.46
C MET A 133 5.94 12.82 2.43
N ILE A 134 4.79 13.39 2.17
CA ILE A 134 4.68 14.54 1.30
C ILE A 134 3.82 15.58 1.98
N PRO A 135 4.13 16.87 1.78
CA PRO A 135 3.40 17.96 2.42
C PRO A 135 1.90 17.94 2.12
N LYS A 136 1.09 18.20 3.14
CA LYS A 136 -0.36 18.22 3.04
C LYS A 136 -0.82 19.28 2.03
N GLU A 137 -0.17 20.42 2.04
CA GLU A 137 -0.58 21.55 1.20
C GLU A 137 -0.53 21.25 -0.30
N LYS A 138 0.48 20.48 -0.74
CA LYS A 138 0.57 20.15 -2.15
C LYS A 138 -0.27 18.92 -2.49
N TYR A 139 -0.55 18.12 -1.48
CA TYR A 139 -1.28 16.88 -1.64
C TYR A 139 -2.75 17.12 -1.98
N PRO A 140 -3.24 16.54 -3.10
CA PRO A 140 -4.64 16.66 -3.47
C PRO A 140 -5.51 15.87 -2.49
N ASN A 141 -6.50 16.55 -1.93
CA ASN A 141 -7.38 15.99 -0.90
C ASN A 141 -6.59 15.74 0.36
N PRO A 142 -6.32 16.79 1.09
CA PRO A 142 -5.53 16.76 2.31
C PRO A 142 -6.32 16.23 3.49
N SER A 143 -7.60 15.91 3.25
CA SER A 143 -8.51 15.46 4.29
C SER A 143 -8.63 16.53 5.36
N ILE A 144 -8.70 17.78 4.90
CA ILE A 144 -8.73 18.95 5.76
C ILE A 144 -7.41 19.08 6.52
N ASP A 145 -7.29 18.36 7.63
CA ASP A 145 -6.08 18.36 8.43
C ASP A 145 -6.14 17.30 9.53
N PHE A 146 -6.89 17.60 10.60
CA PHE A 146 -7.07 16.70 11.75
C PHE A 146 -5.73 16.34 12.41
N ASN A 147 -4.75 17.25 12.27
CA ASN A 147 -3.40 17.07 12.84
C ASN A 147 -2.71 15.85 12.26
N GLY A 148 -3.19 15.38 11.11
CA GLY A 148 -2.63 14.19 10.52
C GLY A 148 -1.83 14.47 9.28
N LEU A 149 -0.76 13.71 9.11
CA LEU A 149 0.10 13.84 7.94
C LEU A 149 -0.39 12.91 6.85
N VAL A 150 -0.01 13.18 5.62
CA VAL A 150 -0.40 12.35 4.52
C VAL A 150 0.79 11.54 4.00
N PRO A 151 0.57 10.25 3.70
CA PRO A 151 1.63 9.37 3.19
C PRO A 151 2.04 9.74 1.78
N ALA A 152 3.30 9.56 1.47
CA ALA A 152 3.82 9.88 0.16
C ALA A 152 3.70 8.70 -0.80
N GLY A 153 3.37 7.56 -0.26
CA GLY A 153 3.26 6.39 -1.08
C GLY A 153 3.31 5.12 -0.29
N ILE A 154 4.47 4.50 -0.28
CA ILE A 154 4.64 3.20 0.33
C ILE A 154 5.63 3.24 1.50
N ASN A 155 5.55 2.21 2.33
CA ASN A 155 6.36 2.09 3.54
C ASN A 155 7.23 0.82 3.48
N VAL A 156 8.33 0.82 4.23
CA VAL A 156 9.19 -0.36 4.34
C VAL A 156 9.37 -0.76 5.79
N VAL A 157 9.23 -2.03 6.09
CA VAL A 157 9.42 -2.50 7.45
C VAL A 157 10.34 -3.72 7.50
N SER A 158 11.05 -3.85 8.61
CA SER A 158 11.85 -5.00 8.90
C SER A 158 11.09 -5.93 9.83
N PRO A 159 11.45 -7.21 9.89
CA PRO A 159 10.79 -8.18 10.77
C PRO A 159 11.05 -7.89 12.24
N LYS A 160 10.19 -7.11 12.83
CA LYS A 160 10.28 -6.78 14.24
C LYS A 160 8.99 -7.13 14.95
N HIS A 161 8.84 -6.63 16.15
CA HIS A 161 7.60 -6.71 16.90
C HIS A 161 7.38 -5.40 17.61
N GLY A 162 6.14 -5.01 17.78
CA GLY A 162 5.85 -3.73 18.40
C GLY A 162 6.19 -2.59 17.47
N TYR A 163 7.14 -1.76 17.85
CA TYR A 163 7.54 -0.62 17.03
C TYR A 163 9.07 -0.62 16.87
N GLN A 164 9.54 -0.19 15.70
CA GLN A 164 10.96 -0.12 15.45
C GLN A 164 11.36 1.20 14.79
N LYS A 165 12.66 1.50 14.82
CA LYS A 165 13.18 2.74 14.25
C LYS A 165 12.91 2.81 12.77
N GLU A 166 12.33 3.91 12.36
CA GLU A 166 11.93 4.10 10.99
C GLU A 166 12.47 5.42 10.47
N GLU A 167 12.95 5.43 9.23
CA GLU A 167 13.47 6.63 8.64
C GLU A 167 12.43 7.38 7.88
N ILE A 168 12.72 8.63 7.68
CA ILE A 168 11.82 9.53 7.00
C ILE A 168 12.47 10.08 5.76
N MET A 169 11.77 9.98 4.68
CA MET A 169 12.24 10.50 3.42
C MET A 169 11.09 11.21 2.70
N VAL A 170 11.36 12.38 2.14
CA VAL A 170 10.33 13.18 1.52
C VAL A 170 10.50 13.20 0.00
N ILE A 171 9.42 12.92 -0.70
CA ILE A 171 9.43 12.84 -2.16
C ILE A 171 8.47 13.84 -2.75
N ASP A 172 8.45 13.91 -4.06
CA ASP A 172 7.50 14.76 -4.76
C ASP A 172 6.76 13.93 -5.79
N GLU A 173 5.93 13.04 -5.30
CA GLU A 173 5.14 12.14 -6.13
C GLU A 173 3.70 12.21 -5.75
N LEU A 174 2.86 12.12 -6.72
CA LEU A 174 1.44 12.18 -6.50
C LEU A 174 0.79 10.82 -6.41
N ILE A 175 -0.13 10.73 -5.51
CA ILE A 175 -0.99 9.59 -5.33
C ILE A 175 -2.36 10.11 -5.03
N PHE A 176 -3.36 9.35 -5.39
CA PHE A 176 -4.70 9.79 -5.13
C PHE A 176 -5.40 8.79 -4.25
N ASN A 177 -5.62 9.16 -3.01
CA ASN A 177 -6.32 8.31 -2.10
C ASN A 177 -7.78 8.66 -2.11
N ILE A 178 -8.58 7.77 -2.64
CA ILE A 178 -9.98 8.03 -2.77
C ILE A 178 -10.72 7.77 -1.46
N ASN A 179 -11.25 8.84 -0.90
CA ASN A 179 -12.00 8.75 0.35
C ASN A 179 -13.46 9.09 0.09
N THR A 180 -13.70 9.79 -1.01
CA THR A 180 -15.03 10.28 -1.33
C THR A 180 -15.44 9.97 -2.75
N LYS A 181 -16.73 10.11 -3.02
CA LYS A 181 -17.30 9.93 -4.35
C LYS A 181 -16.70 10.95 -5.34
N ASP A 182 -16.28 12.09 -4.82
CA ASP A 182 -15.69 13.15 -5.64
C ASP A 182 -14.34 12.70 -6.16
N ASP A 183 -13.61 12.02 -5.31
CA ASP A 183 -12.28 11.52 -5.63
C ASP A 183 -12.35 10.55 -6.79
N LEU A 184 -13.46 9.79 -6.86
CA LEU A 184 -13.65 8.82 -7.94
C LEU A 184 -13.63 9.50 -9.27
N LYS A 185 -14.34 10.61 -9.32
CA LYS A 185 -14.43 11.39 -10.55
C LYS A 185 -13.07 12.01 -10.89
N LEU A 186 -12.39 12.52 -9.87
CA LEU A 186 -11.08 13.10 -10.07
C LEU A 186 -10.10 12.03 -10.59
N ALA A 187 -10.11 10.88 -9.95
CA ALA A 187 -9.26 9.77 -10.34
C ALA A 187 -9.60 9.26 -11.74
N GLU A 188 -10.88 9.18 -12.06
CA GLU A 188 -11.29 8.66 -13.35
C GLU A 188 -10.91 9.61 -14.48
N MET A 189 -10.87 10.90 -14.19
CA MET A 189 -10.49 11.90 -15.19
C MET A 189 -9.06 11.69 -15.68
N LEU A 190 -8.16 11.43 -14.77
CA LEU A 190 -6.75 11.26 -15.14
C LEU A 190 -6.54 9.90 -15.80
N LEU A 191 -7.19 8.88 -15.29
CA LEU A 191 -7.09 7.53 -15.87
C LEU A 191 -7.65 7.52 -17.27
N LYS A 192 -8.74 8.22 -17.42
CA LYS A 192 -9.44 8.34 -18.69
C LYS A 192 -8.56 9.01 -19.75
N LYS A 193 -7.85 10.07 -19.35
CA LYS A 193 -6.97 10.77 -20.29
C LYS A 193 -5.81 9.88 -20.73
N ASP A 194 -5.24 9.13 -19.78
CA ASP A 194 -4.09 8.27 -20.06
C ASP A 194 -4.51 6.92 -20.65
N GLY A 195 -5.72 6.50 -20.32
CA GLY A 195 -6.20 5.21 -20.74
C GLY A 195 -6.96 5.21 -22.04
N LEU A 196 -7.12 6.36 -22.65
CA LEU A 196 -7.85 6.44 -23.90
C LEU A 196 -6.92 6.09 -25.08
N MET A 1 13.25 -7.54 -2.52
CA MET A 1 12.35 -7.64 -1.35
C MET A 1 10.96 -8.06 -1.80
N ASP A 2 10.02 -8.17 -0.88
CA ASP A 2 8.65 -8.55 -1.23
C ASP A 2 7.69 -7.41 -0.98
N ALA A 3 6.49 -7.53 -1.53
CA ALA A 3 5.49 -6.47 -1.44
C ALA A 3 4.27 -6.95 -0.69
N LEU A 4 3.71 -6.07 0.09
CA LEU A 4 2.51 -6.32 0.84
C LEU A 4 1.44 -5.33 0.42
N ILE A 5 0.29 -5.83 0.06
CA ILE A 5 -0.81 -4.95 -0.31
C ILE A 5 -1.96 -5.13 0.64
N MET A 6 -2.18 -4.14 1.49
CA MET A 6 -3.18 -4.17 2.48
C MET A 6 -4.54 -3.80 1.91
N ALA A 7 -5.26 -4.82 1.50
CA ALA A 7 -6.59 -4.67 0.94
C ALA A 7 -7.64 -5.38 1.80
N GLY A 8 -8.31 -4.64 2.66
CA GLY A 8 -9.35 -5.24 3.46
C GLY A 8 -9.79 -4.37 4.60
N GLY A 9 -10.80 -3.53 4.35
CA GLY A 9 -11.34 -2.68 5.39
C GLY A 9 -10.52 -1.43 5.61
N LYS A 10 -9.69 -1.07 4.64
CA LYS A 10 -8.86 0.11 4.75
C LYS A 10 -9.26 1.18 3.73
N GLY A 11 -9.52 2.37 4.21
CA GLY A 11 -9.83 3.49 3.36
C GLY A 11 -9.51 4.81 4.04
N THR A 12 -8.60 5.58 3.44
CA THR A 12 -8.20 6.88 3.98
C THR A 12 -7.45 6.72 5.32
N ARG A 13 -6.12 6.60 5.22
CA ARG A 13 -5.23 6.41 6.38
C ARG A 13 -5.46 5.06 7.06
N MET A 14 -6.33 5.05 8.06
CA MET A 14 -6.66 3.83 8.79
C MET A 14 -8.16 3.71 8.93
N GLY A 15 -8.65 2.50 9.06
CA GLY A 15 -10.08 2.30 9.14
C GLY A 15 -10.69 2.33 7.76
N GLY A 16 -11.97 2.53 7.68
CA GLY A 16 -12.65 2.55 6.40
C GLY A 16 -13.75 1.53 6.33
N VAL A 17 -14.79 1.82 5.57
CA VAL A 17 -15.94 0.94 5.49
C VAL A 17 -16.17 0.42 4.07
N GLU A 18 -15.44 0.93 3.10
CA GLU A 18 -15.64 0.52 1.73
C GLU A 18 -14.47 -0.31 1.20
N LYS A 19 -14.81 -1.28 0.38
CA LYS A 19 -13.86 -2.23 -0.16
C LYS A 19 -12.99 -1.62 -1.30
N PRO A 20 -11.78 -2.19 -1.50
CA PRO A 20 -10.87 -1.81 -2.61
C PRO A 20 -11.40 -2.25 -3.98
N LEU A 21 -12.50 -2.98 -3.97
CA LEU A 21 -13.11 -3.50 -5.19
C LEU A 21 -13.90 -2.43 -5.95
N ILE A 22 -13.52 -1.18 -5.79
CA ILE A 22 -14.12 -0.12 -6.54
C ILE A 22 -13.53 -0.15 -7.92
N LYS A 23 -14.38 -0.33 -8.87
CA LYS A 23 -13.95 -0.49 -10.24
C LYS A 23 -13.81 0.81 -10.98
N LEU A 24 -12.74 0.88 -11.71
CA LEU A 24 -12.42 2.01 -12.54
C LEU A 24 -11.90 1.54 -13.89
N CYS A 25 -12.55 2.00 -14.96
CA CYS A 25 -12.14 1.69 -16.33
C CYS A 25 -12.00 0.18 -16.60
N GLY A 26 -12.80 -0.63 -15.93
CA GLY A 26 -12.81 -2.05 -16.21
C GLY A 26 -12.29 -2.96 -15.10
N ARG A 27 -11.59 -2.43 -14.12
CA ARG A 27 -11.11 -3.27 -13.03
C ARG A 27 -11.08 -2.56 -11.71
N CYS A 28 -10.93 -3.34 -10.67
CA CYS A 28 -10.96 -2.85 -9.31
C CYS A 28 -9.70 -2.07 -8.95
N LEU A 29 -9.84 -1.20 -7.97
CA LEU A 29 -8.79 -0.39 -7.45
C LEU A 29 -7.62 -1.25 -6.98
N ILE A 30 -7.94 -2.32 -6.25
CA ILE A 30 -6.92 -3.23 -5.77
C ILE A 30 -6.12 -3.86 -6.94
N ASP A 31 -6.81 -4.22 -8.04
CA ASP A 31 -6.14 -4.81 -9.20
C ASP A 31 -5.17 -3.81 -9.80
N TYR A 32 -5.62 -2.55 -9.88
CA TYR A 32 -4.79 -1.46 -10.35
C TYR A 32 -3.57 -1.27 -9.46
N VAL A 33 -3.75 -1.47 -8.16
CA VAL A 33 -2.65 -1.36 -7.20
C VAL A 33 -1.63 -2.49 -7.43
N VAL A 34 -2.15 -3.70 -7.64
CA VAL A 34 -1.32 -4.87 -7.84
C VAL A 34 -0.44 -4.76 -9.08
N SER A 35 -1.02 -4.32 -10.18
CA SER A 35 -0.32 -4.32 -11.48
C SER A 35 1.11 -3.67 -11.45
N PRO A 36 1.27 -2.40 -10.96
CA PRO A 36 2.60 -1.77 -10.92
C PRO A 36 3.57 -2.51 -9.98
N LEU A 37 3.06 -2.97 -8.85
CA LEU A 37 3.87 -3.72 -7.90
C LEU A 37 4.26 -5.06 -8.50
N LEU A 38 3.33 -5.64 -9.20
CA LEU A 38 3.52 -6.90 -9.88
C LEU A 38 4.65 -6.79 -10.90
N LYS A 39 4.64 -5.72 -11.67
CA LYS A 39 5.66 -5.49 -12.68
C LYS A 39 6.92 -4.80 -12.12
N SER A 40 6.86 -4.35 -10.86
CA SER A 40 7.99 -3.67 -10.25
C SER A 40 9.10 -4.64 -9.88
N LYS A 41 10.20 -4.08 -9.41
CA LYS A 41 11.39 -4.81 -9.06
C LYS A 41 11.14 -5.84 -7.93
N VAL A 42 10.05 -5.67 -7.20
CA VAL A 42 9.77 -6.53 -6.06
C VAL A 42 9.54 -8.01 -6.49
N ASN A 43 9.86 -8.93 -5.59
CA ASN A 43 9.79 -10.37 -5.87
C ASN A 43 8.36 -10.92 -5.84
N ASN A 44 7.80 -11.10 -4.64
CA ASN A 44 6.45 -11.64 -4.52
C ASN A 44 5.48 -10.59 -4.04
N ILE A 45 4.23 -10.75 -4.42
CA ILE A 45 3.19 -9.85 -4.01
C ILE A 45 2.29 -10.53 -2.99
N PHE A 46 2.36 -10.09 -1.75
CA PHE A 46 1.54 -10.65 -0.72
C PHE A 46 0.41 -9.70 -0.42
N ILE A 47 -0.79 -10.14 -0.64
CA ILE A 47 -1.94 -9.32 -0.41
C ILE A 47 -2.53 -9.62 0.93
N ALA A 48 -2.54 -8.61 1.74
CA ALA A 48 -3.05 -8.71 3.07
C ALA A 48 -4.52 -8.40 3.08
N THR A 49 -5.29 -9.33 3.57
CA THR A 49 -6.70 -9.14 3.66
C THR A 49 -7.18 -9.41 5.07
N SER A 50 -8.29 -8.82 5.42
CA SER A 50 -8.82 -8.97 6.75
C SER A 50 -9.92 -10.01 6.79
N PRO A 51 -10.03 -10.78 7.90
CA PRO A 51 -11.08 -11.80 8.07
C PRO A 51 -12.47 -11.20 8.00
N ASN A 52 -12.55 -9.93 8.38
CA ASN A 52 -13.81 -9.20 8.39
C ASN A 52 -14.16 -8.72 7.00
N THR A 53 -13.24 -8.88 6.06
CA THR A 53 -13.47 -8.45 4.70
C THR A 53 -13.05 -9.51 3.73
N PRO A 54 -13.68 -10.66 3.65
CA PRO A 54 -13.37 -11.48 2.58
C PRO A 54 -14.46 -11.40 1.58
N LYS A 55 -14.28 -10.45 0.84
CA LYS A 55 -15.13 -10.05 -0.24
C LYS A 55 -14.16 -9.54 -1.19
N THR A 56 -13.37 -8.65 -0.65
CA THR A 56 -12.19 -8.24 -1.26
C THR A 56 -11.30 -9.46 -1.34
N LYS A 57 -11.18 -10.17 -0.20
CA LYS A 57 -10.40 -11.40 -0.17
C LYS A 57 -10.99 -12.45 -1.07
N GLU A 58 -12.33 -12.70 -0.98
CA GLU A 58 -12.89 -13.72 -1.88
C GLU A 58 -12.61 -13.35 -3.34
N TYR A 59 -12.65 -12.04 -3.66
CA TYR A 59 -12.36 -11.57 -5.00
C TYR A 59 -10.92 -11.79 -5.38
N ILE A 60 -10.04 -11.33 -4.54
CA ILE A 60 -8.62 -11.37 -4.80
C ILE A 60 -8.10 -12.78 -4.90
N ASN A 61 -8.51 -13.60 -3.95
CA ASN A 61 -8.08 -14.97 -3.91
C ASN A 61 -8.47 -15.67 -5.20
N SER A 62 -9.70 -15.43 -5.62
CA SER A 62 -10.24 -16.01 -6.83
C SER A 62 -9.57 -15.42 -8.07
N ALA A 63 -9.41 -14.10 -8.08
CA ALA A 63 -8.86 -13.38 -9.21
C ALA A 63 -7.43 -13.78 -9.47
N TYR A 64 -6.70 -14.00 -8.42
CA TYR A 64 -5.31 -14.31 -8.55
C TYR A 64 -5.02 -15.77 -8.28
N LYS A 65 -6.01 -16.63 -8.50
CA LYS A 65 -5.81 -18.08 -8.37
C LYS A 65 -4.77 -18.58 -9.37
N ASP A 66 -4.58 -17.80 -10.43
CA ASP A 66 -3.61 -18.10 -11.48
C ASP A 66 -2.25 -17.51 -11.15
N TYR A 67 -2.12 -17.04 -9.91
CA TYR A 67 -0.91 -16.35 -9.40
C TYR A 67 0.40 -17.02 -9.79
N LYS A 68 1.37 -16.20 -10.17
CA LYS A 68 2.70 -16.69 -10.41
C LYS A 68 3.58 -16.36 -9.23
N ASN A 69 3.55 -15.12 -8.88
CA ASN A 69 4.29 -14.58 -7.73
C ASN A 69 3.36 -13.93 -6.72
N ILE A 70 2.08 -14.15 -6.89
CA ILE A 70 1.08 -13.50 -6.06
C ILE A 70 0.62 -14.43 -4.95
N VAL A 71 0.65 -13.94 -3.75
CA VAL A 71 0.25 -14.70 -2.59
C VAL A 71 -0.75 -13.91 -1.78
N VAL A 72 -1.82 -14.55 -1.39
CA VAL A 72 -2.83 -13.90 -0.58
C VAL A 72 -2.69 -14.34 0.86
N ILE A 73 -2.68 -13.39 1.76
CA ILE A 73 -2.53 -13.67 3.16
C ILE A 73 -3.65 -13.06 3.96
N ASP A 74 -3.88 -13.61 5.11
CA ASP A 74 -4.95 -13.15 5.96
C ASP A 74 -4.37 -12.57 7.22
N THR A 75 -4.84 -11.43 7.57
CA THR A 75 -4.30 -10.73 8.71
C THR A 75 -5.23 -9.62 9.24
N SER A 76 -4.70 -8.87 10.17
CA SER A 76 -5.36 -7.82 10.94
C SER A 76 -5.65 -6.53 10.14
N GLY A 77 -5.32 -6.52 8.83
CA GLY A 77 -5.35 -5.33 7.90
C GLY A 77 -6.39 -4.25 8.17
N LYS A 78 -7.42 -4.59 8.88
CA LYS A 78 -8.39 -3.63 9.32
C LYS A 78 -7.66 -2.57 10.17
N GLY A 79 -6.69 -3.06 10.95
CA GLY A 79 -5.83 -2.20 11.72
C GLY A 79 -4.42 -2.27 11.16
N TYR A 80 -3.88 -1.11 10.80
CA TYR A 80 -2.58 -1.05 10.10
C TYR A 80 -1.45 -1.67 10.91
N ILE A 81 -1.33 -1.26 12.16
CA ILE A 81 -0.25 -1.73 13.02
C ILE A 81 -0.36 -3.23 13.23
N GLU A 82 -1.55 -3.64 13.55
CA GLU A 82 -1.86 -5.04 13.85
C GLU A 82 -1.54 -5.92 12.66
N ASP A 83 -1.94 -5.47 11.49
CA ASP A 83 -1.66 -6.20 10.23
C ASP A 83 -0.19 -6.37 10.03
N LEU A 84 0.51 -5.26 10.14
CA LEU A 84 1.92 -5.25 9.94
C LEU A 84 2.61 -6.15 10.93
N ASN A 85 2.16 -6.10 12.15
CA ASN A 85 2.72 -6.97 13.18
C ASN A 85 2.54 -8.43 12.83
N GLU A 86 1.39 -8.80 12.35
CA GLU A 86 1.14 -10.17 11.97
C GLU A 86 2.02 -10.53 10.79
N CYS A 87 2.09 -9.62 9.83
CA CYS A 87 2.89 -9.82 8.63
C CYS A 87 4.38 -9.95 8.96
N ILE A 88 4.89 -9.10 9.85
CA ILE A 88 6.31 -9.17 10.20
C ILE A 88 6.62 -10.46 10.93
N GLY A 89 5.59 -11.03 11.55
CA GLY A 89 5.76 -12.31 12.21
C GLY A 89 5.95 -13.49 11.24
N TYR A 90 5.51 -13.33 9.98
CA TYR A 90 5.63 -14.40 9.00
C TYR A 90 6.75 -14.18 7.98
N PHE A 91 7.16 -12.94 7.81
CA PHE A 91 8.24 -12.63 6.87
C PHE A 91 9.59 -12.72 7.55
N SER A 92 10.56 -13.25 6.83
CA SER A 92 11.92 -13.33 7.33
C SER A 92 12.78 -12.26 6.64
N GLU A 93 12.19 -11.58 5.67
CA GLU A 93 12.87 -10.56 4.90
C GLU A 93 12.03 -9.30 4.79
N PRO A 94 12.70 -8.15 4.64
CA PRO A 94 12.04 -6.85 4.48
C PRO A 94 11.03 -6.85 3.36
N PHE A 95 9.94 -6.16 3.58
CA PHE A 95 8.88 -6.11 2.61
C PHE A 95 8.29 -4.71 2.50
N LEU A 96 7.74 -4.44 1.35
CA LEU A 96 7.15 -3.18 1.03
C LEU A 96 5.68 -3.16 1.46
N VAL A 97 5.28 -2.11 2.13
CA VAL A 97 3.92 -1.95 2.62
C VAL A 97 3.19 -0.90 1.79
N VAL A 98 2.01 -1.22 1.28
CA VAL A 98 1.27 -0.25 0.49
C VAL A 98 -0.13 -0.06 0.99
N SER A 99 -0.68 1.07 0.68
CA SER A 99 -2.06 1.32 0.91
C SER A 99 -2.78 1.14 -0.40
N SER A 100 -3.85 0.41 -0.40
CA SER A 100 -4.61 0.15 -1.59
C SER A 100 -5.28 1.42 -2.12
N ASP A 101 -5.72 2.23 -1.21
CA ASP A 101 -6.56 3.37 -1.51
C ASP A 101 -5.81 4.61 -2.03
N LEU A 102 -4.50 4.54 -2.15
CA LEU A 102 -3.78 5.66 -2.73
C LEU A 102 -3.61 5.48 -4.24
N ILE A 103 -4.21 6.40 -4.99
CA ILE A 103 -4.19 6.35 -6.44
C ILE A 103 -3.20 7.34 -7.02
N ASN A 104 -2.21 6.81 -7.74
CA ASN A 104 -1.18 7.61 -8.41
C ASN A 104 -0.21 6.68 -9.11
N LEU A 105 0.59 7.22 -10.02
CA LEU A 105 1.59 6.43 -10.71
C LEU A 105 2.72 6.13 -9.74
N LYS A 106 2.68 4.94 -9.17
CA LYS A 106 3.59 4.53 -8.13
C LYS A 106 4.76 3.69 -8.65
N SER A 107 4.77 3.43 -9.95
CA SER A 107 5.76 2.53 -10.53
C SER A 107 7.23 2.98 -10.35
N LYS A 108 7.47 4.26 -10.46
CA LYS A 108 8.85 4.78 -10.31
C LYS A 108 9.19 4.90 -8.83
N ILE A 109 8.14 5.09 -8.07
CA ILE A 109 8.22 5.32 -6.65
C ILE A 109 8.66 4.08 -5.93
N ILE A 110 8.15 2.96 -6.38
CA ILE A 110 8.45 1.66 -5.78
C ILE A 110 9.94 1.42 -5.79
N ASN A 111 10.55 1.63 -6.94
CA ASN A 111 11.99 1.46 -7.07
C ASN A 111 12.74 2.47 -6.23
N SER A 112 12.25 3.71 -6.23
CA SER A 112 12.88 4.79 -5.47
C SER A 112 12.86 4.50 -3.96
N ILE A 113 11.74 3.97 -3.47
CA ILE A 113 11.57 3.66 -2.06
C ILE A 113 12.57 2.63 -1.60
N VAL A 114 12.68 1.57 -2.39
CA VAL A 114 13.55 0.46 -2.07
C VAL A 114 14.99 0.94 -2.02
N ASP A 115 15.38 1.68 -3.04
CA ASP A 115 16.73 2.18 -3.13
C ASP A 115 17.07 3.14 -1.99
N TYR A 116 16.14 4.03 -1.67
CA TYR A 116 16.36 5.01 -0.60
C TYR A 116 16.50 4.31 0.75
N PHE A 117 15.60 3.37 1.02
CA PHE A 117 15.64 2.60 2.26
C PHE A 117 16.97 1.87 2.41
N TYR A 118 17.38 1.19 1.35
CA TYR A 118 18.66 0.49 1.37
C TYR A 118 19.83 1.47 1.54
N CYS A 119 19.69 2.64 0.96
CA CYS A 119 20.72 3.67 1.06
C CYS A 119 20.92 4.07 2.50
N ILE A 120 19.82 4.30 3.19
CA ILE A 120 19.86 4.72 4.58
C ILE A 120 20.43 3.63 5.46
N LYS A 121 19.94 2.42 5.27
CA LYS A 121 20.39 1.31 6.07
C LYS A 121 21.87 1.02 5.82
N ALA A 122 22.36 1.40 4.65
CA ALA A 122 23.77 1.27 4.33
C ALA A 122 24.63 2.11 5.27
N LYS A 123 24.18 3.34 5.56
CA LYS A 123 24.91 4.22 6.46
C LYS A 123 24.54 3.93 7.91
N THR A 124 23.26 3.64 8.14
CA THR A 124 22.76 3.34 9.46
C THR A 124 21.87 2.09 9.42
N PRO A 125 22.46 0.92 9.66
CA PRO A 125 21.73 -0.38 9.64
C PRO A 125 20.58 -0.44 10.64
N ASP A 126 20.61 0.44 11.64
CA ASP A 126 19.60 0.48 12.69
C ASP A 126 18.20 0.77 12.15
N VAL A 127 18.12 1.56 11.09
CA VAL A 127 16.84 1.86 10.48
C VAL A 127 16.30 0.62 9.77
N GLU A 128 15.17 0.16 10.23
CA GLU A 128 14.59 -1.05 9.71
C GLU A 128 13.19 -0.81 9.17
N ALA A 129 12.85 0.46 9.01
CA ALA A 129 11.56 0.85 8.45
C ALA A 129 11.65 2.20 7.73
N LEU A 130 10.76 2.42 6.78
CA LEU A 130 10.75 3.64 5.98
C LEU A 130 9.32 4.09 5.74
N ALA A 131 9.07 5.36 5.94
CA ALA A 131 7.75 5.94 5.75
C ALA A 131 7.81 7.06 4.74
N VAL A 132 6.81 7.13 3.90
CA VAL A 132 6.75 8.17 2.92
C VAL A 132 5.49 8.99 3.08
N MET A 133 5.67 10.26 3.25
CA MET A 133 4.59 11.18 3.45
C MET A 133 4.91 12.53 2.81
N ILE A 134 3.90 13.33 2.60
CA ILE A 134 4.05 14.64 2.02
C ILE A 134 3.49 15.68 2.95
N PRO A 135 3.92 16.94 2.81
CA PRO A 135 3.38 18.03 3.63
C PRO A 135 1.88 18.17 3.40
N LYS A 136 1.14 18.28 4.49
CA LYS A 136 -0.30 18.43 4.40
C LYS A 136 -0.69 19.74 3.73
N GLU A 137 0.23 20.69 3.75
CA GLU A 137 0.01 21.99 3.15
C GLU A 137 -0.13 21.88 1.64
N LYS A 138 0.65 20.99 1.02
CA LYS A 138 0.61 20.82 -0.42
C LYS A 138 -0.57 20.00 -0.83
N TYR A 139 -1.00 19.19 0.09
CA TYR A 139 -2.13 18.34 -0.13
C TYR A 139 -3.42 19.18 -0.06
N PRO A 140 -4.33 19.02 -1.04
CA PRO A 140 -5.57 19.82 -1.12
C PRO A 140 -6.43 19.78 0.15
N ASN A 141 -6.89 18.60 0.50
CA ASN A 141 -7.72 18.46 1.69
C ASN A 141 -7.17 17.34 2.55
N PRO A 142 -6.37 17.70 3.54
CA PRO A 142 -5.70 16.76 4.41
C PRO A 142 -6.64 16.03 5.38
N SER A 143 -7.71 16.70 5.79
CA SER A 143 -8.69 16.12 6.70
C SER A 143 -9.83 17.08 6.92
N ILE A 144 -10.99 16.53 7.24
CA ILE A 144 -12.15 17.32 7.57
C ILE A 144 -11.97 17.97 8.96
N ASP A 145 -11.20 17.31 9.83
CA ASP A 145 -11.00 17.82 11.18
C ASP A 145 -9.53 17.91 11.57
N PHE A 146 -8.90 16.77 11.81
CA PHE A 146 -7.52 16.77 12.25
C PHE A 146 -6.72 15.67 11.56
N ASN A 147 -5.55 16.03 11.08
CA ASN A 147 -4.63 15.08 10.46
C ASN A 147 -3.24 15.68 10.41
N GLY A 148 -2.38 15.21 11.29
CA GLY A 148 -1.03 15.72 11.39
C GLY A 148 -0.19 15.49 10.16
N LEU A 149 -0.33 14.32 9.55
CA LEU A 149 0.47 13.97 8.40
C LEU A 149 -0.39 13.33 7.34
N VAL A 150 0.01 13.51 6.11
CA VAL A 150 -0.69 12.91 5.00
C VAL A 150 0.22 11.96 4.22
N PRO A 151 0.09 10.65 4.48
CA PRO A 151 0.85 9.63 3.76
C PRO A 151 0.55 9.67 2.28
N ALA A 152 1.58 9.52 1.46
CA ALA A 152 1.41 9.60 0.03
C ALA A 152 2.09 8.45 -0.66
N GLY A 153 3.22 8.07 -0.13
CA GLY A 153 3.98 7.03 -0.74
C GLY A 153 3.71 5.69 -0.11
N ILE A 154 4.71 4.86 -0.13
CA ILE A 154 4.62 3.53 0.37
C ILE A 154 5.62 3.33 1.51
N ASN A 155 5.39 2.32 2.31
CA ASN A 155 6.16 2.08 3.52
C ASN A 155 7.05 0.85 3.39
N VAL A 156 8.14 0.84 4.11
CA VAL A 156 9.04 -0.33 4.16
C VAL A 156 9.24 -0.75 5.58
N VAL A 157 9.10 -2.02 5.83
CA VAL A 157 9.38 -2.55 7.16
C VAL A 157 10.19 -3.82 7.09
N SER A 158 10.99 -4.01 8.11
CA SER A 158 11.74 -5.22 8.26
C SER A 158 11.01 -6.12 9.23
N PRO A 159 11.20 -7.44 9.13
CA PRO A 159 10.55 -8.38 10.03
C PRO A 159 11.13 -8.27 11.43
N LYS A 160 10.54 -7.41 12.22
CA LYS A 160 11.00 -7.20 13.58
C LYS A 160 9.93 -7.60 14.57
N HIS A 161 10.05 -7.09 15.77
CA HIS A 161 9.09 -7.30 16.83
C HIS A 161 8.87 -5.98 17.52
N GLY A 162 7.68 -5.77 18.06
CA GLY A 162 7.36 -4.48 18.65
C GLY A 162 7.42 -3.38 17.60
N TYR A 163 8.22 -2.37 17.86
CA TYR A 163 8.40 -1.28 16.90
C TYR A 163 9.88 -1.06 16.64
N GLN A 164 10.20 -0.61 15.43
CA GLN A 164 11.58 -0.40 15.04
C GLN A 164 11.76 0.97 14.40
N LYS A 165 13.01 1.42 14.29
CA LYS A 165 13.30 2.73 13.72
C LYS A 165 12.77 2.86 12.31
N GLU A 166 12.04 3.93 12.08
CA GLU A 166 11.45 4.20 10.80
C GLU A 166 11.86 5.59 10.34
N GLU A 167 12.36 5.69 9.12
CA GLU A 167 12.75 6.99 8.58
C GLU A 167 11.68 7.61 7.78
N ILE A 168 11.82 8.87 7.59
CA ILE A 168 10.82 9.65 6.90
C ILE A 168 11.35 10.22 5.60
N MET A 169 10.59 10.04 4.56
CA MET A 169 10.92 10.59 3.26
C MET A 169 9.72 11.30 2.65
N VAL A 170 9.99 12.44 2.04
CA VAL A 170 8.96 13.24 1.44
C VAL A 170 9.08 13.17 -0.08
N ILE A 171 7.97 12.88 -0.74
CA ILE A 171 7.96 12.77 -2.19
C ILE A 171 7.39 14.02 -2.84
N ASP A 172 7.45 14.05 -4.15
CA ASP A 172 7.02 15.23 -4.91
C ASP A 172 5.63 15.06 -5.48
N GLU A 173 5.20 13.83 -5.58
CA GLU A 173 3.92 13.52 -6.20
C GLU A 173 2.82 13.29 -5.18
N LEU A 174 1.67 13.83 -5.48
CA LEU A 174 0.48 13.71 -4.67
C LEU A 174 -0.37 12.57 -5.16
N ILE A 175 -1.10 12.01 -4.26
CA ILE A 175 -1.97 10.91 -4.55
C ILE A 175 -3.41 11.37 -4.51
N PHE A 176 -4.26 10.66 -5.22
CA PHE A 176 -5.65 11.02 -5.24
C PHE A 176 -6.45 10.09 -4.36
N ASN A 177 -6.89 10.61 -3.23
CA ASN A 177 -7.77 9.89 -2.35
C ASN A 177 -9.17 10.33 -2.68
N ILE A 178 -10.02 9.40 -3.05
CA ILE A 178 -11.36 9.74 -3.51
C ILE A 178 -12.25 10.23 -2.37
N ASN A 179 -12.16 11.53 -2.09
CA ASN A 179 -13.02 12.17 -1.11
C ASN A 179 -14.45 12.26 -1.62
N THR A 180 -14.57 12.54 -2.91
CA THR A 180 -15.85 12.71 -3.54
C THR A 180 -15.97 11.87 -4.81
N LYS A 181 -17.18 11.66 -5.27
CA LYS A 181 -17.42 10.91 -6.50
C LYS A 181 -16.78 11.61 -7.69
N ASP A 182 -16.76 12.93 -7.64
CA ASP A 182 -16.09 13.71 -8.68
C ASP A 182 -14.60 13.38 -8.74
N ASP A 183 -13.99 13.14 -7.57
CA ASP A 183 -12.57 12.71 -7.53
C ASP A 183 -12.43 11.36 -8.24
N LEU A 184 -13.41 10.49 -8.01
CA LEU A 184 -13.45 9.17 -8.63
C LEU A 184 -13.56 9.32 -10.15
N LYS A 185 -14.41 10.25 -10.53
CA LYS A 185 -14.63 10.63 -11.92
C LYS A 185 -13.32 11.15 -12.53
N LEU A 186 -12.61 11.96 -11.75
CA LEU A 186 -11.33 12.48 -12.19
C LEU A 186 -10.36 11.34 -12.40
N ALA A 187 -10.38 10.39 -11.46
CA ALA A 187 -9.53 9.22 -11.53
C ALA A 187 -9.83 8.40 -12.78
N GLU A 188 -11.12 8.22 -13.09
CA GLU A 188 -11.51 7.45 -14.27
C GLU A 188 -11.18 8.20 -15.55
N MET A 189 -11.33 9.53 -15.52
CA MET A 189 -11.01 10.36 -16.69
C MET A 189 -9.53 10.30 -17.02
N LEU A 190 -8.70 10.29 -15.98
CA LEU A 190 -7.28 10.18 -16.14
C LEU A 190 -6.93 8.85 -16.80
N LEU A 191 -7.50 7.78 -16.29
CA LEU A 191 -7.26 6.45 -16.82
C LEU A 191 -7.76 6.33 -18.24
N LYS A 192 -8.93 6.87 -18.46
CA LYS A 192 -9.57 6.85 -19.78
C LYS A 192 -8.73 7.60 -20.83
N LYS A 193 -8.32 8.81 -20.50
CA LYS A 193 -7.55 9.63 -21.42
C LYS A 193 -6.11 9.13 -21.62
N ASP A 194 -5.46 8.72 -20.55
CA ASP A 194 -4.05 8.35 -20.62
C ASP A 194 -3.83 6.86 -20.86
N GLY A 195 -4.80 6.06 -20.46
CA GLY A 195 -4.67 4.61 -20.62
C GLY A 195 -4.54 4.19 -22.06
N LEU A 196 -5.36 4.78 -22.91
CA LEU A 196 -5.34 4.47 -24.34
C LEU A 196 -5.37 5.76 -25.15
N MET A 1 13.86 -8.14 -1.27
CA MET A 1 12.74 -7.66 -0.43
C MET A 1 11.41 -7.92 -1.12
N ASP A 2 10.40 -8.26 -0.33
CA ASP A 2 9.06 -8.58 -0.85
C ASP A 2 8.13 -7.40 -0.74
N ALA A 3 6.99 -7.50 -1.41
CA ALA A 3 6.00 -6.45 -1.42
C ALA A 3 4.73 -6.91 -0.74
N LEU A 4 4.24 -6.11 0.16
CA LEU A 4 3.04 -6.38 0.89
C LEU A 4 1.92 -5.50 0.38
N ILE A 5 0.84 -6.09 -0.02
CA ILE A 5 -0.30 -5.32 -0.45
C ILE A 5 -1.42 -5.61 0.50
N MET A 6 -1.69 -4.68 1.37
CA MET A 6 -2.67 -4.87 2.41
C MET A 6 -4.04 -4.34 2.05
N ALA A 7 -4.80 -5.21 1.50
CA ALA A 7 -6.16 -4.95 1.12
C ALA A 7 -7.09 -5.83 1.91
N GLY A 8 -7.65 -5.30 2.94
CA GLY A 8 -8.53 -6.03 3.78
C GLY A 8 -8.90 -5.25 5.00
N GLY A 9 -8.98 -3.95 4.85
CA GLY A 9 -9.35 -3.11 5.96
C GLY A 9 -10.80 -2.72 5.89
N LYS A 10 -11.25 -2.00 6.87
CA LYS A 10 -12.61 -1.54 6.91
C LYS A 10 -12.70 -0.23 7.68
N GLY A 11 -13.61 0.62 7.28
CA GLY A 11 -13.79 1.88 7.94
C GLY A 11 -15.12 2.48 7.62
N THR A 12 -15.63 3.28 8.53
CA THR A 12 -16.89 3.93 8.32
C THR A 12 -17.09 5.00 9.38
N ARG A 13 -17.81 6.05 9.03
CA ARG A 13 -18.15 7.09 9.98
C ARG A 13 -19.64 7.13 10.10
N MET A 14 -20.19 6.13 10.81
CA MET A 14 -21.65 5.93 10.96
C MET A 14 -22.27 5.43 9.65
N GLY A 15 -21.96 6.14 8.56
CA GLY A 15 -22.45 5.77 7.26
C GLY A 15 -21.33 5.67 6.26
N GLY A 16 -21.60 5.07 5.12
CA GLY A 16 -20.58 4.91 4.10
C GLY A 16 -19.82 3.62 4.27
N VAL A 17 -19.13 3.20 3.22
CA VAL A 17 -18.37 1.96 3.28
C VAL A 17 -17.01 2.15 2.62
N GLU A 18 -16.02 1.47 3.17
CA GLU A 18 -14.66 1.56 2.68
C GLU A 18 -14.17 0.18 2.26
N LYS A 19 -13.72 0.05 1.02
CA LYS A 19 -13.20 -1.22 0.53
C LYS A 19 -12.27 -1.02 -0.68
N PRO A 20 -11.26 -1.89 -0.82
CA PRO A 20 -10.30 -1.84 -1.94
C PRO A 20 -10.88 -2.36 -3.26
N LEU A 21 -12.08 -2.89 -3.21
CA LEU A 21 -12.70 -3.44 -4.41
C LEU A 21 -13.48 -2.41 -5.19
N ILE A 22 -13.33 -1.15 -4.85
CA ILE A 22 -13.96 -0.12 -5.61
C ILE A 22 -13.29 -0.05 -6.95
N LYS A 23 -14.04 -0.36 -7.95
CA LYS A 23 -13.55 -0.40 -9.29
C LYS A 23 -13.51 0.96 -9.91
N LEU A 24 -12.47 1.16 -10.65
CA LEU A 24 -12.24 2.43 -11.30
C LEU A 24 -11.91 2.21 -12.77
N CYS A 25 -12.86 2.54 -13.63
CA CYS A 25 -12.68 2.43 -15.08
C CYS A 25 -12.34 1.01 -15.53
N GLY A 26 -12.67 0.01 -14.70
CA GLY A 26 -12.39 -1.35 -15.04
C GLY A 26 -12.11 -2.26 -13.86
N ARG A 27 -10.89 -2.22 -13.34
CA ARG A 27 -10.47 -3.11 -12.27
C ARG A 27 -10.67 -2.49 -10.91
N CYS A 28 -10.47 -3.30 -9.90
CA CYS A 28 -10.56 -2.86 -8.53
C CYS A 28 -9.26 -2.14 -8.16
N LEU A 29 -9.31 -1.37 -7.07
CA LEU A 29 -8.17 -0.56 -6.66
C LEU A 29 -6.94 -1.42 -6.40
N ILE A 30 -7.12 -2.53 -5.70
CA ILE A 30 -5.99 -3.39 -5.42
C ILE A 30 -5.44 -4.04 -6.69
N ASP A 31 -6.32 -4.40 -7.60
CA ASP A 31 -5.91 -5.08 -8.83
C ASP A 31 -4.96 -4.15 -9.60
N TYR A 32 -5.33 -2.88 -9.65
CA TYR A 32 -4.49 -1.87 -10.28
C TYR A 32 -3.19 -1.68 -9.50
N VAL A 33 -3.27 -1.78 -8.18
CA VAL A 33 -2.09 -1.67 -7.31
C VAL A 33 -1.13 -2.85 -7.52
N VAL A 34 -1.69 -4.04 -7.60
CA VAL A 34 -0.92 -5.27 -7.78
C VAL A 34 -0.16 -5.29 -9.08
N SER A 35 -0.82 -4.90 -10.15
CA SER A 35 -0.24 -5.03 -11.49
C SER A 35 1.21 -4.45 -11.62
N PRO A 36 1.49 -3.18 -11.22
CA PRO A 36 2.85 -2.63 -11.30
C PRO A 36 3.82 -3.33 -10.35
N LEU A 37 3.33 -3.71 -9.17
CA LEU A 37 4.15 -4.42 -8.19
C LEU A 37 4.49 -5.81 -8.67
N LEU A 38 3.53 -6.40 -9.32
CA LEU A 38 3.67 -7.71 -9.92
C LEU A 38 4.81 -7.72 -10.94
N LYS A 39 4.86 -6.67 -11.75
CA LYS A 39 5.90 -6.54 -12.77
C LYS A 39 7.14 -5.80 -12.23
N SER A 40 7.06 -5.26 -11.01
CA SER A 40 8.18 -4.52 -10.42
C SER A 40 9.32 -5.44 -10.01
N LYS A 41 10.43 -4.84 -9.64
CA LYS A 41 11.64 -5.55 -9.29
C LYS A 41 11.53 -6.31 -7.93
N VAL A 42 10.35 -6.31 -7.32
CA VAL A 42 10.19 -6.99 -6.05
C VAL A 42 10.06 -8.51 -6.24
N ASN A 43 10.46 -9.27 -5.22
CA ASN A 43 10.44 -10.73 -5.28
C ASN A 43 9.02 -11.31 -5.30
N ASN A 44 8.37 -11.35 -4.13
CA ASN A 44 7.02 -11.90 -4.05
C ASN A 44 6.03 -10.86 -3.61
N ILE A 45 4.77 -11.07 -3.95
CA ILE A 45 3.71 -10.18 -3.58
C ILE A 45 2.86 -10.85 -2.52
N PHE A 46 2.84 -10.31 -1.32
CA PHE A 46 2.02 -10.87 -0.27
C PHE A 46 0.86 -9.94 -0.03
N ILE A 47 -0.32 -10.45 -0.21
CA ILE A 47 -1.50 -9.67 -0.03
C ILE A 47 -2.11 -9.93 1.30
N ALA A 48 -2.20 -8.89 2.06
CA ALA A 48 -2.74 -8.96 3.39
C ALA A 48 -4.22 -8.72 3.37
N THR A 49 -4.96 -9.69 3.88
CA THR A 49 -6.41 -9.62 3.94
C THR A 49 -6.87 -10.01 5.33
N SER A 50 -8.13 -9.79 5.60
CA SER A 50 -8.66 -10.12 6.90
C SER A 50 -9.95 -10.92 6.77
N PRO A 51 -10.36 -11.66 7.82
CA PRO A 51 -11.62 -12.43 7.82
C PRO A 51 -12.81 -11.48 7.72
N ASN A 52 -12.56 -10.22 8.04
CA ASN A 52 -13.57 -9.17 7.95
C ASN A 52 -13.88 -8.86 6.50
N THR A 53 -12.92 -9.13 5.63
CA THR A 53 -13.08 -8.78 4.25
C THR A 53 -12.64 -9.89 3.32
N PRO A 54 -13.30 -11.05 3.27
CA PRO A 54 -12.97 -11.92 2.24
C PRO A 54 -14.01 -11.81 1.17
N LYS A 55 -13.73 -10.90 0.43
CA LYS A 55 -14.47 -10.45 -0.71
C LYS A 55 -13.48 -9.81 -1.50
N THR A 56 -12.71 -9.01 -0.81
CA THR A 56 -11.50 -8.58 -1.32
C THR A 56 -10.65 -9.83 -1.44
N LYS A 57 -10.61 -10.62 -0.35
CA LYS A 57 -9.86 -11.86 -0.37
C LYS A 57 -10.42 -12.84 -1.39
N GLU A 58 -11.76 -13.11 -1.39
CA GLU A 58 -12.25 -14.04 -2.43
C GLU A 58 -12.06 -13.47 -3.87
N TYR A 59 -12.12 -12.13 -4.03
CA TYR A 59 -11.87 -11.51 -5.35
C TYR A 59 -10.46 -11.77 -5.82
N ILE A 60 -9.52 -11.47 -4.94
CA ILE A 60 -8.12 -11.55 -5.24
C ILE A 60 -7.70 -12.96 -5.55
N ASN A 61 -8.16 -13.88 -4.74
CA ASN A 61 -7.83 -15.27 -4.91
C ASN A 61 -8.29 -15.73 -6.30
N SER A 62 -9.48 -15.32 -6.68
CA SER A 62 -10.04 -15.69 -7.97
C SER A 62 -9.30 -14.98 -9.12
N ALA A 63 -8.97 -13.72 -8.89
CA ALA A 63 -8.29 -12.91 -9.88
C ALA A 63 -6.91 -13.45 -10.18
N TYR A 64 -6.25 -13.89 -9.14
CA TYR A 64 -4.89 -14.37 -9.25
C TYR A 64 -4.80 -15.84 -8.90
N LYS A 65 -5.76 -16.63 -9.38
CA LYS A 65 -5.79 -18.07 -9.12
C LYS A 65 -4.53 -18.77 -9.63
N ASP A 66 -4.02 -18.27 -10.75
CA ASP A 66 -2.83 -18.84 -11.39
C ASP A 66 -1.54 -18.22 -10.85
N TYR A 67 -1.66 -17.48 -9.74
CA TYR A 67 -0.51 -16.79 -9.09
C TYR A 67 0.79 -17.61 -9.11
N LYS A 68 1.86 -16.95 -9.52
CA LYS A 68 3.18 -17.57 -9.46
C LYS A 68 3.93 -16.99 -8.26
N ASN A 69 3.92 -15.67 -8.14
CA ASN A 69 4.64 -14.96 -7.09
C ASN A 69 3.70 -14.21 -6.16
N ILE A 70 2.42 -14.50 -6.25
CA ILE A 70 1.44 -13.82 -5.43
C ILE A 70 0.96 -14.74 -4.32
N VAL A 71 1.08 -14.27 -3.12
CA VAL A 71 0.72 -15.03 -1.94
C VAL A 71 -0.30 -14.25 -1.13
N VAL A 72 -1.34 -14.92 -0.71
CA VAL A 72 -2.38 -14.28 0.09
C VAL A 72 -2.25 -14.67 1.56
N ILE A 73 -2.26 -13.67 2.41
CA ILE A 73 -2.08 -13.86 3.83
C ILE A 73 -3.18 -13.20 4.62
N ASP A 74 -3.36 -13.70 5.79
CA ASP A 74 -4.37 -13.25 6.69
C ASP A 74 -3.75 -12.45 7.81
N THR A 75 -4.36 -11.34 8.15
CA THR A 75 -3.82 -10.51 9.19
C THR A 75 -4.86 -9.53 9.81
N SER A 76 -4.35 -8.67 10.67
CA SER A 76 -5.06 -7.70 11.47
C SER A 76 -5.57 -6.48 10.69
N GLY A 77 -5.37 -6.51 9.35
CA GLY A 77 -5.67 -5.39 8.35
C GLY A 77 -6.79 -4.41 8.69
N LYS A 78 -7.59 -4.76 9.64
CA LYS A 78 -8.54 -3.86 10.22
C LYS A 78 -7.76 -2.64 10.75
N GLY A 79 -6.60 -2.93 11.33
CA GLY A 79 -5.70 -1.90 11.82
C GLY A 79 -4.41 -1.93 11.04
N TYR A 80 -3.94 -0.77 10.60
CA TYR A 80 -2.76 -0.68 9.72
C TYR A 80 -1.48 -1.22 10.39
N ILE A 81 -1.17 -0.73 11.58
CA ILE A 81 0.03 -1.16 12.28
C ILE A 81 -0.12 -2.56 12.75
N GLU A 82 -1.30 -2.83 13.22
CA GLU A 82 -1.66 -4.16 13.72
C GLU A 82 -1.44 -5.21 12.63
N ASP A 83 -1.86 -4.86 11.44
CA ASP A 83 -1.66 -5.71 10.25
C ASP A 83 -0.19 -5.92 10.03
N LEU A 84 0.54 -4.83 10.03
CA LEU A 84 1.97 -4.86 9.84
C LEU A 84 2.63 -5.75 10.88
N ASN A 85 2.15 -5.64 12.09
CA ASN A 85 2.67 -6.44 13.19
C ASN A 85 2.53 -7.94 12.92
N GLU A 86 1.38 -8.33 12.42
CA GLU A 86 1.17 -9.74 12.11
C GLU A 86 2.10 -10.13 10.96
N CYS A 87 2.17 -9.26 9.96
CA CYS A 87 3.02 -9.48 8.81
C CYS A 87 4.52 -9.58 9.18
N ILE A 88 4.98 -8.66 10.03
CA ILE A 88 6.39 -8.63 10.44
C ILE A 88 6.76 -9.86 11.22
N GLY A 89 5.77 -10.44 11.90
CA GLY A 89 5.99 -11.65 12.65
C GLY A 89 6.35 -12.85 11.77
N TYR A 90 5.99 -12.81 10.48
CA TYR A 90 6.21 -13.95 9.58
C TYR A 90 7.27 -13.69 8.49
N PHE A 91 7.95 -12.59 8.54
CA PHE A 91 9.02 -12.30 7.57
C PHE A 91 10.39 -12.36 8.22
N SER A 92 11.39 -12.87 7.50
CA SER A 92 12.75 -12.93 8.00
C SER A 92 13.58 -11.80 7.41
N GLU A 93 13.02 -11.14 6.42
CA GLU A 93 13.66 -10.04 5.72
C GLU A 93 12.70 -8.89 5.57
N PRO A 94 13.22 -7.68 5.28
CA PRO A 94 12.39 -6.49 5.14
C PRO A 94 11.44 -6.62 3.97
N PHE A 95 10.36 -5.87 4.02
CA PHE A 95 9.36 -5.92 3.00
C PHE A 95 8.75 -4.54 2.74
N LEU A 96 8.21 -4.40 1.56
CA LEU A 96 7.59 -3.18 1.09
C LEU A 96 6.12 -3.15 1.53
N VAL A 97 5.68 -2.03 2.02
CA VAL A 97 4.30 -1.84 2.49
C VAL A 97 3.57 -0.87 1.52
N VAL A 98 2.39 -1.24 1.05
CA VAL A 98 1.68 -0.37 0.10
C VAL A 98 0.26 -0.10 0.53
N SER A 99 -0.30 0.93 -0.07
CA SER A 99 -1.70 1.24 0.07
C SER A 99 -2.44 0.67 -1.13
N SER A 100 -3.63 0.16 -0.92
CA SER A 100 -4.38 -0.47 -1.99
C SER A 100 -5.25 0.53 -2.75
N ASP A 101 -5.25 1.77 -2.30
CA ASP A 101 -6.09 2.80 -2.88
C ASP A 101 -5.33 3.85 -3.69
N LEU A 102 -4.02 3.69 -3.86
CA LEU A 102 -3.25 4.64 -4.65
C LEU A 102 -3.20 4.18 -6.10
N ILE A 103 -3.46 5.11 -7.02
CA ILE A 103 -3.44 4.79 -8.45
C ILE A 103 -2.03 4.48 -8.95
N ASN A 104 -1.93 4.01 -10.19
CA ASN A 104 -0.65 3.59 -10.73
C ASN A 104 0.21 4.73 -11.24
N LEU A 105 0.84 5.42 -10.32
CA LEU A 105 1.84 6.45 -10.63
C LEU A 105 3.14 6.06 -9.93
N LYS A 106 3.02 5.01 -9.13
CA LYS A 106 4.08 4.52 -8.27
C LYS A 106 5.05 3.55 -8.97
N SER A 107 4.83 3.30 -10.25
CA SER A 107 5.61 2.28 -10.98
C SER A 107 7.12 2.48 -10.89
N LYS A 108 7.58 3.71 -11.03
CA LYS A 108 9.01 3.99 -10.96
C LYS A 108 9.43 4.21 -9.51
N ILE A 109 8.47 4.64 -8.74
CA ILE A 109 8.63 4.97 -7.34
C ILE A 109 8.99 3.74 -6.55
N ILE A 110 8.40 2.63 -6.93
CA ILE A 110 8.65 1.34 -6.30
C ILE A 110 10.14 1.04 -6.31
N ASN A 111 10.74 1.19 -7.48
CA ASN A 111 12.17 0.98 -7.63
C ASN A 111 12.98 2.03 -6.88
N SER A 112 12.50 3.27 -6.91
CA SER A 112 13.19 4.38 -6.24
C SER A 112 13.29 4.13 -4.75
N ILE A 113 12.20 3.64 -4.17
CA ILE A 113 12.12 3.38 -2.75
C ILE A 113 13.10 2.32 -2.32
N VAL A 114 13.13 1.24 -3.07
CA VAL A 114 14.00 0.12 -2.76
C VAL A 114 15.46 0.54 -2.81
N ASP A 115 15.82 1.21 -3.89
CA ASP A 115 17.18 1.68 -4.07
C ASP A 115 17.58 2.70 -3.01
N TYR A 116 16.67 3.61 -2.70
CA TYR A 116 16.94 4.66 -1.71
C TYR A 116 17.13 4.05 -0.32
N PHE A 117 16.23 3.14 0.05
CA PHE A 117 16.29 2.45 1.34
C PHE A 117 17.60 1.68 1.48
N TYR A 118 17.93 0.92 0.44
CA TYR A 118 19.18 0.16 0.44
C TYR A 118 20.38 1.08 0.51
N CYS A 119 20.29 2.22 -0.13
CA CYS A 119 21.38 3.18 -0.13
C CYS A 119 21.66 3.65 1.29
N ILE A 120 20.60 4.00 2.00
CA ILE A 120 20.72 4.50 3.36
C ILE A 120 21.27 3.43 4.28
N LYS A 121 20.69 2.25 4.22
CA LYS A 121 21.12 1.15 5.08
C LYS A 121 22.54 0.70 4.76
N ALA A 122 22.96 0.91 3.53
CA ALA A 122 24.33 0.59 3.13
C ALA A 122 25.32 1.45 3.93
N LYS A 123 25.02 2.74 4.08
CA LYS A 123 25.88 3.63 4.85
C LYS A 123 25.60 3.50 6.35
N THR A 124 24.35 3.34 6.70
CA THR A 124 23.93 3.18 8.07
C THR A 124 22.98 1.99 8.17
N PRO A 125 23.49 0.82 8.54
CA PRO A 125 22.69 -0.42 8.60
C PRO A 125 21.63 -0.40 9.70
N ASP A 126 21.74 0.55 10.61
CA ASP A 126 20.81 0.66 11.72
C ASP A 126 19.39 1.01 11.26
N VAL A 127 19.27 1.78 10.17
CA VAL A 127 17.95 2.13 9.66
C VAL A 127 17.29 0.91 9.03
N GLU A 128 16.15 0.54 9.56
CA GLU A 128 15.48 -0.65 9.12
C GLU A 128 14.03 -0.37 8.74
N ALA A 129 13.73 0.89 8.49
CA ALA A 129 12.41 1.29 8.01
C ALA A 129 12.51 2.57 7.18
N LEU A 130 11.61 2.70 6.24
CA LEU A 130 11.59 3.84 5.34
C LEU A 130 10.16 4.32 5.16
N ALA A 131 9.96 5.60 5.31
CA ALA A 131 8.65 6.21 5.16
C ALA A 131 8.70 7.24 4.08
N VAL A 132 7.70 7.26 3.24
CA VAL A 132 7.63 8.21 2.18
C VAL A 132 6.43 9.10 2.39
N MET A 133 6.66 10.38 2.47
CA MET A 133 5.60 11.34 2.73
C MET A 133 5.85 12.64 1.99
N ILE A 134 4.77 13.38 1.79
CA ILE A 134 4.82 14.65 1.07
C ILE A 134 4.10 15.74 1.85
N PRO A 135 4.30 17.01 1.46
CA PRO A 135 3.65 18.15 2.10
C PRO A 135 2.12 18.02 2.11
N LYS A 136 1.53 18.33 3.24
CA LYS A 136 0.09 18.24 3.45
C LYS A 136 -0.67 19.16 2.49
N GLU A 137 -0.13 20.35 2.28
CA GLU A 137 -0.78 21.38 1.46
C GLU A 137 -0.93 20.97 0.00
N LYS A 138 0.05 20.27 -0.54
CA LYS A 138 0.00 19.91 -1.95
C LYS A 138 -0.82 18.69 -2.15
N TYR A 139 -1.11 18.03 -1.07
CA TYR A 139 -1.95 16.87 -1.11
C TYR A 139 -3.41 17.33 -1.06
N PRO A 140 -4.17 17.09 -2.13
CA PRO A 140 -5.54 17.62 -2.27
C PRO A 140 -6.55 17.10 -1.24
N ASN A 141 -6.42 15.84 -0.86
CA ASN A 141 -7.38 15.26 0.07
C ASN A 141 -6.86 14.00 0.74
N PRO A 142 -6.29 14.13 1.94
CA PRO A 142 -5.87 12.98 2.73
C PRO A 142 -7.05 12.40 3.47
N SER A 143 -7.56 13.15 4.41
CA SER A 143 -8.74 12.81 5.14
C SER A 143 -9.26 14.09 5.77
N ILE A 144 -10.54 14.15 6.02
CA ILE A 144 -11.09 15.32 6.66
C ILE A 144 -11.56 14.93 8.04
N ASP A 145 -10.60 14.86 8.96
CA ASP A 145 -10.84 14.46 10.34
C ASP A 145 -9.49 14.32 11.07
N PHE A 146 -8.89 13.14 10.94
CA PHE A 146 -7.59 12.86 11.55
C PHE A 146 -6.49 13.74 10.94
N ASN A 147 -6.48 13.81 9.60
CA ASN A 147 -5.46 14.56 8.85
C ASN A 147 -4.07 14.00 9.07
N GLY A 148 -3.26 14.69 9.86
CA GLY A 148 -1.90 14.25 10.12
C GLY A 148 -1.01 14.42 8.89
N LEU A 149 0.01 13.60 8.77
CA LEU A 149 0.92 13.67 7.64
C LEU A 149 0.40 12.79 6.52
N VAL A 150 0.73 13.15 5.31
CA VAL A 150 0.20 12.46 4.16
C VAL A 150 1.25 11.56 3.48
N PRO A 151 0.99 10.23 3.43
CA PRO A 151 1.86 9.28 2.74
C PRO A 151 1.98 9.63 1.26
N ALA A 152 3.18 9.48 0.73
CA ALA A 152 3.42 9.84 -0.65
C ALA A 152 3.51 8.63 -1.57
N GLY A 153 3.31 7.46 -1.03
CA GLY A 153 3.41 6.28 -1.87
C GLY A 153 3.47 5.00 -1.09
N ILE A 154 4.66 4.48 -0.94
CA ILE A 154 4.85 3.19 -0.31
C ILE A 154 5.84 3.29 0.86
N ASN A 155 5.79 2.29 1.72
CA ASN A 155 6.61 2.25 2.94
C ASN A 155 7.51 1.02 2.94
N VAL A 156 8.61 1.09 3.68
CA VAL A 156 9.53 -0.04 3.84
C VAL A 156 9.74 -0.35 5.31
N VAL A 157 9.59 -1.59 5.68
CA VAL A 157 9.84 -1.99 7.06
C VAL A 157 10.62 -3.28 7.15
N SER A 158 11.35 -3.42 8.22
CA SER A 158 12.06 -4.63 8.54
C SER A 158 11.19 -5.42 9.54
N PRO A 159 11.18 -6.75 9.46
CA PRO A 159 10.36 -7.58 10.34
C PRO A 159 10.88 -7.58 11.78
N LYS A 160 10.64 -6.49 12.46
CA LYS A 160 11.06 -6.35 13.85
C LYS A 160 9.89 -6.48 14.78
N HIS A 161 10.04 -7.28 15.81
CA HIS A 161 8.99 -7.41 16.80
C HIS A 161 9.12 -6.24 17.78
N GLY A 162 8.73 -5.07 17.31
CA GLY A 162 8.83 -3.85 18.08
C GLY A 162 8.88 -2.65 17.16
N TYR A 163 9.61 -1.62 17.56
CA TYR A 163 9.76 -0.43 16.72
C TYR A 163 11.23 -0.23 16.35
N GLN A 164 11.47 0.25 15.13
CA GLN A 164 12.81 0.40 14.61
C GLN A 164 13.02 1.76 13.94
N LYS A 165 14.29 2.12 13.67
CA LYS A 165 14.65 3.39 13.04
C LYS A 165 14.00 3.51 11.67
N GLU A 166 13.35 4.64 11.46
CA GLU A 166 12.63 4.89 10.23
C GLU A 166 13.11 6.19 9.57
N GLU A 167 13.47 6.13 8.31
CA GLU A 167 13.87 7.33 7.59
C GLU A 167 12.74 7.93 6.85
N ILE A 168 12.92 9.15 6.49
CA ILE A 168 11.87 9.92 5.84
C ILE A 168 12.26 10.35 4.45
N MET A 169 11.38 10.08 3.53
CA MET A 169 11.55 10.48 2.15
C MET A 169 10.46 11.46 1.77
N VAL A 170 10.84 12.56 1.17
CA VAL A 170 9.88 13.50 0.68
C VAL A 170 10.05 13.64 -0.83
N ILE A 171 8.98 13.48 -1.55
CA ILE A 171 9.01 13.52 -2.99
C ILE A 171 8.14 14.63 -3.52
N ASP A 172 8.21 14.86 -4.80
CA ASP A 172 7.44 15.91 -5.41
C ASP A 172 6.32 15.34 -6.27
N GLU A 173 6.27 14.02 -6.34
CA GLU A 173 5.26 13.35 -7.13
C GLU A 173 4.12 12.89 -6.25
N LEU A 174 2.93 13.21 -6.69
CA LEU A 174 1.73 12.98 -5.93
C LEU A 174 1.03 11.67 -6.30
N ILE A 175 0.37 11.11 -5.31
CA ILE A 175 -0.48 9.96 -5.48
C ILE A 175 -1.86 10.32 -4.96
N PHE A 176 -2.86 9.66 -5.46
CA PHE A 176 -4.21 9.94 -5.04
C PHE A 176 -4.78 8.74 -4.31
N ASN A 177 -5.47 9.00 -3.23
CA ASN A 177 -6.03 7.96 -2.40
C ASN A 177 -7.54 7.95 -2.51
N ILE A 178 -8.10 6.80 -2.81
CA ILE A 178 -9.53 6.74 -2.97
C ILE A 178 -10.21 6.45 -1.63
N ASN A 179 -10.03 7.36 -0.70
CA ASN A 179 -10.68 7.27 0.60
C ASN A 179 -11.97 8.04 0.60
N THR A 180 -12.25 8.63 -0.54
CA THR A 180 -13.44 9.41 -0.71
C THR A 180 -13.92 9.32 -2.15
N LYS A 181 -15.23 9.46 -2.32
CA LYS A 181 -15.87 9.36 -3.62
C LYS A 181 -15.37 10.43 -4.58
N ASP A 182 -15.12 11.62 -4.05
CA ASP A 182 -14.66 12.74 -4.87
C ASP A 182 -13.31 12.44 -5.53
N ASP A 183 -12.42 11.82 -4.76
CA ASP A 183 -11.10 11.45 -5.28
C ASP A 183 -11.24 10.45 -6.40
N LEU A 184 -12.21 9.57 -6.26
CA LEU A 184 -12.50 8.54 -7.26
C LEU A 184 -12.82 9.22 -8.59
N LYS A 185 -13.62 10.27 -8.54
CA LYS A 185 -13.90 11.08 -9.71
C LYS A 185 -12.63 11.72 -10.26
N LEU A 186 -11.81 12.25 -9.37
CA LEU A 186 -10.56 12.88 -9.79
C LEU A 186 -9.67 11.86 -10.48
N ALA A 187 -9.58 10.68 -9.88
CA ALA A 187 -8.80 9.58 -10.41
C ALA A 187 -9.31 9.12 -11.77
N GLU A 188 -10.64 9.02 -11.93
CA GLU A 188 -11.21 8.58 -13.20
C GLU A 188 -10.92 9.61 -14.29
N MET A 189 -10.89 10.88 -13.90
CA MET A 189 -10.56 11.96 -14.80
C MET A 189 -9.12 11.84 -15.28
N LEU A 190 -8.23 11.47 -14.37
CA LEU A 190 -6.81 11.31 -14.70
C LEU A 190 -6.63 10.20 -15.69
N LEU A 191 -7.34 9.12 -15.44
CA LEU A 191 -7.28 7.95 -16.31
C LEU A 191 -7.78 8.29 -17.70
N LYS A 192 -8.82 9.07 -17.73
CA LYS A 192 -9.40 9.51 -18.98
C LYS A 192 -8.41 10.35 -19.80
N LYS A 193 -7.72 11.27 -19.13
CA LYS A 193 -6.83 12.18 -19.83
C LYS A 193 -5.44 11.58 -20.07
N ASP A 194 -4.90 10.91 -19.06
CA ASP A 194 -3.54 10.36 -19.13
C ASP A 194 -3.51 8.95 -19.72
N GLY A 195 -4.61 8.25 -19.59
CA GLY A 195 -4.66 6.86 -20.05
C GLY A 195 -5.23 6.72 -21.44
N LEU A 196 -6.39 7.30 -21.68
CA LEU A 196 -7.04 7.20 -22.97
C LEU A 196 -7.81 8.47 -23.30
N MET A 1 13.37 -8.20 -1.42
CA MET A 1 12.22 -7.61 -0.70
C MET A 1 10.90 -8.16 -1.24
N ASP A 2 10.03 -8.55 -0.34
CA ASP A 2 8.70 -9.00 -0.70
C ASP A 2 7.74 -7.86 -0.51
N ALA A 3 6.56 -7.98 -1.06
CA ALA A 3 5.59 -6.91 -0.95
C ALA A 3 4.39 -7.34 -0.13
N LEU A 4 4.04 -6.51 0.81
CA LEU A 4 2.91 -6.71 1.67
C LEU A 4 1.82 -5.75 1.26
N ILE A 5 0.69 -6.27 0.91
CA ILE A 5 -0.40 -5.42 0.48
C ILE A 5 -1.56 -5.55 1.42
N MET A 6 -1.90 -4.47 2.07
CA MET A 6 -3.01 -4.48 3.01
C MET A 6 -4.32 -4.17 2.39
N ALA A 7 -5.01 -5.23 2.08
CA ALA A 7 -6.32 -5.16 1.48
C ALA A 7 -7.36 -5.77 2.42
N GLY A 8 -8.04 -4.93 3.16
CA GLY A 8 -9.02 -5.40 4.09
C GLY A 8 -9.48 -4.30 5.00
N GLY A 9 -9.27 -4.47 6.29
CA GLY A 9 -9.66 -3.47 7.23
C GLY A 9 -8.81 -2.23 7.12
N LYS A 10 -9.45 -1.09 7.25
CA LYS A 10 -8.75 0.19 7.20
C LYS A 10 -8.72 0.81 8.58
N GLY A 11 -9.04 0.00 9.57
CA GLY A 11 -9.08 0.46 10.93
C GLY A 11 -10.48 0.37 11.49
N THR A 12 -10.80 1.26 12.40
CA THR A 12 -12.12 1.27 13.01
C THR A 12 -13.07 2.14 12.21
N ARG A 13 -12.55 2.76 11.16
CA ARG A 13 -13.34 3.61 10.30
C ARG A 13 -13.88 2.80 9.13
N MET A 14 -15.19 2.65 9.09
CA MET A 14 -15.84 1.91 8.02
C MET A 14 -16.80 2.83 7.28
N GLY A 15 -16.48 3.12 6.04
CA GLY A 15 -17.33 3.99 5.26
C GLY A 15 -16.56 4.65 4.15
N GLY A 16 -17.10 5.76 3.66
CA GLY A 16 -16.45 6.48 2.59
C GLY A 16 -16.87 5.98 1.23
N VAL A 17 -16.32 6.57 0.18
CA VAL A 17 -16.64 6.16 -1.18
C VAL A 17 -15.49 5.38 -1.77
N GLU A 18 -14.44 5.22 -1.00
CA GLU A 18 -13.27 4.48 -1.42
C GLU A 18 -13.32 3.06 -0.90
N LYS A 19 -13.32 2.12 -1.82
CA LYS A 19 -13.29 0.72 -1.51
C LYS A 19 -12.31 0.04 -2.46
N PRO A 20 -11.54 -0.94 -1.97
CA PRO A 20 -10.47 -1.58 -2.75
C PRO A 20 -10.94 -2.29 -4.03
N LEU A 21 -12.22 -2.62 -4.11
CA LEU A 21 -12.72 -3.32 -5.28
C LEU A 21 -13.37 -2.41 -6.30
N ILE A 22 -13.33 -1.12 -6.07
CA ILE A 22 -13.87 -0.19 -7.00
C ILE A 22 -12.91 -0.02 -8.14
N LYS A 23 -13.40 -0.26 -9.31
CA LYS A 23 -12.59 -0.18 -10.50
C LYS A 23 -12.72 1.15 -11.16
N LEU A 24 -11.60 1.63 -11.63
CA LEU A 24 -11.53 2.90 -12.31
C LEU A 24 -10.95 2.72 -13.69
N CYS A 25 -11.81 2.86 -14.71
CA CYS A 25 -11.40 2.73 -16.11
C CYS A 25 -10.69 1.39 -16.39
N GLY A 26 -10.99 0.38 -15.59
CA GLY A 26 -10.35 -0.91 -15.79
C GLY A 26 -10.39 -1.79 -14.55
N ARG A 27 -9.27 -1.84 -13.85
CA ARG A 27 -9.10 -2.75 -12.72
C ARG A 27 -9.57 -2.14 -11.43
N CYS A 28 -9.67 -2.97 -10.40
CA CYS A 28 -10.05 -2.51 -9.08
C CYS A 28 -8.82 -1.89 -8.40
N LEU A 29 -9.03 -1.13 -7.33
CA LEU A 29 -7.91 -0.45 -6.67
C LEU A 29 -6.86 -1.44 -6.19
N ILE A 30 -7.28 -2.52 -5.59
CA ILE A 30 -6.35 -3.52 -5.09
C ILE A 30 -5.60 -4.18 -6.26
N ASP A 31 -6.31 -4.45 -7.34
CA ASP A 31 -5.72 -5.08 -8.52
C ASP A 31 -4.69 -4.16 -9.14
N TYR A 32 -5.00 -2.85 -9.18
CA TYR A 32 -4.06 -1.84 -9.67
C TYR A 32 -2.84 -1.79 -8.79
N VAL A 33 -3.02 -2.00 -7.50
CA VAL A 33 -1.92 -2.02 -6.56
C VAL A 33 -1.00 -3.22 -6.82
N VAL A 34 -1.60 -4.37 -7.03
CA VAL A 34 -0.88 -5.62 -7.26
C VAL A 34 -0.11 -5.61 -8.58
N SER A 35 -0.73 -5.07 -9.61
CA SER A 35 -0.18 -5.12 -10.96
C SER A 35 1.30 -4.64 -11.06
N PRO A 36 1.65 -3.42 -10.59
CA PRO A 36 3.04 -2.94 -10.63
C PRO A 36 3.92 -3.67 -9.63
N LEU A 37 3.37 -3.99 -8.46
CA LEU A 37 4.12 -4.67 -7.41
C LEU A 37 4.54 -6.06 -7.83
N LEU A 38 3.65 -6.76 -8.47
CA LEU A 38 3.94 -8.10 -8.97
C LEU A 38 5.11 -8.06 -9.96
N LYS A 39 5.05 -7.13 -10.89
CA LYS A 39 6.10 -6.99 -11.91
C LYS A 39 7.32 -6.19 -11.40
N SER A 40 7.21 -5.61 -10.22
CA SER A 40 8.26 -4.77 -9.68
C SER A 40 9.44 -5.57 -9.19
N LYS A 41 10.40 -4.87 -8.64
CA LYS A 41 11.63 -5.42 -8.12
C LYS A 41 11.36 -6.48 -7.03
N VAL A 42 10.21 -6.39 -6.35
CA VAL A 42 9.93 -7.28 -5.22
C VAL A 42 9.77 -8.74 -5.64
N ASN A 43 9.88 -9.62 -4.67
CA ASN A 43 9.81 -11.05 -4.88
C ASN A 43 8.37 -11.54 -4.97
N ASN A 44 7.70 -11.68 -3.82
CA ASN A 44 6.32 -12.17 -3.80
C ASN A 44 5.39 -11.14 -3.25
N ILE A 45 4.11 -11.33 -3.52
CA ILE A 45 3.09 -10.43 -3.05
C ILE A 45 2.26 -11.11 -1.98
N PHE A 46 2.30 -10.59 -0.76
CA PHE A 46 1.49 -11.12 0.30
C PHE A 46 0.40 -10.14 0.63
N ILE A 47 -0.81 -10.54 0.40
CA ILE A 47 -1.93 -9.68 0.64
C ILE A 47 -2.54 -9.97 1.96
N ALA A 48 -2.50 -8.98 2.78
CA ALA A 48 -3.03 -9.07 4.11
C ALA A 48 -4.48 -8.69 4.09
N THR A 49 -5.31 -9.61 4.48
CA THR A 49 -6.72 -9.37 4.52
C THR A 49 -7.25 -9.57 5.92
N SER A 50 -8.35 -8.93 6.19
CA SER A 50 -8.93 -8.98 7.51
C SER A 50 -10.16 -9.90 7.52
N PRO A 51 -10.39 -10.61 8.64
CA PRO A 51 -11.55 -11.50 8.81
C PRO A 51 -12.87 -10.76 8.63
N ASN A 52 -12.87 -9.48 8.97
CA ASN A 52 -14.06 -8.66 8.89
C ASN A 52 -14.26 -8.13 7.48
N THR A 53 -13.34 -8.43 6.59
CA THR A 53 -13.43 -7.97 5.22
C THR A 53 -13.03 -9.02 4.24
N PRO A 54 -13.74 -10.11 4.09
CA PRO A 54 -13.44 -10.92 3.01
C PRO A 54 -14.48 -10.79 1.94
N LYS A 55 -14.21 -9.86 1.21
CA LYS A 55 -14.96 -9.47 0.04
C LYS A 55 -13.95 -9.02 -0.88
N THR A 56 -13.09 -8.19 -0.32
CA THR A 56 -11.87 -7.89 -0.91
C THR A 56 -11.11 -9.20 -0.99
N LYS A 57 -11.08 -9.90 0.15
CA LYS A 57 -10.44 -11.20 0.22
C LYS A 57 -11.10 -12.21 -0.71
N GLU A 58 -12.46 -12.34 -0.66
CA GLU A 58 -13.07 -13.33 -1.58
C GLU A 58 -12.77 -12.97 -3.04
N TYR A 59 -12.69 -11.66 -3.36
CA TYR A 59 -12.36 -11.22 -4.71
C TYR A 59 -10.97 -11.64 -5.10
N ILE A 60 -10.04 -11.34 -4.23
CA ILE A 60 -8.63 -11.59 -4.46
C ILE A 60 -8.37 -13.07 -4.56
N ASN A 61 -9.02 -13.81 -3.69
CA ASN A 61 -8.89 -15.24 -3.66
C ASN A 61 -9.27 -15.86 -4.98
N SER A 62 -10.31 -15.36 -5.58
CA SER A 62 -10.78 -15.89 -6.84
C SER A 62 -9.97 -15.30 -8.01
N ALA A 63 -9.65 -14.01 -7.91
CA ALA A 63 -8.94 -13.30 -8.95
C ALA A 63 -7.57 -13.87 -9.17
N TYR A 64 -6.92 -14.24 -8.10
CA TYR A 64 -5.57 -14.73 -8.17
C TYR A 64 -5.49 -16.22 -7.86
N LYS A 65 -6.52 -16.99 -8.24
CA LYS A 65 -6.48 -18.44 -8.06
C LYS A 65 -5.33 -19.06 -8.85
N ASP A 66 -4.91 -18.39 -9.90
CA ASP A 66 -3.80 -18.83 -10.75
C ASP A 66 -2.48 -18.29 -10.21
N TYR A 67 -2.52 -17.74 -9.00
CA TYR A 67 -1.38 -17.09 -8.36
C TYR A 67 -0.08 -17.86 -8.51
N LYS A 68 0.94 -17.17 -8.98
CA LYS A 68 2.25 -17.72 -9.03
C LYS A 68 3.08 -17.16 -7.92
N ASN A 69 3.03 -15.87 -7.83
CA ASN A 69 3.76 -15.12 -6.81
C ASN A 69 2.82 -14.35 -5.87
N ILE A 70 1.54 -14.65 -5.95
CA ILE A 70 0.56 -13.98 -5.09
C ILE A 70 0.15 -14.89 -3.95
N VAL A 71 0.29 -14.38 -2.77
CA VAL A 71 -0.05 -15.10 -1.58
C VAL A 71 -1.01 -14.28 -0.75
N VAL A 72 -2.08 -14.88 -0.33
CA VAL A 72 -3.06 -14.18 0.49
C VAL A 72 -2.96 -14.64 1.92
N ILE A 73 -2.94 -13.70 2.82
CA ILE A 73 -2.83 -14.01 4.22
C ILE A 73 -3.96 -13.36 4.99
N ASP A 74 -4.31 -13.96 6.09
CA ASP A 74 -5.42 -13.47 6.91
C ASP A 74 -4.90 -13.14 8.27
N THR A 75 -5.24 -11.99 8.73
CA THR A 75 -4.75 -11.56 10.03
C THR A 75 -5.50 -10.34 10.63
N SER A 76 -4.90 -9.80 11.67
CA SER A 76 -5.40 -8.73 12.53
C SER A 76 -5.73 -7.39 11.83
N GLY A 77 -5.53 -7.32 10.51
CA GLY A 77 -5.68 -6.08 9.66
C GLY A 77 -6.73 -5.06 10.11
N LYS A 78 -7.70 -5.50 10.88
CA LYS A 78 -8.64 -4.61 11.49
C LYS A 78 -7.85 -3.59 12.33
N GLY A 79 -6.77 -4.08 12.92
CA GLY A 79 -5.84 -3.24 13.62
C GLY A 79 -4.57 -3.15 12.81
N TYR A 80 -4.27 -1.95 12.32
CA TYR A 80 -3.14 -1.74 11.41
C TYR A 80 -1.81 -2.14 12.03
N ILE A 81 -1.57 -1.68 13.23
CA ILE A 81 -0.32 -1.97 13.92
C ILE A 81 -0.16 -3.45 14.15
N GLU A 82 -1.21 -4.02 14.65
CA GLU A 82 -1.25 -5.44 15.02
C GLU A 82 -1.01 -6.35 13.83
N ASP A 83 -1.68 -6.06 12.73
CA ASP A 83 -1.48 -6.84 11.49
C ASP A 83 -0.05 -6.68 10.99
N LEU A 84 0.40 -5.44 10.90
CA LEU A 84 1.74 -5.14 10.44
C LEU A 84 2.74 -5.93 11.28
N ASN A 85 2.56 -5.88 12.57
CA ASN A 85 3.42 -6.59 13.51
C ASN A 85 3.39 -8.10 13.33
N GLU A 86 2.22 -8.64 13.08
CA GLU A 86 2.10 -9.99 12.85
C GLU A 86 2.79 -10.39 11.53
N CYS A 87 2.59 -9.56 10.50
CA CYS A 87 3.22 -9.80 9.22
C CYS A 87 4.75 -9.71 9.32
N ILE A 88 5.26 -8.72 10.05
CA ILE A 88 6.71 -8.56 10.20
C ILE A 88 7.31 -9.74 10.98
N GLY A 89 6.49 -10.32 11.84
CA GLY A 89 6.91 -11.46 12.62
C GLY A 89 7.25 -12.70 11.78
N TYR A 90 6.49 -12.95 10.72
CA TYR A 90 6.67 -14.16 9.90
C TYR A 90 7.76 -14.02 8.84
N PHE A 91 8.23 -12.83 8.59
CA PHE A 91 9.30 -12.63 7.63
C PHE A 91 10.65 -12.58 8.31
N SER A 92 11.66 -13.10 7.64
CA SER A 92 13.02 -13.02 8.14
C SER A 92 13.79 -11.99 7.33
N GLU A 93 13.10 -11.43 6.35
CA GLU A 93 13.65 -10.44 5.44
C GLU A 93 12.74 -9.24 5.38
N PRO A 94 13.29 -8.08 5.00
CA PRO A 94 12.51 -6.85 4.90
C PRO A 94 11.50 -6.91 3.76
N PHE A 95 10.39 -6.24 3.94
CA PHE A 95 9.33 -6.26 2.95
C PHE A 95 8.65 -4.90 2.84
N LEU A 96 8.00 -4.71 1.74
CA LEU A 96 7.34 -3.47 1.44
C LEU A 96 5.92 -3.48 2.00
N VAL A 97 5.49 -2.35 2.49
CA VAL A 97 4.16 -2.17 3.04
C VAL A 97 3.38 -1.19 2.16
N VAL A 98 2.20 -1.57 1.70
CA VAL A 98 1.45 -0.68 0.83
C VAL A 98 0.01 -0.51 1.28
N SER A 99 -0.58 0.58 0.85
CA SER A 99 -1.99 0.82 1.05
C SER A 99 -2.69 0.50 -0.28
N SER A 100 -3.94 0.08 -0.21
CA SER A 100 -4.65 -0.39 -1.40
C SER A 100 -5.38 0.73 -2.15
N ASP A 101 -5.26 1.96 -1.69
CA ASP A 101 -5.98 3.08 -2.31
C ASP A 101 -5.07 3.98 -3.17
N LEU A 102 -3.82 3.62 -3.34
CA LEU A 102 -2.92 4.39 -4.18
C LEU A 102 -2.99 3.91 -5.62
N ILE A 103 -2.95 4.85 -6.55
CA ILE A 103 -3.01 4.57 -8.00
C ILE A 103 -1.81 3.75 -8.49
N ASN A 104 -1.85 3.37 -9.76
CA ASN A 104 -0.83 2.48 -10.37
C ASN A 104 0.45 3.23 -10.79
N LEU A 105 0.52 4.53 -10.50
CA LEU A 105 1.70 5.34 -10.87
C LEU A 105 2.87 5.05 -9.89
N LYS A 106 2.71 3.99 -9.11
CA LYS A 106 3.68 3.59 -8.10
C LYS A 106 4.81 2.75 -8.68
N SER A 107 4.76 2.48 -9.98
CA SER A 107 5.72 1.57 -10.61
C SER A 107 7.17 2.02 -10.42
N LYS A 108 7.44 3.29 -10.64
CA LYS A 108 8.80 3.79 -10.47
C LYS A 108 9.09 4.00 -9.00
N ILE A 109 8.03 4.18 -8.24
CA ILE A 109 8.10 4.51 -6.84
C ILE A 109 8.69 3.36 -6.07
N ILE A 110 8.24 2.17 -6.43
CA ILE A 110 8.63 0.94 -5.77
C ILE A 110 10.14 0.77 -5.83
N ASN A 111 10.67 0.95 -7.02
CA ASN A 111 12.10 0.83 -7.23
C ASN A 111 12.85 1.94 -6.51
N SER A 112 12.29 3.15 -6.54
CA SER A 112 12.88 4.31 -5.89
C SER A 112 13.01 4.09 -4.39
N ILE A 113 11.98 3.49 -3.80
CA ILE A 113 11.95 3.22 -2.38
C ILE A 113 13.07 2.28 -1.99
N VAL A 114 13.19 1.21 -2.76
CA VAL A 114 14.18 0.19 -2.49
C VAL A 114 15.58 0.77 -2.57
N ASP A 115 15.84 1.49 -3.65
CA ASP A 115 17.15 2.09 -3.83
C ASP A 115 17.46 3.09 -2.73
N TYR A 116 16.49 3.92 -2.38
CA TYR A 116 16.68 4.92 -1.34
C TYR A 116 16.93 4.25 0.03
N PHE A 117 16.05 3.31 0.37
CA PHE A 117 16.16 2.57 1.64
C PHE A 117 17.49 1.84 1.74
N TYR A 118 17.84 1.11 0.69
CA TYR A 118 19.09 0.37 0.66
C TYR A 118 20.29 1.31 0.67
N CYS A 119 20.12 2.49 0.09
CA CYS A 119 21.17 3.50 0.08
C CYS A 119 21.48 3.90 1.51
N ILE A 120 20.42 4.12 2.26
CA ILE A 120 20.53 4.49 3.66
C ILE A 120 21.15 3.35 4.44
N LYS A 121 20.71 2.16 4.13
CA LYS A 121 21.20 0.93 4.80
C LYS A 121 22.69 0.73 4.60
N ALA A 122 23.11 0.98 3.42
CA ALA A 122 24.51 0.85 3.04
C ALA A 122 25.42 1.75 3.88
N LYS A 123 24.98 2.97 4.15
CA LYS A 123 25.77 3.88 4.96
C LYS A 123 25.43 3.74 6.46
N THR A 124 24.18 3.46 6.74
CA THR A 124 23.67 3.34 8.09
C THR A 124 22.82 2.08 8.22
N PRO A 125 23.39 0.99 8.75
CA PRO A 125 22.68 -0.29 8.87
C PRO A 125 21.58 -0.25 9.93
N ASP A 126 21.63 0.78 10.76
CA ASP A 126 20.70 0.95 11.87
C ASP A 126 19.26 1.12 11.44
N VAL A 127 19.03 1.72 10.27
CA VAL A 127 17.68 1.93 9.79
C VAL A 127 17.00 0.59 9.49
N GLU A 128 15.83 0.38 10.07
CA GLU A 128 15.12 -0.85 9.91
C GLU A 128 13.75 -0.65 9.26
N ALA A 129 13.48 0.58 8.82
CA ALA A 129 12.21 0.89 8.17
C ALA A 129 12.29 2.20 7.39
N LEU A 130 11.38 2.37 6.43
CA LEU A 130 11.35 3.55 5.59
C LEU A 130 9.89 4.00 5.40
N ALA A 131 9.68 5.28 5.52
CA ALA A 131 8.35 5.86 5.38
C ALA A 131 8.35 6.94 4.32
N VAL A 132 7.33 6.94 3.50
CA VAL A 132 7.19 7.96 2.49
C VAL A 132 5.96 8.78 2.77
N MET A 133 6.17 10.03 3.03
CA MET A 133 5.11 10.95 3.37
C MET A 133 5.39 12.33 2.84
N ILE A 134 4.34 13.10 2.72
CA ILE A 134 4.43 14.47 2.25
C ILE A 134 3.64 15.37 3.16
N PRO A 135 3.94 16.67 3.16
CA PRO A 135 3.25 17.60 4.04
C PRO A 135 1.77 17.71 3.70
N LYS A 136 0.93 17.60 4.73
CA LYS A 136 -0.51 17.66 4.57
C LYS A 136 -0.97 19.01 4.03
N GLU A 137 -0.08 20.00 4.11
CA GLU A 137 -0.37 21.34 3.65
C GLU A 137 -0.61 21.36 2.14
N LYS A 138 0.13 20.55 1.39
CA LYS A 138 -0.04 20.48 -0.04
C LYS A 138 -0.92 19.32 -0.41
N TYR A 139 -0.99 18.38 0.50
CA TYR A 139 -1.81 17.20 0.34
C TYR A 139 -3.28 17.62 0.37
N PRO A 140 -4.06 17.28 -0.66
CA PRO A 140 -5.47 17.67 -0.76
C PRO A 140 -6.31 17.18 0.42
N ASN A 141 -6.59 15.89 0.44
CA ASN A 141 -7.41 15.32 1.49
C ASN A 141 -7.23 13.80 1.50
N PRO A 142 -6.91 13.23 2.66
CA PRO A 142 -6.68 11.79 2.80
C PRO A 142 -8.00 10.99 2.79
N SER A 143 -7.94 9.76 2.28
CA SER A 143 -9.10 8.88 2.24
C SER A 143 -9.56 8.52 3.64
N ILE A 144 -8.59 8.32 4.53
CA ILE A 144 -8.86 7.97 5.89
C ILE A 144 -9.20 9.21 6.69
N ASP A 145 -10.20 9.09 7.55
CA ASP A 145 -10.59 10.20 8.39
C ASP A 145 -9.73 10.24 9.64
N PHE A 146 -8.60 10.88 9.52
CA PHE A 146 -7.67 11.05 10.62
C PHE A 146 -6.73 12.20 10.31
N ASN A 147 -6.64 13.16 11.22
CA ASN A 147 -5.76 14.29 11.02
C ASN A 147 -4.44 14.07 11.72
N GLY A 148 -3.41 13.85 10.92
CA GLY A 148 -2.09 13.62 11.44
C GLY A 148 -1.08 13.68 10.34
N LEU A 149 -0.52 12.54 9.99
CA LEU A 149 0.42 12.46 8.90
C LEU A 149 -0.20 11.76 7.74
N VAL A 150 0.11 12.25 6.58
CA VAL A 150 -0.44 11.73 5.36
C VAL A 150 0.62 11.00 4.51
N PRO A 151 0.40 9.71 4.25
CA PRO A 151 1.33 8.91 3.44
C PRO A 151 1.32 9.35 1.99
N ALA A 152 2.48 9.32 1.37
CA ALA A 152 2.60 9.74 -0.03
C ALA A 152 2.86 8.56 -0.94
N GLY A 153 3.19 7.43 -0.36
CA GLY A 153 3.51 6.29 -1.17
C GLY A 153 3.46 5.00 -0.40
N ILE A 154 4.59 4.34 -0.33
CA ILE A 154 4.70 3.03 0.28
C ILE A 154 5.73 3.02 1.41
N ASN A 155 5.63 2.04 2.27
CA ASN A 155 6.46 1.93 3.47
C ASN A 155 7.35 0.68 3.40
N VAL A 156 8.47 0.72 4.09
CA VAL A 156 9.37 -0.43 4.18
C VAL A 156 9.61 -0.80 5.62
N VAL A 157 9.51 -2.07 5.93
CA VAL A 157 9.75 -2.54 7.29
C VAL A 157 10.71 -3.74 7.32
N SER A 158 11.44 -3.82 8.41
CA SER A 158 12.32 -4.93 8.69
C SER A 158 11.59 -5.89 9.63
N PRO A 159 11.90 -7.20 9.59
CA PRO A 159 11.28 -8.20 10.47
C PRO A 159 11.59 -7.96 11.95
N LYS A 160 10.83 -7.07 12.54
CA LYS A 160 10.99 -6.74 13.95
C LYS A 160 9.75 -7.14 14.72
N HIS A 161 9.68 -6.76 15.98
CA HIS A 161 8.50 -6.97 16.79
C HIS A 161 8.22 -5.73 17.61
N GLY A 162 7.40 -4.85 17.07
CA GLY A 162 7.12 -3.60 17.71
C GLY A 162 7.47 -2.43 16.82
N TYR A 163 8.09 -1.42 17.39
CA TYR A 163 8.51 -0.27 16.61
C TYR A 163 10.02 -0.25 16.46
N GLN A 164 10.47 0.11 15.29
CA GLN A 164 11.88 0.16 14.98
C GLN A 164 12.23 1.44 14.24
N LYS A 165 13.54 1.72 14.14
CA LYS A 165 14.02 2.92 13.45
C LYS A 165 13.48 2.98 12.04
N GLU A 166 12.78 4.05 11.75
CA GLU A 166 12.15 4.26 10.46
C GLU A 166 12.51 5.63 9.93
N GLU A 167 12.98 5.70 8.71
CA GLU A 167 13.35 6.97 8.13
C GLU A 167 12.26 7.59 7.36
N ILE A 168 12.42 8.84 7.14
CA ILE A 168 11.40 9.64 6.49
C ILE A 168 11.89 10.18 5.16
N MET A 169 11.10 9.95 4.15
CA MET A 169 11.38 10.48 2.83
C MET A 169 10.17 11.26 2.32
N VAL A 170 10.43 12.46 1.86
CA VAL A 170 9.41 13.33 1.33
C VAL A 170 9.54 13.39 -0.18
N ILE A 171 8.44 13.18 -0.87
CA ILE A 171 8.43 13.13 -2.32
C ILE A 171 7.60 14.26 -2.87
N ASP A 172 7.59 14.40 -4.18
CA ASP A 172 6.81 15.46 -4.81
C ASP A 172 5.67 14.85 -5.63
N GLU A 173 5.43 13.57 -5.43
CA GLU A 173 4.37 12.89 -6.16
C GLU A 173 3.12 12.80 -5.34
N LEU A 174 2.05 13.16 -5.96
CA LEU A 174 0.74 13.15 -5.35
C LEU A 174 0.00 11.89 -5.70
N ILE A 175 -0.68 11.32 -4.74
CA ILE A 175 -1.51 10.16 -4.99
C ILE A 175 -2.94 10.46 -4.62
N PHE A 176 -3.87 9.84 -5.31
CA PHE A 176 -5.27 10.06 -5.05
C PHE A 176 -5.89 8.79 -4.53
N ASN A 177 -6.38 8.86 -3.30
CA ASN A 177 -6.97 7.72 -2.62
C ASN A 177 -8.49 7.80 -2.57
N ILE A 178 -9.03 8.71 -3.36
CA ILE A 178 -10.48 8.87 -3.54
C ILE A 178 -11.23 9.11 -2.22
N ASN A 179 -11.07 10.28 -1.65
CA ASN A 179 -11.83 10.63 -0.45
C ASN A 179 -13.30 10.77 -0.78
N THR A 180 -13.57 11.40 -1.91
CA THR A 180 -14.91 11.74 -2.30
C THR A 180 -15.07 11.66 -3.84
N LYS A 181 -16.25 12.05 -4.33
CA LYS A 181 -16.59 11.99 -5.76
C LYS A 181 -15.63 12.84 -6.59
N ASP A 182 -15.21 13.98 -6.05
CA ASP A 182 -14.29 14.87 -6.75
C ASP A 182 -13.01 14.11 -7.09
N ASP A 183 -12.52 13.34 -6.11
CA ASP A 183 -11.31 12.55 -6.28
C ASP A 183 -11.56 11.41 -7.23
N LEU A 184 -12.74 10.80 -7.11
CA LEU A 184 -13.12 9.65 -7.93
C LEU A 184 -13.10 10.02 -9.40
N LYS A 185 -13.75 11.12 -9.72
CA LYS A 185 -13.80 11.63 -11.07
C LYS A 185 -12.42 12.03 -11.55
N LEU A 186 -11.67 12.71 -10.69
CA LEU A 186 -10.35 13.17 -11.05
C LEU A 186 -9.44 11.99 -11.40
N ALA A 187 -9.42 10.98 -10.53
CA ALA A 187 -8.58 9.81 -10.75
C ALA A 187 -8.98 9.04 -11.98
N GLU A 188 -10.28 8.85 -12.18
CA GLU A 188 -10.77 8.09 -13.33
C GLU A 188 -10.44 8.82 -14.64
N MET A 189 -10.56 10.14 -14.62
CA MET A 189 -10.27 10.94 -15.79
C MET A 189 -8.80 10.89 -16.16
N LEU A 190 -7.92 10.86 -15.15
CA LEU A 190 -6.48 10.77 -15.41
C LEU A 190 -6.18 9.48 -16.11
N LEU A 191 -6.78 8.42 -15.61
CA LEU A 191 -6.63 7.09 -16.19
C LEU A 191 -7.18 7.06 -17.60
N LYS A 192 -8.32 7.68 -17.75
CA LYS A 192 -9.00 7.78 -19.03
C LYS A 192 -8.16 8.55 -20.05
N LYS A 193 -7.60 9.67 -19.63
CA LYS A 193 -6.74 10.49 -20.47
C LYS A 193 -5.43 9.77 -20.79
N ASP A 194 -4.86 9.12 -19.77
CA ASP A 194 -3.58 8.41 -19.91
C ASP A 194 -3.72 7.21 -20.82
N GLY A 195 -4.93 6.68 -20.86
CA GLY A 195 -5.22 5.53 -21.69
C GLY A 195 -5.83 5.93 -23.02
N LEU A 196 -5.46 7.14 -23.48
CA LEU A 196 -5.93 7.73 -24.72
C LEU A 196 -7.32 8.33 -24.55
N MET A 1 13.09 -8.68 -1.29
CA MET A 1 11.95 -8.03 -0.57
C MET A 1 10.62 -8.48 -1.17
N ASP A 2 9.64 -8.68 -0.32
CA ASP A 2 8.30 -9.02 -0.76
C ASP A 2 7.40 -7.84 -0.60
N ALA A 3 6.26 -7.90 -1.21
CA ALA A 3 5.31 -6.80 -1.14
C ALA A 3 4.09 -7.21 -0.37
N LEU A 4 3.76 -6.41 0.61
CA LEU A 4 2.63 -6.64 1.47
C LEU A 4 1.52 -5.71 1.05
N ILE A 5 0.42 -6.27 0.68
CA ILE A 5 -0.71 -5.48 0.22
C ILE A 5 -1.88 -5.72 1.13
N MET A 6 -2.16 -4.79 1.99
CA MET A 6 -3.23 -4.96 2.95
C MET A 6 -4.54 -4.40 2.45
N ALA A 7 -5.34 -5.30 2.03
CA ALA A 7 -6.64 -5.04 1.46
C ALA A 7 -7.76 -5.61 2.34
N GLY A 8 -8.34 -4.76 3.15
CA GLY A 8 -9.43 -5.16 4.01
C GLY A 8 -9.25 -4.71 5.45
N GLY A 9 -10.03 -3.72 5.85
CA GLY A 9 -9.97 -3.20 7.22
C GLY A 9 -9.01 -2.03 7.37
N LYS A 10 -8.20 -1.84 6.35
CA LYS A 10 -7.23 -0.77 6.33
C LYS A 10 -7.89 0.57 6.00
N GLY A 11 -7.37 1.64 6.55
CA GLY A 11 -7.88 2.96 6.25
C GLY A 11 -6.75 3.96 6.17
N THR A 12 -6.92 4.99 5.36
CA THR A 12 -5.87 5.99 5.18
C THR A 12 -5.69 6.81 6.45
N ARG A 13 -6.81 7.13 7.10
CA ARG A 13 -6.77 7.89 8.32
C ARG A 13 -6.20 7.05 9.47
N MET A 14 -6.47 5.74 9.40
CA MET A 14 -5.97 4.74 10.36
C MET A 14 -6.66 3.39 10.14
N GLY A 15 -7.94 3.44 9.80
CA GLY A 15 -8.70 2.23 9.56
C GLY A 15 -10.12 2.56 9.16
N GLY A 16 -10.93 1.54 8.98
CA GLY A 16 -12.31 1.75 8.61
C GLY A 16 -12.79 0.71 7.62
N VAL A 17 -13.90 0.99 6.96
CA VAL A 17 -14.43 0.08 5.97
C VAL A 17 -13.70 0.28 4.66
N GLU A 18 -12.86 -0.66 4.32
CA GLU A 18 -12.06 -0.59 3.12
C GLU A 18 -12.66 -1.47 2.04
N LYS A 19 -12.89 -0.89 0.88
CA LYS A 19 -13.38 -1.65 -0.25
C LYS A 19 -12.47 -1.45 -1.45
N PRO A 20 -11.41 -2.27 -1.51
CA PRO A 20 -10.44 -2.26 -2.61
C PRO A 20 -11.06 -2.77 -3.90
N LEU A 21 -12.28 -3.25 -3.82
CA LEU A 21 -12.96 -3.82 -4.94
C LEU A 21 -13.67 -2.79 -5.78
N ILE A 22 -13.50 -1.53 -5.45
CA ILE A 22 -14.07 -0.49 -6.24
C ILE A 22 -13.26 -0.39 -7.50
N LYS A 23 -13.88 -0.78 -8.57
CA LYS A 23 -13.24 -0.78 -9.84
C LYS A 23 -13.25 0.57 -10.47
N LEU A 24 -12.12 0.95 -10.91
CA LEU A 24 -11.89 2.25 -11.48
C LEU A 24 -11.35 2.11 -12.90
N CYS A 25 -12.16 2.51 -13.87
CA CYS A 25 -11.78 2.47 -15.29
C CYS A 25 -11.42 1.04 -15.75
N GLY A 26 -11.82 0.04 -14.99
CA GLY A 26 -11.52 -1.32 -15.36
C GLY A 26 -11.47 -2.26 -14.17
N ARG A 27 -10.27 -2.48 -13.66
CA ARG A 27 -10.09 -3.43 -12.58
C ARG A 27 -10.29 -2.77 -11.23
N CYS A 28 -10.30 -3.58 -10.20
CA CYS A 28 -10.48 -3.12 -8.86
C CYS A 28 -9.20 -2.47 -8.35
N LEU A 29 -9.29 -1.70 -7.27
CA LEU A 29 -8.16 -0.98 -6.72
C LEU A 29 -7.05 -1.94 -6.33
N ILE A 30 -7.44 -3.08 -5.76
CA ILE A 30 -6.48 -4.11 -5.38
C ILE A 30 -5.66 -4.56 -6.59
N ASP A 31 -6.33 -4.80 -7.72
CA ASP A 31 -5.66 -5.25 -8.92
C ASP A 31 -4.70 -4.19 -9.44
N TYR A 32 -5.13 -2.92 -9.36
CA TYR A 32 -4.27 -1.81 -9.74
C TYR A 32 -3.03 -1.74 -8.87
N VAL A 33 -3.19 -2.04 -7.60
CA VAL A 33 -2.06 -2.04 -6.67
C VAL A 33 -1.14 -3.23 -6.94
N VAL A 34 -1.74 -4.40 -7.15
CA VAL A 34 -0.99 -5.64 -7.39
C VAL A 34 -0.18 -5.61 -8.67
N SER A 35 -0.77 -5.06 -9.72
CA SER A 35 -0.16 -5.09 -11.05
C SER A 35 1.31 -4.56 -11.08
N PRO A 36 1.59 -3.31 -10.61
CA PRO A 36 2.97 -2.80 -10.59
C PRO A 36 3.86 -3.54 -9.59
N LEU A 37 3.30 -3.90 -8.45
CA LEU A 37 4.04 -4.60 -7.42
C LEU A 37 4.47 -5.98 -7.87
N LEU A 38 3.59 -6.68 -8.54
CA LEU A 38 3.90 -8.00 -9.06
C LEU A 38 5.05 -7.91 -10.06
N LYS A 39 4.97 -6.97 -10.96
CA LYS A 39 6.00 -6.77 -11.98
C LYS A 39 7.25 -6.02 -11.45
N SER A 40 7.16 -5.50 -10.23
CA SER A 40 8.26 -4.75 -9.63
C SER A 40 9.43 -5.67 -9.22
N LYS A 41 10.44 -5.07 -8.64
CA LYS A 41 11.65 -5.77 -8.24
C LYS A 41 11.44 -6.68 -7.01
N VAL A 42 10.21 -6.76 -6.49
CA VAL A 42 9.95 -7.60 -5.33
C VAL A 42 9.79 -9.06 -5.75
N ASN A 43 9.91 -9.94 -4.78
CA ASN A 43 9.82 -11.36 -5.02
C ASN A 43 8.37 -11.84 -5.09
N ASN A 44 7.70 -11.87 -3.95
CA ASN A 44 6.31 -12.33 -3.92
C ASN A 44 5.37 -11.26 -3.40
N ILE A 45 4.11 -11.42 -3.70
CA ILE A 45 3.09 -10.50 -3.28
C ILE A 45 2.21 -11.15 -2.23
N PHE A 46 2.21 -10.61 -1.03
CA PHE A 46 1.38 -11.13 0.02
C PHE A 46 0.27 -10.16 0.30
N ILE A 47 -0.94 -10.59 0.06
CA ILE A 47 -2.08 -9.75 0.29
C ILE A 47 -2.67 -10.03 1.63
N ALA A 48 -2.62 -9.04 2.45
CA ALA A 48 -3.12 -9.10 3.78
C ALA A 48 -4.58 -8.74 3.80
N THR A 49 -5.38 -9.66 4.25
CA THR A 49 -6.79 -9.43 4.32
C THR A 49 -7.30 -9.73 5.70
N SER A 50 -8.38 -9.10 6.04
CA SER A 50 -8.98 -9.31 7.33
C SER A 50 -10.15 -10.27 7.22
N PRO A 51 -10.41 -11.04 8.28
CA PRO A 51 -11.54 -11.95 8.32
C PRO A 51 -12.85 -11.17 8.33
N ASN A 52 -12.73 -9.89 8.65
CA ASN A 52 -13.85 -8.98 8.69
C ASN A 52 -14.20 -8.55 7.26
N THR A 53 -13.33 -8.87 6.32
CA THR A 53 -13.53 -8.49 4.94
C THR A 53 -13.14 -9.59 3.98
N PRO A 54 -13.82 -10.72 3.91
CA PRO A 54 -13.52 -11.58 2.86
C PRO A 54 -14.55 -11.47 1.79
N LYS A 55 -14.29 -10.55 1.04
CA LYS A 55 -15.03 -10.14 -0.13
C LYS A 55 -14.02 -9.61 -0.98
N THR A 56 -13.24 -8.76 -0.38
CA THR A 56 -12.02 -8.39 -0.95
C THR A 56 -11.20 -9.66 -1.01
N LYS A 57 -11.16 -10.39 0.12
CA LYS A 57 -10.42 -11.64 0.17
C LYS A 57 -11.00 -12.69 -0.78
N GLU A 58 -12.34 -12.94 -0.75
CA GLU A 58 -12.86 -13.92 -1.70
C GLU A 58 -12.66 -13.47 -3.17
N TYR A 59 -12.75 -12.15 -3.43
CA TYR A 59 -12.54 -11.63 -4.80
C TYR A 59 -11.12 -11.87 -5.26
N ILE A 60 -10.18 -11.47 -4.44
CA ILE A 60 -8.77 -11.55 -4.79
C ILE A 60 -8.36 -12.98 -4.99
N ASN A 61 -8.86 -13.83 -4.12
CA ASN A 61 -8.61 -15.24 -4.19
C ASN A 61 -9.03 -15.79 -5.56
N SER A 62 -10.21 -15.39 -6.01
CA SER A 62 -10.73 -15.81 -7.31
C SER A 62 -9.98 -15.09 -8.44
N ALA A 63 -9.70 -13.83 -8.24
CA ALA A 63 -9.06 -13.00 -9.25
C ALA A 63 -7.68 -13.53 -9.57
N TYR A 64 -7.00 -14.01 -8.56
CA TYR A 64 -5.66 -14.52 -8.73
C TYR A 64 -5.60 -16.01 -8.45
N LYS A 65 -6.59 -16.76 -8.94
CA LYS A 65 -6.60 -18.22 -8.80
C LYS A 65 -5.37 -18.83 -9.50
N ASP A 66 -4.81 -18.07 -10.44
CA ASP A 66 -3.62 -18.49 -11.19
C ASP A 66 -2.34 -18.07 -10.47
N TYR A 67 -2.49 -17.64 -9.23
CA TYR A 67 -1.38 -17.12 -8.41
C TYR A 67 -0.11 -17.97 -8.49
N LYS A 68 0.95 -17.36 -9.00
CA LYS A 68 2.27 -17.96 -8.97
C LYS A 68 3.08 -17.33 -7.89
N ASN A 69 3.06 -16.03 -7.92
CA ASN A 69 3.78 -15.22 -6.96
C ASN A 69 2.83 -14.44 -6.05
N ILE A 70 1.55 -14.76 -6.12
CA ILE A 70 0.56 -14.09 -5.28
C ILE A 70 0.15 -15.00 -4.14
N VAL A 71 0.31 -14.50 -2.96
CA VAL A 71 -0.04 -15.22 -1.77
C VAL A 71 -1.03 -14.40 -0.96
N VAL A 72 -2.08 -15.02 -0.53
CA VAL A 72 -3.09 -14.34 0.26
C VAL A 72 -2.98 -14.75 1.71
N ILE A 73 -2.98 -13.79 2.58
CA ILE A 73 -2.85 -14.03 3.99
C ILE A 73 -3.99 -13.40 4.75
N ASP A 74 -4.26 -13.92 5.91
CA ASP A 74 -5.35 -13.43 6.74
C ASP A 74 -4.78 -12.91 8.00
N THR A 75 -5.15 -11.74 8.36
CA THR A 75 -4.56 -11.13 9.52
C THR A 75 -5.40 -10.00 10.14
N SER A 76 -4.75 -9.31 11.06
CA SER A 76 -5.29 -8.25 11.90
C SER A 76 -5.68 -6.96 11.14
N GLY A 77 -5.55 -6.97 9.80
CA GLY A 77 -5.77 -5.79 8.87
C GLY A 77 -6.79 -4.73 9.30
N LYS A 78 -7.70 -5.12 10.15
CA LYS A 78 -8.64 -4.20 10.77
C LYS A 78 -7.82 -3.11 11.47
N GLY A 79 -6.74 -3.54 12.09
CA GLY A 79 -5.81 -2.63 12.73
C GLY A 79 -4.56 -2.53 11.90
N TYR A 80 -4.20 -1.33 11.47
CA TYR A 80 -3.06 -1.16 10.56
C TYR A 80 -1.77 -1.68 11.17
N ILE A 81 -1.49 -1.24 12.38
CA ILE A 81 -0.27 -1.70 13.06
C ILE A 81 -0.38 -3.13 13.51
N GLU A 82 -1.59 -3.56 13.83
CA GLU A 82 -1.82 -4.94 14.27
C GLU A 82 -1.51 -5.89 13.13
N ASP A 83 -1.97 -5.50 11.95
CA ASP A 83 -1.72 -6.28 10.73
C ASP A 83 -0.25 -6.35 10.45
N LEU A 84 0.39 -5.20 10.46
CA LEU A 84 1.80 -5.11 10.21
C LEU A 84 2.57 -5.97 11.19
N ASN A 85 2.19 -5.90 12.44
CA ASN A 85 2.82 -6.72 13.47
C ASN A 85 2.70 -8.21 13.19
N GLU A 86 1.54 -8.65 12.77
CA GLU A 86 1.37 -10.05 12.38
C GLU A 86 2.23 -10.36 11.18
N CYS A 87 2.19 -9.47 10.20
CA CYS A 87 2.94 -9.65 8.97
C CYS A 87 4.46 -9.68 9.23
N ILE A 88 4.94 -8.79 10.09
CA ILE A 88 6.37 -8.76 10.40
C ILE A 88 6.77 -10.04 11.13
N GLY A 89 5.81 -10.60 11.86
CA GLY A 89 6.03 -11.87 12.53
C GLY A 89 6.24 -13.01 11.53
N TYR A 90 5.48 -13.01 10.44
CA TYR A 90 5.58 -14.08 9.42
C TYR A 90 6.87 -13.98 8.61
N PHE A 91 7.25 -12.76 8.25
CA PHE A 91 8.42 -12.55 7.42
C PHE A 91 9.71 -12.61 8.22
N SER A 92 10.73 -13.15 7.61
CA SER A 92 12.05 -13.19 8.21
C SER A 92 12.95 -12.15 7.53
N GLU A 93 12.38 -11.49 6.53
CA GLU A 93 13.09 -10.50 5.75
C GLU A 93 12.23 -9.25 5.55
N PRO A 94 12.88 -8.11 5.28
CA PRO A 94 12.21 -6.83 5.01
C PRO A 94 11.17 -6.96 3.89
N PHE A 95 10.07 -6.26 4.05
CA PHE A 95 9.00 -6.30 3.09
C PHE A 95 8.36 -4.93 2.91
N LEU A 96 7.76 -4.76 1.75
CA LEU A 96 7.14 -3.51 1.35
C LEU A 96 5.69 -3.44 1.88
N VAL A 97 5.28 -2.29 2.35
CA VAL A 97 3.91 -2.07 2.88
C VAL A 97 3.18 -1.08 1.97
N VAL A 98 1.95 -1.42 1.54
CA VAL A 98 1.22 -0.53 0.64
C VAL A 98 -0.20 -0.26 1.11
N SER A 99 -0.76 0.81 0.60
CA SER A 99 -2.15 1.12 0.82
C SER A 99 -2.95 0.71 -0.42
N SER A 100 -4.10 0.12 -0.20
CA SER A 100 -4.94 -0.44 -1.25
C SER A 100 -5.50 0.62 -2.23
N ASP A 101 -5.56 1.85 -1.81
CA ASP A 101 -6.15 2.90 -2.62
C ASP A 101 -5.15 3.94 -3.13
N LEU A 102 -3.87 3.57 -3.21
CA LEU A 102 -2.86 4.48 -3.74
C LEU A 102 -3.07 4.68 -5.25
N ILE A 103 -2.93 5.90 -5.69
CA ILE A 103 -3.23 6.27 -7.08
C ILE A 103 -1.98 6.20 -7.98
N ASN A 104 -2.19 5.76 -9.24
CA ASN A 104 -1.16 5.72 -10.31
C ASN A 104 -0.22 4.52 -10.18
N LEU A 105 0.63 4.33 -11.21
CA LEU A 105 1.58 3.22 -11.26
C LEU A 105 2.70 3.44 -10.25
N LYS A 106 3.00 2.41 -9.52
CA LYS A 106 3.93 2.49 -8.41
C LYS A 106 5.32 1.95 -8.77
N SER A 107 5.47 1.48 -10.00
CA SER A 107 6.68 0.74 -10.42
C SER A 107 7.97 1.54 -10.23
N LYS A 108 7.93 2.80 -10.54
CA LYS A 108 9.12 3.64 -10.44
C LYS A 108 9.45 3.95 -8.99
N ILE A 109 8.40 4.16 -8.25
CA ILE A 109 8.46 4.54 -6.87
C ILE A 109 9.06 3.44 -6.05
N ILE A 110 8.64 2.24 -6.37
CA ILE A 110 9.11 1.02 -5.70
C ILE A 110 10.61 0.92 -5.81
N ASN A 111 11.12 1.14 -7.01
CA ASN A 111 12.56 1.09 -7.24
C ASN A 111 13.26 2.14 -6.37
N SER A 112 12.71 3.34 -6.37
CA SER A 112 13.27 4.45 -5.60
C SER A 112 13.26 4.16 -4.10
N ILE A 113 12.18 3.54 -3.63
CA ILE A 113 12.01 3.22 -2.22
C ILE A 113 13.10 2.26 -1.78
N VAL A 114 13.29 1.22 -2.56
CA VAL A 114 14.24 0.19 -2.23
C VAL A 114 15.65 0.75 -2.18
N ASP A 115 16.01 1.51 -3.21
CA ASP A 115 17.33 2.10 -3.27
C ASP A 115 17.59 3.06 -2.13
N TYR A 116 16.63 3.94 -1.83
CA TYR A 116 16.78 4.92 -0.76
C TYR A 116 16.91 4.25 0.60
N PHE A 117 16.01 3.29 0.87
CA PHE A 117 16.05 2.54 2.12
C PHE A 117 17.38 1.83 2.27
N TYR A 118 17.82 1.18 1.21
CA TYR A 118 19.10 0.49 1.21
C TYR A 118 20.24 1.45 1.49
N CYS A 119 20.14 2.67 0.95
CA CYS A 119 21.16 3.68 1.16
C CYS A 119 21.26 4.04 2.64
N ILE A 120 20.11 4.18 3.29
CA ILE A 120 20.06 4.55 4.70
C ILE A 120 20.59 3.43 5.55
N LYS A 121 20.19 2.23 5.24
CA LYS A 121 20.56 1.07 5.94
C LYS A 121 22.06 0.77 5.79
N ALA A 122 22.59 1.02 4.60
CA ALA A 122 24.01 0.81 4.33
C ALA A 122 24.87 1.71 5.22
N LYS A 123 24.46 2.97 5.37
CA LYS A 123 25.20 3.89 6.20
C LYS A 123 24.86 3.70 7.68
N THR A 124 23.60 3.45 7.95
CA THR A 124 23.12 3.30 9.30
C THR A 124 22.23 2.04 9.42
N PRO A 125 22.80 0.94 9.95
CA PRO A 125 22.08 -0.33 10.10
C PRO A 125 20.95 -0.24 11.13
N ASP A 126 20.95 0.85 11.89
CA ASP A 126 19.93 1.12 12.90
C ASP A 126 18.55 1.24 12.24
N VAL A 127 18.51 1.73 11.03
CA VAL A 127 17.26 1.94 10.34
C VAL A 127 16.75 0.64 9.73
N GLU A 128 15.60 0.21 10.16
CA GLU A 128 15.01 -1.01 9.67
C GLU A 128 13.62 -0.76 9.08
N ALA A 129 13.24 0.49 8.97
CA ALA A 129 11.95 0.84 8.38
C ALA A 129 12.01 2.15 7.63
N LEU A 130 11.12 2.30 6.67
CA LEU A 130 11.07 3.48 5.82
C LEU A 130 9.60 3.87 5.59
N ALA A 131 9.33 5.14 5.63
CA ALA A 131 7.99 5.65 5.41
C ALA A 131 8.02 6.74 4.36
N VAL A 132 7.04 6.73 3.48
CA VAL A 132 6.96 7.75 2.48
C VAL A 132 5.73 8.59 2.67
N MET A 133 5.96 9.83 2.91
CA MET A 133 4.91 10.78 3.18
C MET A 133 5.28 12.13 2.66
N ILE A 134 4.30 12.98 2.49
CA ILE A 134 4.52 14.30 1.98
C ILE A 134 3.88 15.33 2.90
N PRO A 135 4.32 16.59 2.82
CA PRO A 135 3.76 17.67 3.64
C PRO A 135 2.27 17.83 3.37
N LYS A 136 1.53 18.16 4.41
CA LYS A 136 0.09 18.33 4.32
C LYS A 136 -0.28 19.39 3.28
N GLU A 137 0.50 20.46 3.24
CA GLU A 137 0.28 21.54 2.28
C GLU A 137 0.48 21.08 0.83
N LYS A 138 1.46 20.21 0.62
CA LYS A 138 1.74 19.71 -0.74
C LYS A 138 0.72 18.68 -1.14
N TYR A 139 0.18 18.03 -0.14
CA TYR A 139 -0.88 17.08 -0.32
C TYR A 139 -2.15 17.80 -0.77
N PRO A 140 -2.91 17.23 -1.73
CA PRO A 140 -4.13 17.85 -2.25
C PRO A 140 -5.30 17.82 -1.23
N ASN A 141 -5.04 18.39 -0.04
CA ASN A 141 -6.01 18.50 1.05
C ASN A 141 -6.39 17.14 1.64
N PRO A 142 -6.12 16.94 2.94
CA PRO A 142 -6.47 15.71 3.65
C PRO A 142 -7.96 15.45 3.55
N SER A 143 -8.33 14.21 3.37
CA SER A 143 -9.72 13.89 3.17
C SER A 143 -10.26 13.07 4.34
N ILE A 144 -10.76 13.78 5.35
CA ILE A 144 -11.34 13.16 6.55
C ILE A 144 -10.27 12.40 7.37
N ASP A 145 -9.03 12.45 6.90
CA ASP A 145 -7.93 11.76 7.54
C ASP A 145 -7.67 12.29 8.95
N PHE A 146 -7.53 13.62 9.06
CA PHE A 146 -7.28 14.31 10.35
C PHE A 146 -6.18 13.63 11.18
N ASN A 147 -5.23 12.99 10.52
CA ASN A 147 -4.15 12.28 11.20
C ASN A 147 -2.88 13.13 11.27
N GLY A 148 -2.94 14.32 10.70
CA GLY A 148 -1.78 15.20 10.72
C GLY A 148 -0.83 14.89 9.58
N LEU A 149 -0.34 13.68 9.54
CA LEU A 149 0.57 13.26 8.50
C LEU A 149 -0.22 12.69 7.36
N VAL A 150 0.29 12.85 6.17
CA VAL A 150 -0.36 12.33 5.00
C VAL A 150 0.59 11.49 4.16
N PRO A 151 0.29 10.18 4.03
CA PRO A 151 1.11 9.26 3.24
C PRO A 151 0.96 9.52 1.75
N ALA A 152 2.00 9.25 1.00
CA ALA A 152 1.96 9.47 -0.44
C ALA A 152 2.48 8.27 -1.20
N GLY A 153 3.43 7.57 -0.62
CA GLY A 153 4.02 6.46 -1.31
C GLY A 153 3.79 5.15 -0.61
N ILE A 154 4.84 4.38 -0.50
CA ILE A 154 4.80 3.07 0.10
C ILE A 154 5.83 2.96 1.22
N ASN A 155 5.63 2.01 2.10
CA ASN A 155 6.47 1.87 3.28
C ASN A 155 7.33 0.62 3.23
N VAL A 156 8.41 0.64 4.00
CA VAL A 156 9.31 -0.51 4.13
C VAL A 156 9.45 -0.86 5.60
N VAL A 157 9.32 -2.11 5.92
CA VAL A 157 9.49 -2.55 7.30
C VAL A 157 10.38 -3.78 7.41
N SER A 158 11.00 -3.91 8.55
CA SER A 158 11.84 -5.05 8.87
C SER A 158 11.04 -6.05 9.70
N PRO A 159 11.37 -7.35 9.61
CA PRO A 159 10.65 -8.41 10.35
C PRO A 159 10.94 -8.37 11.87
N LYS A 160 10.61 -7.26 12.48
CA LYS A 160 10.82 -7.06 13.91
C LYS A 160 9.61 -7.55 14.68
N HIS A 161 9.60 -7.29 15.97
CA HIS A 161 8.46 -7.59 16.81
C HIS A 161 8.17 -6.40 17.70
N GLY A 162 7.26 -5.54 17.26
CA GLY A 162 6.95 -4.34 18.01
C GLY A 162 7.16 -3.10 17.17
N TYR A 163 8.05 -2.22 17.64
CA TYR A 163 8.34 -0.99 16.93
C TYR A 163 9.83 -0.84 16.71
N GLN A 164 10.21 -0.34 15.55
CA GLN A 164 11.59 -0.19 15.17
C GLN A 164 11.86 1.17 14.54
N LYS A 165 13.15 1.50 14.41
CA LYS A 165 13.60 2.72 13.77
C LYS A 165 13.03 2.84 12.36
N GLU A 166 12.43 3.98 12.09
CA GLU A 166 11.78 4.24 10.82
C GLU A 166 12.18 5.60 10.28
N GLU A 167 12.59 5.65 9.02
CA GLU A 167 12.96 6.90 8.39
C GLU A 167 11.87 7.47 7.55
N ILE A 168 12.03 8.73 7.28
CA ILE A 168 11.03 9.48 6.54
C ILE A 168 11.57 10.01 5.23
N MET A 169 10.84 9.77 4.17
CA MET A 169 11.18 10.28 2.86
C MET A 169 10.00 11.01 2.25
N VAL A 170 10.28 12.14 1.62
CA VAL A 170 9.27 12.97 1.03
C VAL A 170 9.38 12.92 -0.49
N ILE A 171 8.27 12.69 -1.15
CA ILE A 171 8.24 12.59 -2.60
C ILE A 171 7.44 13.73 -3.19
N ASP A 172 7.47 13.83 -4.51
CA ASP A 172 6.75 14.87 -5.21
C ASP A 172 5.53 14.29 -5.93
N GLU A 173 5.19 13.04 -5.65
CA GLU A 173 4.07 12.42 -6.34
C GLU A 173 2.83 12.40 -5.47
N LEU A 174 1.76 12.88 -6.03
CA LEU A 174 0.49 13.05 -5.33
C LEU A 174 -0.48 11.91 -5.56
N ILE A 175 -1.29 11.70 -4.58
CA ILE A 175 -2.33 10.72 -4.60
C ILE A 175 -3.62 11.34 -4.08
N PHE A 176 -4.75 10.80 -4.47
CA PHE A 176 -6.03 11.33 -4.02
C PHE A 176 -6.75 10.31 -3.19
N ASN A 177 -7.18 10.70 -2.00
CA ASN A 177 -7.91 9.82 -1.11
C ASN A 177 -9.38 9.84 -1.46
N ILE A 178 -9.85 8.73 -2.02
CA ILE A 178 -11.23 8.64 -2.47
C ILE A 178 -12.16 8.23 -1.34
N ASN A 179 -13.06 9.11 -0.99
CA ASN A 179 -14.06 8.83 0.03
C ASN A 179 -15.45 8.94 -0.56
N THR A 180 -15.56 9.61 -1.69
CA THR A 180 -16.84 9.84 -2.33
C THR A 180 -16.83 9.42 -3.79
N LYS A 181 -18.01 9.35 -4.38
CA LYS A 181 -18.17 9.03 -5.78
C LYS A 181 -17.43 10.06 -6.63
N ASP A 182 -17.52 11.33 -6.21
CA ASP A 182 -16.88 12.42 -6.92
C ASP A 182 -15.37 12.23 -6.96
N ASP A 183 -14.80 11.77 -5.85
CA ASP A 183 -13.36 11.49 -5.78
C ASP A 183 -12.99 10.41 -6.78
N LEU A 184 -13.84 9.40 -6.85
CA LEU A 184 -13.66 8.27 -7.77
C LEU A 184 -13.69 8.79 -9.20
N LYS A 185 -14.65 9.66 -9.46
CA LYS A 185 -14.81 10.32 -10.74
C LYS A 185 -13.59 11.17 -11.08
N LEU A 186 -13.04 11.85 -10.09
CA LEU A 186 -11.83 12.63 -10.30
C LEU A 186 -10.69 11.69 -10.70
N ALA A 187 -10.57 10.59 -9.97
CA ALA A 187 -9.54 9.60 -10.23
C ALA A 187 -9.70 8.97 -11.62
N GLU A 188 -10.94 8.67 -12.01
CA GLU A 188 -11.19 8.05 -13.30
C GLU A 188 -10.89 9.01 -14.43
N MET A 189 -11.08 10.30 -14.16
CA MET A 189 -10.78 11.33 -15.10
C MET A 189 -9.27 11.38 -15.37
N LEU A 190 -8.49 11.20 -14.32
CA LEU A 190 -7.02 11.22 -14.44
C LEU A 190 -6.56 10.09 -15.32
N LEU A 191 -7.16 8.94 -15.08
CA LEU A 191 -6.88 7.74 -15.87
C LEU A 191 -7.30 7.92 -17.30
N LYS A 192 -8.43 8.56 -17.45
CA LYS A 192 -9.00 8.90 -18.75
C LYS A 192 -8.04 9.80 -19.53
N LYS A 193 -7.50 10.80 -18.86
CA LYS A 193 -6.55 11.74 -19.45
C LYS A 193 -5.27 11.00 -19.89
N ASP A 194 -4.81 10.09 -19.05
CA ASP A 194 -3.60 9.30 -19.34
C ASP A 194 -3.95 8.03 -20.09
N GLY A 195 -5.18 7.95 -20.55
CA GLY A 195 -5.63 6.79 -21.31
C GLY A 195 -5.39 6.98 -22.78
N LEU A 196 -4.66 8.05 -23.12
CA LEU A 196 -4.31 8.40 -24.49
C LEU A 196 -3.81 7.20 -25.28
N MET A 1 12.92 -8.91 -1.39
CA MET A 1 11.80 -8.25 -0.68
C MET A 1 10.46 -8.77 -1.18
N ASP A 2 9.52 -8.89 -0.29
CA ASP A 2 8.16 -9.28 -0.65
C ASP A 2 7.26 -8.07 -0.55
N ALA A 3 6.09 -8.14 -1.11
CA ALA A 3 5.17 -7.01 -1.06
C ALA A 3 3.90 -7.37 -0.31
N LEU A 4 3.54 -6.53 0.63
CA LEU A 4 2.34 -6.73 1.40
C LEU A 4 1.27 -5.77 0.93
N ILE A 5 0.14 -6.28 0.58
CA ILE A 5 -0.95 -5.45 0.16
C ILE A 5 -2.11 -5.61 1.11
N MET A 6 -2.28 -4.64 1.97
CA MET A 6 -3.29 -4.69 2.93
C MET A 6 -4.60 -4.22 2.35
N ALA A 7 -5.39 -5.18 1.95
CA ALA A 7 -6.67 -4.92 1.37
C ALA A 7 -7.77 -5.48 2.24
N GLY A 8 -8.35 -4.64 3.04
CA GLY A 8 -9.41 -5.07 3.92
C GLY A 8 -9.93 -3.96 4.79
N GLY A 9 -9.45 -3.91 6.02
CA GLY A 9 -9.93 -2.95 6.97
C GLY A 9 -9.32 -1.57 6.79
N LYS A 10 -9.90 -0.61 7.48
CA LYS A 10 -9.45 0.77 7.50
C LYS A 10 -10.19 1.50 8.61
N GLY A 11 -11.46 1.12 8.78
CA GLY A 11 -12.26 1.63 9.86
C GLY A 11 -12.02 0.82 11.12
N THR A 12 -12.67 1.17 12.20
CA THR A 12 -12.44 0.48 13.45
C THR A 12 -13.39 -0.71 13.63
N ARG A 13 -12.81 -1.86 13.99
CA ARG A 13 -13.54 -3.09 14.29
C ARG A 13 -14.42 -3.61 13.14
N MET A 14 -15.68 -3.19 13.10
CA MET A 14 -16.63 -3.70 12.12
C MET A 14 -16.97 -2.67 11.07
N GLY A 15 -17.31 -3.15 9.89
CA GLY A 15 -17.63 -2.28 8.78
C GLY A 15 -16.63 -2.47 7.67
N GLY A 16 -16.94 -3.39 6.76
CA GLY A 16 -16.01 -3.70 5.70
C GLY A 16 -15.73 -2.52 4.80
N VAL A 17 -16.80 -1.88 4.33
CA VAL A 17 -16.71 -0.69 3.45
C VAL A 17 -15.90 -0.96 2.16
N GLU A 18 -16.48 -0.67 1.03
CA GLU A 18 -15.80 -0.89 -0.24
C GLU A 18 -14.73 0.15 -0.51
N LYS A 19 -13.49 -0.15 -0.13
CA LYS A 19 -12.39 0.72 -0.52
C LYS A 19 -11.55 0.06 -1.63
N PRO A 20 -10.95 -1.15 -1.36
CA PRO A 20 -10.09 -1.84 -2.34
C PRO A 20 -10.85 -2.28 -3.59
N LEU A 21 -12.16 -2.47 -3.45
CA LEU A 21 -12.95 -2.97 -4.56
C LEU A 21 -13.64 -1.88 -5.34
N ILE A 22 -13.24 -0.65 -5.16
CA ILE A 22 -13.79 0.39 -5.96
C ILE A 22 -13.18 0.31 -7.31
N LYS A 23 -14.00 0.00 -8.26
CA LYS A 23 -13.54 -0.15 -9.61
C LYS A 23 -13.50 1.16 -10.32
N LEU A 24 -12.35 1.44 -10.83
CA LEU A 24 -12.07 2.70 -11.44
C LEU A 24 -11.52 2.51 -12.85
N CYS A 25 -12.28 2.98 -13.84
CA CYS A 25 -11.87 2.90 -15.25
C CYS A 25 -11.63 1.45 -15.71
N GLY A 26 -12.17 0.48 -14.97
CA GLY A 26 -12.01 -0.90 -15.36
C GLY A 26 -11.77 -1.86 -14.20
N ARG A 27 -10.66 -1.68 -13.48
CA ARG A 27 -10.31 -2.62 -12.42
C ARG A 27 -10.57 -2.04 -11.08
N CYS A 28 -10.52 -2.89 -10.08
CA CYS A 28 -10.68 -2.47 -8.72
C CYS A 28 -9.34 -1.94 -8.21
N LEU A 29 -9.38 -1.17 -7.14
CA LEU A 29 -8.16 -0.55 -6.62
C LEU A 29 -7.14 -1.60 -6.23
N ILE A 30 -7.60 -2.70 -5.65
CA ILE A 30 -6.70 -3.78 -5.28
C ILE A 30 -5.91 -4.31 -6.49
N ASP A 31 -6.61 -4.53 -7.60
CA ASP A 31 -5.96 -5.05 -8.80
C ASP A 31 -4.96 -4.05 -9.33
N TYR A 32 -5.33 -2.78 -9.32
CA TYR A 32 -4.44 -1.73 -9.78
C TYR A 32 -3.22 -1.64 -8.88
N VAL A 33 -3.40 -1.90 -7.58
CA VAL A 33 -2.28 -1.92 -6.63
C VAL A 33 -1.35 -3.11 -6.94
N VAL A 34 -1.97 -4.26 -7.21
CA VAL A 34 -1.24 -5.49 -7.48
C VAL A 34 -0.39 -5.40 -8.74
N SER A 35 -0.94 -4.80 -9.78
CA SER A 35 -0.30 -4.76 -11.09
C SER A 35 1.19 -4.26 -11.05
N PRO A 36 1.49 -3.05 -10.49
CA PRO A 36 2.87 -2.55 -10.42
C PRO A 36 3.72 -3.36 -9.43
N LEU A 37 3.11 -3.78 -8.34
CA LEU A 37 3.82 -4.52 -7.31
C LEU A 37 4.25 -5.89 -7.80
N LEU A 38 3.37 -6.55 -8.52
CA LEU A 38 3.69 -7.84 -9.09
C LEU A 38 4.84 -7.74 -10.09
N LYS A 39 4.77 -6.74 -10.94
CA LYS A 39 5.81 -6.50 -11.94
C LYS A 39 7.09 -5.88 -11.33
N SER A 40 7.02 -5.42 -10.08
CA SER A 40 8.18 -4.83 -9.43
C SER A 40 9.21 -5.91 -9.10
N LYS A 41 10.30 -5.50 -8.48
CA LYS A 41 11.40 -6.40 -8.18
C LYS A 41 11.11 -7.31 -6.98
N VAL A 42 9.92 -7.20 -6.37
CA VAL A 42 9.59 -8.01 -5.21
C VAL A 42 9.35 -9.46 -5.60
N ASN A 43 9.48 -10.33 -4.62
CA ASN A 43 9.32 -11.76 -4.82
C ASN A 43 7.85 -12.16 -4.94
N ASN A 44 7.14 -12.13 -3.82
CA ASN A 44 5.74 -12.52 -3.83
C ASN A 44 4.87 -11.39 -3.33
N ILE A 45 3.61 -11.47 -3.68
CA ILE A 45 2.64 -10.49 -3.28
C ILE A 45 1.74 -11.11 -2.21
N PHE A 46 1.77 -10.58 -1.02
CA PHE A 46 0.93 -11.09 0.03
C PHE A 46 -0.15 -10.10 0.34
N ILE A 47 -1.37 -10.48 0.09
CA ILE A 47 -2.47 -9.61 0.34
C ILE A 47 -3.06 -9.90 1.68
N ALA A 48 -3.00 -8.92 2.51
CA ALA A 48 -3.48 -9.02 3.85
C ALA A 48 -4.94 -8.68 3.91
N THR A 49 -5.72 -9.63 4.35
CA THR A 49 -7.14 -9.46 4.49
C THR A 49 -7.57 -9.91 5.86
N SER A 50 -8.76 -9.57 6.23
CA SER A 50 -9.26 -9.92 7.55
C SER A 50 -10.63 -10.56 7.45
N PRO A 51 -11.03 -11.31 8.49
CA PRO A 51 -12.36 -11.94 8.54
C PRO A 51 -13.46 -10.90 8.53
N ASN A 52 -13.11 -9.67 8.87
CA ASN A 52 -14.06 -8.57 8.88
C ASN A 52 -14.29 -8.04 7.48
N THR A 53 -13.43 -8.42 6.54
CA THR A 53 -13.54 -7.98 5.17
C THR A 53 -13.20 -9.04 4.17
N PRO A 54 -13.96 -10.12 4.03
CA PRO A 54 -13.70 -10.94 2.94
C PRO A 54 -14.73 -10.74 1.88
N LYS A 55 -14.42 -9.81 1.17
CA LYS A 55 -15.14 -9.33 -0.01
C LYS A 55 -14.11 -8.88 -0.87
N THR A 56 -13.24 -8.12 -0.28
CA THR A 56 -12.02 -7.84 -0.84
C THR A 56 -11.32 -9.17 -0.97
N LYS A 57 -11.33 -9.94 0.14
CA LYS A 57 -10.74 -11.27 0.14
C LYS A 57 -11.46 -12.22 -0.82
N GLU A 58 -12.82 -12.33 -0.76
CA GLU A 58 -13.46 -13.24 -1.71
C GLU A 58 -13.29 -12.78 -3.19
N TYR A 59 -13.12 -11.48 -3.41
CA TYR A 59 -12.87 -10.97 -4.77
C TYR A 59 -11.48 -11.35 -5.27
N ILE A 60 -10.50 -11.06 -4.44
CA ILE A 60 -9.10 -11.27 -4.79
C ILE A 60 -8.80 -12.73 -5.01
N ASN A 61 -9.31 -13.54 -4.13
CA ASN A 61 -9.11 -14.98 -4.20
C ASN A 61 -9.60 -15.50 -5.56
N SER A 62 -10.76 -15.03 -5.96
CA SER A 62 -11.36 -15.43 -7.24
C SER A 62 -10.56 -14.85 -8.41
N ALA A 63 -10.15 -13.59 -8.27
CA ALA A 63 -9.43 -12.89 -9.31
C ALA A 63 -8.10 -13.55 -9.60
N TYR A 64 -7.45 -13.98 -8.55
CA TYR A 64 -6.14 -14.57 -8.68
C TYR A 64 -6.14 -16.04 -8.31
N LYS A 65 -7.18 -16.76 -8.73
CA LYS A 65 -7.27 -18.20 -8.48
C LYS A 65 -6.07 -18.94 -9.07
N ASP A 66 -5.62 -18.49 -10.23
CA ASP A 66 -4.48 -19.07 -10.94
C ASP A 66 -3.14 -18.53 -10.40
N TYR A 67 -3.21 -17.84 -9.25
CA TYR A 67 -2.05 -17.16 -8.64
C TYR A 67 -0.78 -18.00 -8.63
N LYS A 68 0.30 -17.40 -9.09
CA LYS A 68 1.60 -18.00 -8.98
C LYS A 68 2.36 -17.35 -7.83
N ASN A 69 2.36 -16.02 -7.83
CA ASN A 69 3.09 -15.26 -6.82
C ASN A 69 2.16 -14.40 -5.97
N ILE A 70 0.87 -14.58 -6.14
CA ILE A 70 -0.10 -13.83 -5.35
C ILE A 70 -0.60 -14.70 -4.22
N VAL A 71 -0.32 -14.29 -3.03
CA VAL A 71 -0.72 -15.03 -1.86
C VAL A 71 -1.67 -14.22 -1.03
N VAL A 72 -2.76 -14.79 -0.66
CA VAL A 72 -3.73 -14.11 0.15
C VAL A 72 -3.64 -14.59 1.58
N ILE A 73 -3.52 -13.68 2.50
CA ILE A 73 -3.37 -14.02 3.88
C ILE A 73 -4.47 -13.42 4.71
N ASP A 74 -4.75 -14.06 5.81
CA ASP A 74 -5.82 -13.66 6.70
C ASP A 74 -5.23 -13.33 8.02
N THR A 75 -5.60 -12.20 8.53
CA THR A 75 -5.01 -11.74 9.75
C THR A 75 -5.79 -10.56 10.38
N SER A 76 -5.13 -9.94 11.35
CA SER A 76 -5.62 -8.82 12.15
C SER A 76 -6.07 -7.57 11.37
N GLY A 77 -6.01 -7.64 10.02
CA GLY A 77 -6.38 -6.53 9.05
C GLY A 77 -7.53 -5.61 9.48
N LYS A 78 -8.24 -6.01 10.50
CA LYS A 78 -9.21 -5.18 11.15
C LYS A 78 -8.49 -3.91 11.65
N GLY A 79 -7.27 -4.12 12.14
CA GLY A 79 -6.44 -3.02 12.58
C GLY A 79 -5.22 -2.92 11.69
N TYR A 80 -4.92 -1.72 11.23
CA TYR A 80 -3.83 -1.52 10.26
C TYR A 80 -2.48 -1.97 10.81
N ILE A 81 -2.12 -1.50 12.01
CA ILE A 81 -0.83 -1.86 12.57
C ILE A 81 -0.88 -3.24 13.17
N GLU A 82 -2.05 -3.64 13.59
CA GLU A 82 -2.25 -4.97 14.16
C GLU A 82 -1.91 -5.99 13.12
N ASP A 83 -2.41 -5.74 11.91
CA ASP A 83 -2.15 -6.59 10.76
C ASP A 83 -0.66 -6.57 10.42
N LEU A 84 -0.10 -5.36 10.36
CA LEU A 84 1.32 -5.20 10.08
C LEU A 84 2.16 -5.99 11.07
N ASN A 85 1.82 -5.86 12.34
CA ASN A 85 2.50 -6.58 13.39
C ASN A 85 2.36 -8.10 13.23
N GLU A 86 1.20 -8.55 12.85
CA GLU A 86 0.99 -9.96 12.59
C GLU A 86 1.86 -10.40 11.43
N CYS A 87 1.85 -9.61 10.38
CA CYS A 87 2.63 -9.89 9.19
C CYS A 87 4.13 -9.92 9.45
N ILE A 88 4.64 -8.97 10.24
CA ILE A 88 6.06 -8.93 10.55
C ILE A 88 6.44 -10.18 11.36
N GLY A 89 5.47 -10.68 12.12
CA GLY A 89 5.67 -11.88 12.89
C GLY A 89 5.81 -13.14 12.01
N TYR A 90 5.32 -13.08 10.77
CA TYR A 90 5.38 -14.26 9.89
C TYR A 90 6.47 -14.16 8.84
N PHE A 91 6.83 -12.95 8.43
CA PHE A 91 7.87 -12.77 7.43
C PHE A 91 9.26 -12.96 8.03
N SER A 92 10.14 -13.59 7.27
CA SER A 92 11.53 -13.77 7.69
C SER A 92 12.43 -12.83 6.91
N GLU A 93 11.82 -12.08 6.01
CA GLU A 93 12.53 -11.15 5.15
C GLU A 93 11.82 -9.83 5.13
N PRO A 94 12.52 -8.75 4.74
CA PRO A 94 11.92 -7.44 4.66
C PRO A 94 10.89 -7.38 3.55
N PHE A 95 9.85 -6.63 3.77
CA PHE A 95 8.77 -6.58 2.83
C PHE A 95 8.23 -5.17 2.70
N LEU A 96 7.58 -4.95 1.59
CA LEU A 96 7.00 -3.68 1.28
C LEU A 96 5.58 -3.59 1.84
N VAL A 97 5.24 -2.43 2.33
CA VAL A 97 3.91 -2.15 2.88
C VAL A 97 3.21 -1.15 1.96
N VAL A 98 1.96 -1.43 1.58
CA VAL A 98 1.28 -0.53 0.64
C VAL A 98 -0.10 -0.11 1.13
N SER A 99 -0.67 0.87 0.45
CA SER A 99 -2.02 1.34 0.73
C SER A 99 -2.98 0.68 -0.28
N SER A 100 -4.19 0.37 0.17
CA SER A 100 -5.16 -0.35 -0.67
C SER A 100 -5.77 0.51 -1.79
N ASP A 101 -5.58 1.80 -1.74
CA ASP A 101 -6.22 2.69 -2.71
C ASP A 101 -5.25 3.44 -3.60
N LEU A 102 -3.99 3.07 -3.58
CA LEU A 102 -3.02 3.70 -4.46
C LEU A 102 -3.18 3.14 -5.88
N ILE A 103 -2.76 3.90 -6.86
CA ILE A 103 -2.93 3.48 -8.25
C ILE A 103 -1.59 3.25 -8.94
N ASN A 104 -1.67 2.76 -10.17
CA ASN A 104 -0.50 2.43 -10.98
C ASN A 104 0.35 3.69 -11.30
N LEU A 105 1.47 3.47 -12.02
CA LEU A 105 2.46 4.52 -12.36
C LEU A 105 3.40 4.75 -11.19
N LYS A 106 3.25 3.91 -10.19
CA LYS A 106 4.07 3.94 -8.99
C LYS A 106 5.17 2.90 -9.02
N SER A 107 5.27 2.16 -10.12
CA SER A 107 6.23 1.08 -10.25
C SER A 107 7.69 1.56 -10.06
N LYS A 108 7.97 2.76 -10.51
CA LYS A 108 9.32 3.34 -10.39
C LYS A 108 9.53 3.74 -8.97
N ILE A 109 8.45 4.08 -8.35
CA ILE A 109 8.45 4.58 -6.98
C ILE A 109 8.93 3.49 -6.07
N ILE A 110 8.51 2.30 -6.39
CA ILE A 110 8.90 1.10 -5.69
C ILE A 110 10.40 0.97 -5.77
N ASN A 111 10.91 1.19 -6.97
CA ASN A 111 12.34 1.11 -7.23
C ASN A 111 13.08 2.16 -6.39
N SER A 112 12.53 3.37 -6.35
CA SER A 112 13.12 4.48 -5.60
C SER A 112 13.14 4.21 -4.09
N ILE A 113 12.04 3.65 -3.59
CA ILE A 113 11.92 3.32 -2.17
C ILE A 113 12.96 2.29 -1.78
N VAL A 114 13.07 1.27 -2.62
CA VAL A 114 14.03 0.19 -2.41
C VAL A 114 15.44 0.73 -2.37
N ASP A 115 15.77 1.57 -3.34
CA ASP A 115 17.10 2.14 -3.44
C ASP A 115 17.46 2.98 -2.22
N TYR A 116 16.54 3.85 -1.80
CA TYR A 116 16.79 4.74 -0.68
C TYR A 116 16.96 3.94 0.61
N PHE A 117 16.05 2.98 0.81
CA PHE A 117 16.10 2.10 1.98
C PHE A 117 17.41 1.33 2.03
N TYR A 118 17.77 0.72 0.91
CA TYR A 118 19.02 -0.02 0.83
C TYR A 118 20.23 0.87 1.05
N CYS A 119 20.16 2.10 0.56
CA CYS A 119 21.25 3.04 0.74
C CYS A 119 21.47 3.35 2.22
N ILE A 120 20.36 3.52 2.95
CA ILE A 120 20.43 3.83 4.35
C ILE A 120 20.94 2.65 5.16
N LYS A 121 20.39 1.49 4.87
CA LYS A 121 20.75 0.29 5.59
C LYS A 121 22.19 -0.13 5.27
N ALA A 122 22.67 0.23 4.09
CA ALA A 122 24.04 -0.06 3.69
C ALA A 122 25.03 0.66 4.61
N LYS A 123 24.74 1.92 4.91
CA LYS A 123 25.62 2.69 5.78
C LYS A 123 25.29 2.43 7.25
N THR A 124 24.00 2.27 7.53
CA THR A 124 23.52 2.03 8.87
C THR A 124 22.63 0.79 8.88
N PRO A 125 23.19 -0.38 9.24
CA PRO A 125 22.45 -1.66 9.24
C PRO A 125 21.35 -1.70 10.29
N ASP A 126 21.42 -0.76 11.22
CA ASP A 126 20.43 -0.64 12.29
C ASP A 126 19.06 -0.29 11.72
N VAL A 127 19.06 0.47 10.62
CA VAL A 127 17.82 0.89 10.00
C VAL A 127 17.30 -0.21 9.11
N GLU A 128 16.15 -0.72 9.46
CA GLU A 128 15.54 -1.80 8.71
C GLU A 128 14.13 -1.45 8.30
N ALA A 129 13.78 -0.18 8.42
CA ALA A 129 12.46 0.28 8.06
C ALA A 129 12.49 1.67 7.45
N LEU A 130 11.60 1.92 6.51
CA LEU A 130 11.51 3.20 5.84
C LEU A 130 10.06 3.55 5.60
N ALA A 131 9.77 4.80 5.74
CA ALA A 131 8.45 5.34 5.51
C ALA A 131 8.55 6.53 4.58
N VAL A 132 7.58 6.69 3.71
CA VAL A 132 7.59 7.82 2.82
C VAL A 132 6.30 8.62 2.97
N MET A 133 6.45 9.93 3.06
CA MET A 133 5.31 10.81 3.26
C MET A 133 5.38 12.00 2.32
N ILE A 134 4.26 12.60 2.05
CA ILE A 134 4.19 13.79 1.22
C ILE A 134 3.44 14.89 1.92
N PRO A 135 3.76 16.15 1.60
CA PRO A 135 3.10 17.31 2.20
C PRO A 135 1.60 17.33 1.90
N LYS A 136 0.84 17.75 2.89
CA LYS A 136 -0.60 17.90 2.77
C LYS A 136 -0.94 18.89 1.65
N GLU A 137 -0.13 19.93 1.58
CA GLU A 137 -0.33 21.03 0.64
C GLU A 137 -0.27 20.57 -0.83
N LYS A 138 0.63 19.64 -1.13
CA LYS A 138 0.80 19.18 -2.51
C LYS A 138 -0.21 18.14 -2.87
N TYR A 139 -0.71 17.51 -1.86
CA TYR A 139 -1.66 16.42 -2.01
C TYR A 139 -2.91 16.92 -2.76
N PRO A 140 -3.39 16.13 -3.77
CA PRO A 140 -4.52 16.55 -4.64
C PRO A 140 -5.80 16.85 -3.87
N ASN A 141 -5.99 16.13 -2.79
CA ASN A 141 -7.12 16.37 -1.92
C ASN A 141 -6.71 16.12 -0.49
N PRO A 142 -6.23 17.17 0.15
CA PRO A 142 -5.70 17.09 1.50
C PRO A 142 -6.77 16.86 2.55
N SER A 143 -6.43 16.09 3.56
CA SER A 143 -7.35 15.81 4.62
C SER A 143 -7.36 16.94 5.63
N ILE A 144 -8.24 17.90 5.41
CA ILE A 144 -8.36 19.03 6.32
C ILE A 144 -9.22 18.66 7.52
N ASP A 145 -8.56 18.10 8.51
CA ASP A 145 -9.20 17.64 9.71
C ASP A 145 -8.23 17.67 10.88
N PHE A 146 -7.12 16.96 10.72
CA PHE A 146 -6.12 16.86 11.77
C PHE A 146 -4.72 17.23 11.27
N ASN A 147 -4.65 17.70 10.03
CA ASN A 147 -3.36 18.05 9.39
C ASN A 147 -2.39 16.88 9.40
N GLY A 148 -1.28 17.03 10.11
CA GLY A 148 -0.28 16.01 10.18
C GLY A 148 0.39 15.79 8.85
N LEU A 149 0.89 14.59 8.63
CA LEU A 149 1.49 14.23 7.37
C LEU A 149 0.76 13.07 6.75
N VAL A 150 0.72 13.04 5.45
CA VAL A 150 0.00 12.00 4.74
C VAL A 150 0.95 11.04 4.03
N PRO A 151 0.53 9.77 3.85
CA PRO A 151 1.35 8.74 3.16
C PRO A 151 1.68 9.15 1.74
N ALA A 152 2.87 8.80 1.29
CA ALA A 152 3.30 9.16 -0.07
C ALA A 152 3.23 7.99 -1.03
N GLY A 153 3.12 6.79 -0.51
CA GLY A 153 3.10 5.64 -1.38
C GLY A 153 3.20 4.34 -0.66
N ILE A 154 4.42 3.89 -0.43
CA ILE A 154 4.69 2.59 0.16
C ILE A 154 5.75 2.68 1.27
N ASN A 155 5.76 1.68 2.12
CA ASN A 155 6.69 1.62 3.25
C ASN A 155 7.51 0.35 3.20
N VAL A 156 8.65 0.34 3.84
CA VAL A 156 9.50 -0.85 3.89
C VAL A 156 9.80 -1.24 5.31
N VAL A 157 9.55 -2.47 5.66
CA VAL A 157 9.85 -2.95 6.99
C VAL A 157 10.48 -4.34 6.96
N SER A 158 11.29 -4.61 7.95
CA SER A 158 11.86 -5.91 8.16
C SER A 158 11.00 -6.65 9.20
N PRO A 159 11.21 -7.96 9.41
CA PRO A 159 10.51 -8.71 10.47
C PRO A 159 10.95 -8.23 11.86
N LYS A 160 10.61 -7.00 12.18
CA LYS A 160 10.98 -6.37 13.42
C LYS A 160 10.28 -7.03 14.62
N HIS A 161 11.07 -7.50 15.57
CA HIS A 161 10.54 -8.10 16.79
C HIS A 161 9.73 -7.05 17.55
N GLY A 162 10.29 -5.86 17.61
CA GLY A 162 9.61 -4.73 18.22
C GLY A 162 9.63 -3.57 17.26
N TYR A 163 9.11 -2.44 17.67
CA TYR A 163 9.12 -1.28 16.79
C TYR A 163 10.53 -0.76 16.67
N GLN A 164 10.99 -0.60 15.46
CA GLN A 164 12.40 -0.32 15.19
C GLN A 164 12.58 1.02 14.52
N LYS A 165 13.83 1.49 14.46
CA LYS A 165 14.15 2.73 13.80
C LYS A 165 13.68 2.69 12.37
N GLU A 166 12.83 3.62 12.06
CA GLU A 166 12.25 3.73 10.76
C GLU A 166 12.54 5.11 10.22
N GLU A 167 13.03 5.18 9.01
CA GLU A 167 13.40 6.45 8.45
C GLU A 167 12.33 7.08 7.68
N ILE A 168 12.50 8.34 7.49
CA ILE A 168 11.51 9.15 6.84
C ILE A 168 12.04 9.77 5.57
N MET A 169 11.31 9.60 4.53
CA MET A 169 11.62 10.20 3.25
C MET A 169 10.40 10.91 2.72
N VAL A 170 10.59 12.12 2.24
CA VAL A 170 9.50 12.88 1.70
C VAL A 170 9.71 13.04 0.19
N ILE A 171 8.69 12.67 -0.57
CA ILE A 171 8.78 12.70 -2.03
C ILE A 171 7.85 13.74 -2.60
N ASP A 172 7.92 13.90 -3.90
CA ASP A 172 7.10 14.87 -4.60
C ASP A 172 6.06 14.16 -5.48
N GLU A 173 5.85 12.86 -5.22
CA GLU A 173 4.88 12.09 -6.00
C GLU A 173 3.58 11.96 -5.27
N LEU A 174 2.53 12.21 -5.98
CA LEU A 174 1.19 12.23 -5.45
C LEU A 174 0.44 10.93 -5.64
N ILE A 175 -0.44 10.66 -4.70
CA ILE A 175 -1.34 9.53 -4.73
C ILE A 175 -2.75 10.02 -4.52
N PHE A 176 -3.72 9.27 -4.97
CA PHE A 176 -5.10 9.70 -4.86
C PHE A 176 -5.84 8.84 -3.86
N ASN A 177 -6.22 9.44 -2.75
CA ASN A 177 -6.92 8.74 -1.69
C ASN A 177 -8.41 8.93 -1.84
N ILE A 178 -9.10 7.92 -2.32
CA ILE A 178 -10.53 8.02 -2.50
C ILE A 178 -11.25 7.75 -1.19
N ASN A 179 -11.89 8.77 -0.67
CA ASN A 179 -12.69 8.66 0.53
C ASN A 179 -14.12 8.99 0.18
N THR A 180 -14.27 9.73 -0.89
CA THR A 180 -15.55 10.21 -1.34
C THR A 180 -15.73 9.91 -2.83
N LYS A 181 -16.97 10.02 -3.31
CA LYS A 181 -17.24 9.82 -4.73
C LYS A 181 -16.57 10.91 -5.55
N ASP A 182 -16.41 12.07 -4.92
CA ASP A 182 -15.73 13.20 -5.55
C ASP A 182 -14.29 12.82 -5.88
N ASP A 183 -13.63 12.14 -4.93
CA ASP A 183 -12.25 11.67 -5.14
C ASP A 183 -12.22 10.71 -6.31
N LEU A 184 -13.23 9.86 -6.38
CA LEU A 184 -13.34 8.88 -7.43
C LEU A 184 -13.46 9.57 -8.78
N LYS A 185 -14.29 10.60 -8.84
CA LYS A 185 -14.47 11.38 -10.05
C LYS A 185 -13.18 12.06 -10.46
N LEU A 186 -12.45 12.57 -9.48
CA LEU A 186 -11.18 13.21 -9.77
C LEU A 186 -10.21 12.18 -10.36
N ALA A 187 -10.17 11.01 -9.74
CA ALA A 187 -9.31 9.93 -10.20
C ALA A 187 -9.70 9.41 -11.60
N GLU A 188 -11.01 9.26 -11.84
CA GLU A 188 -11.48 8.74 -13.13
C GLU A 188 -11.28 9.76 -14.24
N MET A 189 -11.42 11.02 -13.91
CA MET A 189 -11.25 12.09 -14.85
C MET A 189 -9.84 12.12 -15.40
N LEU A 190 -8.85 11.95 -14.53
CA LEU A 190 -7.46 11.98 -14.95
C LEU A 190 -7.12 10.75 -15.78
N LEU A 191 -7.67 9.59 -15.41
CA LEU A 191 -7.43 8.35 -16.17
C LEU A 191 -8.00 8.48 -17.56
N LYS A 192 -9.19 9.04 -17.63
CA LYS A 192 -9.88 9.28 -18.89
C LYS A 192 -9.09 10.24 -19.77
N LYS A 193 -8.55 11.27 -19.13
CA LYS A 193 -7.84 12.34 -19.83
C LYS A 193 -6.65 11.82 -20.62
N ASP A 194 -5.89 10.89 -20.03
CA ASP A 194 -4.74 10.29 -20.72
C ASP A 194 -5.17 9.14 -21.60
N GLY A 195 -6.43 8.74 -21.46
CA GLY A 195 -6.96 7.63 -22.25
C GLY A 195 -6.93 7.92 -23.74
N LEU A 196 -7.24 9.15 -24.10
CA LEU A 196 -7.22 9.55 -25.49
C LEU A 196 -6.02 10.44 -25.78
#